data_9B1D
#
_entry.id   9B1D
#
_cell.length_a   1.00
_cell.length_b   1.00
_cell.length_c   1.00
_cell.angle_alpha   90.00
_cell.angle_beta   90.00
_cell.angle_gamma   90.00
#
_symmetry.space_group_name_H-M   'P 1'
#
loop_
_entity.id
_entity.type
_entity.pdbx_description
1 polymer 'Helicase SWR1'
2 polymer 'Vacuolar protein sorting-associated protein 72'
3 polymer 'Actin-like protein ARP6'
4 polymer 'Vacuolar protein sorting-associated protein 71'
5 polymer 'RuvB-like protein 1'
6 polymer 'RuvB-like protein 2'
7 polymer 'DNA (147-MER)'
8 polymer 'DNA (147-MER)'
9 non-polymer 'PHOSPHOTHIOPHOSPHORIC ACID-ADENYLATE ESTER'
10 non-polymer 'MAGNESIUM ION'
11 non-polymer 'ZINC ION'
12 non-polymer "ADENOSINE-5'-DIPHOSPHATE"
#
loop_
_entity_poly.entity_id
_entity_poly.type
_entity_poly.pdbx_seq_one_letter_code
_entity_poly.pdbx_strand_id
1 'polypeptide(L)'
;MTTSRKSHAKDKKAGGEQDLADLKFRYDLLTNELFHLREFVSLVDYDPTHFNDSESFQKFLRETHLSLEERGEKFTDDVA
KKGTNGDLTRRRRNLRTSTVVSSETTNEKKGDIELKLESIAPLVRNKCEELKYKLSDHSNRKSIVPQKRPIQHLKKREAA
KSLKFKSERKENPLPLHEHIAEERYDHIAKVEEPSEAFTIKCPSDDSSFENTSEHYSDNFYFTTSSEEEDIKKKRGRKKK
KPRIKLVVHPPKQTITNPLHVVKPGYESLHEYIASFKSLEDDLTLEEYNKYIDEQRRLLSRLKKGIENGALKYDKETDSL
QPITSKEIKTIITYKPDPISYFYKQQDLQIHTDHLINQGIHMSKLFRSSTKARIARAKKVSQMIEQHFKHVAGAEERKAK
EEERHKKSLARFAVQAVKKRWNMAEKAYRILRKDEEEQLKRIEGKQHLSKMLEKSTQLLEAQLNQVNDDGRSSTPSSDSN
DVLSESDDDMDDELSTSSDEDEEVDADVGLENSPASTEATPTDESLNLIQLKEKYGHFNGSSTVYDSRNKDEKFPTLDKH
ESSSSESSVMTGEESSIYSSSENESQNENDRESDDKTPSVGLSALFGKGEESDGDLDLDDSEDFTVNSSSVEGEELEKDQ
VDNSAATFERAGDFVHTQNENRDDIKDVEEDAETKVQEEQLSVVDVPVPSLLRGNLRTYQKQGLNWLASLYNNHTNGILA
DEMGLGKTIQTISLLAYLACEKENWGPHLIVVPTSVLLNWEMEFKRFAPGFKVLTYYGSPQQRKEKRKGWNKPDAFHVCI
VSYQLVVQDQHSFKRKRWQYMVLDEAHNIKNFRSTRWQALLNFNTQRRLLLTGTPLQNNLAELWSLLYFLMPQTVIDGKK
VSGFADLDAFQQWFGRPVDKIIETGQNFGQDKETKKTVAKLHQVLRPYLLRRLKADVEKQMPAKYEHIVYCKLSKRQRFL
YDDFMSRAQTKATLASGNFMSIVNCLMQLRKVCNHPNLFEVRPILTSFVLEHCVASDYKDVERTLLKLFKKNNQVNRVDL
DFLNLVFTLNDKDLTSYHAEEISKLTCVKNFVEEVNKLRETNKQLQEEFGEASFLNFQDANQYFKYSNKQKLEGTVDMLN
FLKMVNKLRCDRRPIFGKNLIDLLTKDRRVKYDKSSIIDNELIKPLQTRVLDNRKIIDTFAVLTPSAVSLDMRKLALGLN
DDSSVGENTRLKVMQNCFEVSNPLHQLQTKLTIAFPDKSLLQYDCGKLQKLAILLQQLKDNGHRALIFTQMTKVLDVLEQ
FLNYHGYLYMRLDGATKIEDRQILTERFNTDSRITVFILSSRSGGLGINLTGADTVIFYDSDWNPAMDKQCQDRCHRIGQ
TRDVHIYRFVSEHTIESNILKKANQKRQLDNVVIQEGDFTTDYFSKLSVRDLLGSELPENASGGDKPLIADADVAAKDPR
QLERLLAQAEDEDDVKAANLAMREVEIDNDDFDESTEKKAANEEEENHAELDEYEGTAHVDEYMIRFIANGYYYGSGGSG
DYKDHDGDYKDHDIDYKDDDDKGS
;
A
2 'polypeptide(L)'
;MSDEGADKSLDTNTEFIIQTRSRRSNAGNKLQKLLEQELRDIESTKRQISSYKNGNDDEEDEIGLLFQEDEDDEDFEMMA
KDDDDEGEEKEDETQSIRKEPSQASSEQAADDLMFSSSESEDSSNENDEDAEEKEIRRQELLSRKKRNKRLQKGPVVIKK
QKPKPKSGEAIPRSHHTHEQLNAETLLLNTRRTSKRSSVMENTMKVYEKLSKAEKKRKIIQERIRKHKEQESQHMLTQEE
RLRIAKETEKLNILSLDKFKEQEVWKKENRLALQKRQKQKFQPNETILQFLSTAWLMTPAMELEDRKYWQEQLNKRDKKK
KKYPRKPKKNLNLGKQDASDDKKRESEESIKNDGDVNSLGENSSSVHNQKRIEETSTNDTVEGESSPDAAVSRVNSDELK
PTALPDVTLDAIANKQSTVDEAPNSQPQKNIITNEQKITNVGEPIQNLHNEEIKDEMVSALESRENTFENSSPAAQVVSQ
RDNSATPTPSNSTGTEDTILISPDTDIKGEPEPCLKTEGIENLSHNVPQETKSNTDVSFLKQVTFTDHPQVAIIDTEESP
SKKDTANVDESSAENSLSTQTYEGPEQLTSRNFVTLYDFPNAPPNLKDFNTNLFGDRWSYTNGLSATQRPQDMKTVFHSI
LPSPPQSSVPSPTVDISLDLSALANFPSFGEYDKKIVHQINTEINKDLEIKIKTQPPTGVFLANGIRKKCLITNKECQYF
DPRTGVPYSDVEAYKIIQRIQDPISKEEGRSDIKRDETTNEDSDDQVRFKWFGFKNGGIYLDLSQRPAKGVPEGF
;
B
3 'polypeptide(L)'
;METPPIVIDNGSYEIKFGPSTNKKPFRALNALAKDKFGTSYLSNHIKNIKDISSITFRRPHELGQLTLWELESCIWDYCL
FNPSEFDGFDLKEGKGHHLVASESCMTLPELSKHADQVIFEEYEFDSLFKSPVAVFVPFTKSYKGEMRTISGKDEDIDIV
RGNSDSTNSTSSESKNAQDSGSDYHDFQLVIDSGFNCTWIIPVLKGIPYYKAVKKLDIGGRFLTGLLKETLSFRHYNMMD
ETILVNNIKEQCLFVSPVSYFDSFKTKDKHALEYVLPDFQTSFLGYVRNPRKENVPLPEDAQIITLTDELFTIPETFFHP
EISQITKPGIVEAILESLSMLPEIVRPLMVGNIVCTGGNFNLPNFAQRLAAELQRQLPTDWTCHVSVPEGDCALFGWEVM
SQFAKTDSYRKARVTREEYYEHGPDWCTKHRFGYQNWI
;
C
4 'polypeptide(L)'
;MKALVEEIDKKTYNPDIYFTSLDPQARRYTSKKINKQGTISTSRPVKRINYSLADLEARLYTSRSEGDGNSISRQDDRNS
KNSHSFEERYTQQEILQSDRRFMELNTENFSDLPNVPTLLSDLTGVPRDRIESTTKPISQTSDGLSALMGGSSFVKEHSK
YGHGWVLKPETLREIQLSYKSTKLPKPKRKNTNRIVALKKVLSSKRNLHSFLDSALLNLMDKNVIYHNVYNKRYFKVLPL
ITTCSICGGYDSISSCVNCGNKICSVSCFKLHNETRCRNR
;
D
5 'polypeptide(L)'
;MVAISEVKENPGVNSSNSGAVTRTAAHTHIKGLGLDESGVAKRVEGGFVGQIEAREACGVIVDLIKAKKMSGRAILLAGG
PSTGKTALALAISQELGPKVPFCPLVGSELYSVEVKKTETLMENFRRAIGLRIKETKEVYEGEVTELTPEDAENPLGGYG
KTISHVIVGLKSAKGTKTLRLDPTIYESIQREKVSIGDVIYIEANTGAVKRVGRSDAYATEFDLETEEYVPLPKGEVHKK
KEIVQDVTLHDLDVANARPQGGQDVISMMGQLLKPKKTEITEKLRQEVNKVVAKYIDQGVAELIPGVLFIDEVNMLDIEI
FTYLNKALESNIAPVVVLASNRGMTTVRGTEDVISPHGVPPDLIDRLLIVRTLPYDKDEIRTIIERRATVERLQVESSAL
DLLATMGTETSLRYALQLLAPCGILAQTSNRKEIVVNDVNEAKLLFLDAKRSTKILETSANYLSGGGASMKIEEGKLVIW
INGDKGYNGLAEVGKKFEKDTGIKVTVEHPDKLEEKFPQVAATGDGPDIIFWAHDRFGGYAQSGLLAEITPDKAFQDKLY
PFTWDAVRYNGKLIAYPIAVEALSLIYNKDLLPNPPKTWEEIPALDKELKAKGKSALMFNLQEPYFTWPLIAADGGYAFK
YENGKYDIKDVGVDNAGAKAGLTFLVDLIKNKHMNADTDYSIAEAAFNKGETAMTINGPWAWSNIDTSKVNYGVTVLPTF
KGQPSKPFVGVLSAGINAASPNKELAKEFLENYLLTDEGLEAVNKDKPLGAVALKSYEEELAKDPRIAATMENAQKGEIM
PNIPQMSAFWYAVRTAVINAASGRQTVDEALKDAQTN
;
E,G,I
6 'polypeptide(L)'
;MSIQTSDPNETSDLKSLSLIAAHSHITGLGLDENLQPRPTSEGMVGQLQARRAAGVILKMVQNGTIAGRAVLVAGPPSTG
KTALAMGVSQSLGKDVPFTAIAGSEIFSLELSKTEALTQAFRKSIGIKIKEETELIEGEVVEIQIDRSITGGHKQGKLTI
KTTDMETIYELGNKMIDGLTKEKVLAGDVISIDKASGKITKLGRSFARSRDYDAMGADTRFVQCPEGELQKRKTVVHTVS
LHEIDVINSRTQGFLALFTGDTGEIRSEVRDQINTKVAEWKEEGKAEIVPGVLFIDEVHMLDIECFSFINRALEDEFAPI
VMMATNRGVSKTRGTNYKSPHGLPLDLLDRSIIITTKSYNEQEIKTILSIRAQEEEVELSSDALDLLTKTGVETSLRYSS
NLISVAQQIAMKRKNNTVEVEDVKRAYLLFLDSARSVKYVQENESQYIDDQGNVQISIAKSADPDAMDTTE
;
F,H,J
7 'polydeoxyribonucleotide'
;(DC)(DT)(DG)(DG)(DA)(DG)(DA)(DA)(DT)(DC)(DC)(DC)(DG)(DG)(DT)(DG)(DC)(DC)(DG)(DA)
(DG)(DG)(DC)(DC)(DG)(DC)(DT)(DC)(DA)(DA)(DT)(DT)(DG)(DG)(DT)(DC)(DG)(DT)(DA)(DG)
(DC)(DA)(DA)(DG)(DC)(DT)(DC)(DT)(DA)(DG)(DC)(DA)(DC)(DC)(DG)(DC)(DT)(DT)(DA)(DA)
(DA)(DC)(DG)(DC)(DA)(DC)(DG)(DT)(DA)(DC)(DG)(DC)(DG)(DC)(DT)(DG)(DT)(DC)(DC)(DC)
(DC)(DC)(DG)(DC)(DG)(DT)(DT)(DT)(DT)(DA)(DA)(DC)(DC)(DG)(DC)(DC)(DA)(DA)(DG)(DG)
(DG)(DG)(DA)(DT)(DT)(DA)(DC)(DT)(DC)(DC)(DC)(DT)(DA)(DG)(DT)(DC)(DT)(DC)(DC)(DA)
(DG)(DG)(DC)(DA)(DC)(DG)(DT)(DG)(DT)(DC)(DA)(DG)(DA)(DT)(DA)(DT)(DA)(DT)(DA)(DC)
(DA)(DT)(DC)(DC)(DT)(DG)(DT)
;
Y
8 'polydeoxyribonucleotide'
;(DA)(DC)(DA)(DG)(DG)(DA)(DT)(DG)(DT)(DA)(DT)(DA)(DT)(DA)(DT)(DC)(DT)(DG)(DA)(DC)
(DA)(DC)(DG)(DT)(DG)(DC)(DC)(DT)(DG)(DG)(DA)(DG)(DA)(DC)(DT)(DA)(DG)(DG)(DG)(DA)
(DG)(DT)(DA)(DA)(DT)(DC)(DC)(DC)(DC)(DT)(DT)(DG)(DG)(DC)(DG)(DG)(DT)(DT)(DA)(DA)
(DA)(DA)(DC)(DG)(DC)(DG)(DG)(DG)(DG)(DG)(DA)(DC)(DA)(DG)(DC)(DG)(DC)(DG)(DT)(DA)
(DC)(DG)(DT)(DG)(DC)(DG)(DT)(DT)(DT)(DA)(DA)(DG)(DC)(DG)(DG)(DT)(DG)(DC)(DT)(DA)
(DG)(DA)(DG)(DC)(DT)(DT)(DG)(DC)(DT)(DA)(DC)(DG)(DA)(DC)(DC)(DA)(DA)(DT)(DT)(DG)
(DA)(DG)(DC)(DG)(DG)(DC)(DC)(DT)(DC)(DG)(DG)(DC)(DA)(DC)(DC)(DG)(DG)(DG)(DA)(DT)
(DT)(DC)(DT)(DC)(DC)(DA)(DG)
;
Z
#
loop_
_chem_comp.id
_chem_comp.type
_chem_comp.name
_chem_comp.formula
ADP non-polymer ADENOSINE-5'-DIPHOSPHATE 'C10 H15 N5 O10 P2'
AGS non-polymer 'PHOSPHOTHIOPHOSPHORIC ACID-ADENYLATE ESTER' 'C10 H16 N5 O12 P3 S'
DA DNA linking 2'-DEOXYADENOSINE-5'-MONOPHOSPHATE 'C10 H14 N5 O6 P'
DC DNA linking 2'-DEOXYCYTIDINE-5'-MONOPHOSPHATE 'C9 H14 N3 O7 P'
DG DNA linking 2'-DEOXYGUANOSINE-5'-MONOPHOSPHATE 'C10 H14 N5 O7 P'
DT DNA linking THYMIDINE-5'-MONOPHOSPHATE 'C10 H15 N2 O8 P'
MG non-polymer 'MAGNESIUM ION' 'Mg 2'
ZN non-polymer 'ZINC ION' 'Zn 2'
#
# COMPACT_ATOMS: atom_id res chain seq x y z
N SER A 682 -99.55 3.00 -8.96
CA SER A 682 -100.64 2.09 -9.31
C SER A 682 -100.59 0.81 -8.48
N VAL A 683 -99.67 0.77 -7.52
CA VAL A 683 -99.46 -0.39 -6.66
C VAL A 683 -99.36 0.08 -5.21
N VAL A 684 -99.25 -0.89 -4.31
CA VAL A 684 -99.21 -0.63 -2.87
C VAL A 684 -98.22 -1.61 -2.25
N ASP A 685 -97.94 -1.41 -0.96
CA ASP A 685 -97.01 -2.28 -0.23
C ASP A 685 -97.50 -3.71 -0.21
N VAL A 686 -96.80 -4.60 -0.92
CA VAL A 686 -97.16 -6.01 -0.97
C VAL A 686 -96.90 -6.62 0.40
N PRO A 687 -97.59 -7.69 0.79
CA PRO A 687 -97.28 -8.33 2.07
C PRO A 687 -95.85 -8.84 2.11
N VAL A 688 -95.22 -8.69 3.26
CA VAL A 688 -93.85 -9.20 3.42
C VAL A 688 -93.87 -10.73 3.33
N PRO A 689 -92.89 -11.35 2.67
CA PRO A 689 -92.91 -12.81 2.55
C PRO A 689 -92.81 -13.50 3.91
N SER A 690 -93.59 -14.56 4.07
CA SER A 690 -93.51 -15.36 5.29
C SER A 690 -92.22 -16.16 5.36
N LEU A 691 -91.57 -16.40 4.23
CA LEU A 691 -90.30 -17.10 4.19
C LEU A 691 -89.09 -16.17 4.22
N LEU A 692 -89.32 -14.86 4.32
CA LEU A 692 -88.23 -13.89 4.35
C LEU A 692 -87.79 -13.68 5.79
N ARG A 693 -86.53 -14.03 6.08
CA ARG A 693 -86.00 -13.98 7.44
C ARG A 693 -85.12 -12.73 7.53
N GLY A 694 -85.73 -11.63 7.94
CA GLY A 694 -85.02 -10.38 8.07
C GLY A 694 -85.98 -9.26 8.39
N ASN A 695 -85.42 -8.04 8.46
CA ASN A 695 -86.19 -6.84 8.74
C ASN A 695 -85.79 -5.78 7.71
N LEU A 696 -86.46 -5.79 6.56
CA LEU A 696 -86.19 -4.79 5.55
C LEU A 696 -86.73 -3.43 5.99
N ARG A 697 -86.15 -2.37 5.43
CA ARG A 697 -86.64 -1.03 5.73
C ARG A 697 -87.87 -0.72 4.89
N THR A 698 -88.52 0.40 5.21
CA THR A 698 -89.72 0.80 4.49
C THR A 698 -89.42 1.09 3.02
N TYR A 699 -88.29 1.77 2.75
CA TYR A 699 -87.93 2.03 1.37
C TYR A 699 -87.50 0.76 0.66
N GLN A 700 -86.93 -0.19 1.39
CA GLN A 700 -86.68 -1.51 0.81
C GLN A 700 -87.99 -2.16 0.37
N LYS A 701 -89.03 -2.03 1.19
CA LYS A 701 -90.34 -2.54 0.82
C LYS A 701 -90.89 -1.80 -0.39
N GLN A 702 -90.64 -0.49 -0.47
CA GLN A 702 -91.10 0.28 -1.62
C GLN A 702 -90.44 -0.23 -2.90
N GLY A 703 -89.13 -0.46 -2.85
CA GLY A 703 -88.46 -1.03 -4.00
C GLY A 703 -88.97 -2.42 -4.35
N LEU A 704 -89.25 -3.22 -3.33
CA LEU A 704 -89.82 -4.55 -3.56
C LEU A 704 -91.16 -4.44 -4.26
N ASN A 705 -92.00 -3.51 -3.83
CA ASN A 705 -93.29 -3.29 -4.49
C ASN A 705 -93.09 -2.85 -5.93
N TRP A 706 -92.13 -1.96 -6.18
CA TRP A 706 -91.89 -1.52 -7.54
C TRP A 706 -91.46 -2.68 -8.44
N LEU A 707 -90.56 -3.53 -7.95
CA LEU A 707 -90.14 -4.69 -8.72
C LEU A 707 -91.29 -5.67 -8.93
N ALA A 708 -92.15 -5.83 -7.91
CA ALA A 708 -93.31 -6.69 -8.04
C ALA A 708 -94.25 -6.16 -9.12
N SER A 709 -94.43 -4.84 -9.16
CA SER A 709 -95.22 -4.24 -10.23
C SER A 709 -94.57 -4.49 -11.58
N LEU A 710 -93.24 -4.38 -11.64
CA LEU A 710 -92.53 -4.61 -12.89
C LEU A 710 -92.76 -6.02 -13.41
N TYR A 711 -92.68 -7.02 -12.53
CA TYR A 711 -92.93 -8.39 -12.97
C TYR A 711 -94.39 -8.60 -13.32
N ASN A 712 -95.31 -8.10 -12.50
CA ASN A 712 -96.72 -8.25 -12.79
C ASN A 712 -97.12 -7.52 -14.05
N ASN A 713 -96.39 -6.48 -14.43
CA ASN A 713 -96.58 -5.87 -15.74
C ASN A 713 -96.05 -6.73 -16.87
N HIS A 714 -95.46 -7.89 -16.55
CA HIS A 714 -94.91 -8.80 -17.54
C HIS A 714 -93.86 -8.09 -18.40
N THR A 715 -93.04 -7.26 -17.75
CA THR A 715 -92.00 -6.49 -18.41
C THR A 715 -90.69 -6.67 -17.66
N ASN A 716 -89.66 -5.96 -18.12
CA ASN A 716 -88.33 -6.00 -17.55
C ASN A 716 -87.87 -4.59 -17.26
N GLY A 717 -86.94 -4.45 -16.31
CA GLY A 717 -86.51 -3.13 -15.87
C GLY A 717 -85.07 -3.09 -15.46
N ILE A 718 -84.58 -1.85 -15.29
CA ILE A 718 -83.20 -1.58 -14.89
C ILE A 718 -83.21 -1.01 -13.49
N LEU A 719 -82.37 -1.57 -12.62
CA LEU A 719 -82.17 -1.02 -11.29
C LEU A 719 -80.95 -0.11 -11.31
N ALA A 720 -81.12 1.13 -10.87
CA ALA A 720 -80.04 2.11 -10.87
C ALA A 720 -79.87 2.76 -9.50
N ASP A 721 -80.30 2.10 -8.43
CA ASP A 721 -80.17 2.65 -7.10
C ASP A 721 -78.71 2.73 -6.68
N GLU A 722 -78.44 3.61 -5.72
CA GLU A 722 -77.08 3.87 -5.28
C GLU A 722 -76.51 2.68 -4.53
N MET A 723 -75.18 2.70 -4.36
CA MET A 723 -74.49 1.63 -3.66
C MET A 723 -74.84 1.65 -2.17
N GLY A 724 -74.63 0.51 -1.52
CA GLY A 724 -74.93 0.36 -0.12
C GLY A 724 -76.40 0.24 0.21
N LEU A 725 -77.29 0.68 -0.69
CA LEU A 725 -78.73 0.52 -0.45
C LEU A 725 -79.14 -0.94 -0.40
N GLY A 726 -78.35 -1.83 -0.98
CA GLY A 726 -78.64 -3.26 -0.89
C GLY A 726 -79.36 -3.82 -2.10
N LYS A 727 -78.86 -3.54 -3.30
CA LYS A 727 -79.46 -4.11 -4.50
C LYS A 727 -79.54 -5.63 -4.42
N THR A 728 -78.55 -6.24 -3.78
CA THR A 728 -78.64 -7.67 -3.48
C THR A 728 -79.86 -7.97 -2.62
N ILE A 729 -80.11 -7.12 -1.63
CA ILE A 729 -81.24 -7.33 -0.75
C ILE A 729 -82.56 -7.18 -1.51
N GLN A 730 -82.63 -6.18 -2.39
CA GLN A 730 -83.85 -6.03 -3.19
C GLN A 730 -84.06 -7.23 -4.11
N THR A 731 -82.98 -7.75 -4.69
CA THR A 731 -83.13 -8.91 -5.57
C THR A 731 -83.62 -10.14 -4.80
N ILE A 732 -83.03 -10.40 -3.63
CA ILE A 732 -83.49 -11.56 -2.87
C ILE A 732 -84.91 -11.35 -2.38
N SER A 733 -85.27 -10.12 -2.02
CA SER A 733 -86.64 -9.84 -1.62
C SER A 733 -87.60 -10.09 -2.77
N LEU A 734 -87.21 -9.69 -3.98
CA LEU A 734 -88.07 -9.94 -5.14
C LEU A 734 -88.24 -11.42 -5.38
N LEU A 735 -87.15 -12.18 -5.27
CA LEU A 735 -87.26 -13.63 -5.43
C LEU A 735 -88.21 -14.21 -4.38
N ALA A 736 -88.09 -13.77 -3.13
CA ALA A 736 -88.96 -14.26 -2.07
C ALA A 736 -90.41 -13.91 -2.35
N TYR A 737 -90.67 -12.69 -2.83
CA TYR A 737 -92.04 -12.29 -3.13
C TYR A 737 -92.62 -13.17 -4.23
N LEU A 738 -91.85 -13.38 -5.31
CA LEU A 738 -92.34 -14.19 -6.40
C LEU A 738 -92.64 -15.61 -5.94
N ALA A 739 -91.75 -16.17 -5.12
CA ALA A 739 -91.97 -17.52 -4.61
C ALA A 739 -93.20 -17.58 -3.71
N CYS A 740 -93.37 -16.59 -2.84
CA CYS A 740 -94.41 -16.69 -1.83
C CYS A 740 -95.78 -16.39 -2.39
N GLU A 741 -95.96 -15.22 -3.01
CA GLU A 741 -97.27 -14.82 -3.48
C GLU A 741 -97.75 -15.73 -4.60
N LYS A 742 -97.03 -15.75 -5.71
CA LYS A 742 -97.36 -16.61 -6.83
C LYS A 742 -96.71 -17.98 -6.62
N GLU A 743 -96.76 -18.82 -7.64
CA GLU A 743 -96.00 -20.06 -7.69
C GLU A 743 -94.64 -19.87 -8.35
N ASN A 744 -94.17 -18.62 -8.43
CA ASN A 744 -92.99 -18.27 -9.21
C ASN A 744 -91.72 -18.71 -8.47
N TRP A 745 -91.52 -20.03 -8.46
CA TRP A 745 -90.35 -20.65 -7.87
C TRP A 745 -89.39 -21.20 -8.91
N GLY A 746 -89.55 -20.82 -10.17
CA GLY A 746 -88.81 -21.41 -11.26
C GLY A 746 -87.31 -21.23 -11.12
N PRO A 747 -86.55 -21.90 -11.98
CA PRO A 747 -85.09 -21.72 -11.96
C PRO A 747 -84.72 -20.27 -12.25
N HIS A 748 -83.77 -19.76 -11.50
CA HIS A 748 -83.35 -18.38 -11.63
C HIS A 748 -81.83 -18.32 -11.72
N LEU A 749 -81.34 -17.37 -12.51
CA LEU A 749 -79.92 -17.28 -12.83
C LEU A 749 -79.36 -15.98 -12.27
N ILE A 750 -78.29 -16.09 -11.49
CA ILE A 750 -77.60 -14.95 -10.92
C ILE A 750 -76.17 -14.99 -11.42
N VAL A 751 -75.71 -13.90 -12.01
CA VAL A 751 -74.35 -13.82 -12.56
C VAL A 751 -73.62 -12.65 -11.89
N VAL A 752 -72.49 -12.96 -11.26
CA VAL A 752 -71.77 -11.98 -10.44
C VAL A 752 -70.28 -12.18 -10.62
N PRO A 753 -69.49 -11.11 -10.48
CA PRO A 753 -68.05 -11.28 -10.35
C PRO A 753 -67.69 -12.14 -9.14
N THR A 754 -66.54 -12.82 -9.24
CA THR A 754 -66.26 -13.99 -8.41
C THR A 754 -66.28 -13.66 -6.91
N SER A 755 -65.54 -12.64 -6.49
CA SER A 755 -65.53 -12.29 -5.08
C SER A 755 -66.92 -11.85 -4.63
N VAL A 756 -67.54 -10.97 -5.41
CA VAL A 756 -68.92 -10.60 -5.13
C VAL A 756 -69.84 -11.79 -5.32
N LEU A 757 -69.45 -12.79 -6.11
CA LEU A 757 -70.25 -14.02 -6.22
C LEU A 757 -70.28 -14.76 -4.91
N LEU A 758 -69.12 -14.95 -4.29
CA LEU A 758 -69.08 -15.59 -2.98
C LEU A 758 -69.85 -14.79 -1.95
N ASN A 759 -69.68 -13.46 -1.96
CA ASN A 759 -70.42 -12.62 -1.03
C ASN A 759 -71.92 -12.73 -1.26
N TRP A 760 -72.35 -12.78 -2.52
CA TRP A 760 -73.76 -12.92 -2.85
C TRP A 760 -74.31 -14.24 -2.35
N GLU A 761 -73.55 -15.32 -2.53
CA GLU A 761 -74.00 -16.62 -2.08
C GLU A 761 -74.19 -16.64 -0.57
N MET A 762 -73.22 -16.09 0.16
CA MET A 762 -73.34 -16.06 1.61
C MET A 762 -74.50 -15.19 2.07
N GLU A 763 -74.69 -14.03 1.43
CA GLU A 763 -75.80 -13.15 1.81
C GLU A 763 -77.14 -13.77 1.45
N PHE A 764 -77.20 -14.54 0.36
CA PHE A 764 -78.40 -15.29 0.03
C PHE A 764 -78.71 -16.31 1.11
N LYS A 765 -77.68 -17.00 1.60
CA LYS A 765 -77.88 -17.92 2.72
C LYS A 765 -78.40 -17.18 3.94
N ARG A 766 -77.87 -15.99 4.22
CA ARG A 766 -78.23 -15.28 5.43
C ARG A 766 -79.67 -14.78 5.39
N PHE A 767 -80.05 -14.08 4.31
CA PHE A 767 -81.35 -13.43 4.29
C PHE A 767 -82.48 -14.43 4.06
N ALA A 768 -82.47 -15.13 2.93
CA ALA A 768 -83.57 -16.02 2.56
C ALA A 768 -83.00 -17.38 2.17
N PRO A 769 -82.82 -18.27 3.13
CA PRO A 769 -82.27 -19.60 2.83
C PRO A 769 -83.33 -20.57 2.34
N GLY A 770 -84.48 -20.06 1.93
CA GLY A 770 -85.58 -20.92 1.51
C GLY A 770 -85.39 -21.59 0.16
N PHE A 771 -84.40 -21.18 -0.62
CA PHE A 771 -84.16 -21.73 -1.95
C PHE A 771 -82.91 -22.60 -1.92
N LYS A 772 -83.02 -23.83 -2.43
CA LYS A 772 -81.84 -24.67 -2.57
C LYS A 772 -80.97 -24.08 -3.67
N VAL A 773 -79.92 -23.39 -3.28
CA VAL A 773 -79.11 -22.60 -4.18
C VAL A 773 -77.92 -23.44 -4.63
N LEU A 774 -77.64 -23.40 -5.93
CA LEU A 774 -76.50 -24.09 -6.53
C LEU A 774 -75.41 -23.06 -6.79
N THR A 775 -74.21 -23.33 -6.29
CA THR A 775 -73.07 -22.43 -6.46
C THR A 775 -72.14 -23.01 -7.53
N TYR A 776 -72.03 -22.29 -8.65
CA TYR A 776 -71.13 -22.70 -9.71
C TYR A 776 -69.72 -22.25 -9.37
N TYR A 777 -68.79 -23.19 -9.35
CA TYR A 777 -67.51 -22.94 -8.69
C TYR A 777 -66.48 -23.96 -9.16
N GLY A 778 -65.22 -23.58 -9.06
CA GLY A 778 -64.13 -24.53 -9.08
C GLY A 778 -63.73 -25.05 -10.46
N SER A 779 -62.93 -26.12 -10.41
CA SER A 779 -62.33 -26.70 -11.59
C SER A 779 -63.39 -27.32 -12.51
N PRO A 780 -63.10 -27.44 -13.81
CA PRO A 780 -64.09 -27.99 -14.74
C PRO A 780 -64.61 -29.36 -14.34
N GLN A 781 -63.77 -30.23 -13.76
CA GLN A 781 -64.27 -31.48 -13.24
C GLN A 781 -65.30 -31.25 -12.13
N GLN A 782 -65.01 -30.32 -11.23
CA GLN A 782 -65.98 -29.96 -10.20
C GLN A 782 -67.22 -29.33 -10.81
N ARG A 783 -67.07 -28.60 -11.93
CA ARG A 783 -68.24 -28.05 -12.61
C ARG A 783 -69.12 -29.17 -13.13
N LYS A 784 -68.53 -30.19 -13.76
CA LYS A 784 -69.31 -31.32 -14.22
C LYS A 784 -69.97 -32.05 -13.05
N GLU A 785 -69.26 -32.18 -11.93
CA GLU A 785 -69.83 -32.82 -10.75
C GLU A 785 -71.04 -32.04 -10.25
N LYS A 786 -70.94 -30.70 -10.21
CA LYS A 786 -72.09 -29.88 -9.85
C LYS A 786 -73.21 -30.05 -10.86
N ARG A 787 -72.88 -30.33 -12.11
CA ARG A 787 -73.91 -30.53 -13.12
C ARG A 787 -74.65 -31.84 -12.95
N LYS A 788 -74.00 -32.88 -12.43
CA LYS A 788 -74.55 -34.24 -12.55
C LYS A 788 -75.97 -34.31 -12.00
N GLY A 789 -76.88 -34.84 -12.82
CA GLY A 789 -78.27 -34.96 -12.43
C GLY A 789 -79.01 -33.66 -12.22
N TRP A 790 -78.58 -32.58 -12.88
CA TRP A 790 -79.20 -31.29 -12.61
C TRP A 790 -80.59 -31.16 -13.23
N ASN A 791 -80.90 -31.97 -14.25
CA ASN A 791 -82.18 -31.82 -14.92
C ASN A 791 -83.37 -32.30 -14.08
N LYS A 792 -83.12 -33.07 -13.03
CA LYS A 792 -84.21 -33.54 -12.18
C LYS A 792 -84.94 -32.33 -11.60
N PRO A 793 -86.26 -32.26 -11.73
CA PRO A 793 -86.99 -31.08 -11.22
C PRO A 793 -86.79 -30.90 -9.73
N ASP A 794 -86.72 -29.64 -9.32
CA ASP A 794 -86.62 -29.24 -7.92
C ASP A 794 -85.33 -29.72 -7.26
N ALA A 795 -84.33 -30.08 -8.06
CA ALA A 795 -83.02 -30.40 -7.51
C ALA A 795 -82.27 -29.15 -7.09
N PHE A 796 -82.51 -28.03 -7.78
CA PHE A 796 -81.98 -26.73 -7.41
C PHE A 796 -83.03 -25.67 -7.69
N HIS A 797 -83.02 -24.61 -6.90
CA HIS A 797 -83.98 -23.53 -7.06
C HIS A 797 -83.39 -22.29 -7.72
N VAL A 798 -82.10 -22.03 -7.52
CA VAL A 798 -81.46 -20.86 -8.11
C VAL A 798 -79.98 -21.15 -8.24
N CYS A 799 -79.35 -20.60 -9.27
CA CYS A 799 -77.95 -20.82 -9.56
C CYS A 799 -77.22 -19.49 -9.65
N ILE A 800 -76.03 -19.44 -9.07
CA ILE A 800 -75.17 -18.27 -9.12
C ILE A 800 -73.95 -18.60 -9.95
N VAL A 801 -73.67 -17.78 -10.94
CA VAL A 801 -72.59 -17.99 -11.90
C VAL A 801 -71.79 -16.71 -12.06
N SER A 802 -70.74 -16.78 -12.87
CA SER A 802 -69.82 -15.67 -13.05
C SER A 802 -69.83 -15.19 -14.49
N TYR A 803 -69.46 -13.93 -14.68
CA TYR A 803 -69.55 -13.31 -15.99
C TYR A 803 -68.62 -13.99 -16.99
N GLN A 804 -67.32 -13.99 -16.72
CA GLN A 804 -66.39 -14.67 -17.62
C GLN A 804 -66.63 -16.18 -17.63
N LEU A 805 -67.10 -16.73 -16.51
CA LEU A 805 -67.40 -18.15 -16.47
C LEU A 805 -68.48 -18.51 -17.47
N VAL A 806 -69.57 -17.73 -17.51
CA VAL A 806 -70.61 -18.03 -18.47
C VAL A 806 -70.17 -17.63 -19.87
N VAL A 807 -69.29 -16.63 -20.00
CA VAL A 807 -68.76 -16.29 -21.31
C VAL A 807 -68.04 -17.50 -21.91
N GLN A 808 -67.30 -18.22 -21.07
CA GLN A 808 -66.62 -19.42 -21.53
C GLN A 808 -67.59 -20.59 -21.73
N ASP A 809 -68.55 -20.76 -20.82
CA ASP A 809 -69.37 -21.97 -20.75
C ASP A 809 -70.82 -21.73 -21.16
N GLN A 810 -71.06 -20.76 -22.04
CA GLN A 810 -72.42 -20.46 -22.47
C GLN A 810 -73.08 -21.67 -23.12
N HIS A 811 -72.32 -22.45 -23.89
CA HIS A 811 -72.89 -23.57 -24.63
C HIS A 811 -73.62 -24.53 -23.70
N SER A 812 -73.15 -24.68 -22.48
CA SER A 812 -73.84 -25.56 -21.52
C SER A 812 -75.14 -24.94 -21.05
N PHE A 813 -75.12 -23.64 -20.72
CA PHE A 813 -76.27 -23.02 -20.07
C PHE A 813 -77.42 -22.75 -21.04
N LYS A 814 -77.11 -22.49 -22.31
CA LYS A 814 -78.12 -22.03 -23.27
C LYS A 814 -79.29 -23.00 -23.39
N ARG A 815 -79.07 -24.29 -23.10
CA ARG A 815 -80.08 -25.30 -23.40
C ARG A 815 -81.38 -25.07 -22.65
N LYS A 816 -81.30 -24.72 -21.37
CA LYS A 816 -82.51 -24.53 -20.58
C LYS A 816 -82.88 -23.05 -20.49
N ARG A 817 -84.18 -22.78 -20.62
CA ARG A 817 -84.71 -21.46 -20.35
C ARG A 817 -84.64 -21.15 -18.86
N TRP A 818 -84.77 -19.86 -18.53
CA TRP A 818 -84.70 -19.41 -17.15
C TRP A 818 -85.98 -18.67 -16.79
N GLN A 819 -86.56 -19.00 -15.63
CA GLN A 819 -87.81 -18.39 -15.23
C GLN A 819 -87.63 -16.91 -14.93
N TYR A 820 -86.59 -16.56 -14.18
CA TYR A 820 -86.31 -15.16 -13.89
C TYR A 820 -84.81 -14.96 -13.84
N MET A 821 -84.30 -14.08 -14.68
CA MET A 821 -82.88 -13.80 -14.77
C MET A 821 -82.57 -12.46 -14.13
N VAL A 822 -81.48 -12.41 -13.37
CA VAL A 822 -81.02 -11.19 -12.74
C VAL A 822 -79.55 -10.99 -13.08
N LEU A 823 -79.18 -9.76 -13.43
CA LEU A 823 -77.85 -9.43 -13.93
C LEU A 823 -77.23 -8.42 -12.96
N ASP A 824 -76.50 -8.93 -11.97
CA ASP A 824 -75.81 -8.06 -11.04
C ASP A 824 -74.62 -7.38 -11.71
N GLU A 825 -74.30 -6.16 -11.23
CA GLU A 825 -73.17 -5.38 -11.71
C GLU A 825 -73.24 -5.19 -13.23
N ALA A 826 -74.29 -4.48 -13.64
CA ALA A 826 -74.56 -4.28 -15.06
C ALA A 826 -73.46 -3.47 -15.75
N HIS A 827 -72.64 -2.75 -14.99
CA HIS A 827 -71.52 -2.05 -15.60
C HIS A 827 -70.53 -3.00 -16.27
N ASN A 828 -70.51 -4.26 -15.83
CA ASN A 828 -69.62 -5.24 -16.45
C ASN A 828 -70.01 -5.51 -17.90
N ILE A 829 -71.29 -5.43 -18.23
CA ILE A 829 -71.75 -5.67 -19.59
C ILE A 829 -72.15 -4.35 -20.23
N LYS A 830 -71.53 -3.25 -19.78
CA LYS A 830 -71.85 -1.94 -20.32
C LYS A 830 -71.45 -1.80 -21.78
N ASN A 831 -70.58 -2.67 -22.29
CA ASN A 831 -70.14 -2.59 -23.67
C ASN A 831 -70.99 -3.50 -24.55
N PHE A 832 -71.61 -2.92 -25.59
CA PHE A 832 -72.32 -3.73 -26.56
C PHE A 832 -71.36 -4.53 -27.43
N ARG A 833 -70.20 -3.96 -27.77
CA ARG A 833 -69.21 -4.67 -28.56
C ARG A 833 -68.69 -5.90 -27.83
N SER A 834 -68.63 -5.85 -26.49
CA SER A 834 -68.01 -6.91 -25.73
C SER A 834 -68.70 -8.24 -25.95
N THR A 835 -67.90 -9.30 -26.01
CA THR A 835 -68.44 -10.63 -26.22
C THR A 835 -69.38 -11.05 -25.10
N ARG A 836 -69.27 -10.45 -23.93
CA ARG A 836 -70.20 -10.77 -22.84
C ARG A 836 -71.62 -10.40 -23.23
N TRP A 837 -71.81 -9.21 -23.80
CA TRP A 837 -73.14 -8.80 -24.22
C TRP A 837 -73.68 -9.69 -25.32
N GLN A 838 -72.83 -10.08 -26.27
CA GLN A 838 -73.28 -10.97 -27.34
C GLN A 838 -73.67 -12.33 -26.78
N ALA A 839 -72.89 -12.86 -25.84
CA ALA A 839 -73.21 -14.16 -25.27
C ALA A 839 -74.49 -14.12 -24.47
N LEU A 840 -74.70 -13.07 -23.69
CA LEU A 840 -75.85 -12.98 -22.81
C LEU A 840 -77.08 -12.38 -23.49
N LEU A 841 -76.95 -11.94 -24.75
CA LEU A 841 -78.04 -11.23 -25.39
C LEU A 841 -79.17 -12.16 -25.80
N ASN A 842 -78.84 -13.34 -26.33
CA ASN A 842 -79.82 -14.23 -26.92
C ASN A 842 -80.38 -15.25 -25.93
N PHE A 843 -80.11 -15.10 -24.64
CA PHE A 843 -80.56 -16.07 -23.65
C PHE A 843 -82.08 -16.11 -23.60
N ASN A 844 -82.62 -17.31 -23.38
CA ASN A 844 -84.06 -17.53 -23.34
C ASN A 844 -84.53 -17.43 -21.89
N THR A 845 -85.25 -16.35 -21.58
CA THR A 845 -85.77 -16.16 -20.22
C THR A 845 -87.09 -15.42 -20.29
N GLN A 846 -87.86 -15.57 -19.22
CA GLN A 846 -89.15 -14.88 -19.13
C GLN A 846 -88.97 -13.40 -18.83
N ARG A 847 -88.35 -13.09 -17.69
CA ARG A 847 -88.11 -11.71 -17.28
C ARG A 847 -86.67 -11.57 -16.82
N ARG A 848 -86.10 -10.39 -17.07
CA ARG A 848 -84.72 -10.11 -16.74
C ARG A 848 -84.60 -8.79 -15.99
N LEU A 849 -83.55 -8.68 -15.18
CA LEU A 849 -83.32 -7.48 -14.38
C LEU A 849 -81.84 -7.15 -14.36
N LEU A 850 -81.52 -5.88 -14.57
CA LEU A 850 -80.15 -5.38 -14.47
C LEU A 850 -79.94 -4.70 -13.12
N LEU A 851 -78.70 -4.76 -12.64
CA LEU A 851 -78.29 -4.09 -11.41
C LEU A 851 -77.05 -3.26 -11.70
N THR A 852 -77.15 -1.95 -11.52
CA THR A 852 -76.00 -1.08 -11.73
C THR A 852 -76.09 0.13 -10.82
N GLY A 853 -74.92 0.67 -10.46
CA GLY A 853 -74.90 1.90 -9.70
C GLY A 853 -75.29 3.09 -10.56
N THR A 854 -74.83 3.10 -11.80
CA THR A 854 -75.14 4.18 -12.74
C THR A 854 -75.10 3.65 -14.16
N PRO A 855 -76.21 3.74 -14.90
CA PRO A 855 -76.27 3.12 -16.22
C PRO A 855 -75.41 3.81 -17.26
N LEU A 856 -74.95 5.03 -17.01
CA LEU A 856 -74.22 5.82 -17.99
C LEU A 856 -72.90 6.27 -17.37
N GLN A 857 -71.84 5.52 -17.65
CA GLN A 857 -70.51 5.92 -17.22
C GLN A 857 -69.82 6.78 -18.27
N ASN A 858 -69.94 6.42 -19.54
CA ASN A 858 -69.14 7.06 -20.59
C ASN A 858 -69.98 7.82 -21.60
N ASN A 859 -70.99 7.19 -22.19
CA ASN A 859 -71.73 7.82 -23.27
C ASN A 859 -73.11 7.18 -23.38
N LEU A 860 -73.93 7.72 -24.29
CA LEU A 860 -75.27 7.22 -24.51
C LEU A 860 -75.27 5.77 -24.99
N ALA A 861 -74.16 5.31 -25.57
CA ALA A 861 -74.09 3.95 -26.08
C ALA A 861 -74.33 2.93 -24.97
N GLU A 862 -73.75 3.17 -23.80
CA GLU A 862 -73.98 2.28 -22.67
C GLU A 862 -75.46 2.26 -22.30
N LEU A 863 -76.09 3.44 -22.29
CA LEU A 863 -77.51 3.51 -21.97
C LEU A 863 -78.32 2.69 -22.94
N TRP A 864 -78.06 2.85 -24.23
CA TRP A 864 -78.80 2.04 -25.22
C TRP A 864 -78.51 0.57 -25.01
N SER A 865 -77.26 0.21 -24.73
CA SER A 865 -76.93 -1.20 -24.58
C SER A 865 -77.72 -1.83 -23.45
N LEU A 866 -77.78 -1.15 -22.31
CA LEU A 866 -78.56 -1.65 -21.18
C LEU A 866 -80.04 -1.76 -21.53
N LEU A 867 -80.61 -0.68 -22.08
CA LEU A 867 -82.03 -0.69 -22.40
C LEU A 867 -82.38 -1.81 -23.38
N TYR A 868 -81.64 -1.91 -24.47
CA TYR A 868 -81.94 -2.95 -25.46
C TYR A 868 -81.65 -4.34 -24.94
N PHE A 869 -80.73 -4.48 -23.98
CA PHE A 869 -80.58 -5.76 -23.33
C PHE A 869 -81.85 -6.13 -22.56
N LEU A 870 -82.50 -5.12 -21.95
CA LEU A 870 -83.77 -5.39 -21.28
C LEU A 870 -84.86 -5.75 -22.27
N MET A 871 -84.93 -5.05 -23.40
CA MET A 871 -85.99 -5.23 -24.39
C MET A 871 -85.38 -5.44 -25.77
N PRO A 872 -84.88 -6.64 -26.06
CA PRO A 872 -84.30 -6.90 -27.37
C PRO A 872 -85.35 -7.32 -28.40
N GLN A 873 -84.92 -7.62 -29.61
CA GLN A 873 -85.83 -8.11 -30.64
C GLN A 873 -86.35 -9.49 -30.27
N THR A 874 -87.63 -9.72 -30.56
CA THR A 874 -88.26 -11.00 -30.30
C THR A 874 -88.85 -11.56 -31.60
N VAL A 875 -88.84 -12.88 -31.71
CA VAL A 875 -89.29 -13.57 -32.91
C VAL A 875 -90.51 -14.43 -32.56
N ILE A 876 -91.60 -14.22 -33.30
CA ILE A 876 -92.83 -14.99 -33.15
C ILE A 876 -93.31 -15.38 -34.54
N ASP A 877 -93.57 -16.67 -34.74
CA ASP A 877 -94.07 -17.19 -36.02
C ASP A 877 -93.14 -16.81 -37.17
N GLY A 878 -91.84 -16.81 -36.91
CA GLY A 878 -90.86 -16.48 -37.92
C GLY A 878 -90.71 -15.00 -38.21
N LYS A 879 -91.41 -14.14 -37.49
CA LYS A 879 -91.35 -12.70 -37.72
C LYS A 879 -90.28 -12.05 -36.85
N LYS A 880 -89.92 -10.83 -37.22
CA LYS A 880 -88.94 -10.03 -36.49
C LYS A 880 -89.69 -8.90 -35.80
N VAL A 881 -89.82 -8.99 -34.48
CA VAL A 881 -90.50 -7.97 -33.67
C VAL A 881 -89.47 -7.36 -32.72
N SER A 882 -89.37 -6.03 -32.76
CA SER A 882 -88.36 -5.31 -31.98
C SER A 882 -88.99 -4.73 -30.73
N GLY A 883 -88.32 -4.92 -29.59
CA GLY A 883 -88.75 -4.33 -28.35
C GLY A 883 -88.37 -2.87 -28.25
N PHE A 884 -87.11 -2.56 -28.54
CA PHE A 884 -86.58 -1.20 -28.52
C PHE A 884 -86.00 -0.87 -29.89
N ALA A 885 -85.42 0.32 -30.00
CA ALA A 885 -84.78 0.75 -31.22
C ALA A 885 -83.37 0.18 -31.31
N ASP A 886 -82.67 0.51 -32.39
CA ASP A 886 -81.30 0.05 -32.58
C ASP A 886 -80.31 1.08 -32.04
N LEU A 887 -79.06 0.64 -31.90
CA LEU A 887 -78.01 1.51 -31.36
C LEU A 887 -77.82 2.74 -32.24
N ASP A 888 -77.64 2.54 -33.54
CA ASP A 888 -77.56 3.67 -34.44
C ASP A 888 -78.86 4.46 -34.45
N ALA A 889 -79.99 3.76 -34.41
CA ALA A 889 -81.27 4.45 -34.33
C ALA A 889 -81.39 5.24 -33.04
N PHE A 890 -81.00 4.65 -31.91
CA PHE A 890 -81.08 5.37 -30.64
C PHE A 890 -80.18 6.60 -30.65
N GLN A 891 -78.95 6.46 -31.12
CA GLN A 891 -78.05 7.61 -31.14
C GLN A 891 -78.53 8.67 -32.10
N GLN A 892 -79.07 8.28 -33.26
CA GLN A 892 -79.56 9.27 -34.21
C GLN A 892 -80.76 10.02 -33.66
N TRP A 893 -81.69 9.32 -33.02
CA TRP A 893 -82.91 9.97 -32.56
C TRP A 893 -82.77 10.64 -31.19
N PHE A 894 -81.74 10.32 -30.43
CA PHE A 894 -81.62 10.90 -29.09
C PHE A 894 -80.28 11.59 -28.84
N GLY A 895 -79.17 11.00 -29.28
CA GLY A 895 -77.87 11.48 -28.84
C GLY A 895 -77.52 12.86 -29.36
N ARG A 896 -77.88 13.16 -30.60
CA ARG A 896 -77.55 14.46 -31.18
C ARG A 896 -78.16 15.61 -30.38
N PRO A 897 -79.45 15.59 -30.00
CA PRO A 897 -79.93 16.61 -29.06
C PRO A 897 -79.15 16.62 -27.76
N VAL A 898 -78.79 15.45 -27.24
CA VAL A 898 -77.97 15.40 -26.03
C VAL A 898 -76.58 15.96 -26.30
N ASP A 899 -76.06 15.75 -27.50
CA ASP A 899 -74.79 16.38 -27.87
C ASP A 899 -74.91 17.89 -27.83
N LYS A 900 -76.03 18.42 -28.32
CA LYS A 900 -76.26 19.87 -28.22
C LYS A 900 -76.37 20.29 -26.75
N ILE A 901 -77.00 19.46 -25.93
CA ILE A 901 -77.11 19.76 -24.49
C ILE A 901 -75.73 19.91 -23.86
N ILE A 902 -74.86 18.93 -24.11
CA ILE A 902 -73.52 18.98 -23.52
C ILE A 902 -72.66 20.05 -24.18
N GLU A 903 -73.00 20.47 -25.40
CA GLU A 903 -72.21 21.51 -26.06
C GLU A 903 -72.25 22.82 -25.28
N THR A 904 -73.43 23.22 -24.79
CA THR A 904 -73.57 24.46 -24.04
C THR A 904 -74.46 24.22 -22.83
N GLY A 905 -74.02 24.72 -21.68
CA GLY A 905 -74.77 24.55 -20.45
C GLY A 905 -76.11 25.26 -20.47
N GLN A 906 -77.18 24.50 -20.26
CA GLN A 906 -78.54 25.04 -20.25
C GLN A 906 -78.87 25.80 -21.53
N ASP A 911 -83.86 28.35 -25.84
CA ASP A 911 -83.41 26.98 -25.60
C ASP A 911 -84.57 26.06 -25.29
N LYS A 912 -85.75 26.39 -25.84
CA LYS A 912 -86.93 25.56 -25.63
C LYS A 912 -86.75 24.18 -26.23
N GLU A 913 -86.06 24.10 -27.37
CA GLU A 913 -85.78 22.80 -27.98
C GLU A 913 -84.93 21.95 -27.05
N THR A 914 -83.95 22.55 -26.39
CA THR A 914 -83.10 21.82 -25.46
C THR A 914 -83.92 21.22 -24.32
N LYS A 915 -84.79 22.03 -23.70
CA LYS A 915 -85.61 21.56 -22.60
C LYS A 915 -86.58 20.48 -23.07
N LYS A 916 -87.17 20.67 -24.25
CA LYS A 916 -88.08 19.67 -24.79
C LYS A 916 -87.36 18.34 -25.01
N THR A 917 -86.14 18.38 -25.53
CA THR A 917 -85.40 17.16 -25.79
C THR A 917 -85.03 16.45 -24.49
N VAL A 918 -84.55 17.18 -23.48
CA VAL A 918 -84.19 16.52 -22.24
C VAL A 918 -85.43 15.98 -21.54
N ALA A 919 -86.55 16.70 -21.62
CA ALA A 919 -87.79 16.18 -21.06
C ALA A 919 -88.24 14.92 -21.77
N LYS A 920 -88.09 14.88 -23.10
CA LYS A 920 -88.47 13.68 -23.84
C LYS A 920 -87.59 12.50 -23.43
N LEU A 921 -86.29 12.74 -23.27
CA LEU A 921 -85.41 11.67 -22.82
C LEU A 921 -85.81 11.18 -21.43
N HIS A 922 -86.12 12.11 -20.52
CA HIS A 922 -86.53 11.72 -19.18
C HIS A 922 -87.81 10.90 -19.21
N GLN A 923 -88.78 11.31 -20.04
CA GLN A 923 -90.06 10.63 -20.05
C GLN A 923 -89.96 9.26 -20.71
N VAL A 924 -89.11 9.10 -21.73
CA VAL A 924 -88.95 7.78 -22.32
C VAL A 924 -88.17 6.87 -21.38
N LEU A 925 -87.22 7.42 -20.63
CA LEU A 925 -86.46 6.59 -19.69
C LEU A 925 -87.25 6.26 -18.43
N ARG A 926 -88.32 7.00 -18.15
CA ARG A 926 -89.06 6.81 -16.90
C ARG A 926 -89.64 5.42 -16.73
N PRO A 927 -90.36 4.83 -17.70
CA PRO A 927 -91.07 3.58 -17.42
C PRO A 927 -90.17 2.40 -17.08
N TYR A 928 -88.88 2.44 -17.42
CA TYR A 928 -88.02 1.28 -17.24
C TYR A 928 -86.91 1.47 -16.22
N LEU A 929 -86.59 2.71 -15.84
CA LEU A 929 -85.52 2.94 -14.88
C LEU A 929 -86.07 2.91 -13.45
N LEU A 930 -85.15 2.84 -12.50
CA LEU A 930 -85.48 2.94 -11.08
C LEU A 930 -84.22 3.32 -10.33
N ARG A 931 -84.23 4.48 -9.67
CA ARG A 931 -83.06 4.93 -8.93
C ARG A 931 -83.51 5.80 -7.76
N ARG A 932 -82.97 5.52 -6.59
CA ARG A 932 -83.17 6.35 -5.41
C ARG A 932 -81.84 7.00 -5.04
N LEU A 933 -81.82 8.33 -4.96
CA LEU A 933 -80.60 9.03 -4.60
C LEU A 933 -80.20 8.69 -3.17
N LYS A 934 -78.89 8.70 -2.93
CA LYS A 934 -78.39 8.43 -1.59
C LYS A 934 -78.68 9.59 -0.64
N ALA A 935 -78.77 10.81 -1.16
CA ALA A 935 -78.85 11.98 -0.30
C ALA A 935 -80.12 11.97 0.55
N ASP A 936 -81.28 11.81 -0.09
CA ASP A 936 -82.53 11.90 0.65
C ASP A 936 -82.75 10.68 1.54
N VAL A 937 -82.53 9.48 1.00
CA VAL A 937 -82.80 8.27 1.78
C VAL A 937 -81.81 8.14 2.93
N GLU A 938 -80.56 8.54 2.71
CA GLU A 938 -79.54 8.50 3.75
C GLU A 938 -79.37 9.93 4.26
N LYS A 939 -80.19 10.29 5.25
CA LYS A 939 -80.18 11.64 5.80
C LYS A 939 -79.07 11.85 6.83
N GLN A 940 -78.38 10.79 7.24
CA GLN A 940 -77.34 10.89 8.25
C GLN A 940 -75.94 10.98 7.66
N MET A 941 -75.83 11.14 6.34
CA MET A 941 -74.51 11.19 5.72
C MET A 941 -73.81 12.52 6.06
N PRO A 942 -72.50 12.50 6.25
CA PRO A 942 -71.76 13.74 6.52
C PRO A 942 -71.43 14.47 5.22
N ALA A 943 -70.90 15.67 5.38
CA ALA A 943 -70.69 16.58 4.26
C ALA A 943 -69.45 16.17 3.47
N LYS A 944 -69.22 16.90 2.37
CA LYS A 944 -68.10 16.61 1.48
C LYS A 944 -67.71 17.89 0.77
N TYR A 945 -66.41 18.03 0.52
CA TYR A 945 -65.86 19.19 -0.17
C TYR A 945 -64.89 18.74 -1.25
N GLU A 946 -64.83 19.51 -2.33
CA GLU A 946 -63.95 19.23 -3.45
C GLU A 946 -62.93 20.34 -3.58
N HIS A 947 -61.68 19.96 -3.85
CA HIS A 947 -60.58 20.90 -3.99
C HIS A 947 -59.80 20.62 -5.27
N ILE A 948 -59.37 21.67 -5.93
CA ILE A 948 -58.57 21.58 -7.15
C ILE A 948 -57.26 22.33 -6.92
N VAL A 949 -56.15 21.68 -7.26
CA VAL A 949 -54.82 22.27 -7.14
C VAL A 949 -54.11 22.12 -8.48
N TYR A 950 -53.56 23.22 -8.98
CA TYR A 950 -52.82 23.23 -10.23
C TYR A 950 -51.34 23.17 -9.92
N CYS A 951 -50.67 22.13 -10.42
CA CYS A 951 -49.25 21.91 -10.13
C CYS A 951 -48.42 22.28 -11.35
N LYS A 952 -47.44 23.16 -11.15
CA LYS A 952 -46.58 23.58 -12.23
C LYS A 952 -45.57 22.48 -12.58
N LEU A 953 -45.11 22.49 -13.82
CA LEU A 953 -44.15 21.50 -14.28
C LEU A 953 -42.74 21.87 -13.84
N SER A 954 -41.85 20.88 -13.90
CA SER A 954 -40.44 21.07 -13.60
C SER A 954 -39.64 21.15 -14.89
N LYS A 955 -38.35 21.40 -14.76
CA LYS A 955 -37.49 21.56 -15.94
C LYS A 955 -37.40 20.27 -16.73
N ARG A 956 -37.12 19.15 -16.04
CA ARG A 956 -37.06 17.86 -16.73
C ARG A 956 -38.41 17.51 -17.33
N GLN A 957 -39.49 17.72 -16.57
CA GLN A 957 -40.82 17.44 -17.10
C GLN A 957 -41.13 18.33 -18.30
N ARG A 958 -40.77 19.61 -18.22
CA ARG A 958 -41.01 20.52 -19.34
C ARG A 958 -40.27 20.05 -20.57
N PHE A 959 -39.00 19.68 -20.42
CA PHE A 959 -38.20 19.25 -21.57
C PHE A 959 -38.76 17.97 -22.18
N LEU A 960 -39.11 16.99 -21.34
CA LEU A 960 -39.64 15.73 -21.86
C LEU A 960 -40.97 15.94 -22.55
N TYR A 961 -41.85 16.76 -21.95
CA TYR A 961 -43.15 17.04 -22.55
C TYR A 961 -42.99 17.73 -23.89
N ASP A 962 -42.10 18.73 -23.96
CA ASP A 962 -41.89 19.43 -25.22
C ASP A 962 -41.32 18.51 -26.29
N ASP A 963 -40.36 17.66 -25.92
CA ASP A 963 -39.78 16.74 -26.89
C ASP A 963 -40.82 15.75 -27.41
N PHE A 964 -41.63 15.19 -26.50
CA PHE A 964 -42.64 14.23 -26.93
C PHE A 964 -43.70 14.90 -27.80
N MET A 965 -44.11 16.12 -27.45
CA MET A 965 -45.09 16.83 -28.28
C MET A 965 -44.52 17.13 -29.66
N SER A 966 -43.26 17.54 -29.73
CA SER A 966 -42.63 17.81 -31.01
C SER A 966 -42.53 16.55 -31.86
N ARG A 967 -42.19 15.42 -31.24
CA ARG A 967 -42.16 14.15 -31.97
C ARG A 967 -43.55 13.73 -32.41
N ALA A 968 -44.57 14.02 -31.61
CA ALA A 968 -45.94 13.61 -31.91
C ALA A 968 -46.63 14.53 -32.91
N GLN A 969 -46.08 15.72 -33.17
CA GLN A 969 -46.72 16.63 -34.11
C GLN A 969 -46.81 16.01 -35.51
N THR A 970 -45.75 15.35 -35.94
CA THR A 970 -45.74 14.68 -37.24
C THR A 970 -46.63 13.45 -37.23
N MET A 980 -45.78 8.32 -37.13
CA MET A 980 -45.97 7.71 -35.83
C MET A 980 -47.44 7.67 -35.45
N SER A 981 -47.75 7.03 -34.33
CA SER A 981 -49.10 7.04 -33.79
C SER A 981 -49.24 8.21 -32.81
N ILE A 982 -50.49 8.54 -32.50
CA ILE A 982 -50.77 9.71 -31.68
C ILE A 982 -51.15 9.32 -30.26
N VAL A 983 -51.87 8.21 -30.11
CA VAL A 983 -52.36 7.83 -28.79
C VAL A 983 -51.21 7.36 -27.90
N ASN A 984 -50.29 6.57 -28.44
CA ASN A 984 -49.12 6.19 -27.65
C ASN A 984 -48.36 7.42 -27.21
N CYS A 985 -48.30 8.44 -28.08
CA CYS A 985 -47.67 9.70 -27.69
C CYS A 985 -48.45 10.40 -26.59
N LEU A 986 -49.79 10.31 -26.62
CA LEU A 986 -50.58 10.90 -25.53
C LEU A 986 -50.31 10.19 -24.21
N MET A 987 -50.20 8.86 -24.23
CA MET A 987 -49.86 8.12 -23.03
C MET A 987 -48.47 8.49 -22.53
N GLN A 988 -47.52 8.67 -23.44
CA GLN A 988 -46.19 9.11 -23.04
C GLN A 988 -46.22 10.51 -22.44
N LEU A 989 -47.05 11.40 -22.99
CA LEU A 989 -47.20 12.74 -22.43
C LEU A 989 -47.78 12.68 -21.03
N ARG A 990 -48.76 11.81 -20.81
CA ARG A 990 -49.30 11.61 -19.47
C ARG A 990 -48.23 11.08 -18.52
N LYS A 991 -47.38 10.18 -19.00
CA LYS A 991 -46.28 9.69 -18.19
C LYS A 991 -45.30 10.80 -17.84
N VAL A 992 -45.05 11.71 -18.78
CA VAL A 992 -44.27 12.90 -18.48
C VAL A 992 -44.93 13.69 -17.36
N CYS A 993 -46.24 13.90 -17.47
CA CYS A 993 -46.96 14.67 -16.46
C CYS A 993 -46.92 13.99 -15.10
N ASN A 994 -46.82 12.67 -15.06
CA ASN A 994 -46.79 11.96 -13.79
C ASN A 994 -45.46 12.15 -13.07
N HIS A 995 -44.38 11.67 -13.67
CA HIS A 995 -43.03 11.85 -13.12
C HIS A 995 -41.98 11.50 -14.17
N PRO A 996 -40.88 12.25 -14.23
CA PRO A 996 -39.82 11.93 -15.20
C PRO A 996 -39.14 10.60 -14.97
N ASN A 997 -39.24 10.02 -13.76
CA ASN A 997 -38.57 8.75 -13.49
C ASN A 997 -39.21 7.58 -14.22
N LEU A 998 -40.39 7.77 -14.81
CA LEU A 998 -41.01 6.68 -15.55
C LEU A 998 -40.24 6.35 -16.82
N PHE A 999 -39.37 7.25 -17.28
CA PHE A 999 -38.54 7.02 -18.45
C PHE A 999 -37.12 6.64 -18.08
N GLU A 1000 -36.44 7.49 -17.32
CA GLU A 1000 -35.05 7.25 -16.96
C GLU A 1000 -34.77 7.85 -15.59
N VAL A 1001 -34.16 7.07 -14.72
CA VAL A 1001 -33.76 7.54 -13.40
C VAL A 1001 -32.41 8.23 -13.51
N ARG A 1002 -32.15 9.15 -12.59
CA ARG A 1002 -30.86 9.83 -12.56
C ARG A 1002 -29.77 8.82 -12.24
N PRO A 1003 -28.64 8.85 -12.94
CA PRO A 1003 -27.68 7.74 -12.84
C PRO A 1003 -26.98 7.70 -11.49
N ILE A 1004 -26.57 6.49 -11.12
CA ILE A 1004 -25.73 6.27 -9.94
C ILE A 1004 -24.29 6.33 -10.44
N LEU A 1005 -23.68 7.50 -10.34
CA LEU A 1005 -22.34 7.70 -10.85
C LEU A 1005 -21.33 6.84 -10.09
N THR A 1006 -20.43 6.21 -10.84
CA THR A 1006 -19.39 5.37 -10.26
C THR A 1006 -18.20 5.42 -11.20
N SER A 1007 -17.02 5.12 -10.66
CA SER A 1007 -15.78 5.24 -11.41
C SER A 1007 -15.71 4.24 -12.55
N PHE A 1008 -15.02 4.63 -13.61
CA PHE A 1008 -14.69 3.71 -14.70
C PHE A 1008 -13.70 2.66 -14.21
N VAL A 1009 -13.87 1.43 -14.67
CA VAL A 1009 -13.02 0.31 -14.25
C VAL A 1009 -12.17 -0.13 -15.43
N LEU A 1010 -10.85 -0.09 -15.24
CA LEU A 1010 -9.93 -0.61 -16.24
C LEU A 1010 -9.81 -2.13 -16.08
N GLU A 1011 -9.72 -2.83 -17.21
CA GLU A 1011 -9.68 -4.29 -17.17
C GLU A 1011 -8.42 -4.79 -16.47
N HIS A 1012 -7.27 -4.18 -16.76
CA HIS A 1012 -6.02 -4.65 -16.17
C HIS A 1012 -5.00 -3.52 -16.16
N CYS A 1013 -4.23 -3.45 -15.08
CA CYS A 1013 -3.22 -2.42 -14.93
C CYS A 1013 -2.05 -2.66 -15.86
N VAL A 1014 -1.28 -1.59 -16.08
CA VAL A 1014 -0.05 -1.72 -16.85
C VAL A 1014 1.00 -2.47 -16.06
N ALA A 1015 0.97 -2.35 -14.73
CA ALA A 1015 1.94 -3.05 -13.89
C ALA A 1015 1.63 -4.52 -13.74
N SER A 1016 0.41 -4.95 -14.08
CA SER A 1016 0.08 -6.37 -14.03
C SER A 1016 0.87 -7.15 -15.06
N ASP A 1017 1.11 -6.56 -16.23
CA ASP A 1017 1.87 -7.23 -17.28
C ASP A 1017 3.34 -7.40 -16.91
N TYR A 1018 3.83 -6.64 -15.93
CA TYR A 1018 5.23 -6.68 -15.56
C TYR A 1018 5.52 -7.65 -14.42
N LYS A 1019 4.51 -8.36 -13.93
CA LYS A 1019 4.73 -9.27 -12.81
C LYS A 1019 5.58 -10.47 -13.23
N ASP A 1020 5.40 -10.96 -14.45
CA ASP A 1020 6.20 -12.09 -14.92
C ASP A 1020 7.68 -11.72 -14.99
N VAL A 1021 7.99 -10.52 -15.49
CA VAL A 1021 9.37 -10.05 -15.52
C VAL A 1021 9.95 -9.98 -14.12
N GLU A 1022 9.16 -9.47 -13.17
CA GLU A 1022 9.63 -9.38 -11.80
C GLU A 1022 9.93 -10.76 -11.23
N ARG A 1023 9.05 -11.73 -11.47
CA ARG A 1023 9.29 -13.08 -10.98
C ARG A 1023 10.55 -13.67 -11.59
N THR A 1024 10.74 -13.49 -12.89
CA THR A 1024 11.93 -14.03 -13.55
C THR A 1024 13.20 -13.41 -12.97
N LEU A 1025 13.22 -12.09 -12.81
CA LEU A 1025 14.42 -11.43 -12.30
C LEU A 1025 14.71 -11.84 -10.86
N LEU A 1026 13.68 -11.91 -10.02
CA LEU A 1026 13.90 -12.33 -8.64
C LEU A 1026 14.42 -13.75 -8.57
N LYS A 1027 13.88 -14.65 -9.40
CA LYS A 1027 14.38 -16.01 -9.44
C LYS A 1027 15.83 -16.06 -9.89
N LEU A 1028 16.18 -15.22 -10.87
CA LEU A 1028 17.57 -15.19 -11.33
C LEU A 1028 18.51 -14.73 -10.24
N PHE A 1029 18.10 -13.73 -9.45
CA PHE A 1029 19.00 -13.17 -8.45
C PHE A 1029 19.08 -14.02 -7.18
N LYS A 1030 18.01 -14.74 -6.84
CA LYS A 1030 17.98 -15.47 -5.57
C LYS A 1030 19.05 -16.55 -5.52
N LYS A 1031 19.30 -17.21 -6.66
CA LYS A 1031 20.25 -18.33 -6.69
C LYS A 1031 21.64 -17.88 -6.26
N ASN A 1032 22.09 -16.72 -6.75
CA ASN A 1032 23.37 -16.19 -6.31
C ASN A 1032 23.28 -15.56 -4.93
N ASN A 1033 22.14 -14.97 -4.57
CA ASN A 1033 22.02 -14.29 -3.29
C ASN A 1033 22.14 -15.26 -2.12
N GLN A 1034 21.53 -16.44 -2.25
CA GLN A 1034 21.36 -17.31 -1.09
C GLN A 1034 22.65 -18.02 -0.66
N VAL A 1035 23.58 -18.25 -1.59
CA VAL A 1035 24.63 -19.24 -1.34
C VAL A 1035 25.73 -18.69 -0.44
N ASN A 1036 26.26 -17.51 -0.75
CA ASN A 1036 27.48 -17.01 -0.13
C ASN A 1036 27.24 -15.84 0.82
N ARG A 1037 26.18 -15.90 1.61
CA ARG A 1037 25.84 -14.82 2.52
C ARG A 1037 26.00 -15.26 3.97
N VAL A 1038 26.37 -14.30 4.82
CA VAL A 1038 26.59 -14.52 6.24
C VAL A 1038 25.45 -13.88 7.02
N ASP A 1039 24.84 -14.65 7.91
CA ASP A 1039 23.70 -14.17 8.68
C ASP A 1039 24.18 -13.14 9.69
N LEU A 1040 24.01 -11.86 9.37
CA LEU A 1040 24.44 -10.80 10.29
C LEU A 1040 23.62 -10.79 11.57
N ASP A 1041 22.37 -11.25 11.50
CA ASP A 1041 21.56 -11.34 12.70
C ASP A 1041 22.09 -12.40 13.67
N PHE A 1042 22.57 -13.52 13.13
CA PHE A 1042 23.09 -14.58 13.98
C PHE A 1042 24.35 -14.14 14.72
N LEU A 1043 25.19 -13.35 14.07
CA LEU A 1043 26.45 -12.91 14.65
C LEU A 1043 26.32 -11.61 15.43
N ASN A 1044 25.10 -11.20 15.77
CA ASN A 1044 24.83 -10.03 16.59
C ASN A 1044 25.35 -8.74 15.97
N LEU A 1045 25.57 -8.73 14.66
CA LEU A 1045 25.96 -7.50 13.99
C LEU A 1045 24.78 -6.55 13.86
N VAL A 1046 23.58 -7.08 13.82
CA VAL A 1046 22.36 -6.27 13.85
C VAL A 1046 21.86 -6.24 15.28
N PHE A 1047 21.70 -5.03 15.84
CA PHE A 1047 21.37 -4.90 17.26
C PHE A 1047 20.32 -3.83 17.53
N THR A 1048 19.60 -3.37 16.51
CA THR A 1048 18.61 -2.32 16.70
C THR A 1048 17.23 -2.85 17.08
N LEU A 1049 16.97 -4.15 16.90
CA LEU A 1049 15.72 -4.72 17.36
C LEU A 1049 15.78 -5.16 18.83
N ASN A 1050 16.99 -5.33 19.37
CA ASN A 1050 17.12 -5.84 20.73
C ASN A 1050 16.56 -4.89 21.77
N ASP A 1051 16.51 -3.59 21.47
CA ASP A 1051 15.99 -2.62 22.43
C ASP A 1051 14.50 -2.79 22.68
N LYS A 1052 13.80 -3.53 21.82
CA LYS A 1052 12.35 -3.63 21.92
C LYS A 1052 11.91 -4.76 22.84
N ASP A 1053 12.64 -5.87 22.89
CA ASP A 1053 12.20 -7.06 23.60
C ASP A 1053 13.19 -7.53 24.66
N LEU A 1054 14.27 -6.79 24.90
CA LEU A 1054 15.30 -7.23 25.83
C LEU A 1054 15.57 -6.13 26.84
N THR A 1055 16.07 -6.54 28.00
CA THR A 1055 16.35 -5.65 29.11
C THR A 1055 17.85 -5.67 29.41
N SER A 1056 18.37 -4.55 29.90
CA SER A 1056 19.81 -4.42 30.10
C SER A 1056 20.31 -5.41 31.13
N TYR A 1057 19.70 -5.44 32.32
CA TYR A 1057 20.18 -6.33 33.37
C TYR A 1057 19.94 -7.79 33.02
N HIS A 1058 18.83 -8.10 32.35
CA HIS A 1058 18.60 -9.46 31.91
C HIS A 1058 19.65 -9.89 30.90
N ALA A 1059 19.99 -9.02 29.95
CA ALA A 1059 21.00 -9.35 28.97
C ALA A 1059 22.35 -9.59 29.62
N GLU A 1060 22.73 -8.71 30.56
CA GLU A 1060 24.03 -8.89 31.21
C GLU A 1060 24.04 -10.13 32.10
N GLU A 1061 22.91 -10.47 32.72
CA GLU A 1061 22.84 -11.69 33.52
C GLU A 1061 22.97 -12.92 32.65
N ILE A 1062 22.30 -12.94 31.49
CA ILE A 1062 22.42 -14.08 30.58
C ILE A 1062 23.85 -14.19 30.08
N SER A 1063 24.49 -13.05 29.81
CA SER A 1063 25.89 -13.09 29.40
C SER A 1063 26.78 -13.64 30.50
N LYS A 1064 26.48 -13.29 31.75
CA LYS A 1064 27.25 -13.83 32.87
C LYS A 1064 26.93 -15.30 33.13
N LEU A 1065 25.69 -15.72 32.85
CA LEU A 1065 25.25 -17.08 33.13
C LEU A 1065 25.46 -18.03 31.97
N THR A 1066 26.41 -17.74 31.08
CA THR A 1066 26.66 -18.65 29.97
C THR A 1066 27.22 -19.97 30.46
N CYS A 1067 26.99 -21.03 29.68
CA CYS A 1067 27.32 -22.39 30.07
C CYS A 1067 28.46 -22.97 29.24
N VAL A 1068 29.48 -22.16 28.94
CA VAL A 1068 30.61 -22.65 28.17
C VAL A 1068 31.40 -23.71 28.95
N LYS A 1069 31.49 -23.54 30.28
CA LYS A 1069 32.29 -24.45 31.08
C LYS A 1069 31.73 -25.87 31.04
N ASN A 1070 30.40 -26.01 31.11
CA ASN A 1070 29.81 -27.34 31.06
C ASN A 1070 30.09 -28.02 29.73
N PHE A 1071 29.99 -27.27 28.63
CA PHE A 1071 30.30 -27.83 27.32
C PHE A 1071 31.75 -28.28 27.25
N VAL A 1072 32.68 -27.46 27.74
CA VAL A 1072 34.08 -27.82 27.66
C VAL A 1072 34.38 -29.04 28.51
N GLU A 1073 33.81 -29.10 29.72
CA GLU A 1073 34.09 -30.25 30.59
C GLU A 1073 33.47 -31.53 30.03
N GLU A 1074 32.27 -31.45 29.45
CA GLU A 1074 31.69 -32.64 28.84
C GLU A 1074 32.48 -33.09 27.62
N VAL A 1075 32.96 -32.14 26.82
CA VAL A 1075 33.80 -32.48 25.67
C VAL A 1075 35.07 -33.18 26.13
N ASN A 1076 35.71 -32.66 27.18
CA ASN A 1076 36.93 -33.29 27.68
C ASN A 1076 36.65 -34.67 28.26
N LYS A 1077 35.51 -34.84 28.93
CA LYS A 1077 35.15 -36.15 29.47
C LYS A 1077 34.96 -37.17 28.35
N LEU A 1078 34.21 -36.78 27.32
CA LEU A 1078 34.02 -37.68 26.18
C LEU A 1078 35.35 -37.97 25.50
N ARG A 1079 36.23 -36.96 25.40
CA ARG A 1079 37.50 -37.14 24.71
C ARG A 1079 38.43 -38.06 25.48
N GLU A 1080 38.43 -37.97 26.81
CA GLU A 1080 39.25 -38.90 27.59
C GLU A 1080 38.67 -40.31 27.56
N THR A 1081 37.35 -40.44 27.52
CA THR A 1081 36.76 -41.76 27.30
C THR A 1081 37.19 -42.32 25.95
N ASN A 1082 37.22 -41.47 24.92
CA ASN A 1082 37.67 -41.91 23.60
C ASN A 1082 39.15 -42.28 23.62
N LYS A 1083 39.96 -41.55 24.39
CA LYS A 1083 41.37 -41.90 24.51
C LYS A 1083 41.54 -43.28 25.15
N GLN A 1084 40.76 -43.55 26.20
CA GLN A 1084 40.81 -44.88 26.82
C GLN A 1084 40.35 -45.96 25.85
N LEU A 1085 39.29 -45.66 25.08
CA LEU A 1085 38.79 -46.64 24.11
C LEU A 1085 39.82 -46.90 23.02
N GLN A 1086 40.54 -45.87 22.59
CA GLN A 1086 41.58 -46.04 21.58
C GLN A 1086 42.76 -46.83 22.15
N GLU A 1087 43.09 -46.60 23.42
CA GLU A 1087 44.12 -47.40 24.07
C GLU A 1087 43.73 -48.87 24.11
N GLU A 1088 42.46 -49.15 24.42
CA GLU A 1088 41.99 -50.53 24.43
C GLU A 1088 42.00 -51.14 23.02
N PHE A 1089 41.52 -50.38 22.02
CA PHE A 1089 41.38 -50.92 20.67
C PHE A 1089 42.73 -51.13 20.02
N GLY A 1090 43.60 -50.14 20.07
CA GLY A 1090 44.91 -50.23 19.45
C GLY A 1090 44.95 -49.49 18.11
N GLU A 1091 45.46 -50.16 17.08
CA GLU A 1091 45.62 -49.56 15.75
C GLU A 1091 44.28 -49.51 15.06
N ALA A 1092 43.65 -48.33 15.06
CA ALA A 1092 42.37 -48.15 14.37
C ALA A 1092 42.57 -48.06 12.87
N SER A 1093 41.63 -48.63 12.12
CA SER A 1093 41.69 -48.60 10.67
C SER A 1093 40.28 -48.64 10.10
N PHE A 1094 40.15 -48.18 8.86
CA PHE A 1094 38.87 -48.13 8.17
C PHE A 1094 38.70 -49.26 7.15
N LEU A 1095 39.43 -50.37 7.34
CA LEU A 1095 39.38 -51.47 6.41
C LEU A 1095 38.00 -52.14 6.43
N ASN A 1096 37.71 -52.89 5.37
CA ASN A 1096 36.46 -53.63 5.28
C ASN A 1096 36.31 -54.57 6.47
N PHE A 1097 35.14 -54.56 7.08
CA PHE A 1097 34.95 -55.20 8.38
C PHE A 1097 34.66 -56.69 8.21
N GLN A 1098 35.39 -57.51 8.97
CA GLN A 1098 35.15 -58.94 9.02
C GLN A 1098 34.91 -59.44 10.44
N ASP A 1099 34.75 -58.55 11.41
CA ASP A 1099 34.53 -58.93 12.79
C ASP A 1099 33.50 -58.02 13.42
N ALA A 1100 32.61 -58.60 14.21
CA ALA A 1100 31.60 -57.80 14.90
C ALA A 1100 32.23 -56.86 15.92
N ASN A 1101 33.20 -57.37 16.68
CA ASN A 1101 33.85 -56.54 17.70
C ASN A 1101 34.53 -55.33 17.08
N GLN A 1102 35.33 -55.55 16.04
CA GLN A 1102 36.09 -54.46 15.44
C GLN A 1102 35.16 -53.41 14.84
N TYR A 1103 34.13 -53.86 14.10
CA TYR A 1103 33.20 -52.92 13.49
C TYR A 1103 32.43 -52.15 14.55
N PHE A 1104 31.99 -52.84 15.60
CA PHE A 1104 31.24 -52.16 16.65
C PHE A 1104 32.09 -51.12 17.35
N LYS A 1105 33.35 -51.43 17.62
CA LYS A 1105 34.22 -50.46 18.27
C LYS A 1105 34.49 -49.27 17.35
N TYR A 1106 34.68 -49.52 16.05
CA TYR A 1106 34.89 -48.41 15.12
C TYR A 1106 33.65 -47.52 15.03
N SER A 1107 32.46 -48.13 15.00
CA SER A 1107 31.23 -47.35 14.99
C SER A 1107 31.09 -46.53 16.26
N ASN A 1108 31.46 -47.10 17.40
CA ASN A 1108 31.42 -46.34 18.65
C ASN A 1108 32.38 -45.16 18.60
N LYS A 1109 33.58 -45.37 18.03
CA LYS A 1109 34.54 -44.28 17.92
C LYS A 1109 33.98 -43.15 17.06
N GLN A 1110 33.41 -43.48 15.91
CA GLN A 1110 32.89 -42.43 15.04
C GLN A 1110 31.69 -41.73 15.67
N LYS A 1111 30.86 -42.47 16.40
CA LYS A 1111 29.73 -41.85 17.09
C LYS A 1111 30.21 -40.87 18.15
N LEU A 1112 31.23 -41.26 18.91
CA LEU A 1112 31.74 -40.37 19.95
C LEU A 1112 32.37 -39.12 19.34
N GLU A 1113 33.10 -39.27 18.23
CA GLU A 1113 33.64 -38.10 17.56
C GLU A 1113 32.51 -37.18 17.09
N GLY A 1114 31.44 -37.77 16.54
CA GLY A 1114 30.31 -36.96 16.12
C GLY A 1114 29.67 -36.19 17.25
N THR A 1115 29.51 -36.84 18.41
CA THR A 1115 28.90 -36.13 19.53
C THR A 1115 29.82 -35.05 20.08
N VAL A 1116 31.14 -35.26 20.02
CA VAL A 1116 32.06 -34.20 20.41
C VAL A 1116 31.91 -32.99 19.51
N ASP A 1117 31.82 -33.23 18.20
CA ASP A 1117 31.63 -32.13 17.26
C ASP A 1117 30.31 -31.41 17.50
N MET A 1118 29.25 -32.17 17.80
CA MET A 1118 27.95 -31.57 18.07
C MET A 1118 28.02 -30.68 19.31
N LEU A 1119 28.70 -31.14 20.37
CA LEU A 1119 28.84 -30.30 21.56
C LEU A 1119 29.62 -29.03 21.26
N ASN A 1120 30.70 -29.13 20.46
CA ASN A 1120 31.47 -27.94 20.13
C ASN A 1120 30.62 -26.92 19.38
N PHE A 1121 29.89 -27.38 18.37
CA PHE A 1121 29.05 -26.48 17.59
C PHE A 1121 27.95 -25.86 18.44
N LEU A 1122 27.33 -26.67 19.31
CA LEU A 1122 26.30 -26.15 20.21
C LEU A 1122 26.87 -25.11 21.14
N LYS A 1123 28.09 -25.33 21.63
CA LYS A 1123 28.72 -24.35 22.52
C LYS A 1123 28.94 -23.03 21.80
N MET A 1124 29.42 -23.07 20.56
CA MET A 1124 29.61 -21.83 19.80
C MET A 1124 28.29 -21.12 19.57
N VAL A 1125 27.25 -21.87 19.21
CA VAL A 1125 25.94 -21.28 18.96
C VAL A 1125 25.39 -20.64 20.23
N ASN A 1126 25.52 -21.33 21.36
CA ASN A 1126 25.04 -20.79 22.63
C ASN A 1126 25.80 -19.52 23.01
N LYS A 1127 27.11 -19.52 22.78
CA LYS A 1127 27.89 -18.32 23.08
C LYS A 1127 27.43 -17.14 22.23
N LEU A 1128 27.17 -17.38 20.94
CA LEU A 1128 26.71 -16.29 20.09
C LEU A 1128 25.30 -15.85 20.46
N ARG A 1129 24.46 -16.77 20.91
CA ARG A 1129 23.08 -16.43 21.24
C ARG A 1129 22.96 -15.69 22.56
N CYS A 1130 23.81 -16.01 23.53
CA CYS A 1130 23.76 -15.33 24.82
C CYS A 1130 24.49 -14.00 24.84
N ASP A 1131 25.28 -13.70 23.81
CA ASP A 1131 25.98 -12.43 23.72
C ASP A 1131 25.07 -11.28 23.31
N ARG A 1132 23.86 -11.57 22.85
CA ARG A 1132 22.94 -10.55 22.39
C ARG A 1132 22.61 -9.56 23.51
N ARG A 1133 22.73 -8.27 23.21
CA ARG A 1133 22.47 -7.22 24.17
C ARG A 1133 21.79 -6.05 23.49
N PRO A 1134 20.98 -5.29 24.23
CA PRO A 1134 20.42 -4.05 23.68
C PRO A 1134 21.24 -2.83 24.06
N ILE A 1135 21.24 -1.86 23.14
CA ILE A 1135 21.90 -0.58 23.44
C ILE A 1135 21.17 0.14 24.55
N PHE A 1136 19.85 0.24 24.44
CA PHE A 1136 18.99 0.73 25.52
C PHE A 1136 17.99 -0.36 25.86
N GLY A 1137 18.00 -0.81 27.11
CA GLY A 1137 17.02 -1.80 27.53
C GLY A 1137 15.62 -1.22 27.49
N LYS A 1138 14.64 -2.11 27.34
CA LYS A 1138 13.25 -1.67 27.40
C LYS A 1138 12.92 -1.10 28.76
N ASN A 1139 13.62 -1.54 29.80
CA ASN A 1139 13.46 -0.92 31.11
C ASN A 1139 13.91 0.54 31.08
N LEU A 1140 15.00 0.83 30.39
CA LEU A 1140 15.46 2.21 30.26
C LEU A 1140 14.45 3.05 29.49
N ILE A 1141 13.89 2.51 28.42
CA ILE A 1141 12.89 3.23 27.64
C ILE A 1141 11.66 3.51 28.50
N ASP A 1142 11.21 2.51 29.26
CA ASP A 1142 10.05 2.71 30.13
C ASP A 1142 10.34 3.75 31.21
N LEU A 1143 11.54 3.70 31.79
CA LEU A 1143 11.89 4.64 32.84
C LEU A 1143 11.95 6.07 32.32
N LEU A 1144 12.56 6.27 31.14
CA LEU A 1144 12.63 7.60 30.57
C LEU A 1144 11.32 8.07 29.96
N THR A 1145 10.37 7.16 29.73
CA THR A 1145 9.08 7.53 29.16
C THR A 1145 7.98 7.64 30.21
N LYS A 1146 8.19 7.10 31.40
CA LYS A 1146 7.14 7.09 32.41
C LYS A 1146 6.69 8.51 32.75
N ASP A 1147 5.38 8.69 32.91
CA ASP A 1147 4.79 10.01 33.08
C ASP A 1147 4.94 10.51 34.53
N ARG A 1148 6.20 10.53 34.98
CA ARG A 1148 6.60 11.01 36.31
C ARG A 1148 5.76 10.26 37.35
N ARG A 1149 5.10 10.94 38.28
CA ARG A 1149 4.26 10.32 39.29
C ARG A 1149 2.79 10.68 39.11
N VAL A 1150 2.40 11.01 37.87
CA VAL A 1150 1.03 11.43 37.60
C VAL A 1150 0.15 10.20 37.46
N LYS A 1151 -1.00 10.20 38.14
CA LYS A 1151 -1.98 9.13 38.07
C LYS A 1151 -3.32 9.71 37.66
N TYR A 1152 -4.30 8.83 37.49
CA TYR A 1152 -5.66 9.26 37.19
C TYR A 1152 -6.35 9.90 38.39
N ASP A 1153 -5.74 9.83 39.59
CA ASP A 1153 -6.34 10.42 40.77
C ASP A 1153 -6.47 11.93 40.64
N LYS A 1154 -5.44 12.58 40.09
CA LYS A 1154 -5.42 14.03 39.93
C LYS A 1154 -5.53 14.45 38.46
N SER A 1155 -5.91 13.54 37.57
CA SER A 1155 -6.08 13.89 36.17
C SER A 1155 -7.33 14.74 35.97
N SER A 1156 -7.24 15.71 35.06
CA SER A 1156 -8.35 16.62 34.82
C SER A 1156 -9.34 15.99 33.85
N ILE A 1157 -10.61 15.94 34.26
CA ILE A 1157 -11.64 15.37 33.41
C ILE A 1157 -11.95 16.30 32.24
N ILE A 1158 -11.78 17.61 32.43
CA ILE A 1158 -12.12 18.59 31.40
C ILE A 1158 -11.29 18.40 30.13
N ASP A 1159 -10.13 17.76 30.23
CA ASP A 1159 -9.25 17.64 29.08
C ASP A 1159 -9.78 16.67 28.03
N ASN A 1160 -10.74 15.81 28.38
CA ASN A 1160 -11.37 14.98 27.35
C ASN A 1160 -12.29 15.80 26.46
N GLU A 1161 -12.72 16.97 26.91
CA GLU A 1161 -13.56 17.87 26.13
C GLU A 1161 -12.78 18.96 25.44
N LEU A 1162 -11.77 19.53 26.11
CA LEU A 1162 -10.91 20.51 25.46
C LEU A 1162 -10.08 19.87 24.35
N ILE A 1163 -9.62 18.64 24.56
CA ILE A 1163 -8.83 17.91 23.58
C ILE A 1163 -9.72 16.88 22.92
N LYS A 1164 -9.91 17.00 21.61
CA LYS A 1164 -10.67 16.03 20.82
C LYS A 1164 -9.80 15.56 19.67
N PRO A 1165 -9.39 14.30 19.65
CA PRO A 1165 -8.54 13.82 18.54
C PRO A 1165 -9.24 13.84 17.20
N LEU A 1166 -8.52 13.47 16.14
CA LEU A 1166 -9.11 13.48 14.81
C LEU A 1166 -10.20 12.43 14.67
N GLN A 1167 -10.09 11.31 15.39
CA GLN A 1167 -11.07 10.24 15.27
C GLN A 1167 -12.45 10.69 15.74
N THR A 1168 -12.51 11.33 16.91
CA THR A 1168 -13.80 11.78 17.40
C THR A 1168 -14.33 12.94 16.56
N ARG A 1169 -13.46 13.70 15.91
CA ARG A 1169 -13.94 14.74 15.00
C ARG A 1169 -14.53 14.12 13.74
N VAL A 1170 -13.94 13.04 13.24
CA VAL A 1170 -14.53 12.31 12.13
C VAL A 1170 -15.88 11.76 12.52
N LEU A 1171 -15.98 11.19 13.72
CA LEU A 1171 -17.25 10.61 14.15
C LEU A 1171 -18.32 11.67 14.36
N ASP A 1172 -17.97 12.82 14.94
CA ASP A 1172 -18.95 13.82 15.28
C ASP A 1172 -19.47 14.58 14.07
N ASN A 1173 -18.66 14.71 13.01
CA ASN A 1173 -19.05 15.46 11.83
C ASN A 1173 -19.67 14.57 10.75
N ARG A 1174 -20.43 13.56 11.16
CA ARG A 1174 -21.03 12.62 10.22
C ARG A 1174 -21.95 13.34 9.23
N LYS A 1175 -22.77 14.28 9.72
CA LYS A 1175 -23.74 14.95 8.85
C LYS A 1175 -23.05 15.77 7.77
N ILE A 1176 -22.01 16.52 8.14
CA ILE A 1176 -21.29 17.33 7.15
C ILE A 1176 -20.65 16.43 6.10
N ILE A 1177 -20.04 15.32 6.53
CA ILE A 1177 -19.42 14.39 5.58
C ILE A 1177 -20.47 13.84 4.63
N ASP A 1178 -21.64 13.47 5.15
CA ASP A 1178 -22.70 12.97 4.29
C ASP A 1178 -23.15 14.02 3.29
N THR A 1179 -23.26 15.27 3.73
CA THR A 1179 -23.82 16.30 2.86
C THR A 1179 -22.85 16.76 1.78
N PHE A 1180 -21.56 16.87 2.09
CA PHE A 1180 -20.63 17.55 1.21
C PHE A 1180 -19.63 16.65 0.49
N ALA A 1181 -19.53 15.38 0.86
CA ALA A 1181 -18.68 14.44 0.13
C ALA A 1181 -19.46 13.93 -1.07
N VAL A 1182 -19.10 14.39 -2.26
CA VAL A 1182 -19.85 14.12 -3.47
C VAL A 1182 -19.01 13.45 -4.55
N LEU A 1183 -17.79 13.93 -4.78
CA LEU A 1183 -17.01 13.50 -5.93
C LEU A 1183 -16.54 12.06 -5.80
N THR A 1184 -16.37 11.41 -6.95
CA THR A 1184 -15.88 10.06 -7.08
C THR A 1184 -14.75 10.03 -8.10
N PRO A 1185 -13.83 9.06 -8.00
CA PRO A 1185 -12.72 9.00 -8.96
C PRO A 1185 -13.23 8.79 -10.38
N SER A 1186 -12.49 9.36 -11.33
CA SER A 1186 -12.86 9.20 -12.73
C SER A 1186 -12.57 7.79 -13.23
N ALA A 1187 -11.40 7.25 -12.90
CA ALA A 1187 -11.02 5.91 -13.31
C ALA A 1187 -10.36 5.18 -12.14
N VAL A 1188 -10.69 3.90 -12.00
CA VAL A 1188 -10.11 3.07 -10.95
C VAL A 1188 -9.71 1.74 -11.54
N SER A 1189 -8.77 1.08 -10.87
CA SER A 1189 -8.34 -0.27 -11.25
C SER A 1189 -8.26 -1.09 -9.97
N LEU A 1190 -9.07 -2.14 -9.89
CA LEU A 1190 -9.24 -2.85 -8.63
C LEU A 1190 -7.99 -3.62 -8.23
N ASP A 1191 -7.25 -4.14 -9.21
CA ASP A 1191 -6.07 -4.95 -8.90
C ASP A 1191 -4.95 -4.11 -8.32
N MET A 1192 -4.94 -2.80 -8.57
CA MET A 1192 -3.90 -1.94 -8.01
C MET A 1192 -4.04 -1.78 -6.51
N ARG A 1193 -5.24 -1.97 -5.96
CA ARG A 1193 -5.43 -1.83 -4.52
C ARG A 1193 -4.58 -2.83 -3.75
N LYS A 1194 -4.54 -4.07 -4.21
CA LYS A 1194 -3.71 -5.09 -3.58
C LYS A 1194 -2.30 -5.15 -4.13
N LEU A 1195 -2.08 -4.68 -5.36
CA LEU A 1195 -0.75 -4.72 -5.94
C LEU A 1195 0.17 -3.70 -5.27
N ALA A 1196 -0.38 -2.60 -4.76
CA ALA A 1196 0.44 -1.59 -4.12
C ALA A 1196 1.04 -2.10 -2.82
N LEU A 1197 0.28 -2.89 -2.07
CA LEU A 1197 0.71 -3.38 -0.77
C LEU A 1197 1.48 -4.69 -0.85
N GLY A 1198 1.63 -5.27 -2.04
CA GLY A 1198 2.26 -6.57 -2.14
C GLY A 1198 1.41 -7.72 -1.67
N LEU A 1199 0.09 -7.54 -1.61
CA LEU A 1199 -0.82 -8.56 -1.13
C LEU A 1199 -1.45 -9.36 -2.25
N ASN A 1200 -0.96 -9.25 -3.47
CA ASN A 1200 -1.49 -10.06 -4.55
C ASN A 1200 -1.10 -11.53 -4.35
N ASP A 1201 -1.80 -12.41 -5.07
CA ASP A 1201 -1.62 -13.84 -4.86
C ASP A 1201 -0.24 -14.31 -5.31
N ASP A 1202 0.38 -13.63 -6.27
CA ASP A 1202 1.67 -14.04 -6.81
C ASP A 1202 2.75 -13.01 -6.49
N SER A 1203 2.69 -12.43 -5.30
CA SER A 1203 3.69 -11.46 -4.89
C SER A 1203 4.92 -12.16 -4.32
N SER A 1204 5.99 -11.39 -4.15
CA SER A 1204 7.22 -11.93 -3.58
C SER A 1204 7.11 -12.13 -2.07
N VAL A 1205 6.13 -11.51 -1.43
CA VAL A 1205 5.94 -11.71 0.01
C VAL A 1205 5.42 -13.12 0.25
N GLY A 1206 5.86 -13.71 1.37
CA GLY A 1206 5.46 -15.07 1.68
C GLY A 1206 3.97 -15.18 1.93
N GLU A 1207 3.46 -16.40 1.74
CA GLU A 1207 2.03 -16.64 1.87
C GLU A 1207 1.55 -16.38 3.30
N ASN A 1208 2.32 -16.85 4.29
CA ASN A 1208 1.88 -16.69 5.67
C ASN A 1208 1.82 -15.22 6.05
N THR A 1209 2.81 -14.43 5.66
CA THR A 1209 2.80 -13.01 5.97
C THR A 1209 1.63 -12.31 5.30
N ARG A 1210 1.34 -12.68 4.05
CA ARG A 1210 0.23 -12.08 3.34
C ARG A 1210 -1.10 -12.38 4.03
N LEU A 1211 -1.29 -13.63 4.45
CA LEU A 1211 -2.53 -13.98 5.14
C LEU A 1211 -2.64 -13.27 6.49
N LYS A 1212 -1.54 -13.17 7.23
CA LYS A 1212 -1.58 -12.48 8.52
C LYS A 1212 -1.93 -11.02 8.34
N VAL A 1213 -1.32 -10.36 7.35
CA VAL A 1213 -1.61 -8.95 7.09
C VAL A 1213 -3.07 -8.77 6.68
N MET A 1214 -3.57 -9.67 5.83
CA MET A 1214 -4.96 -9.58 5.40
C MET A 1214 -5.91 -9.74 6.58
N GLN A 1215 -5.64 -10.70 7.46
CA GLN A 1215 -6.51 -10.90 8.62
C GLN A 1215 -6.47 -9.69 9.55
N ASN A 1216 -5.28 -9.13 9.77
CA ASN A 1216 -5.19 -7.95 10.61
C ASN A 1216 -5.94 -6.77 10.00
N CYS A 1217 -5.87 -6.63 8.67
CA CYS A 1217 -6.64 -5.58 8.00
C CYS A 1217 -8.14 -5.82 8.14
N PHE A 1218 -8.55 -7.08 8.09
CA PHE A 1218 -9.96 -7.39 8.28
C PHE A 1218 -10.44 -7.02 9.68
N GLU A 1219 -9.61 -7.28 10.69
CA GLU A 1219 -10.03 -7.06 12.07
C GLU A 1219 -9.89 -5.61 12.52
N VAL A 1220 -9.06 -4.80 11.85
CA VAL A 1220 -8.81 -3.45 12.31
C VAL A 1220 -10.03 -2.58 12.05
N SER A 1221 -10.18 -1.52 12.85
CA SER A 1221 -11.30 -0.60 12.74
C SER A 1221 -10.83 0.73 12.18
N ASN A 1222 -11.56 1.26 11.21
CA ASN A 1222 -11.22 2.53 10.61
C ASN A 1222 -12.38 3.51 10.75
N PRO A 1223 -12.13 4.74 11.21
CA PRO A 1223 -13.21 5.72 11.29
C PRO A 1223 -13.53 6.38 9.96
N LEU A 1224 -12.66 6.27 8.95
CA LEU A 1224 -12.87 6.90 7.66
C LEU A 1224 -13.73 6.06 6.73
N HIS A 1225 -14.47 5.08 7.25
CA HIS A 1225 -15.27 4.23 6.38
C HIS A 1225 -16.36 5.01 5.66
N GLN A 1226 -17.00 5.95 6.35
CA GLN A 1226 -18.07 6.73 5.72
C GLN A 1226 -17.52 7.58 4.59
N LEU A 1227 -16.35 8.18 4.77
CA LEU A 1227 -15.75 8.95 3.69
C LEU A 1227 -15.43 8.06 2.50
N GLN A 1228 -14.93 6.85 2.76
CA GLN A 1228 -14.63 5.92 1.68
C GLN A 1228 -15.89 5.58 0.90
N THR A 1229 -16.99 5.31 1.60
CA THR A 1229 -18.22 4.90 0.91
C THR A 1229 -18.87 6.08 0.21
N LYS A 1230 -18.65 7.30 0.70
CA LYS A 1230 -19.21 8.47 0.01
C LYS A 1230 -18.40 8.82 -1.24
N LEU A 1231 -17.09 8.66 -1.18
CA LEU A 1231 -16.25 8.96 -2.33
C LEU A 1231 -16.12 7.79 -3.29
N THR A 1232 -16.63 6.62 -2.95
CA THR A 1232 -16.60 5.49 -3.86
C THR A 1232 -17.82 5.44 -4.78
N ILE A 1233 -19.01 5.69 -4.23
CA ILE A 1233 -20.24 5.69 -5.02
C ILE A 1233 -21.05 6.91 -4.62
N ALA A 1234 -21.71 7.53 -5.60
CA ALA A 1234 -22.52 8.72 -5.39
C ALA A 1234 -23.97 8.42 -5.72
N PHE A 1235 -24.86 8.71 -4.78
CA PHE A 1235 -26.29 8.54 -4.93
C PHE A 1235 -26.96 9.90 -5.05
N PRO A 1236 -27.92 10.06 -5.97
CA PRO A 1236 -28.64 11.34 -6.06
C PRO A 1236 -29.38 11.64 -4.77
N ASP A 1237 -29.40 12.92 -4.42
CA ASP A 1237 -30.04 13.34 -3.18
C ASP A 1237 -31.55 13.14 -3.28
N LYS A 1238 -32.17 12.88 -2.12
CA LYS A 1238 -33.61 12.64 -2.08
C LYS A 1238 -34.40 13.86 -2.50
N SER A 1239 -33.86 15.06 -2.30
CA SER A 1239 -34.56 16.27 -2.72
C SER A 1239 -34.73 16.35 -4.22
N LEU A 1240 -33.92 15.60 -4.99
CA LEU A 1240 -34.07 15.62 -6.44
C LEU A 1240 -35.41 15.08 -6.88
N LEU A 1241 -35.99 14.15 -6.11
CA LEU A 1241 -37.30 13.64 -6.44
C LEU A 1241 -38.36 14.73 -6.39
N GLN A 1242 -38.30 15.57 -5.36
CA GLN A 1242 -39.20 16.72 -5.29
C GLN A 1242 -38.93 17.69 -6.43
N TYR A 1243 -37.66 17.96 -6.71
CA TYR A 1243 -37.29 18.97 -7.71
C TYR A 1243 -37.78 18.61 -9.10
N ASP A 1244 -38.01 17.33 -9.37
CA ASP A 1244 -38.35 16.88 -10.72
C ASP A 1244 -39.85 16.71 -10.95
N CYS A 1245 -40.69 17.05 -9.97
CA CYS A 1245 -42.13 16.89 -10.14
C CYS A 1245 -42.84 17.92 -9.28
N GLY A 1246 -43.43 18.93 -9.92
CA GLY A 1246 -44.18 19.92 -9.17
C GLY A 1246 -45.40 19.34 -8.47
N LYS A 1247 -45.98 18.28 -9.04
CA LYS A 1247 -47.08 17.60 -8.37
C LYS A 1247 -46.64 17.07 -7.00
N LEU A 1248 -45.47 16.45 -6.94
CA LEU A 1248 -44.94 16.00 -5.66
C LEU A 1248 -44.62 17.19 -4.76
N GLN A 1249 -44.17 18.31 -5.35
CA GLN A 1249 -43.86 19.50 -4.55
C GLN A 1249 -45.10 19.99 -3.80
N LYS A 1250 -46.23 20.09 -4.50
CA LYS A 1250 -47.45 20.53 -3.83
C LYS A 1250 -48.06 19.43 -2.96
N LEU A 1251 -47.88 18.16 -3.34
CA LEU A 1251 -48.36 17.07 -2.51
C LEU A 1251 -47.65 17.05 -1.16
N ALA A 1252 -46.39 17.47 -1.14
CA ALA A 1252 -45.65 17.51 0.12
C ALA A 1252 -46.30 18.47 1.11
N ILE A 1253 -46.60 19.70 0.68
CA ILE A 1253 -47.24 20.65 1.58
C ILE A 1253 -48.65 20.21 1.92
N LEU A 1254 -49.36 19.60 0.97
CA LEU A 1254 -50.71 19.10 1.25
C LEU A 1254 -50.67 18.04 2.36
N LEU A 1255 -49.75 17.07 2.24
CA LEU A 1255 -49.65 16.03 3.26
C LEU A 1255 -49.14 16.58 4.59
N GLN A 1256 -48.25 17.57 4.56
CA GLN A 1256 -47.82 18.19 5.81
C GLN A 1256 -49.00 18.83 6.52
N GLN A 1257 -49.82 19.58 5.78
CA GLN A 1257 -51.00 20.20 6.39
C GLN A 1257 -51.97 19.15 6.90
N LEU A 1258 -52.20 18.09 6.12
CA LEU A 1258 -53.13 17.05 6.54
C LEU A 1258 -52.65 16.34 7.80
N LYS A 1259 -51.36 16.04 7.89
CA LYS A 1259 -50.82 15.40 9.07
C LYS A 1259 -50.88 16.32 10.28
N ASP A 1260 -50.64 17.62 10.06
CA ASP A 1260 -50.76 18.58 11.16
C ASP A 1260 -52.19 18.63 11.68
N ASN A 1261 -53.17 18.63 10.77
CA ASN A 1261 -54.57 18.68 11.16
C ASN A 1261 -55.09 17.36 11.72
N GLY A 1262 -54.31 16.29 11.65
CA GLY A 1262 -54.72 15.00 12.15
C GLY A 1262 -55.52 14.15 11.18
N HIS A 1263 -55.62 14.55 9.92
CA HIS A 1263 -56.35 13.80 8.92
C HIS A 1263 -55.44 12.76 8.26
N ARG A 1264 -56.04 11.64 7.87
CA ARG A 1264 -55.34 10.58 7.17
C ARG A 1264 -55.73 10.61 5.70
N ALA A 1265 -54.72 10.62 4.82
CA ALA A 1265 -54.93 10.83 3.40
C ALA A 1265 -54.90 9.52 2.63
N LEU A 1266 -55.60 9.50 1.50
CA LEU A 1266 -55.66 8.36 0.60
C LEU A 1266 -55.18 8.80 -0.78
N ILE A 1267 -54.15 8.13 -1.29
CA ILE A 1267 -53.57 8.47 -2.58
C ILE A 1267 -54.12 7.52 -3.63
N PHE A 1268 -54.76 8.07 -4.65
CA PHE A 1268 -55.29 7.29 -5.76
C PHE A 1268 -54.54 7.68 -7.03
N THR A 1269 -53.91 6.69 -7.66
CA THR A 1269 -53.14 6.91 -8.88
C THR A 1269 -53.65 5.95 -9.95
N GLN A 1270 -53.05 6.03 -11.14
CA GLN A 1270 -53.51 5.23 -12.27
C GLN A 1270 -52.55 4.13 -12.69
N MET A 1271 -51.25 4.29 -12.44
CA MET A 1271 -50.28 3.30 -12.88
C MET A 1271 -49.31 2.97 -11.75
N THR A 1272 -48.85 1.72 -11.75
CA THR A 1272 -48.05 1.20 -10.65
C THR A 1272 -46.72 1.92 -10.51
N LYS A 1273 -46.18 2.45 -11.62
CA LYS A 1273 -44.92 3.18 -11.54
C LYS A 1273 -45.07 4.41 -10.67
N VAL A 1274 -46.21 5.10 -10.79
CA VAL A 1274 -46.48 6.23 -9.90
C VAL A 1274 -46.61 5.75 -8.46
N LEU A 1275 -47.16 4.55 -8.25
CA LEU A 1275 -47.17 3.99 -6.90
C LEU A 1275 -45.75 3.85 -6.36
N ASP A 1276 -44.83 3.34 -7.18
CA ASP A 1276 -43.45 3.17 -6.73
C ASP A 1276 -42.80 4.52 -6.42
N VAL A 1277 -43.00 5.51 -7.29
CA VAL A 1277 -42.42 6.83 -7.06
C VAL A 1277 -42.97 7.45 -5.78
N LEU A 1278 -44.28 7.36 -5.59
CA LEU A 1278 -44.89 7.88 -4.37
C LEU A 1278 -44.39 7.15 -3.13
N GLU A 1279 -44.21 5.82 -3.23
CA GLU A 1279 -43.69 5.06 -2.12
C GLU A 1279 -42.30 5.53 -1.74
N GLN A 1280 -41.44 5.75 -2.74
CA GLN A 1280 -40.10 6.28 -2.47
C GLN A 1280 -40.18 7.64 -1.80
N PHE A 1281 -41.05 8.52 -2.31
CA PHE A 1281 -41.16 9.86 -1.75
C PHE A 1281 -41.58 9.82 -0.28
N LEU A 1282 -42.67 9.12 0.01
CA LEU A 1282 -43.15 9.10 1.39
C LEU A 1282 -42.26 8.26 2.31
N ASN A 1283 -41.45 7.35 1.75
CA ASN A 1283 -40.45 6.68 2.56
C ASN A 1283 -39.33 7.63 2.95
N TYR A 1284 -38.97 8.54 2.03
CA TYR A 1284 -38.00 9.58 2.39
C TYR A 1284 -38.55 10.47 3.49
N HIS A 1285 -39.83 10.81 3.42
CA HIS A 1285 -40.46 11.69 4.40
C HIS A 1285 -40.91 10.97 5.67
N GLY A 1286 -40.74 9.66 5.73
CA GLY A 1286 -40.95 8.93 6.97
C GLY A 1286 -42.39 8.63 7.34
N TYR A 1287 -43.33 8.78 6.42
CA TYR A 1287 -44.73 8.50 6.70
C TYR A 1287 -44.96 6.99 6.74
N LEU A 1288 -45.59 6.52 7.81
CA LEU A 1288 -45.99 5.12 7.88
C LEU A 1288 -47.18 4.88 6.96
N TYR A 1289 -47.12 3.80 6.20
CA TYR A 1289 -48.06 3.61 5.10
C TYR A 1289 -48.22 2.14 4.78
N MET A 1290 -49.27 1.85 4.02
CA MET A 1290 -49.49 0.54 3.40
C MET A 1290 -50.02 0.77 2.00
N ARG A 1291 -49.76 -0.20 1.12
CA ARG A 1291 -50.09 -0.06 -0.30
C ARG A 1291 -50.95 -1.22 -0.75
N LEU A 1292 -51.99 -0.91 -1.53
CA LEU A 1292 -52.83 -1.90 -2.18
C LEU A 1292 -52.63 -1.81 -3.69
N ASP A 1293 -52.37 -2.94 -4.32
CA ASP A 1293 -52.09 -3.01 -5.74
C ASP A 1293 -52.98 -4.07 -6.38
N GLY A 1294 -52.87 -4.19 -7.70
CA GLY A 1294 -53.66 -5.18 -8.40
C GLY A 1294 -53.28 -6.60 -8.04
N ALA A 1295 -52.00 -6.85 -7.77
CA ALA A 1295 -51.50 -8.18 -7.52
C ALA A 1295 -51.83 -8.70 -6.13
N THR A 1296 -52.51 -7.92 -5.30
CA THR A 1296 -52.82 -8.35 -3.95
C THR A 1296 -53.76 -9.55 -3.96
N LYS A 1297 -53.48 -10.52 -3.09
CA LYS A 1297 -54.35 -11.68 -2.94
C LYS A 1297 -55.62 -11.31 -2.19
N ILE A 1298 -56.69 -12.07 -2.47
CA ILE A 1298 -58.02 -11.70 -1.98
C ILE A 1298 -58.04 -11.67 -0.46
N GLU A 1299 -57.56 -12.74 0.18
CA GLU A 1299 -57.49 -12.76 1.64
C GLU A 1299 -56.53 -11.69 2.15
N ASP A 1300 -55.39 -11.52 1.49
CA ASP A 1300 -54.46 -10.46 1.87
C ASP A 1300 -55.10 -9.08 1.68
N ARG A 1301 -55.86 -8.91 0.60
CA ARG A 1301 -56.56 -7.65 0.38
C ARG A 1301 -57.50 -7.33 1.53
N GLN A 1302 -58.35 -8.29 1.89
CA GLN A 1302 -59.28 -8.07 2.99
C GLN A 1302 -58.56 -7.81 4.31
N ILE A 1303 -57.49 -8.59 4.58
CA ILE A 1303 -56.79 -8.47 5.84
C ILE A 1303 -56.12 -7.10 5.95
N LEU A 1304 -55.49 -6.64 4.87
CA LEU A 1304 -54.82 -5.33 4.93
C LEU A 1304 -55.84 -4.20 4.98
N THR A 1305 -57.01 -4.37 4.35
CA THR A 1305 -58.06 -3.37 4.49
C THR A 1305 -58.51 -3.28 5.95
N GLU A 1306 -58.70 -4.42 6.60
CA GLU A 1306 -59.05 -4.42 8.02
C GLU A 1306 -57.94 -3.79 8.86
N ARG A 1307 -56.69 -4.07 8.52
CA ARG A 1307 -55.56 -3.48 9.25
C ARG A 1307 -55.57 -1.96 9.14
N PHE A 1308 -55.78 -1.43 7.94
CA PHE A 1308 -55.84 0.02 7.77
C PHE A 1308 -57.02 0.60 8.53
N ASN A 1309 -58.16 -0.08 8.50
CA ASN A 1309 -59.33 0.41 9.23
C ASN A 1309 -59.07 0.45 10.73
N THR A 1310 -58.37 -0.55 11.26
CA THR A 1310 -58.14 -0.63 12.70
C THR A 1310 -56.96 0.22 13.14
N ASP A 1311 -55.81 0.06 12.48
CA ASP A 1311 -54.61 0.77 12.87
C ASP A 1311 -54.76 2.27 12.58
N SER A 1312 -54.40 3.09 13.56
CA SER A 1312 -54.48 4.54 13.43
C SER A 1312 -53.12 5.20 13.32
N ARG A 1313 -52.06 4.42 13.10
CA ARG A 1313 -50.71 4.97 13.02
C ARG A 1313 -50.21 5.15 11.60
N ILE A 1314 -50.89 4.59 10.61
CA ILE A 1314 -50.51 4.76 9.21
C ILE A 1314 -51.31 5.92 8.64
N THR A 1315 -50.62 7.04 8.38
CA THR A 1315 -51.31 8.26 7.97
C THR A 1315 -51.79 8.18 6.52
N VAL A 1316 -50.97 7.66 5.62
CA VAL A 1316 -51.25 7.68 4.19
C VAL A 1316 -51.43 6.25 3.70
N PHE A 1317 -52.44 6.06 2.85
CA PHE A 1317 -52.78 4.76 2.29
C PHE A 1317 -52.92 4.92 0.77
N ILE A 1318 -52.26 4.05 0.02
CA ILE A 1318 -52.11 4.20 -1.42
C ILE A 1318 -52.91 3.12 -2.12
N LEU A 1319 -53.71 3.52 -3.09
CA LEU A 1319 -54.54 2.62 -3.89
C LEU A 1319 -54.20 2.78 -5.37
N SER A 1320 -54.66 1.80 -6.15
CA SER A 1320 -54.73 1.92 -7.60
C SER A 1320 -56.17 2.18 -7.98
N SER A 1321 -56.40 3.23 -8.76
CA SER A 1321 -57.77 3.65 -9.07
C SER A 1321 -58.51 2.57 -9.84
N ARG A 1322 -57.83 1.90 -10.77
CA ARG A 1322 -58.50 0.91 -11.60
C ARG A 1322 -58.96 -0.30 -10.78
N SER A 1323 -58.20 -0.69 -9.77
CA SER A 1323 -58.58 -1.85 -8.97
C SER A 1323 -59.79 -1.61 -8.10
N GLY A 1324 -60.24 -0.36 -7.98
CA GLY A 1324 -61.38 -0.01 -7.15
C GLY A 1324 -62.71 -0.53 -7.67
N GLY A 1325 -62.76 -1.07 -8.89
CA GLY A 1325 -64.00 -1.61 -9.40
C GLY A 1325 -64.60 -2.67 -8.50
N LEU A 1326 -63.76 -3.42 -7.79
CA LEU A 1326 -64.21 -4.30 -6.73
C LEU A 1326 -64.09 -3.53 -5.42
N GLY A 1327 -65.21 -2.99 -4.94
CA GLY A 1327 -65.18 -2.12 -3.78
C GLY A 1327 -65.00 -2.88 -2.48
N ILE A 1328 -64.36 -2.20 -1.53
CA ILE A 1328 -64.14 -2.72 -0.18
C ILE A 1328 -64.28 -1.57 0.80
N ASN A 1329 -64.81 -1.89 1.98
CA ASN A 1329 -65.11 -0.86 2.98
C ASN A 1329 -63.82 -0.22 3.48
N LEU A 1330 -63.76 1.10 3.44
CA LEU A 1330 -62.60 1.86 3.87
C LEU A 1330 -63.07 3.10 4.65
N THR A 1331 -64.02 2.88 5.57
CA THR A 1331 -64.64 3.98 6.28
C THR A 1331 -63.66 4.77 7.13
N GLY A 1332 -62.51 4.19 7.49
CA GLY A 1332 -61.59 4.83 8.40
C GLY A 1332 -60.84 6.03 7.85
N ALA A 1333 -61.02 6.35 6.56
CA ALA A 1333 -60.32 7.47 5.97
C ALA A 1333 -60.94 8.80 6.39
N ASP A 1334 -60.19 9.87 6.16
CA ASP A 1334 -60.67 11.23 6.43
C ASP A 1334 -60.39 12.20 5.29
N THR A 1335 -59.56 11.84 4.32
CA THR A 1335 -59.28 12.68 3.17
C THR A 1335 -58.68 11.80 2.08
N VAL A 1336 -59.07 12.06 0.83
CA VAL A 1336 -58.57 11.32 -0.33
C VAL A 1336 -57.89 12.29 -1.28
N ILE A 1337 -56.77 11.85 -1.85
CA ILE A 1337 -55.98 12.66 -2.78
C ILE A 1337 -55.90 11.93 -4.11
N PHE A 1338 -56.29 12.61 -5.18
CA PHE A 1338 -56.25 12.04 -6.52
C PHE A 1338 -55.00 12.59 -7.22
N TYR A 1339 -53.97 11.76 -7.30
CA TYR A 1339 -52.73 12.20 -7.93
C TYR A 1339 -52.93 12.48 -9.41
N ASP A 1340 -53.69 11.64 -10.10
CA ASP A 1340 -54.00 11.85 -11.51
C ASP A 1340 -55.44 11.46 -11.77
N SER A 1341 -56.00 12.01 -12.85
CA SER A 1341 -57.39 11.81 -13.19
C SER A 1341 -57.54 10.70 -14.22
N ASP A 1342 -58.73 10.11 -14.24
CA ASP A 1342 -59.07 9.04 -15.16
C ASP A 1342 -60.13 9.53 -16.16
N TRP A 1343 -60.24 8.80 -17.26
CA TRP A 1343 -61.24 9.16 -18.26
C TRP A 1343 -62.64 8.76 -17.81
N ASN A 1344 -62.76 7.72 -17.00
CA ASN A 1344 -64.07 7.25 -16.57
C ASN A 1344 -64.40 7.90 -15.24
N PRO A 1345 -65.39 8.79 -15.18
CA PRO A 1345 -65.71 9.45 -13.91
C PRO A 1345 -66.35 8.52 -12.89
N ALA A 1346 -66.99 7.45 -13.34
CA ALA A 1346 -67.59 6.51 -12.40
C ALA A 1346 -66.54 5.82 -11.56
N MET A 1347 -65.35 5.61 -12.12
CA MET A 1347 -64.26 5.03 -11.34
C MET A 1347 -63.86 5.95 -10.18
N ASP A 1348 -63.76 7.24 -10.45
CA ASP A 1348 -63.51 8.19 -9.37
C ASP A 1348 -64.68 8.23 -8.40
N LYS A 1349 -65.90 8.06 -8.90
CA LYS A 1349 -67.08 8.06 -8.02
C LYS A 1349 -67.02 6.90 -7.04
N GLN A 1350 -66.68 5.71 -7.53
CA GLN A 1350 -66.59 4.57 -6.61
C GLN A 1350 -65.35 4.66 -5.73
N CYS A 1351 -64.28 5.30 -6.21
CA CYS A 1351 -63.14 5.55 -5.34
C CYS A 1351 -63.52 6.45 -4.17
N GLN A 1352 -64.30 7.49 -4.43
CA GLN A 1352 -64.84 8.31 -3.35
C GLN A 1352 -65.77 7.49 -2.46
N ASP A 1353 -66.58 6.63 -3.06
CA ASP A 1353 -67.47 5.75 -2.30
C ASP A 1353 -66.68 4.92 -1.30
N ARG A 1354 -65.50 4.44 -1.71
CA ARG A 1354 -64.66 3.66 -0.81
C ARG A 1354 -64.38 4.40 0.49
N CYS A 1355 -64.28 5.73 0.42
CA CYS A 1355 -64.02 6.56 1.60
C CYS A 1355 -65.28 7.24 2.13
N HIS A 1356 -66.19 7.63 1.26
CA HIS A 1356 -67.44 8.30 1.63
C HIS A 1356 -68.58 7.33 1.34
N ARG A 1357 -69.07 6.66 2.37
CA ARG A 1357 -70.13 5.68 2.22
C ARG A 1357 -70.99 5.68 3.48
N ILE A 1358 -71.89 4.71 3.57
CA ILE A 1358 -72.76 4.58 4.73
C ILE A 1358 -71.92 4.23 5.95
N GLY A 1359 -72.21 4.87 7.08
CA GLY A 1359 -71.47 4.67 8.31
C GLY A 1359 -70.37 5.66 8.56
N GLN A 1360 -70.00 6.46 7.55
CA GLN A 1360 -68.99 7.49 7.75
C GLN A 1360 -69.53 8.61 8.61
N THR A 1361 -68.72 9.07 9.56
CA THR A 1361 -69.10 10.15 10.46
C THR A 1361 -68.12 11.32 10.42
N ARG A 1362 -67.19 11.33 9.47
CA ARG A 1362 -66.23 12.42 9.31
C ARG A 1362 -66.35 13.00 7.91
N ASP A 1363 -66.40 14.31 7.82
CA ASP A 1363 -66.50 14.96 6.52
C ASP A 1363 -65.21 14.78 5.73
N VAL A 1364 -65.34 14.39 4.47
CA VAL A 1364 -64.20 14.07 3.65
C VAL A 1364 -63.93 15.22 2.69
N HIS A 1365 -62.71 15.26 2.16
CA HIS A 1365 -62.30 16.28 1.23
C HIS A 1365 -61.70 15.63 -0.01
N ILE A 1366 -61.99 16.21 -1.17
CA ILE A 1366 -61.55 15.70 -2.45
C ILE A 1366 -60.44 16.59 -2.97
N TYR A 1367 -59.29 16.00 -3.29
CA TYR A 1367 -58.18 16.72 -3.88
C TYR A 1367 -57.81 16.08 -5.21
N ARG A 1368 -57.80 16.89 -6.26
CA ARG A 1368 -57.42 16.44 -7.60
C ARG A 1368 -56.20 17.24 -8.05
N PHE A 1369 -55.21 16.54 -8.59
CA PHE A 1369 -53.95 17.14 -9.00
C PHE A 1369 -53.91 17.21 -10.52
N VAL A 1370 -53.71 18.42 -11.06
CA VAL A 1370 -53.57 18.64 -12.48
C VAL A 1370 -52.36 19.52 -12.74
N SER A 1371 -51.84 19.45 -13.95
CA SER A 1371 -50.69 20.24 -14.37
C SER A 1371 -51.14 21.37 -15.28
N GLU A 1372 -50.64 22.57 -15.02
CA GLU A 1372 -51.08 23.76 -15.75
C GLU A 1372 -50.67 23.68 -17.21
N HIS A 1373 -51.57 24.13 -18.10
CA HIS A 1373 -51.29 24.27 -19.53
C HIS A 1373 -50.77 22.96 -20.13
N THR A 1374 -51.40 21.85 -19.77
CA THR A 1374 -51.01 20.54 -20.27
C THR A 1374 -52.28 19.74 -20.55
N ILE A 1375 -52.10 18.43 -20.73
CA ILE A 1375 -53.23 17.58 -21.10
C ILE A 1375 -54.14 17.30 -19.91
N GLU A 1376 -53.60 17.33 -18.69
CA GLU A 1376 -54.41 17.00 -17.51
C GLU A 1376 -55.66 17.88 -17.41
N SER A 1377 -55.56 19.14 -17.87
CA SER A 1377 -56.76 19.97 -17.96
C SER A 1377 -57.77 19.37 -18.92
N ASN A 1378 -57.30 18.81 -20.04
CA ASN A 1378 -58.21 18.17 -20.97
C ASN A 1378 -58.85 16.92 -20.37
N ILE A 1379 -58.08 16.12 -19.64
CA ILE A 1379 -58.67 14.97 -18.97
C ILE A 1379 -59.74 15.41 -17.97
N LEU A 1380 -59.47 16.46 -17.19
CA LEU A 1380 -60.46 16.94 -16.23
C LEU A 1380 -61.69 17.47 -16.94
N LYS A 1381 -61.50 18.16 -18.06
CA LYS A 1381 -62.64 18.63 -18.86
C LYS A 1381 -63.49 17.47 -19.36
N LYS A 1382 -62.84 16.42 -19.87
CA LYS A 1382 -63.60 15.26 -20.33
C LYS A 1382 -64.34 14.61 -19.18
N ALA A 1383 -63.68 14.50 -18.02
CA ALA A 1383 -64.30 13.86 -16.86
C ALA A 1383 -65.54 14.62 -16.41
N ASN A 1384 -65.43 15.94 -16.23
CA ASN A 1384 -66.59 16.66 -15.74
C ASN A 1384 -67.64 16.90 -16.83
N GLN A 1385 -67.26 16.80 -18.11
CA GLN A 1385 -68.27 16.78 -19.17
C GLN A 1385 -69.09 15.51 -19.12
N LYS A 1386 -68.43 14.36 -18.96
CA LYS A 1386 -69.15 13.12 -18.76
C LYS A 1386 -69.98 13.17 -17.48
N ARG A 1387 -69.49 13.86 -16.45
CA ARG A 1387 -70.28 14.03 -15.24
C ARG A 1387 -71.48 14.94 -15.46
N GLN A 1388 -71.37 15.92 -16.35
CA GLN A 1388 -72.53 16.73 -16.71
C GLN A 1388 -73.59 15.89 -17.42
N LEU A 1389 -73.16 15.03 -18.34
CA LEU A 1389 -74.09 14.11 -18.99
C LEU A 1389 -74.73 13.18 -17.98
N ASP A 1390 -73.93 12.64 -17.07
CA ASP A 1390 -74.46 11.82 -15.99
C ASP A 1390 -75.46 12.59 -15.15
N ASN A 1391 -75.19 13.88 -14.90
CA ASN A 1391 -76.10 14.69 -14.11
C ASN A 1391 -77.42 14.90 -14.83
N VAL A 1392 -77.39 15.17 -16.14
CA VAL A 1392 -78.66 15.38 -16.84
C VAL A 1392 -79.44 14.07 -16.92
N VAL A 1393 -78.76 12.92 -16.94
CA VAL A 1393 -79.52 11.67 -16.99
C VAL A 1393 -79.95 11.20 -15.59
N ILE A 1394 -79.30 11.67 -14.52
CA ILE A 1394 -79.57 11.14 -13.18
C ILE A 1394 -80.44 12.10 -12.35
N GLN A 1395 -80.11 13.40 -12.37
CA GLN A 1395 -80.70 14.34 -11.43
C GLN A 1395 -82.22 14.43 -11.57
N GLU A 1396 -82.75 14.14 -12.75
CA GLU A 1396 -84.19 14.18 -12.94
C GLU A 1396 -84.85 13.09 -12.10
N GLY A 1397 -85.83 13.49 -11.29
CA GLY A 1397 -86.38 12.59 -10.29
C GLY A 1397 -87.08 11.40 -10.91
N ASP A 1398 -86.64 10.20 -10.55
CA ASP A 1398 -87.35 8.98 -10.93
C ASP A 1398 -87.39 7.99 -9.77
N PHE A 1399 -87.48 8.51 -8.55
CA PHE A 1399 -87.50 7.67 -7.35
C PHE A 1399 -88.93 7.38 -6.92
N THR A 1400 -89.64 6.66 -7.78
CA THR A 1400 -91.00 6.18 -7.51
C THR A 1400 -91.94 7.32 -7.14
N THR A 1401 -91.84 8.43 -7.87
CA THR A 1401 -92.74 9.53 -7.60
C THR A 1401 -92.87 10.41 -8.83
N ASP A 1402 -94.06 11.00 -8.98
CA ASP A 1402 -94.33 12.01 -9.99
C ASP A 1402 -95.06 13.22 -9.44
N TYR A 1403 -95.72 13.11 -8.29
CA TYR A 1403 -96.40 14.24 -7.68
C TYR A 1403 -95.37 15.24 -7.20
N PHE A 1404 -95.30 16.39 -7.88
CA PHE A 1404 -94.38 17.47 -7.51
C PHE A 1404 -92.93 16.99 -7.50
N MET B 235 -95.01 -32.74 -11.27
CA MET B 235 -94.98 -31.39 -10.72
C MET B 235 -95.41 -31.38 -9.26
N LEU B 236 -94.45 -31.15 -8.37
CA LEU B 236 -94.73 -31.14 -6.94
C LEU B 236 -95.60 -29.94 -6.58
N THR B 237 -96.52 -30.14 -5.64
CA THR B 237 -97.44 -29.08 -5.26
C THR B 237 -96.73 -28.03 -4.39
N GLN B 238 -97.41 -26.89 -4.23
CA GLN B 238 -96.82 -25.79 -3.47
C GLN B 238 -96.67 -26.13 -1.99
N GLU B 239 -97.55 -26.97 -1.45
CA GLU B 239 -97.42 -27.37 -0.04
C GLU B 239 -96.20 -28.27 0.17
N GLU B 240 -96.05 -29.29 -0.68
CA GLU B 240 -94.84 -30.10 -0.64
C GLU B 240 -93.61 -29.25 -0.98
N ARG B 241 -93.78 -28.25 -1.85
CA ARG B 241 -92.71 -27.32 -2.13
C ARG B 241 -92.28 -26.58 -0.88
N LEU B 242 -93.24 -26.11 -0.09
CA LEU B 242 -92.92 -25.39 1.13
C LEU B 242 -92.26 -26.32 2.16
N ARG B 243 -92.70 -27.59 2.20
CA ARG B 243 -92.06 -28.55 3.10
C ARG B 243 -90.59 -28.76 2.73
N ILE B 244 -90.33 -28.94 1.42
CA ILE B 244 -88.94 -29.09 0.96
C ILE B 244 -88.16 -27.81 1.26
N ALA B 245 -88.81 -26.66 1.13
CA ALA B 245 -88.16 -25.39 1.45
C ALA B 245 -87.80 -25.32 2.93
N LYS B 246 -88.67 -25.83 3.80
CA LYS B 246 -88.37 -25.86 5.23
C LYS B 246 -87.17 -26.75 5.52
N GLU B 247 -87.11 -27.93 4.87
CA GLU B 247 -85.95 -28.79 5.04
C GLU B 247 -84.68 -28.09 4.59
N THR B 248 -84.76 -27.40 3.44
CA THR B 248 -83.63 -26.62 2.96
C THR B 248 -83.24 -25.53 3.95
N GLU B 249 -84.24 -24.89 4.57
CA GLU B 249 -83.97 -23.88 5.57
C GLU B 249 -83.20 -24.46 6.76
N LYS B 250 -83.61 -25.65 7.21
CA LYS B 250 -82.90 -26.28 8.32
C LYS B 250 -81.45 -26.57 7.96
N LEU B 251 -81.23 -27.18 6.80
CA LEU B 251 -79.86 -27.49 6.37
C LEU B 251 -79.06 -26.21 6.20
N ASN B 252 -79.68 -25.16 5.66
CA ASN B 252 -78.98 -23.90 5.43
C ASN B 252 -78.63 -23.22 6.74
N ILE B 253 -79.49 -23.33 7.74
CA ILE B 253 -79.18 -22.79 9.06
C ILE B 253 -77.97 -23.52 9.65
N LEU B 254 -77.94 -24.85 9.49
CA LEU B 254 -76.77 -25.61 9.93
C LEU B 254 -75.50 -25.10 9.23
N SER B 255 -75.57 -24.94 7.91
CA SER B 255 -74.41 -24.46 7.16
C SER B 255 -74.02 -23.05 7.59
N LEU B 256 -75.00 -22.21 7.89
CA LEU B 256 -74.71 -20.84 8.26
C LEU B 256 -74.01 -20.75 9.61
N ASP B 257 -74.47 -21.54 10.59
CA ASP B 257 -73.77 -21.53 11.87
C ASP B 257 -72.37 -22.11 11.72
N LYS B 258 -72.21 -23.14 10.88
CA LYS B 258 -70.88 -23.65 10.61
C LYS B 258 -69.97 -22.59 10.01
N PHE B 259 -70.49 -21.82 9.05
CA PHE B 259 -69.70 -20.77 8.43
C PHE B 259 -69.34 -19.68 9.42
N LYS B 260 -70.28 -19.32 10.30
CA LYS B 260 -70.00 -18.32 11.32
C LYS B 260 -68.89 -18.78 12.25
N GLU B 261 -68.95 -20.04 12.68
CA GLU B 261 -67.89 -20.57 13.53
C GLU B 261 -66.55 -20.56 12.82
N GLN B 262 -66.55 -20.95 11.53
CA GLN B 262 -65.30 -20.95 10.78
C GLN B 262 -64.72 -19.55 10.66
N GLU B 263 -65.57 -18.56 10.39
CA GLU B 263 -65.09 -17.19 10.26
C GLU B 263 -64.52 -16.66 11.57
N VAL B 264 -65.21 -16.94 12.68
CA VAL B 264 -64.71 -16.52 13.99
C VAL B 264 -63.37 -17.18 14.28
N TRP B 265 -63.25 -18.48 13.96
CA TRP B 265 -61.99 -19.18 14.16
C TRP B 265 -60.87 -18.56 13.34
N LYS B 266 -61.15 -18.22 12.08
CA LYS B 266 -60.13 -17.64 11.23
C LYS B 266 -59.65 -16.29 11.78
N LYS B 267 -60.60 -15.42 12.14
CA LYS B 267 -60.21 -14.10 12.64
C LYS B 267 -59.42 -14.21 13.93
N GLU B 268 -59.87 -15.08 14.85
CA GLU B 268 -59.16 -15.24 16.11
C GLU B 268 -57.77 -15.80 15.88
N ASN B 269 -57.62 -16.72 14.93
CA ASN B 269 -56.31 -17.27 14.64
C ASN B 269 -55.38 -16.22 14.04
N ARG B 270 -55.91 -15.35 13.19
CA ARG B 270 -55.09 -14.26 12.66
C ARG B 270 -54.61 -13.36 13.79
N LEU B 271 -55.51 -13.01 14.71
CA LEU B 271 -55.11 -12.17 15.84
C LEU B 271 -54.06 -12.87 16.70
N ALA B 272 -54.23 -14.17 16.94
CA ALA B 272 -53.27 -14.92 17.74
C ALA B 272 -51.91 -14.98 17.06
N LEU B 273 -51.90 -15.16 15.73
CA LEU B 273 -50.62 -15.16 15.01
C LEU B 273 -49.94 -13.81 15.11
N GLN B 274 -50.70 -12.73 15.00
CA GLN B 274 -50.11 -11.40 15.17
C GLN B 274 -49.52 -11.23 16.57
N LYS B 275 -50.26 -11.68 17.59
CA LYS B 275 -49.76 -11.58 18.96
C LYS B 275 -48.50 -12.40 19.16
N ARG B 276 -48.45 -13.60 18.58
CA ARG B 276 -47.25 -14.43 18.68
C ARG B 276 -46.08 -13.76 17.98
N GLN B 277 -46.32 -13.11 16.85
CA GLN B 277 -45.27 -12.34 16.19
C GLN B 277 -44.77 -11.22 17.09
N LYS B 278 -45.68 -10.54 17.78
CA LYS B 278 -45.29 -9.45 18.66
C LYS B 278 -44.49 -9.92 19.88
N GLN B 279 -44.60 -11.19 20.26
CA GLN B 279 -43.95 -11.71 21.46
C GLN B 279 -42.59 -12.33 21.17
N LYS B 280 -41.90 -11.89 20.13
CA LYS B 280 -40.63 -12.50 19.74
C LYS B 280 -39.53 -12.06 20.71
N PHE B 281 -39.04 -13.01 21.50
CA PHE B 281 -37.95 -12.76 22.45
C PHE B 281 -37.29 -14.09 22.79
N GLN B 282 -36.22 -14.01 23.57
CA GLN B 282 -35.49 -15.21 23.97
C GLN B 282 -36.37 -16.09 24.86
N PRO B 283 -36.37 -17.40 24.65
CA PRO B 283 -37.26 -18.28 25.43
C PRO B 283 -36.64 -18.72 26.75
N ASN B 284 -37.32 -18.39 27.85
CA ASN B 284 -37.00 -18.93 29.17
C ASN B 284 -35.58 -18.59 29.62
N GLU B 285 -35.08 -17.43 29.19
CA GLU B 285 -33.76 -16.96 29.60
C GLU B 285 -33.89 -15.95 30.73
N THR B 286 -32.86 -15.86 31.56
CA THR B 286 -32.80 -14.85 32.60
C THR B 286 -32.58 -13.48 31.98
N ILE B 287 -33.20 -12.45 32.56
CA ILE B 287 -33.20 -11.11 32.01
C ILE B 287 -32.80 -10.12 33.09
N LEU B 288 -31.89 -9.22 32.76
CA LEU B 288 -31.49 -8.13 33.63
C LEU B 288 -32.20 -6.85 33.19
N GLN B 289 -32.85 -6.19 34.13
CA GLN B 289 -33.70 -5.04 33.85
C GLN B 289 -33.25 -3.82 34.64
N PHE B 290 -33.22 -2.67 33.98
CA PHE B 290 -32.89 -1.40 34.61
C PHE B 290 -34.10 -0.48 34.47
N LEU B 291 -34.59 0.03 35.61
CA LEU B 291 -35.80 0.82 35.64
C LEU B 291 -35.56 2.13 36.37
N SER B 292 -36.09 3.21 35.83
CA SER B 292 -36.08 4.51 36.49
C SER B 292 -37.46 5.11 36.38
N THR B 293 -37.98 5.60 37.51
CA THR B 293 -39.35 6.12 37.54
C THR B 293 -39.46 7.18 38.61
N ALA B 294 -40.39 8.10 38.41
CA ALA B 294 -40.65 9.14 39.41
C ALA B 294 -41.42 8.53 40.58
N TRP B 295 -40.92 8.79 41.79
CA TRP B 295 -41.48 8.20 43.00
C TRP B 295 -42.04 9.29 43.89
N LEU B 296 -43.31 9.15 44.27
CA LEU B 296 -43.95 10.12 45.14
C LEU B 296 -43.52 9.91 46.59
N MET B 297 -43.44 11.01 47.34
CA MET B 297 -42.94 10.98 48.70
C MET B 297 -43.89 11.76 49.62
N THR B 298 -43.98 11.29 50.86
CA THR B 298 -44.73 11.91 51.93
C THR B 298 -43.86 12.02 53.17
N PRO B 299 -44.12 12.99 54.04
CA PRO B 299 -43.28 13.14 55.24
C PRO B 299 -43.26 11.89 56.10
N ALA B 300 -44.36 11.15 56.19
CA ALA B 300 -44.36 9.88 56.91
C ALA B 300 -43.39 8.89 56.26
N MET B 301 -43.37 8.83 54.93
CA MET B 301 -42.44 7.94 54.25
C MET B 301 -41.00 8.38 54.47
N GLU B 302 -40.75 9.69 54.49
CA GLU B 302 -39.41 10.18 54.79
C GLU B 302 -38.98 9.78 56.20
N LEU B 303 -39.90 9.90 57.16
CA LEU B 303 -39.58 9.49 58.53
C LEU B 303 -39.31 7.99 58.61
N GLU B 304 -40.08 7.19 57.87
CA GLU B 304 -39.85 5.75 57.85
C GLU B 304 -38.49 5.42 57.26
N ASP B 305 -38.11 6.11 56.18
CA ASP B 305 -36.79 5.89 55.58
C ASP B 305 -35.69 6.28 56.55
N ARG B 306 -35.85 7.40 57.26
CA ARG B 306 -34.85 7.80 58.26
C ARG B 306 -34.76 6.77 59.37
N LYS B 307 -35.89 6.23 59.81
CA LYS B 307 -35.89 5.19 60.83
C LYS B 307 -35.17 3.95 60.34
N TYR B 308 -35.39 3.56 59.08
CA TYR B 308 -34.68 2.41 58.53
C TYR B 308 -33.18 2.67 58.47
N TRP B 309 -32.78 3.88 58.09
CA TRP B 309 -31.36 4.24 58.07
C TRP B 309 -30.76 4.16 59.46
N GLN B 310 -31.47 4.67 60.47
CA GLN B 310 -30.99 4.62 61.84
C GLN B 310 -30.88 3.17 62.33
N GLU B 311 -31.86 2.33 61.98
CA GLU B 311 -31.81 0.93 62.38
C GLU B 311 -30.63 0.22 61.72
N GLN B 312 -30.37 0.51 60.44
CA GLN B 312 -29.22 -0.07 59.76
C GLN B 312 -27.92 0.37 60.42
N LEU B 313 -27.83 1.65 60.80
CA LEU B 313 -26.65 2.12 61.52
C LEU B 313 -26.50 1.42 62.87
N ASN B 314 -27.61 1.20 63.58
CA ASN B 314 -27.56 0.51 64.85
C ASN B 314 -27.08 -0.93 64.68
N LYS B 315 -27.52 -1.59 63.60
CA LYS B 315 -27.05 -2.94 63.32
C LYS B 315 -25.55 -2.95 63.04
N ARG B 316 -25.04 -1.90 62.41
CA ARG B 316 -23.62 -1.78 62.13
C ARG B 316 -22.81 -1.63 63.40
N PRO B 585 -41.45 15.50 52.40
CA PRO B 585 -42.32 16.54 51.82
C PRO B 585 -41.94 16.87 50.38
N GLU B 586 -40.90 16.23 49.86
CA GLU B 586 -40.48 16.45 48.49
C GLU B 586 -41.56 15.97 47.52
N GLN B 587 -41.79 16.76 46.47
CA GLN B 587 -42.87 16.45 45.53
C GLN B 587 -42.52 15.24 44.66
N LEU B 588 -41.47 15.36 43.86
CA LEU B 588 -41.08 14.31 42.92
C LEU B 588 -39.63 13.94 43.12
N THR B 589 -39.35 12.64 43.06
CA THR B 589 -37.98 12.12 43.14
C THR B 589 -37.86 10.96 42.16
N SER B 590 -36.64 10.75 41.67
CA SER B 590 -36.35 9.75 40.65
C SER B 590 -35.61 8.58 41.29
N ARG B 591 -36.19 7.39 41.20
CA ARG B 591 -35.60 6.18 41.75
C ARG B 591 -35.06 5.31 40.62
N ASN B 592 -34.11 4.44 40.97
CA ASN B 592 -33.54 3.47 40.05
C ASN B 592 -33.67 2.09 40.65
N PHE B 593 -33.99 1.11 39.81
CA PHE B 593 -34.18 -0.26 40.25
C PHE B 593 -33.51 -1.20 39.25
N VAL B 594 -32.97 -2.30 39.78
CA VAL B 594 -32.31 -3.33 38.98
C VAL B 594 -32.88 -4.68 39.39
N THR B 595 -33.28 -5.48 38.40
CA THR B 595 -33.98 -6.73 38.67
C THR B 595 -33.43 -7.84 37.78
N LEU B 596 -33.37 -9.05 38.32
CA LEU B 596 -33.10 -10.26 37.55
C LEU B 596 -34.31 -11.17 37.65
N TYR B 597 -34.78 -11.67 36.51
CA TYR B 597 -35.93 -12.55 36.48
C TYR B 597 -35.92 -13.36 35.20
N ASP B 598 -36.65 -14.47 35.22
CA ASP B 598 -36.82 -15.33 34.06
C ASP B 598 -38.13 -15.01 33.36
N PHE B 599 -38.19 -15.34 32.06
CA PHE B 599 -39.32 -14.97 31.23
C PHE B 599 -40.67 -15.43 31.79
N PRO B 600 -40.84 -16.68 32.29
CA PRO B 600 -42.10 -17.04 32.98
C PRO B 600 -42.18 -16.48 34.39
N ASN B 601 -41.93 -15.17 34.51
CA ASN B 601 -42.01 -14.40 35.76
C ASN B 601 -41.51 -15.19 36.96
N ALA B 602 -40.34 -15.81 36.80
CA ALA B 602 -39.77 -16.63 37.84
C ALA B 602 -38.43 -16.07 38.30
N PRO B 603 -38.17 -16.02 39.60
CA PRO B 603 -36.90 -15.48 40.10
C PRO B 603 -35.75 -16.42 39.80
N PRO B 604 -34.52 -15.90 39.74
CA PRO B 604 -33.36 -16.78 39.52
C PRO B 604 -32.78 -17.31 40.82
N ASN B 605 -31.68 -18.05 40.73
CA ASN B 605 -31.03 -18.60 41.91
C ASN B 605 -30.39 -17.49 42.75
N LEU B 606 -30.44 -17.65 44.06
CA LEU B 606 -29.98 -16.60 44.97
C LEU B 606 -28.47 -16.37 44.84
N LYS B 607 -27.69 -17.46 44.91
CA LYS B 607 -26.24 -17.33 44.77
C LYS B 607 -25.87 -16.83 43.37
N ASP B 608 -26.57 -17.34 42.35
CA ASP B 608 -26.36 -16.84 41.00
C ASP B 608 -26.74 -15.38 40.90
N PHE B 609 -27.81 -14.97 41.60
CA PHE B 609 -28.22 -13.56 41.62
C PHE B 609 -27.11 -12.68 42.19
N ASN B 610 -26.57 -13.08 43.34
CA ASN B 610 -25.52 -12.28 43.99
C ASN B 610 -24.23 -12.28 43.18
N THR B 611 -23.94 -13.38 42.47
CA THR B 611 -22.74 -13.40 41.63
C THR B 611 -22.92 -12.56 40.38
N ASN B 612 -24.11 -12.59 39.78
CA ASN B 612 -24.36 -11.88 38.53
C ASN B 612 -24.52 -10.39 38.73
N LEU B 613 -25.02 -9.94 39.89
CA LEU B 613 -25.08 -8.51 40.13
C LEU B 613 -23.71 -7.86 40.10
N PHE B 614 -22.73 -8.51 40.73
CA PHE B 614 -21.39 -7.94 40.85
C PHE B 614 -20.41 -8.46 39.80
N GLY B 615 -20.69 -9.60 39.19
CA GLY B 615 -19.82 -10.15 38.17
C GLY B 615 -18.96 -11.29 38.69
N MET B 633 -11.71 -31.69 43.62
CA MET B 633 -10.51 -30.96 43.21
C MET B 633 -9.39 -31.92 42.86
N LYS B 634 -8.65 -31.60 41.79
CA LYS B 634 -7.56 -32.44 41.34
C LYS B 634 -6.53 -31.58 40.62
N THR B 635 -5.33 -32.15 40.46
CA THR B 635 -4.25 -31.46 39.77
C THR B 635 -4.56 -31.36 38.27
N VAL B 636 -4.06 -30.29 37.65
CA VAL B 636 -4.25 -30.07 36.23
C VAL B 636 -2.95 -30.00 35.45
N PHE B 637 -1.82 -29.71 36.10
CA PHE B 637 -0.54 -29.63 35.41
C PHE B 637 0.57 -29.81 36.44
N HIS B 638 1.39 -30.84 36.27
CA HIS B 638 2.52 -31.09 37.15
C HIS B 638 3.75 -31.35 36.30
N SER B 639 4.86 -30.70 36.65
CA SER B 639 6.12 -30.85 35.94
C SER B 639 7.24 -31.01 36.94
N ILE B 640 8.21 -31.86 36.60
CA ILE B 640 9.36 -32.09 37.47
C ILE B 640 10.54 -32.55 36.60
N LEU B 641 11.71 -32.03 36.89
CA LEU B 641 12.91 -32.40 36.15
C LEU B 641 13.43 -33.75 36.61
N PRO B 642 13.64 -34.71 35.70
CA PRO B 642 14.15 -36.05 36.05
C PRO B 642 15.58 -36.01 36.57
N SER B 657 25.96 -56.59 22.99
CA SER B 657 27.02 -57.47 23.48
C SER B 657 26.53 -58.91 23.56
N LEU B 658 25.33 -59.11 24.12
CA LEU B 658 24.76 -60.44 24.19
C LEU B 658 24.46 -60.99 22.80
N ASP B 659 24.12 -60.10 21.85
CA ASP B 659 23.92 -60.55 20.47
C ASP B 659 25.20 -61.13 19.90
N LEU B 660 26.36 -60.59 20.30
CA LEU B 660 27.62 -61.16 19.85
C LEU B 660 27.83 -62.55 20.43
N SER B 661 27.41 -62.76 21.67
CA SER B 661 27.46 -64.11 22.24
C SER B 661 26.55 -65.05 21.46
N ALA B 662 25.36 -64.57 21.08
CA ALA B 662 24.47 -65.38 20.27
C ALA B 662 25.07 -65.65 18.90
N LEU B 663 25.71 -64.64 18.30
CA LEU B 663 26.28 -64.80 16.96
C LEU B 663 27.42 -65.81 16.96
N ALA B 664 28.25 -65.79 18.02
CA ALA B 664 29.40 -66.69 18.05
C ALA B 664 29.00 -68.15 18.10
N ASN B 665 27.77 -68.46 18.50
CA ASN B 665 27.30 -69.83 18.58
C ASN B 665 26.80 -70.36 17.25
N PHE B 666 26.75 -69.54 16.21
CA PHE B 666 26.26 -70.00 14.92
C PHE B 666 27.22 -71.01 14.31
N PRO B 667 26.70 -71.94 13.50
CA PRO B 667 27.58 -72.91 12.83
C PRO B 667 28.59 -72.24 11.93
N SER B 668 29.78 -72.83 11.88
CA SER B 668 30.93 -72.25 11.19
C SER B 668 31.52 -73.25 10.19
N PHE B 669 30.64 -73.78 9.33
CA PHE B 669 30.94 -74.72 8.24
C PHE B 669 31.18 -76.13 8.76
N GLY B 670 30.83 -76.40 10.01
CA GLY B 670 30.97 -77.74 10.56
C GLY B 670 29.66 -78.50 10.58
N GLU B 671 29.03 -78.56 11.74
CA GLU B 671 27.72 -79.18 11.86
C GLU B 671 26.96 -78.62 13.06
N GLU C 2 45.61 -90.63 -6.06
CA GLU C 2 45.50 -89.18 -5.91
C GLU C 2 45.17 -88.52 -7.25
N THR C 3 44.16 -87.65 -7.25
CA THR C 3 43.74 -86.95 -8.45
C THR C 3 43.11 -85.62 -8.07
N PRO C 4 43.29 -84.57 -8.87
CA PRO C 4 42.63 -83.31 -8.58
C PRO C 4 41.13 -83.45 -8.73
N PRO C 5 40.35 -82.71 -7.94
CA PRO C 5 38.89 -82.81 -8.06
C PRO C 5 38.39 -82.21 -9.35
N ILE C 6 37.25 -82.73 -9.81
CA ILE C 6 36.56 -82.21 -10.98
C ILE C 6 35.41 -81.33 -10.50
N VAL C 7 35.33 -80.10 -11.04
CA VAL C 7 34.39 -79.10 -10.59
C VAL C 7 33.43 -78.78 -11.73
N ILE C 8 32.14 -78.82 -11.44
CA ILE C 8 31.09 -78.58 -12.43
C ILE C 8 30.08 -77.60 -11.85
N ASP C 9 29.68 -76.64 -12.67
CA ASP C 9 28.65 -75.66 -12.29
C ASP C 9 27.41 -75.99 -13.11
N ASN C 10 26.48 -76.73 -12.51
CA ASN C 10 25.31 -77.23 -13.22
C ASN C 10 24.25 -76.13 -13.32
N GLY C 11 24.56 -75.14 -14.14
CA GLY C 11 23.61 -74.07 -14.38
C GLY C 11 22.46 -74.51 -15.27
N SER C 12 21.38 -73.75 -15.22
CA SER C 12 20.21 -74.05 -16.04
C SER C 12 20.36 -73.56 -17.47
N TYR C 13 21.32 -72.68 -17.74
CA TYR C 13 21.52 -72.15 -19.08
C TYR C 13 22.80 -72.66 -19.72
N GLU C 14 23.91 -72.62 -19.01
CA GLU C 14 25.15 -73.20 -19.47
C GLU C 14 25.86 -73.86 -18.30
N ILE C 15 26.65 -74.89 -18.60
CA ILE C 15 27.33 -75.68 -17.58
C ILE C 15 28.82 -75.40 -17.69
N LYS C 16 29.41 -74.91 -16.60
CA LYS C 16 30.84 -74.66 -16.53
C LYS C 16 31.50 -75.84 -15.84
N PHE C 17 32.55 -76.39 -16.47
CA PHE C 17 33.21 -77.57 -15.92
C PHE C 17 34.66 -77.57 -16.38
N GLY C 18 35.44 -78.44 -15.74
CA GLY C 18 36.85 -78.56 -16.02
C GLY C 18 37.61 -79.03 -14.79
N PRO C 19 38.80 -79.59 -15.00
CA PRO C 19 39.60 -80.03 -13.85
C PRO C 19 40.01 -78.85 -12.98
N SER C 20 40.15 -79.12 -11.69
CA SER C 20 40.54 -78.06 -10.75
C SER C 20 41.89 -77.47 -11.12
N THR C 21 42.77 -78.26 -11.72
CA THR C 21 44.08 -77.76 -12.13
C THR C 21 43.96 -76.78 -13.29
N ASN C 22 42.93 -76.92 -14.11
CA ASN C 22 42.79 -76.05 -15.27
C ASN C 22 42.52 -74.61 -14.85
N LYS C 23 42.95 -73.67 -15.69
CA LYS C 23 42.83 -72.26 -15.37
C LYS C 23 41.40 -71.77 -15.58
N LYS C 24 40.89 -71.90 -16.82
CA LYS C 24 39.56 -71.44 -17.15
C LYS C 24 38.70 -72.60 -17.60
N PRO C 25 37.41 -72.62 -17.25
CA PRO C 25 36.56 -73.76 -17.54
C PRO C 25 36.06 -73.72 -18.97
N PHE C 26 35.29 -74.75 -19.33
CA PHE C 26 34.66 -74.84 -20.63
C PHE C 26 33.20 -74.40 -20.53
N ARG C 27 32.48 -74.53 -21.64
CA ARG C 27 31.08 -74.14 -21.71
C ARG C 27 30.25 -75.30 -22.25
N ALA C 28 29.00 -75.37 -21.80
CA ALA C 28 28.08 -76.41 -22.28
C ALA C 28 26.67 -75.87 -22.11
N LEU C 29 26.07 -75.43 -23.21
CA LEU C 29 24.71 -74.91 -23.17
C LEU C 29 23.73 -76.06 -23.01
N ASN C 30 23.36 -76.39 -21.78
CA ASN C 30 22.58 -77.59 -21.53
C ASN C 30 21.15 -77.42 -22.01
N ALA C 31 20.88 -77.84 -23.25
CA ALA C 31 19.56 -77.76 -23.84
C ALA C 31 19.48 -78.61 -25.10
N LEU C 32 18.49 -79.49 -25.18
CA LEU C 32 18.24 -80.29 -26.38
C LEU C 32 17.25 -79.53 -27.25
N ALA C 33 17.68 -79.18 -28.46
CA ALA C 33 16.92 -78.29 -29.33
C ALA C 33 16.52 -79.01 -30.61
N LYS C 34 15.38 -78.61 -31.17
CA LYS C 34 14.91 -79.14 -32.44
C LYS C 34 14.50 -77.99 -33.34
N ASP C 35 14.69 -78.19 -34.64
CA ASP C 35 14.38 -77.18 -35.64
C ASP C 35 12.95 -77.36 -36.14
N LYS C 36 12.55 -76.52 -37.09
CA LYS C 36 11.20 -76.60 -37.64
C LYS C 36 10.97 -77.93 -38.34
N PHE C 37 11.99 -78.43 -39.04
CA PHE C 37 11.87 -79.66 -39.80
C PHE C 37 12.10 -80.91 -38.97
N GLY C 38 12.36 -80.77 -37.67
CA GLY C 38 12.45 -81.91 -36.78
C GLY C 38 13.86 -82.34 -36.43
N THR C 39 14.87 -81.86 -37.14
CA THR C 39 16.24 -82.22 -36.80
C THR C 39 16.58 -81.70 -35.42
N SER C 40 17.32 -82.50 -34.65
CA SER C 40 17.61 -82.21 -33.26
C SER C 40 19.08 -81.84 -33.09
N TYR C 41 19.35 -80.99 -32.10
CA TYR C 41 20.69 -80.55 -31.76
C TYR C 41 20.90 -80.72 -30.26
N LEU C 42 22.15 -80.95 -29.87
CA LEU C 42 22.49 -81.23 -28.48
C LEU C 42 23.60 -80.31 -28.01
N SER C 43 23.37 -79.64 -26.88
CA SER C 43 24.37 -78.88 -26.12
C SER C 43 25.06 -77.89 -27.05
N ASN C 44 26.39 -77.86 -27.10
CA ASN C 44 27.11 -76.82 -27.83
C ASN C 44 26.86 -76.85 -29.33
N HIS C 45 26.28 -77.94 -29.86
CA HIS C 45 25.98 -77.99 -31.28
C HIS C 45 24.88 -77.01 -31.67
N ILE C 46 24.18 -76.42 -30.70
CA ILE C 46 23.19 -75.40 -31.01
C ILE C 46 23.84 -74.22 -31.71
N LYS C 47 25.11 -73.95 -31.42
CA LYS C 47 25.83 -72.87 -32.09
C LYS C 47 26.01 -73.13 -33.57
N ASN C 48 25.84 -74.36 -34.02
CA ASN C 48 26.06 -74.72 -35.42
C ASN C 48 24.79 -74.64 -36.25
N ILE C 49 23.67 -74.21 -35.67
CA ILE C 49 22.44 -74.11 -36.44
C ILE C 49 22.55 -72.95 -37.43
N LYS C 50 21.93 -73.13 -38.59
CA LYS C 50 21.87 -72.09 -39.62
C LYS C 50 20.49 -71.47 -39.75
N ASP C 51 19.43 -72.27 -39.66
CA ASP C 51 18.07 -71.74 -39.65
C ASP C 51 17.69 -71.39 -38.22
N ILE C 52 18.18 -70.21 -37.79
CA ILE C 52 18.01 -69.76 -36.41
C ILE C 52 16.60 -69.29 -36.11
N SER C 53 15.69 -69.34 -37.09
CA SER C 53 14.42 -68.63 -36.96
C SER C 53 13.56 -69.18 -35.84
N SER C 54 13.33 -70.48 -35.82
CA SER C 54 12.28 -71.05 -34.97
C SER C 54 12.76 -72.32 -34.27
N ILE C 55 13.94 -72.26 -33.69
CA ILE C 55 14.46 -73.41 -32.95
C ILE C 55 13.88 -73.41 -31.54
N THR C 56 13.50 -74.59 -31.06
CA THR C 56 12.85 -74.75 -29.77
C THR C 56 13.83 -75.35 -28.77
N PHE C 57 13.87 -74.78 -27.57
CA PHE C 57 14.79 -75.20 -26.53
C PHE C 57 14.05 -76.01 -25.47
N ARG C 58 14.59 -77.18 -25.14
CA ARG C 58 14.10 -77.99 -24.04
C ARG C 58 15.20 -78.13 -23.00
N ARG C 59 14.87 -77.87 -21.74
CA ARG C 59 15.83 -77.85 -20.66
C ARG C 59 15.34 -78.67 -19.49
N PRO C 60 16.25 -79.24 -18.69
CA PRO C 60 15.83 -80.06 -17.55
C PRO C 60 15.37 -79.26 -16.35
N HIS C 61 15.91 -78.04 -16.20
CA HIS C 61 15.48 -77.16 -15.11
C HIS C 61 14.19 -76.47 -15.52
N GLU C 62 13.07 -76.97 -15.01
CA GLU C 62 11.78 -76.42 -15.43
C GLU C 62 11.63 -74.97 -14.99
N LEU C 63 11.85 -74.70 -13.71
CA LEU C 63 11.74 -73.35 -13.16
C LEU C 63 12.87 -73.12 -12.15
N GLY C 64 14.07 -73.51 -12.54
CA GLY C 64 15.19 -73.50 -11.62
C GLY C 64 15.38 -74.77 -10.85
N GLN C 65 14.49 -75.74 -11.00
CA GLN C 65 14.58 -77.04 -10.36
C GLN C 65 14.78 -78.11 -11.42
N LEU C 66 15.84 -78.90 -11.28
CA LEU C 66 16.25 -79.85 -12.31
C LEU C 66 15.34 -81.05 -12.26
N THR C 67 14.33 -81.08 -13.12
CA THR C 67 13.29 -82.11 -13.06
C THR C 67 13.58 -83.29 -13.97
N LEU C 68 13.70 -83.05 -15.26
CA LEU C 68 13.84 -84.11 -16.25
C LEU C 68 15.28 -84.57 -16.27
N TRP C 69 15.53 -85.77 -15.75
CA TRP C 69 16.89 -86.25 -15.56
C TRP C 69 17.49 -86.89 -16.81
N GLU C 70 16.66 -87.31 -17.77
CA GLU C 70 17.16 -87.98 -18.96
C GLU C 70 18.15 -87.08 -19.70
N LEU C 71 17.69 -85.93 -20.16
CA LEU C 71 18.55 -85.04 -20.91
C LEU C 71 19.66 -84.46 -20.04
N GLU C 72 19.42 -84.31 -18.73
CA GLU C 72 20.50 -83.84 -17.88
C GLU C 72 21.67 -84.82 -17.90
N SER C 73 21.37 -86.10 -17.78
CA SER C 73 22.41 -87.12 -17.90
C SER C 73 23.02 -87.12 -19.29
N CYS C 74 22.20 -86.88 -20.32
CA CYS C 74 22.72 -86.85 -21.69
C CYS C 74 23.77 -85.76 -21.86
N ILE C 75 23.45 -84.54 -21.41
CA ILE C 75 24.41 -83.44 -21.50
C ILE C 75 25.61 -83.66 -20.58
N TRP C 76 25.43 -84.23 -19.39
CA TRP C 76 26.60 -84.57 -18.59
C TRP C 76 27.52 -85.53 -19.34
N ASP C 77 26.95 -86.57 -19.94
CA ASP C 77 27.77 -87.53 -20.68
C ASP C 77 28.48 -86.86 -21.84
N TYR C 78 27.78 -86.01 -22.58
CA TYR C 78 28.41 -85.32 -23.69
C TYR C 78 29.54 -84.43 -23.22
N CYS C 79 29.35 -83.72 -22.11
CA CYS C 79 30.34 -82.74 -21.66
C CYS C 79 31.54 -83.40 -21.02
N LEU C 80 31.35 -84.52 -20.32
CA LEU C 80 32.45 -85.16 -19.61
C LEU C 80 33.20 -86.17 -20.49
N PHE C 81 32.47 -87.07 -21.14
CA PHE C 81 33.14 -88.20 -21.78
C PHE C 81 33.84 -87.81 -23.08
N ASN C 82 33.25 -86.90 -23.84
CA ASN C 82 33.79 -86.53 -25.14
C ASN C 82 35.10 -85.77 -24.99
N PRO C 83 36.24 -86.32 -25.40
CA PRO C 83 37.51 -85.58 -25.27
C PRO C 83 37.87 -84.82 -26.54
N SER C 84 37.22 -85.14 -27.65
CA SER C 84 37.61 -84.53 -28.92
C SER C 84 37.32 -83.04 -28.93
N GLU C 85 36.11 -82.65 -28.55
CA GLU C 85 35.74 -81.25 -28.62
C GLU C 85 36.39 -80.43 -27.50
N PHE C 86 36.43 -80.96 -26.29
CA PHE C 86 36.84 -80.18 -25.13
C PHE C 86 38.32 -80.33 -24.80
N ASP C 87 39.17 -80.08 -25.79
CA ASP C 87 40.61 -79.92 -25.60
C ASP C 87 41.25 -81.14 -24.94
N GLY C 88 40.77 -82.33 -25.30
CA GLY C 88 41.39 -83.56 -24.88
C GLY C 88 41.09 -84.02 -23.48
N PHE C 89 40.36 -83.23 -22.69
CA PHE C 89 39.98 -83.66 -21.36
C PHE C 89 39.05 -84.86 -21.43
N ASP C 90 39.31 -85.87 -20.61
CA ASP C 90 38.57 -87.13 -20.68
C ASP C 90 38.38 -87.66 -19.27
N LEU C 91 37.12 -87.75 -18.83
CA LEU C 91 36.79 -88.44 -17.59
C LEU C 91 36.61 -89.91 -17.93
N LYS C 92 37.63 -90.71 -17.64
CA LYS C 92 37.67 -92.08 -18.14
C LYS C 92 36.53 -92.91 -17.57
N GLU C 93 36.50 -93.09 -16.25
CA GLU C 93 35.53 -93.98 -15.63
C GLU C 93 34.68 -93.34 -14.54
N GLY C 94 35.09 -92.21 -13.98
CA GLY C 94 34.33 -91.55 -12.93
C GLY C 94 34.65 -92.07 -11.53
N LYS C 95 34.88 -93.37 -11.40
CA LYS C 95 35.26 -93.93 -10.12
C LYS C 95 36.61 -93.40 -9.69
N GLY C 96 36.74 -93.12 -8.40
CA GLY C 96 37.97 -92.53 -7.89
C GLY C 96 38.23 -91.13 -8.40
N HIS C 97 37.17 -90.34 -8.59
CA HIS C 97 37.31 -88.95 -9.03
C HIS C 97 36.49 -88.07 -8.13
N HIS C 98 37.12 -87.03 -7.58
CA HIS C 98 36.44 -86.14 -6.65
C HIS C 98 35.66 -85.08 -7.41
N LEU C 99 34.37 -84.98 -7.10
CA LEU C 99 33.47 -84.10 -7.82
C LEU C 99 32.84 -83.10 -6.86
N VAL C 100 32.95 -81.82 -7.20
CA VAL C 100 32.26 -80.75 -6.49
C VAL C 100 31.33 -80.05 -7.48
N ALA C 101 30.06 -79.97 -7.11
CA ALA C 101 29.02 -79.49 -8.02
C ALA C 101 28.29 -78.31 -7.39
N SER C 102 27.32 -77.79 -8.15
CA SER C 102 26.49 -76.69 -7.69
C SER C 102 25.04 -76.99 -8.04
N GLU C 103 24.13 -76.34 -7.33
CA GLU C 103 22.71 -76.51 -7.58
C GLU C 103 21.98 -75.25 -7.15
N SER C 104 20.73 -75.13 -7.61
CA SER C 104 19.90 -74.00 -7.20
C SER C 104 19.72 -74.02 -5.70
N CYS C 105 19.77 -72.83 -5.09
CA CYS C 105 19.83 -72.75 -3.64
C CYS C 105 18.58 -73.28 -2.97
N MET C 106 17.46 -73.35 -3.69
CA MET C 106 16.21 -73.87 -3.13
C MET C 106 15.73 -75.00 -4.03
N THR C 107 16.15 -76.22 -3.72
CA THR C 107 15.75 -77.41 -4.44
C THR C 107 14.87 -78.27 -3.56
N LEU C 108 13.82 -78.83 -4.14
CA LEU C 108 12.89 -79.64 -3.37
C LEU C 108 13.63 -80.80 -2.72
N PRO C 109 13.28 -81.18 -1.49
CA PRO C 109 13.99 -82.29 -0.84
C PRO C 109 13.96 -83.59 -1.64
N GLU C 110 12.83 -83.92 -2.25
CA GLU C 110 12.77 -85.13 -3.05
C GLU C 110 13.60 -84.98 -4.33
N LEU C 111 13.57 -83.80 -4.93
CA LEU C 111 14.37 -83.58 -6.13
C LEU C 111 15.86 -83.65 -5.81
N SER C 112 16.27 -83.05 -4.70
CA SER C 112 17.66 -83.17 -4.29
C SER C 112 18.03 -84.60 -3.95
N LYS C 113 17.09 -85.36 -3.36
CA LYS C 113 17.33 -86.78 -3.11
C LYS C 113 17.61 -87.52 -4.41
N HIS C 114 16.78 -87.28 -5.42
CA HIS C 114 17.02 -87.91 -6.71
C HIS C 114 18.36 -87.51 -7.29
N ALA C 115 18.71 -86.23 -7.15
CA ALA C 115 19.98 -85.74 -7.68
C ALA C 115 21.17 -86.43 -7.03
N ASP C 116 21.16 -86.49 -5.70
CA ASP C 116 22.25 -87.14 -4.99
C ASP C 116 22.30 -88.62 -5.36
N GLN C 117 21.15 -89.27 -5.46
CA GLN C 117 21.11 -90.69 -5.78
C GLN C 117 21.76 -90.96 -7.13
N VAL C 118 21.35 -90.22 -8.17
CA VAL C 118 21.90 -90.47 -9.49
C VAL C 118 23.39 -90.14 -9.53
N ILE C 119 23.78 -88.99 -8.97
CA ILE C 119 25.18 -88.58 -9.06
C ILE C 119 26.07 -89.53 -8.27
N PHE C 120 25.53 -90.19 -7.25
CA PHE C 120 26.36 -91.11 -6.46
C PHE C 120 26.41 -92.51 -7.05
N GLU C 121 25.29 -93.05 -7.49
CA GLU C 121 25.25 -94.46 -7.87
C GLU C 121 25.31 -94.70 -9.36
N GLU C 122 24.76 -93.81 -10.18
CA GLU C 122 24.86 -94.01 -11.62
C GLU C 122 26.26 -93.73 -12.12
N TYR C 123 26.96 -92.77 -11.51
CA TYR C 123 28.29 -92.38 -11.95
C TYR C 123 29.40 -92.90 -11.06
N GLU C 124 29.11 -93.18 -9.79
CA GLU C 124 30.06 -93.82 -8.88
C GLU C 124 31.29 -92.96 -8.64
N PHE C 125 31.08 -91.71 -8.27
CA PHE C 125 32.17 -90.85 -7.85
C PHE C 125 32.64 -91.23 -6.45
N ASP C 126 33.91 -90.97 -6.17
CA ASP C 126 34.46 -91.36 -4.88
C ASP C 126 33.96 -90.45 -3.77
N SER C 127 33.90 -89.14 -4.02
CA SER C 127 33.44 -88.19 -3.03
C SER C 127 32.75 -87.03 -3.74
N LEU C 128 31.85 -86.36 -3.02
CA LEU C 128 31.05 -85.31 -3.60
C LEU C 128 30.75 -84.22 -2.58
N PHE C 129 30.75 -82.97 -3.05
CA PHE C 129 30.25 -81.85 -2.27
C PHE C 129 29.51 -80.92 -3.22
N LYS C 130 28.28 -80.58 -2.87
CA LYS C 130 27.48 -79.69 -3.71
C LYS C 130 26.71 -78.73 -2.83
N SER C 131 26.52 -77.52 -3.35
CA SER C 131 25.80 -76.46 -2.67
C SER C 131 25.63 -75.31 -3.65
N PRO C 132 24.72 -74.37 -3.36
CA PRO C 132 24.61 -73.18 -4.23
C PRO C 132 25.91 -72.41 -4.28
N VAL C 133 26.10 -71.68 -5.38
CA VAL C 133 27.35 -70.97 -5.61
C VAL C 133 27.64 -69.99 -4.49
N ALA C 134 26.60 -69.44 -3.86
CA ALA C 134 26.80 -68.50 -2.78
C ALA C 134 27.52 -69.14 -1.59
N VAL C 135 27.39 -70.46 -1.44
CA VAL C 135 28.10 -71.14 -0.36
C VAL C 135 29.61 -71.12 -0.62
N PHE C 136 30.01 -71.25 -1.89
CA PHE C 136 31.42 -71.22 -2.23
C PHE C 136 31.98 -69.80 -2.24
N VAL C 137 31.13 -68.78 -2.27
CA VAL C 137 31.61 -67.40 -2.40
C VAL C 137 32.53 -66.99 -1.26
N PRO C 138 32.25 -67.30 0.01
CA PRO C 138 33.15 -66.83 1.08
C PRO C 138 34.59 -67.26 0.91
N PHE C 139 34.88 -68.31 0.15
CA PHE C 139 36.23 -68.81 0.01
C PHE C 139 37.09 -67.97 -0.92
N THR C 140 36.64 -66.76 -1.26
CA THR C 140 37.50 -65.84 -2.01
C THR C 140 38.68 -65.36 -1.18
N LYS C 141 38.62 -65.50 0.14
CA LYS C 141 39.73 -65.10 1.00
C LYS C 141 40.92 -66.03 0.83
N SER C 142 40.68 -67.29 0.48
CA SER C 142 41.75 -68.27 0.43
C SER C 142 42.70 -68.06 -0.75
N TYR C 143 42.31 -67.27 -1.74
CA TYR C 143 43.16 -67.09 -2.92
C TYR C 143 43.22 -65.62 -3.29
N LYS C 144 44.25 -65.27 -4.06
CA LYS C 144 44.48 -63.89 -4.47
C LYS C 144 43.63 -63.59 -5.70
N GLY C 145 42.35 -63.31 -5.46
CA GLY C 145 41.46 -62.95 -6.54
C GLY C 145 41.71 -61.56 -7.06
N GLU C 146 41.19 -61.30 -8.26
CA GLU C 146 41.31 -60.00 -8.92
C GLU C 146 39.90 -59.54 -9.29
N MET C 147 39.24 -58.90 -8.33
CA MET C 147 37.86 -58.47 -8.48
C MET C 147 37.76 -56.99 -8.18
N ARG C 148 37.23 -56.22 -9.12
CA ARG C 148 37.09 -54.78 -8.92
C ARG C 148 35.97 -54.49 -7.95
N THR C 149 36.16 -53.47 -7.12
CA THR C 149 35.21 -53.12 -6.08
C THR C 149 34.91 -51.63 -6.14
N ILE C 150 33.68 -51.28 -5.77
CA ILE C 150 33.23 -49.89 -5.77
C ILE C 150 32.41 -49.66 -4.50
N SER C 151 32.66 -48.53 -3.86
CA SER C 151 31.95 -48.14 -2.65
C SER C 151 30.80 -47.21 -2.98
N GLY C 152 29.69 -47.37 -2.29
CA GLY C 152 28.52 -46.57 -2.56
C GLY C 152 28.50 -45.20 -1.91
N LYS C 153 29.53 -44.85 -1.15
CA LYS C 153 29.57 -43.60 -0.40
C LYS C 153 30.58 -42.62 -0.97
N ASP C 154 30.94 -42.76 -2.24
CA ASP C 154 31.87 -41.83 -2.87
C ASP C 154 31.65 -41.88 -4.37
N GLU C 155 32.08 -40.82 -5.05
CA GLU C 155 31.95 -40.72 -6.50
C GLU C 155 33.19 -41.25 -7.20
N SER C 182 39.85 -70.95 8.49
CA SER C 182 40.22 -69.54 8.37
C SER C 182 40.53 -69.19 6.92
N ASP C 183 39.94 -69.94 5.99
CA ASP C 183 40.12 -69.71 4.56
C ASP C 183 38.90 -69.09 3.91
N TYR C 184 38.03 -68.47 4.70
CA TYR C 184 36.82 -67.88 4.15
C TYR C 184 36.43 -66.66 4.98
N HIS C 185 35.84 -65.68 4.30
CA HIS C 185 35.30 -64.51 4.99
C HIS C 185 34.04 -64.90 5.75
N ASP C 186 33.98 -64.51 7.02
CA ASP C 186 32.84 -64.91 7.85
C ASP C 186 31.55 -64.28 7.36
N PHE C 187 31.58 -63.00 6.99
CA PHE C 187 30.39 -62.26 6.62
C PHE C 187 30.48 -61.87 5.16
N GLN C 188 29.50 -62.31 4.36
CA GLN C 188 29.41 -61.92 2.96
C GLN C 188 27.97 -62.06 2.49
N LEU C 189 27.58 -61.18 1.58
CA LEU C 189 26.26 -61.19 0.97
C LEU C 189 26.42 -61.35 -0.54
N VAL C 190 25.71 -62.32 -1.12
CA VAL C 190 25.89 -62.70 -2.51
C VAL C 190 24.60 -62.43 -3.26
N ILE C 191 24.71 -61.71 -4.37
CA ILE C 191 23.60 -61.48 -5.28
C ILE C 191 23.86 -62.33 -6.52
N ASP C 192 23.10 -63.40 -6.69
CA ASP C 192 23.29 -64.36 -7.77
C ASP C 192 22.17 -64.15 -8.78
N SER C 193 22.44 -63.31 -9.78
CA SER C 193 21.48 -63.03 -10.85
C SER C 193 21.87 -63.86 -12.06
N GLY C 194 21.16 -64.96 -12.27
CA GLY C 194 21.45 -65.84 -13.38
C GLY C 194 20.32 -65.97 -14.38
N PHE C 195 20.18 -67.14 -14.96
CA PHE C 195 19.14 -67.36 -15.96
C PHE C 195 17.75 -67.43 -15.32
N ASN C 196 17.63 -68.16 -14.22
CA ASN C 196 16.30 -68.42 -13.66
C ASN C 196 15.81 -67.26 -12.80
N CYS C 197 16.52 -66.97 -11.71
CA CYS C 197 16.09 -65.92 -10.80
C CYS C 197 17.31 -65.24 -10.21
N THR C 198 17.10 -64.06 -9.65
CA THR C 198 18.13 -63.32 -8.93
C THR C 198 17.98 -63.62 -7.44
N TRP C 199 19.04 -64.13 -6.83
CA TRP C 199 19.01 -64.61 -5.46
C TRP C 199 19.72 -63.63 -4.55
N ILE C 200 19.18 -63.48 -3.33
CA ILE C 200 19.82 -62.69 -2.28
C ILE C 200 20.15 -63.68 -1.17
N ILE C 201 21.39 -64.17 -1.15
CA ILE C 201 21.82 -65.22 -0.24
C ILE C 201 22.86 -64.64 0.70
N PRO C 202 22.48 -64.31 1.94
CA PRO C 202 23.48 -63.91 2.92
C PRO C 202 24.06 -65.11 3.65
N VAL C 203 25.38 -65.27 3.60
CA VAL C 203 26.06 -66.41 4.19
C VAL C 203 26.75 -65.97 5.48
N LEU C 204 26.53 -66.73 6.54
CA LEU C 204 27.08 -66.44 7.86
C LEU C 204 28.10 -67.54 8.19
N LYS C 205 29.38 -67.19 8.09
CA LYS C 205 30.47 -68.13 8.39
C LYS C 205 30.36 -69.41 7.58
N GLY C 206 29.83 -69.32 6.37
CA GLY C 206 29.75 -70.46 5.49
C GLY C 206 28.35 -70.97 5.24
N ILE C 207 27.53 -71.03 6.28
CA ILE C 207 26.14 -71.47 6.15
C ILE C 207 25.28 -70.25 5.86
N PRO C 208 24.54 -70.23 4.75
CA PRO C 208 23.64 -69.11 4.50
C PRO C 208 22.54 -69.05 5.54
N TYR C 209 22.16 -67.84 5.91
CA TYR C 209 21.01 -67.64 6.80
C TYR C 209 19.77 -67.85 5.96
N TYR C 210 19.31 -69.09 5.91
CA TYR C 210 18.27 -69.46 4.96
C TYR C 210 16.94 -68.78 5.24
N LYS C 211 16.75 -68.20 6.42
CA LYS C 211 15.54 -67.43 6.66
C LYS C 211 15.60 -66.09 5.96
N ALA C 212 16.79 -65.53 5.75
CA ALA C 212 16.96 -64.28 5.06
C ALA C 212 17.14 -64.46 3.55
N VAL C 213 17.08 -65.69 3.06
CA VAL C 213 17.19 -65.94 1.63
C VAL C 213 15.92 -65.44 0.95
N LYS C 214 16.07 -64.52 0.00
CA LYS C 214 14.95 -63.97 -0.74
C LYS C 214 15.17 -64.17 -2.23
N LYS C 215 14.11 -64.52 -2.94
CA LYS C 215 14.16 -64.77 -4.37
C LYS C 215 13.52 -63.62 -5.11
N LEU C 216 14.28 -62.98 -6.00
CA LEU C 216 13.75 -62.00 -6.93
C LEU C 216 13.45 -62.73 -8.23
N ASP C 217 12.18 -62.82 -8.59
CA ASP C 217 11.77 -63.63 -9.74
C ASP C 217 12.33 -63.10 -11.05
N ILE C 218 12.67 -61.82 -11.12
CA ILE C 218 13.23 -61.25 -12.33
C ILE C 218 14.60 -61.85 -12.61
N GLY C 219 14.84 -62.22 -13.85
CA GLY C 219 16.10 -62.83 -14.22
C GLY C 219 16.39 -62.66 -15.69
N GLY C 220 17.43 -63.36 -16.15
CA GLY C 220 17.83 -63.26 -17.54
C GLY C 220 16.79 -63.82 -18.50
N ARG C 221 16.13 -64.91 -18.11
CA ARG C 221 15.09 -65.49 -18.96
C ARG C 221 13.93 -64.52 -19.13
N PHE C 222 13.48 -63.91 -18.03
CA PHE C 222 12.43 -62.91 -18.12
C PHE C 222 12.90 -61.69 -18.89
N LEU C 223 14.18 -61.33 -18.75
CA LEU C 223 14.71 -60.21 -19.51
C LEU C 223 14.64 -60.49 -21.01
N THR C 224 14.99 -61.70 -21.41
CA THR C 224 14.90 -62.09 -22.80
C THR C 224 13.45 -62.05 -23.29
N GLY C 225 12.51 -62.55 -22.48
CA GLY C 225 11.12 -62.50 -22.86
C GLY C 225 10.60 -61.08 -23.02
N LEU C 226 11.03 -60.18 -22.13
CA LEU C 226 10.62 -58.78 -22.22
C LEU C 226 11.18 -58.15 -23.48
N LEU C 227 12.42 -58.47 -23.82
CA LEU C 227 12.99 -57.99 -25.08
C LEU C 227 12.20 -58.54 -26.26
N LYS C 228 11.78 -59.80 -26.17
CA LYS C 228 10.92 -60.40 -27.19
C LYS C 228 9.67 -59.55 -27.41
N GLU C 229 8.95 -59.25 -26.32
CA GLU C 229 7.70 -58.51 -26.46
C GLU C 229 7.94 -57.11 -26.99
N THR C 230 8.94 -56.40 -26.45
CA THR C 230 9.19 -55.03 -26.89
C THR C 230 9.60 -54.98 -28.35
N LEU C 231 10.48 -55.89 -28.78
CA LEU C 231 10.88 -55.88 -30.19
C LEU C 231 9.75 -56.32 -31.10
N SER C 232 8.88 -57.22 -30.62
CA SER C 232 7.73 -57.63 -31.43
C SER C 232 6.76 -56.47 -31.62
N PHE C 233 6.60 -55.62 -30.61
CA PHE C 233 5.69 -54.49 -30.78
C PHE C 233 6.32 -53.36 -31.59
N ARG C 234 7.52 -52.93 -31.19
CA ARG C 234 8.13 -51.76 -31.83
C ARG C 234 8.52 -52.04 -33.27
N HIS C 235 8.94 -53.27 -33.56
CA HIS C 235 9.39 -53.68 -34.88
C HIS C 235 8.61 -54.91 -35.32
N TYR C 236 9.06 -55.53 -36.41
CA TYR C 236 8.36 -56.69 -36.92
C TYR C 236 8.40 -57.83 -35.91
N ASN C 237 7.50 -58.79 -36.11
CA ASN C 237 7.31 -59.87 -35.15
C ASN C 237 8.59 -60.68 -34.99
N MET C 238 9.19 -60.59 -33.81
CA MET C 238 10.35 -61.40 -33.44
C MET C 238 10.01 -62.38 -32.33
N MET C 239 8.73 -62.72 -32.21
CA MET C 239 8.23 -63.57 -31.14
C MET C 239 8.74 -65.01 -31.22
N ASP C 240 9.31 -65.41 -32.35
CA ASP C 240 9.86 -66.76 -32.49
C ASP C 240 11.38 -66.79 -32.57
N GLU C 241 12.04 -65.65 -32.70
CA GLU C 241 13.50 -65.59 -32.84
C GLU C 241 14.12 -65.51 -31.44
N THR C 242 14.21 -66.67 -30.80
CA THR C 242 14.73 -66.71 -29.43
C THR C 242 16.24 -66.49 -29.39
N ILE C 243 16.99 -67.18 -30.25
CA ILE C 243 18.43 -67.00 -30.21
C ILE C 243 18.81 -65.62 -30.72
N LEU C 244 18.07 -65.11 -31.70
CA LEU C 244 18.37 -63.77 -32.22
C LEU C 244 18.25 -62.72 -31.12
N VAL C 245 17.15 -62.75 -30.37
CA VAL C 245 16.98 -61.78 -29.31
C VAL C 245 17.96 -62.04 -28.18
N ASN C 246 18.34 -63.30 -27.96
CA ASN C 246 19.34 -63.58 -26.93
C ASN C 246 20.67 -62.93 -27.29
N ASN C 247 21.07 -63.04 -28.56
CA ASN C 247 22.29 -62.37 -28.99
C ASN C 247 22.16 -60.86 -28.93
N ILE C 248 20.97 -60.34 -29.24
CA ILE C 248 20.75 -58.89 -29.16
C ILE C 248 20.95 -58.42 -27.73
N LYS C 249 20.39 -59.14 -26.76
CA LYS C 249 20.60 -58.82 -25.36
C LYS C 249 22.08 -58.94 -24.99
N GLU C 250 22.75 -59.95 -25.53
CA GLU C 250 24.16 -60.17 -25.25
C GLU C 250 25.01 -58.97 -25.68
N GLN C 251 24.74 -58.44 -26.88
CA GLN C 251 25.67 -57.50 -27.47
C GLN C 251 25.47 -56.08 -26.95
N CYS C 252 24.25 -55.57 -27.01
CA CYS C 252 23.98 -54.15 -26.74
C CYS C 252 22.83 -54.01 -25.74
N LEU C 253 23.17 -53.94 -24.46
CA LEU C 253 22.23 -53.60 -23.40
C LEU C 253 23.01 -52.93 -22.28
N PHE C 254 22.30 -52.14 -21.47
CA PHE C 254 22.96 -51.49 -20.35
C PHE C 254 21.92 -50.95 -19.39
N VAL C 255 22.31 -50.87 -18.11
CA VAL C 255 21.54 -50.16 -17.11
C VAL C 255 21.92 -48.69 -17.15
N SER C 256 20.94 -47.82 -16.93
CA SER C 256 21.20 -46.39 -16.98
C SER C 256 22.29 -46.02 -15.99
N PRO C 257 23.34 -45.31 -16.43
CA PRO C 257 24.42 -44.96 -15.49
C PRO C 257 23.94 -44.10 -14.34
N VAL C 258 22.94 -43.26 -14.54
CA VAL C 258 22.46 -42.38 -13.49
C VAL C 258 21.03 -42.74 -13.13
N SER C 259 20.11 -42.57 -14.08
CA SER C 259 18.70 -42.83 -13.84
C SER C 259 18.00 -43.02 -15.18
N TYR C 260 16.77 -43.53 -15.11
CA TYR C 260 16.01 -43.77 -16.33
C TYR C 260 15.78 -42.48 -17.10
N PHE C 261 15.46 -41.39 -16.39
CA PHE C 261 15.22 -40.12 -17.05
C PHE C 261 16.46 -39.64 -17.79
N ASP C 262 17.63 -39.78 -17.17
CA ASP C 262 18.86 -39.33 -17.80
C ASP C 262 19.12 -40.06 -19.11
N SER C 263 18.91 -41.38 -19.12
CA SER C 263 19.10 -42.14 -20.34
C SER C 263 18.07 -41.79 -21.39
N PHE C 264 16.83 -41.54 -20.96
CA PHE C 264 15.81 -41.16 -21.94
C PHE C 264 16.09 -39.79 -22.55
N LYS C 265 16.68 -38.88 -21.77
CA LYS C 265 17.06 -37.58 -22.33
C LYS C 265 18.08 -37.74 -23.44
N THR C 266 19.05 -38.63 -23.26
CA THR C 266 20.12 -38.85 -24.23
C THR C 266 19.92 -40.16 -24.98
N LYS C 267 18.67 -40.49 -25.29
CA LYS C 267 18.40 -41.74 -26.00
C LYS C 267 19.01 -41.72 -27.39
N ASP C 268 18.94 -40.59 -28.07
CA ASP C 268 19.45 -40.52 -29.45
C ASP C 268 20.96 -40.58 -29.48
N LYS C 269 21.63 -39.96 -28.50
CA LYS C 269 23.09 -39.92 -28.52
C LYS C 269 23.69 -41.32 -28.37
N HIS C 270 23.07 -42.15 -27.54
CA HIS C 270 23.57 -43.49 -27.28
C HIS C 270 22.86 -44.56 -28.11
N ALA C 271 22.19 -44.15 -29.19
CA ALA C 271 21.46 -45.10 -30.02
C ALA C 271 22.42 -46.00 -30.79
N LEU C 272 22.02 -47.26 -30.95
CA LEU C 272 22.75 -48.24 -31.75
C LEU C 272 21.79 -48.95 -32.68
N GLU C 273 22.33 -49.47 -33.78
CA GLU C 273 21.55 -50.19 -34.77
C GLU C 273 22.11 -51.60 -34.94
N TYR C 274 21.21 -52.58 -35.03
CA TYR C 274 21.59 -53.99 -35.07
C TYR C 274 21.35 -54.54 -36.47
N VAL C 275 22.34 -55.24 -37.01
CA VAL C 275 22.26 -55.79 -38.36
C VAL C 275 21.54 -57.12 -38.29
N LEU C 276 20.46 -57.24 -39.05
CA LEU C 276 19.69 -58.48 -39.06
C LEU C 276 20.49 -59.59 -39.73
N PRO C 277 20.21 -60.85 -39.40
CA PRO C 277 20.99 -61.95 -39.97
C PRO C 277 20.85 -62.03 -41.49
N ASP C 278 21.97 -62.34 -42.14
CA ASP C 278 22.01 -62.60 -43.57
C ASP C 278 22.50 -64.02 -43.75
N PHE C 279 21.61 -64.91 -44.17
CA PHE C 279 21.92 -66.33 -44.21
C PHE C 279 23.06 -66.65 -45.16
N GLN C 280 23.26 -65.82 -46.19
CA GLN C 280 24.31 -66.08 -47.15
C GLN C 280 25.68 -65.62 -46.68
N THR C 281 25.74 -64.78 -45.65
CA THR C 281 27.02 -64.23 -45.21
C THR C 281 27.31 -64.44 -43.73
N SER C 282 26.31 -64.30 -42.86
CA SER C 282 26.55 -64.41 -41.42
C SER C 282 25.31 -64.97 -40.75
N PHE C 283 25.44 -66.15 -40.15
CA PHE C 283 24.30 -66.79 -39.50
C PHE C 283 23.83 -66.01 -38.28
N LEU C 284 24.73 -65.30 -37.63
CA LEU C 284 24.41 -64.47 -36.48
C LEU C 284 24.63 -63.00 -36.83
N GLY C 285 23.80 -62.15 -36.26
CA GLY C 285 23.88 -60.73 -36.52
C GLY C 285 25.01 -60.06 -35.74
N TYR C 286 25.07 -58.74 -35.88
CA TYR C 286 26.06 -57.95 -35.16
C TYR C 286 25.56 -56.52 -35.07
N VAL C 287 26.12 -55.78 -34.12
CA VAL C 287 25.69 -54.42 -33.83
C VAL C 287 26.71 -53.43 -34.35
N ARG C 288 26.23 -52.28 -34.81
CA ARG C 288 27.08 -51.19 -35.28
C ARG C 288 26.83 -49.94 -34.46
N ASN C 289 27.88 -49.13 -34.31
CA ASN C 289 27.75 -47.83 -33.69
C ASN C 289 27.63 -46.80 -34.80
N PRO C 290 26.48 -46.15 -34.98
CA PRO C 290 26.36 -45.18 -36.07
C PRO C 290 27.34 -44.04 -35.98
N ARG C 291 27.69 -43.59 -34.78
CA ARG C 291 28.59 -42.45 -34.65
C ARG C 291 30.01 -42.81 -35.09
N LYS C 292 30.48 -43.99 -34.70
CA LYS C 292 31.83 -44.39 -35.07
C LYS C 292 31.90 -44.67 -36.57
N GLU C 293 33.06 -44.37 -37.15
CA GLU C 293 33.25 -44.63 -38.58
C GLU C 293 33.42 -46.12 -38.81
N ASN C 294 32.68 -46.65 -39.78
CA ASN C 294 32.70 -48.09 -40.07
C ASN C 294 32.29 -48.32 -41.51
N VAL C 295 32.42 -49.57 -41.93
CA VAL C 295 32.23 -49.98 -43.32
C VAL C 295 30.77 -49.80 -43.74
N PRO C 296 30.49 -49.56 -45.02
CA PRO C 296 29.09 -49.44 -45.45
C PRO C 296 28.39 -50.78 -45.43
N LEU C 297 27.09 -50.73 -45.14
CA LEU C 297 26.35 -51.98 -45.20
C LEU C 297 25.84 -52.23 -46.62
N PRO C 298 25.77 -53.49 -47.05
CA PRO C 298 25.15 -53.78 -48.35
C PRO C 298 23.67 -53.44 -48.32
N GLU C 299 23.15 -53.07 -49.50
CA GLU C 299 21.79 -52.54 -49.59
C GLU C 299 20.72 -53.57 -49.26
N ASP C 300 21.05 -54.86 -49.35
CA ASP C 300 20.05 -55.90 -49.07
C ASP C 300 19.91 -56.21 -47.59
N ALA C 301 20.69 -55.57 -46.73
CA ALA C 301 20.69 -55.86 -45.31
C ALA C 301 19.61 -55.03 -44.61
N GLN C 302 18.73 -55.70 -43.86
CA GLN C 302 17.74 -55.01 -43.05
C GLN C 302 18.35 -54.63 -41.71
N ILE C 303 18.01 -53.44 -41.24
CA ILE C 303 18.59 -52.89 -40.02
C ILE C 303 17.48 -52.61 -39.02
N ILE C 304 17.76 -52.91 -37.75
CA ILE C 304 16.85 -52.62 -36.64
C ILE C 304 17.53 -51.63 -35.73
N THR C 305 16.90 -50.49 -35.51
CA THR C 305 17.46 -49.47 -34.63
C THR C 305 16.94 -49.66 -33.21
N LEU C 306 17.83 -49.48 -32.25
CA LEU C 306 17.51 -49.60 -30.83
C LEU C 306 17.82 -48.26 -30.16
N THR C 307 16.80 -47.60 -29.63
CA THR C 307 17.00 -46.29 -29.03
C THR C 307 16.46 -46.23 -27.60
N ASP C 308 15.44 -47.02 -27.30
CA ASP C 308 14.84 -47.03 -25.98
C ASP C 308 14.87 -48.40 -25.32
N GLU C 309 14.80 -49.48 -26.08
CA GLU C 309 14.87 -50.82 -25.52
C GLU C 309 16.25 -51.16 -25.00
N LEU C 310 17.26 -50.35 -25.29
CA LEU C 310 18.59 -50.61 -24.76
C LEU C 310 18.62 -50.50 -23.23
N PHE C 311 17.94 -49.51 -22.69
CA PHE C 311 18.00 -49.25 -21.26
C PHE C 311 16.69 -49.53 -20.53
N THR C 312 15.55 -49.47 -21.21
CA THR C 312 14.28 -49.66 -20.53
C THR C 312 14.05 -51.11 -20.12
N ILE C 313 14.76 -52.05 -20.74
CA ILE C 313 14.60 -53.46 -20.42
C ILE C 313 15.37 -53.79 -19.14
N PRO C 314 16.65 -53.44 -19.01
CA PRO C 314 17.35 -53.72 -17.75
C PRO C 314 16.78 -52.98 -16.56
N GLU C 315 16.04 -51.89 -16.78
CA GLU C 315 15.48 -51.13 -15.67
C GLU C 315 14.41 -51.89 -14.91
N THR C 316 13.92 -53.01 -15.44
CA THR C 316 12.93 -53.80 -14.72
C THR C 316 13.47 -54.38 -13.43
N PHE C 317 14.80 -54.43 -13.28
CA PHE C 317 15.38 -54.88 -12.01
C PHE C 317 15.07 -53.89 -10.90
N PHE C 318 15.15 -52.60 -11.19
CA PHE C 318 14.92 -51.57 -10.18
C PHE C 318 13.47 -51.09 -10.16
N HIS C 319 12.84 -50.99 -11.33
CA HIS C 319 11.46 -50.52 -11.45
C HIS C 319 10.66 -51.54 -12.24
N PRO C 320 10.17 -52.59 -11.59
CA PRO C 320 9.32 -53.57 -12.29
C PRO C 320 8.04 -52.98 -12.82
N GLU C 321 7.59 -51.84 -12.28
CA GLU C 321 6.37 -51.21 -12.75
C GLU C 321 6.48 -50.73 -14.19
N ILE C 322 7.69 -50.47 -14.69
CA ILE C 322 7.85 -49.98 -16.05
C ILE C 322 7.31 -50.99 -17.04
N SER C 323 7.61 -52.27 -16.83
CA SER C 323 7.12 -53.34 -17.68
C SER C 323 5.82 -53.95 -17.17
N GLN C 324 5.10 -53.22 -16.31
CA GLN C 324 3.82 -53.67 -15.76
C GLN C 324 3.98 -55.01 -15.04
N ILE C 325 4.82 -55.01 -14.02
CA ILE C 325 5.05 -56.17 -13.16
C ILE C 325 4.79 -55.75 -11.73
N THR C 326 3.97 -56.52 -11.03
CA THR C 326 3.61 -56.20 -9.65
C THR C 326 4.70 -56.57 -8.65
N LYS C 327 5.70 -57.35 -9.06
CA LYS C 327 6.72 -57.81 -8.14
C LYS C 327 7.60 -56.65 -7.69
N PRO C 328 8.14 -56.72 -6.47
CA PRO C 328 9.08 -55.69 -6.00
C PRO C 328 10.43 -55.83 -6.68
N GLY C 329 11.22 -54.77 -6.57
CA GLY C 329 12.51 -54.68 -7.24
C GLY C 329 13.64 -55.30 -6.45
N ILE C 330 14.85 -55.13 -6.98
CA ILE C 330 16.04 -55.72 -6.37
C ILE C 330 16.39 -54.99 -5.07
N VAL C 331 16.28 -53.66 -5.06
CA VAL C 331 16.63 -52.90 -3.87
C VAL C 331 15.73 -53.29 -2.71
N GLU C 332 14.43 -53.44 -2.97
CA GLU C 332 13.50 -53.82 -1.92
C GLU C 332 13.78 -55.23 -1.41
N ALA C 333 14.14 -56.15 -2.31
CA ALA C 333 14.49 -57.49 -1.87
C ALA C 333 15.73 -57.47 -0.99
N ILE C 334 16.73 -56.68 -1.35
CA ILE C 334 17.93 -56.57 -0.53
C ILE C 334 17.59 -55.98 0.82
N LEU C 335 16.73 -54.96 0.85
CA LEU C 335 16.33 -54.35 2.11
C LEU C 335 15.63 -55.34 3.01
N GLU C 336 14.71 -56.13 2.45
CA GLU C 336 14.03 -57.13 3.27
C GLU C 336 14.99 -58.20 3.78
N SER C 337 15.91 -58.64 2.92
CA SER C 337 16.89 -59.64 3.34
C SER C 337 17.75 -59.10 4.48
N LEU C 338 18.14 -57.83 4.40
CA LEU C 338 18.87 -57.22 5.50
C LEU C 338 18.02 -57.14 6.75
N SER C 339 16.73 -56.83 6.59
CA SER C 339 15.85 -56.69 7.74
C SER C 339 15.71 -58.01 8.50
N MET C 340 15.55 -59.11 7.77
CA MET C 340 15.39 -60.41 8.43
C MET C 340 16.67 -60.89 9.11
N LEU C 341 17.80 -60.27 8.85
CA LEU C 341 19.08 -60.68 9.41
C LEU C 341 19.21 -60.20 10.84
N PRO C 342 20.07 -60.85 11.64
CA PRO C 342 20.38 -60.34 12.97
C PRO C 342 20.92 -58.92 12.92
N GLU C 343 20.58 -58.13 13.94
CA GLU C 343 20.85 -56.70 13.91
C GLU C 343 22.35 -56.40 13.90
N ILE C 344 23.12 -57.13 14.71
CA ILE C 344 24.54 -56.81 14.85
C ILE C 344 25.29 -57.05 13.55
N VAL C 345 24.89 -58.08 12.81
CA VAL C 345 25.66 -58.48 11.63
C VAL C 345 25.22 -57.76 10.36
N ARG C 346 24.01 -57.21 10.32
CA ARG C 346 23.52 -56.61 9.08
C ARG C 346 24.38 -55.48 8.54
N PRO C 347 24.99 -54.58 9.34
CA PRO C 347 25.87 -53.58 8.73
C PRO C 347 27.10 -54.19 8.07
N LEU C 348 27.70 -55.20 8.71
CA LEU C 348 28.82 -55.88 8.09
C LEU C 348 28.39 -56.60 6.82
N MET C 349 27.18 -57.17 6.83
CA MET C 349 26.66 -57.78 5.62
C MET C 349 26.48 -56.75 4.51
N VAL C 350 26.04 -55.54 4.87
CA VAL C 350 25.92 -54.47 3.88
C VAL C 350 27.29 -54.15 3.29
N GLY C 351 28.30 -54.06 4.15
CA GLY C 351 29.62 -53.68 3.68
C GLY C 351 30.29 -54.71 2.80
N ASN C 352 29.90 -55.98 2.90
CA ASN C 352 30.57 -57.06 2.20
C ASN C 352 29.67 -57.71 1.15
N ILE C 353 28.93 -56.89 0.41
CA ILE C 353 28.06 -57.42 -0.64
C ILE C 353 28.89 -57.66 -1.90
N VAL C 354 28.79 -58.87 -2.45
CA VAL C 354 29.55 -59.27 -3.62
C VAL C 354 28.58 -59.78 -4.67
N CYS C 355 28.80 -59.39 -5.92
CA CYS C 355 27.89 -59.69 -7.01
C CYS C 355 28.48 -60.75 -7.92
N THR C 356 27.62 -61.64 -8.40
CA THR C 356 28.05 -62.70 -9.30
C THR C 356 26.84 -63.16 -10.12
N GLY C 357 27.12 -63.85 -11.22
CA GLY C 357 26.08 -64.35 -12.10
C GLY C 357 26.20 -63.78 -13.49
N GLY C 358 25.41 -64.37 -14.39
CA GLY C 358 25.47 -63.99 -15.79
C GLY C 358 25.01 -62.57 -16.04
N ASN C 359 23.95 -62.14 -15.35
CA ASN C 359 23.37 -60.84 -15.66
C ASN C 359 24.29 -59.69 -15.29
N PHE C 360 25.16 -59.88 -14.31
CA PHE C 360 25.96 -58.77 -13.80
C PHE C 360 26.99 -58.26 -14.77
N ASN C 361 27.26 -58.97 -15.86
CA ASN C 361 28.28 -58.50 -16.79
C ASN C 361 27.80 -57.37 -17.68
N LEU C 362 26.49 -57.13 -17.75
CA LEU C 362 26.00 -55.99 -18.51
C LEU C 362 26.43 -54.70 -17.82
N PRO C 363 26.83 -53.69 -18.58
CA PRO C 363 27.49 -52.52 -17.98
C PRO C 363 26.58 -51.75 -17.05
N ASN C 364 27.21 -51.15 -16.03
CA ASN C 364 26.61 -50.18 -15.12
C ASN C 364 25.60 -50.77 -14.15
N PHE C 365 25.49 -52.10 -14.07
CA PHE C 365 24.55 -52.68 -13.11
C PHE C 365 25.08 -52.58 -11.69
N ALA C 366 26.37 -52.88 -11.49
CA ALA C 366 26.94 -52.84 -10.15
C ALA C 366 26.93 -51.43 -9.58
N GLN C 367 27.29 -50.43 -10.39
CA GLN C 367 27.30 -49.06 -9.92
C GLN C 367 25.90 -48.61 -9.50
N ARG C 368 24.91 -48.92 -10.32
CA ARG C 368 23.54 -48.54 -9.98
C ARG C 368 23.06 -49.25 -8.74
N LEU C 369 23.40 -50.54 -8.60
CA LEU C 369 23.00 -51.26 -7.40
C LEU C 369 23.60 -50.63 -6.16
N ALA C 370 24.89 -50.29 -6.22
CA ALA C 370 25.55 -49.67 -5.07
C ALA C 370 24.90 -48.33 -4.73
N ALA C 371 24.68 -47.48 -5.73
CA ALA C 371 24.12 -46.16 -5.46
C ALA C 371 22.71 -46.25 -4.91
N GLU C 372 21.86 -47.08 -5.52
CA GLU C 372 20.49 -47.18 -5.07
C GLU C 372 20.41 -47.82 -3.68
N LEU C 373 21.29 -48.76 -3.38
CA LEU C 373 21.29 -49.34 -2.04
C LEU C 373 21.74 -48.31 -1.01
N GLN C 374 22.77 -47.54 -1.32
CA GLN C 374 23.24 -46.52 -0.38
C GLN C 374 22.20 -45.45 -0.14
N ARG C 375 21.42 -45.11 -1.15
CA ARG C 375 20.40 -44.08 -0.99
C ARG C 375 19.33 -44.46 0.03
N GLN C 376 19.18 -45.75 0.33
CA GLN C 376 18.15 -46.19 1.28
C GLN C 376 18.69 -46.54 2.65
N LEU C 377 19.98 -46.80 2.79
CA LEU C 377 20.55 -47.18 4.07
C LEU C 377 20.81 -45.95 4.94
N PRO C 378 20.89 -46.13 6.25
CA PRO C 378 21.28 -45.02 7.13
C PRO C 378 22.67 -44.51 6.79
N THR C 379 22.86 -43.21 7.00
CA THR C 379 24.11 -42.56 6.60
C THR C 379 25.31 -43.16 7.29
N ASP C 380 25.13 -43.75 8.47
CA ASP C 380 26.26 -44.32 9.19
C ASP C 380 26.89 -45.46 8.40
N TRP C 381 26.08 -46.34 7.82
CA TRP C 381 26.59 -47.48 7.09
C TRP C 381 27.14 -47.07 5.74
N THR C 382 28.11 -47.84 5.27
CA THR C 382 28.66 -47.70 3.93
C THR C 382 28.65 -49.06 3.24
N CYS C 383 28.30 -49.07 1.96
CA CYS C 383 28.18 -50.31 1.20
C CYS C 383 29.35 -50.42 0.23
N HIS C 384 30.01 -51.57 0.24
CA HIS C 384 31.10 -51.86 -0.67
C HIS C 384 30.66 -52.98 -1.59
N VAL C 385 30.54 -52.68 -2.88
CA VAL C 385 30.09 -53.63 -3.88
C VAL C 385 31.30 -54.05 -4.70
N SER C 386 31.56 -55.36 -4.75
CA SER C 386 32.66 -55.91 -5.53
C SER C 386 32.09 -56.86 -6.57
N VAL C 387 32.44 -56.63 -7.83
CA VAL C 387 32.00 -57.46 -8.95
C VAL C 387 33.24 -57.94 -9.68
N PRO C 388 33.33 -59.22 -10.03
CA PRO C 388 34.52 -59.70 -10.74
C PRO C 388 34.62 -59.10 -12.14
N GLU C 389 35.87 -58.93 -12.58
CA GLU C 389 36.12 -58.45 -13.93
C GLU C 389 35.91 -59.57 -14.94
N GLY C 390 35.77 -59.18 -16.20
CA GLY C 390 35.54 -60.17 -17.24
C GLY C 390 34.13 -60.73 -17.17
N ASP C 391 33.97 -61.91 -17.76
CA ASP C 391 32.68 -62.59 -17.77
C ASP C 391 32.32 -63.02 -16.35
N CYS C 392 31.24 -62.45 -15.82
CA CYS C 392 30.87 -62.72 -14.44
C CYS C 392 30.31 -64.13 -14.25
N ALA C 393 29.92 -64.80 -15.34
CA ALA C 393 29.41 -66.16 -15.21
C ALA C 393 30.52 -67.11 -14.77
N LEU C 394 31.74 -66.89 -15.26
CA LEU C 394 32.86 -67.76 -14.92
C LEU C 394 33.36 -67.56 -13.50
N PHE C 395 32.93 -66.50 -12.81
CA PHE C 395 33.41 -66.26 -11.46
C PHE C 395 32.98 -67.36 -10.50
N GLY C 396 31.74 -67.82 -10.62
CA GLY C 396 31.27 -68.87 -9.74
C GLY C 396 32.10 -70.12 -9.83
N TRP C 397 32.41 -70.53 -11.07
CA TRP C 397 33.27 -71.69 -11.26
C TRP C 397 34.66 -71.43 -10.69
N GLU C 398 35.18 -70.22 -10.87
CA GLU C 398 36.54 -69.92 -10.41
C GLU C 398 36.63 -70.05 -8.90
N VAL C 399 35.69 -69.42 -8.18
CA VAL C 399 35.72 -69.49 -6.72
C VAL C 399 35.44 -70.91 -6.25
N MET C 400 34.55 -71.62 -6.95
CA MET C 400 34.26 -73.00 -6.56
C MET C 400 35.49 -73.88 -6.70
N SER C 401 36.22 -73.74 -7.80
CA SER C 401 37.43 -74.52 -8.00
C SER C 401 38.50 -74.16 -6.98
N GLN C 402 38.68 -72.86 -6.73
CA GLN C 402 39.68 -72.46 -5.75
C GLN C 402 39.32 -72.96 -4.36
N PHE C 403 38.03 -73.11 -4.07
CA PHE C 403 37.64 -73.74 -2.81
C PHE C 403 37.95 -75.23 -2.83
N ALA C 404 37.74 -75.88 -3.97
CA ALA C 404 37.94 -77.33 -4.06
C ALA C 404 39.37 -77.72 -3.76
N LYS C 405 40.33 -76.83 -3.98
CA LYS C 405 41.74 -77.11 -3.72
C LYS C 405 42.18 -76.64 -2.33
N THR C 406 41.27 -76.62 -1.37
CA THR C 406 41.58 -76.18 -0.01
C THR C 406 41.21 -77.27 0.99
N ASP C 407 41.75 -77.12 2.20
CA ASP C 407 41.50 -78.11 3.25
C ASP C 407 40.03 -78.15 3.64
N SER C 408 39.32 -77.03 3.46
CA SER C 408 37.89 -77.02 3.78
C SER C 408 37.12 -78.01 2.92
N TYR C 409 37.46 -78.11 1.64
CA TYR C 409 36.84 -79.10 0.78
C TYR C 409 37.16 -80.51 1.25
N ARG C 410 38.41 -80.73 1.69
CA ARG C 410 38.80 -82.05 2.18
C ARG C 410 38.00 -82.44 3.41
N LYS C 411 37.73 -81.48 4.30
CA LYS C 411 36.95 -81.79 5.49
C LYS C 411 35.48 -82.00 5.16
N ALA C 412 34.90 -81.13 4.34
CA ALA C 412 33.45 -81.12 4.14
C ALA C 412 32.95 -82.22 3.21
N ARG C 413 33.81 -82.77 2.37
CA ARG C 413 33.37 -83.74 1.37
C ARG C 413 32.81 -85.00 2.03
N VAL C 414 31.83 -85.62 1.38
CA VAL C 414 31.26 -86.88 1.83
C VAL C 414 31.73 -87.98 0.89
N THR C 415 32.16 -89.10 1.47
CA THR C 415 32.76 -90.19 0.72
C THR C 415 31.70 -91.15 0.21
N ARG C 416 32.06 -91.93 -0.82
CA ARG C 416 31.12 -92.85 -1.45
C ARG C 416 30.63 -93.89 -0.45
N GLU C 417 31.54 -94.49 0.32
CA GLU C 417 31.14 -95.51 1.28
C GLU C 417 30.28 -94.91 2.38
N GLU C 418 30.56 -93.66 2.78
CA GLU C 418 29.72 -93.00 3.77
C GLU C 418 28.32 -92.80 3.24
N TYR C 419 28.18 -92.41 1.97
CA TYR C 419 26.86 -92.30 1.37
C TYR C 419 26.16 -93.65 1.32
N TYR C 420 26.90 -94.70 0.99
CA TYR C 420 26.31 -96.04 0.95
C TYR C 420 25.85 -96.49 2.33
N GLU C 421 26.54 -96.05 3.38
CA GLU C 421 26.15 -96.44 4.73
C GLU C 421 24.77 -95.90 5.11
N HIS C 422 24.42 -94.72 4.62
CA HIS C 422 23.18 -94.07 5.00
C HIS C 422 22.11 -94.27 3.93
N GLY C 423 20.88 -93.94 4.29
CA GLY C 423 19.78 -93.95 3.36
C GLY C 423 19.89 -92.78 2.40
N PRO C 424 19.15 -92.84 1.29
CA PRO C 424 19.26 -91.77 0.29
C PRO C 424 18.92 -90.40 0.83
N ASP C 425 17.93 -90.31 1.72
CA ASP C 425 17.50 -89.01 2.24
C ASP C 425 18.53 -88.38 3.16
N TRP C 426 19.44 -89.19 3.73
CA TRP C 426 20.33 -88.70 4.77
C TRP C 426 21.24 -87.59 4.24
N CYS C 427 21.80 -87.78 3.05
CA CYS C 427 22.75 -86.80 2.52
C CYS C 427 22.07 -85.45 2.32
N THR C 428 20.95 -85.44 1.60
CA THR C 428 20.26 -84.19 1.32
C THR C 428 19.62 -83.58 2.55
N LYS C 429 19.30 -84.38 3.56
CA LYS C 429 18.69 -83.81 4.76
C LYS C 429 19.69 -83.35 5.79
N HIS C 430 20.95 -83.78 5.71
CA HIS C 430 21.93 -83.40 6.71
C HIS C 430 23.10 -82.61 6.17
N ARG C 431 23.77 -83.08 5.12
CA ARG C 431 25.06 -82.50 4.77
C ARG C 431 24.99 -81.46 3.67
N PHE C 432 24.01 -81.53 2.78
CA PHE C 432 23.94 -80.59 1.66
C PHE C 432 22.72 -79.70 1.70
N GLY C 433 21.53 -80.28 1.79
CA GLY C 433 20.30 -79.53 1.56
C GLY C 433 20.00 -78.54 2.67
N TYR C 434 19.02 -77.68 2.37
CA TYR C 434 18.60 -76.66 3.32
C TYR C 434 17.88 -77.25 4.51
N GLN C 435 17.44 -78.49 4.43
CA GLN C 435 16.70 -79.10 5.53
C GLN C 435 17.52 -79.17 6.81
N ASN C 436 18.85 -79.18 6.69
CA ASN C 436 19.68 -79.17 7.89
C ASN C 436 19.74 -77.79 8.54
N TRP C 437 19.79 -76.74 7.73
CA TRP C 437 19.95 -75.39 8.22
C TRP C 437 18.62 -74.66 8.42
N ILE C 438 17.49 -75.29 8.09
CA ILE C 438 16.21 -74.64 8.26
C ILE C 438 15.70 -74.88 9.68
N MET D 1 -11.31 -9.31 -15.67
CA MET D 1 -10.30 -10.03 -14.91
C MET D 1 -10.94 -11.10 -14.02
N LYS D 2 -11.46 -10.69 -12.88
CA LYS D 2 -12.11 -11.58 -11.93
C LYS D 2 -13.50 -11.05 -11.60
N ALA D 3 -14.47 -11.97 -11.52
CA ALA D 3 -15.84 -11.63 -11.19
C ALA D 3 -16.00 -11.67 -9.67
N LEU D 4 -16.20 -10.50 -9.07
CA LEU D 4 -16.33 -10.41 -7.62
C LEU D 4 -17.71 -10.84 -7.14
N VAL D 5 -18.69 -10.92 -8.04
CA VAL D 5 -20.05 -11.35 -7.70
C VAL D 5 -20.39 -12.56 -8.55
N GLU D 6 -20.86 -13.62 -7.90
CA GLU D 6 -21.18 -14.88 -8.55
C GLU D 6 -22.59 -15.30 -8.19
N GLU D 7 -23.33 -15.81 -9.18
CA GLU D 7 -24.67 -16.31 -8.96
C GLU D 7 -24.63 -17.81 -8.68
N ILE D 8 -25.26 -18.23 -7.60
CA ILE D 8 -25.31 -19.63 -7.20
C ILE D 8 -26.73 -20.00 -6.85
N ASP D 9 -27.09 -21.26 -7.13
CA ASP D 9 -28.38 -21.82 -6.72
C ASP D 9 -28.16 -22.69 -5.50
N LYS D 10 -29.03 -22.54 -4.50
CA LYS D 10 -28.82 -23.22 -3.23
C LYS D 10 -28.84 -24.74 -3.40
N LYS D 11 -29.78 -25.25 -4.20
CA LYS D 11 -29.83 -26.70 -4.43
C LYS D 11 -28.63 -27.18 -5.22
N THR D 12 -28.20 -26.41 -6.23
CA THR D 12 -27.16 -26.89 -7.13
C THR D 12 -25.76 -26.63 -6.57
N TYR D 13 -25.50 -25.42 -6.08
CA TYR D 13 -24.16 -25.05 -5.67
C TYR D 13 -23.73 -25.83 -4.43
N ASN D 14 -22.50 -26.35 -4.48
CA ASN D 14 -21.85 -27.00 -3.36
C ASN D 14 -20.36 -27.00 -3.63
N PRO D 15 -19.52 -26.78 -2.62
CA PRO D 15 -18.07 -26.75 -2.88
C PRO D 15 -17.46 -28.13 -3.08
N ASP D 16 -18.13 -29.19 -2.65
CA ASP D 16 -17.56 -30.53 -2.76
C ASP D 16 -17.45 -31.00 -4.20
N ILE D 17 -18.23 -30.43 -5.11
CA ILE D 17 -18.26 -30.86 -6.50
C ILE D 17 -18.07 -29.64 -7.39
N TYR D 18 -17.17 -29.74 -8.36
CA TYR D 18 -17.03 -28.77 -9.42
C TYR D 18 -17.13 -29.51 -10.75
N PHE D 19 -17.96 -29.00 -11.65
CA PHE D 19 -18.24 -29.70 -12.89
C PHE D 19 -18.63 -28.72 -13.97
N THR D 20 -18.19 -29.00 -15.20
CA THR D 20 -18.57 -28.21 -16.36
C THR D 20 -18.32 -29.06 -17.60
N SER D 21 -19.25 -28.99 -18.56
CA SER D 21 -19.16 -29.84 -19.74
C SER D 21 -19.88 -29.16 -20.90
N LEU D 22 -19.60 -29.66 -22.11
CA LEU D 22 -20.24 -29.15 -23.31
C LEU D 22 -21.72 -29.50 -23.34
N TYR D 90 -4.21 -53.10 -6.06
CA TYR D 90 -4.76 -53.95 -7.12
C TYR D 90 -5.84 -54.88 -6.59
N THR D 91 -6.85 -55.14 -7.40
CA THR D 91 -7.82 -56.17 -7.08
C THR D 91 -7.20 -57.55 -7.27
N GLN D 92 -7.85 -58.56 -6.68
CA GLN D 92 -7.33 -59.92 -6.79
C GLN D 92 -7.29 -60.37 -8.24
N GLN D 93 -8.32 -60.04 -9.02
CA GLN D 93 -8.31 -60.38 -10.44
C GLN D 93 -7.20 -59.64 -11.18
N GLU D 94 -6.98 -58.36 -10.83
CA GLU D 94 -5.96 -57.59 -11.53
C GLU D 94 -4.57 -58.12 -11.23
N ILE D 95 -4.27 -58.41 -9.96
CA ILE D 95 -2.95 -58.94 -9.62
C ILE D 95 -2.78 -60.34 -10.20
N LEU D 96 -3.86 -61.12 -10.23
CA LEU D 96 -3.78 -62.45 -10.85
C LEU D 96 -3.46 -62.36 -12.33
N GLN D 97 -4.11 -61.42 -13.02
CA GLN D 97 -3.83 -61.22 -14.44
C GLN D 97 -2.40 -60.76 -14.66
N SER D 98 -1.93 -59.84 -13.82
CA SER D 98 -0.55 -59.35 -13.97
C SER D 98 0.46 -60.47 -13.74
N ASP D 99 0.23 -61.29 -12.71
CA ASP D 99 1.13 -62.41 -12.46
C ASP D 99 1.10 -63.42 -13.59
N ARG D 100 -0.09 -63.68 -14.13
CA ARG D 100 -0.18 -64.61 -15.26
C ARG D 100 0.54 -64.04 -16.47
N ARG D 101 0.46 -62.73 -16.68
CA ARG D 101 1.20 -62.09 -17.76
C ARG D 101 2.69 -62.24 -17.55
N PHE D 102 3.15 -62.08 -16.31
CA PHE D 102 4.58 -62.22 -16.03
C PHE D 102 5.06 -63.64 -16.29
N MET D 103 4.30 -64.63 -15.82
CA MET D 103 4.68 -66.03 -16.06
C MET D 103 4.63 -66.36 -17.54
N GLU D 104 3.64 -65.82 -18.26
CA GLU D 104 3.58 -65.99 -19.70
C GLU D 104 4.80 -65.40 -20.39
N LEU D 105 5.23 -64.21 -19.96
CA LEU D 105 6.38 -63.57 -20.55
C LEU D 105 7.67 -64.25 -20.15
N ASN D 106 7.65 -65.03 -19.08
CA ASN D 106 8.88 -65.67 -18.60
C ASN D 106 9.31 -66.81 -19.52
N THR D 107 8.38 -67.66 -19.94
CA THR D 107 8.73 -68.89 -20.64
C THR D 107 9.48 -68.58 -21.93
N GLU D 108 10.28 -69.55 -22.38
CA GLU D 108 11.18 -69.35 -23.50
C GLU D 108 10.58 -69.77 -24.83
N ASN D 109 10.05 -70.99 -24.91
CA ASN D 109 9.52 -71.50 -26.17
C ASN D 109 8.08 -71.06 -26.37
N PHE D 110 7.76 -70.64 -27.59
CA PHE D 110 6.40 -70.20 -27.89
C PHE D 110 5.41 -71.36 -27.81
N SER D 111 5.82 -72.55 -28.26
CA SER D 111 4.93 -73.70 -28.21
C SER D 111 4.53 -74.04 -26.78
N ASP D 112 5.31 -73.60 -25.80
CA ASP D 112 5.01 -73.84 -24.40
C ASP D 112 4.09 -72.78 -23.81
N LEU D 113 3.68 -71.79 -24.60
CA LEU D 113 2.79 -70.76 -24.10
C LEU D 113 1.47 -71.28 -23.55
N PRO D 114 0.73 -72.16 -24.23
CA PRO D 114 -0.55 -72.63 -23.68
C PRO D 114 -0.42 -73.64 -22.56
N ASN D 115 0.79 -73.91 -22.07
CA ASN D 115 0.99 -74.77 -20.92
C ASN D 115 1.12 -74.00 -19.61
N VAL D 116 1.02 -72.67 -19.66
CA VAL D 116 1.15 -71.87 -18.44
C VAL D 116 0.05 -72.14 -17.42
N PRO D 117 -1.24 -72.24 -17.77
CA PRO D 117 -2.27 -72.20 -16.71
C PRO D 117 -2.14 -73.29 -15.67
N THR D 118 -1.73 -74.50 -16.07
CA THR D 118 -1.57 -75.57 -15.10
C THR D 118 -0.47 -75.25 -14.10
N LEU D 119 0.68 -74.78 -14.60
CA LEU D 119 1.78 -74.44 -13.71
C LEU D 119 1.41 -73.29 -12.79
N LEU D 120 0.69 -72.30 -13.32
CA LEU D 120 0.32 -71.16 -12.48
C LEU D 120 -0.72 -71.56 -11.43
N SER D 121 -1.63 -72.46 -11.78
CA SER D 121 -2.57 -72.97 -10.79
C SER D 121 -1.83 -73.75 -9.70
N ASP D 122 -0.81 -74.52 -10.09
CA ASP D 122 -0.03 -75.25 -9.11
C ASP D 122 0.77 -74.31 -8.21
N LEU D 123 1.27 -73.21 -8.77
CA LEU D 123 2.12 -72.30 -7.99
C LEU D 123 1.29 -71.38 -7.11
N THR D 124 0.43 -70.56 -7.72
CA THR D 124 -0.35 -69.59 -6.96
C THR D 124 -1.37 -70.28 -6.06
N GLY D 125 -1.99 -71.36 -6.55
CA GLY D 125 -2.96 -72.12 -5.78
C GLY D 125 -4.41 -71.86 -6.14
N VAL D 126 -4.67 -70.88 -7.00
CA VAL D 126 -6.04 -70.58 -7.43
C VAL D 126 -6.52 -71.72 -8.33
N PRO D 127 -7.84 -71.93 -8.44
CA PRO D 127 -8.33 -72.98 -9.34
C PRO D 127 -8.00 -72.67 -10.80
N ARG D 128 -7.86 -73.74 -11.59
CA ARG D 128 -7.44 -73.60 -12.98
C ARG D 128 -8.54 -73.02 -13.85
N ASP D 129 -9.80 -73.38 -13.59
CA ASP D 129 -10.88 -72.87 -14.41
C ASP D 129 -11.04 -71.37 -14.26
N ARG D 130 -10.84 -70.86 -13.05
CA ARG D 130 -10.96 -69.41 -12.82
C ARG D 130 -9.91 -68.65 -13.61
N ILE D 131 -8.66 -69.12 -13.58
CA ILE D 131 -7.62 -68.43 -14.35
C ILE D 131 -7.83 -68.64 -15.85
N GLU D 132 -8.42 -69.76 -16.23
CA GLU D 132 -8.64 -70.03 -17.65
C GLU D 132 -9.73 -69.13 -18.22
N SER D 133 -10.79 -68.87 -17.44
CA SER D 133 -11.95 -68.15 -17.95
C SER D 133 -11.83 -66.64 -17.72
N THR D 134 -11.67 -66.24 -16.45
CA THR D 134 -11.67 -64.82 -16.13
C THR D 134 -10.47 -64.10 -16.74
N THR D 135 -9.31 -64.74 -16.71
CA THR D 135 -8.06 -64.11 -17.13
C THR D 135 -7.74 -64.50 -18.57
N LYS D 136 -7.37 -63.50 -19.38
CA LYS D 136 -7.13 -63.70 -20.80
C LYS D 136 -5.64 -63.64 -21.09
N PRO D 137 -5.02 -64.72 -21.54
CA PRO D 137 -3.61 -64.66 -21.93
C PRO D 137 -3.44 -63.90 -23.23
N ILE D 138 -2.19 -63.49 -23.47
CA ILE D 138 -1.77 -62.72 -24.66
C ILE D 138 -2.81 -61.71 -25.12
N TRP D 165 3.47 -84.24 -20.03
CA TRP D 165 3.03 -84.29 -21.42
C TRP D 165 4.06 -83.67 -22.34
N VAL D 166 5.33 -83.79 -21.98
CA VAL D 166 6.42 -83.23 -22.78
C VAL D 166 7.43 -84.28 -23.22
N LEU D 167 7.39 -85.49 -22.66
CA LEU D 167 8.32 -86.55 -23.00
C LEU D 167 7.56 -87.78 -23.46
N LYS D 168 8.10 -88.45 -24.48
CA LYS D 168 7.49 -89.64 -25.08
C LYS D 168 8.59 -90.64 -25.44
N PRO D 169 8.24 -91.84 -25.92
CA PRO D 169 9.28 -92.69 -26.53
C PRO D 169 9.97 -92.03 -27.71
N GLU D 170 9.29 -91.09 -28.39
CA GLU D 170 9.98 -90.29 -29.41
C GLU D 170 11.10 -89.46 -28.80
N THR D 171 10.94 -89.02 -27.55
CA THR D 171 12.06 -88.38 -26.86
C THR D 171 13.22 -89.36 -26.69
N LEU D 172 12.90 -90.62 -26.40
CA LEU D 172 13.95 -91.63 -26.30
C LEU D 172 14.65 -91.82 -27.64
N ARG D 173 13.89 -91.83 -28.73
CA ARG D 173 14.50 -91.94 -30.06
C ARG D 173 15.39 -90.73 -30.35
N GLU D 174 14.94 -89.54 -29.98
CA GLU D 174 15.74 -88.35 -30.16
C GLU D 174 17.03 -88.44 -29.37
N ILE D 175 16.96 -88.96 -28.14
CA ILE D 175 18.16 -89.19 -27.35
C ILE D 175 19.09 -90.16 -28.06
N GLN D 176 18.51 -91.23 -28.63
CA GLN D 176 19.32 -92.20 -29.37
C GLN D 176 20.05 -91.54 -30.53
N LEU D 177 19.36 -90.67 -31.27
CA LEU D 177 20.01 -89.94 -32.34
C LEU D 177 21.13 -89.06 -31.80
N SER D 178 20.92 -88.47 -30.62
CA SER D 178 21.95 -87.62 -30.02
C SER D 178 23.13 -88.42 -29.51
N TYR D 179 22.97 -89.74 -29.31
CA TYR D 179 24.06 -90.57 -28.85
C TYR D 179 25.25 -90.54 -29.81
N LYS D 180 25.00 -90.26 -31.08
CA LYS D 180 26.07 -90.35 -32.08
C LYS D 180 27.18 -89.34 -31.84
N SER D 181 26.89 -88.22 -31.18
CA SER D 181 27.93 -87.24 -30.90
C SER D 181 28.87 -87.73 -29.80
N THR D 182 28.32 -88.29 -28.73
CA THR D 182 29.12 -88.74 -27.59
C THR D 182 30.01 -89.92 -28.01
N LYS D 183 31.18 -90.01 -27.37
CA LYS D 183 32.24 -90.88 -27.84
C LYS D 183 32.57 -92.04 -26.91
N LEU D 184 32.83 -91.79 -25.63
CA LEU D 184 33.53 -92.74 -24.76
C LEU D 184 32.76 -93.10 -23.50
N PRO D 185 31.73 -93.95 -23.61
CA PRO D 185 31.17 -94.59 -22.41
C PRO D 185 31.73 -95.97 -22.18
N LYS D 186 31.66 -96.46 -20.94
CA LYS D 186 32.05 -97.83 -20.60
C LYS D 186 31.11 -98.35 -19.52
N PRO D 187 29.97 -98.92 -19.91
CA PRO D 187 28.91 -99.23 -18.95
C PRO D 187 28.98 -100.64 -18.39
N LYS D 188 28.29 -100.81 -17.26
CA LYS D 188 28.06 -102.10 -16.63
C LYS D 188 27.07 -101.92 -15.49
N ARG D 189 26.18 -102.90 -15.30
CA ARG D 189 25.12 -102.79 -14.30
C ARG D 189 24.81 -104.16 -13.71
N LYS D 190 24.19 -104.14 -12.54
CA LYS D 190 23.70 -105.34 -11.88
C LYS D 190 22.41 -104.98 -11.15
N ASN D 191 21.62 -105.99 -10.80
CA ASN D 191 20.25 -105.79 -10.36
C ASN D 191 20.13 -105.90 -8.83
N THR D 192 19.44 -104.93 -8.25
CA THR D 192 19.06 -104.96 -6.83
C THR D 192 17.94 -103.94 -6.63
N ASN D 193 17.41 -103.92 -5.42
CA ASN D 193 16.31 -102.99 -5.11
C ASN D 193 16.75 -101.54 -5.28
N ARG D 194 17.93 -101.20 -4.76
CA ARG D 194 18.46 -99.86 -4.96
C ARG D 194 18.68 -99.56 -6.44
N ILE D 195 19.15 -100.55 -7.18
CA ILE D 195 19.30 -100.38 -8.63
C ILE D 195 17.94 -100.19 -9.28
N VAL D 196 16.91 -100.87 -8.78
CA VAL D 196 15.57 -100.67 -9.31
C VAL D 196 15.13 -99.22 -9.09
N ALA D 197 15.40 -98.68 -7.89
CA ALA D 197 15.07 -97.29 -7.62
C ALA D 197 15.85 -96.36 -8.55
N LEU D 198 17.13 -96.65 -8.79
CA LEU D 198 17.90 -95.85 -9.73
C LEU D 198 17.30 -95.88 -11.12
N LYS D 199 16.84 -97.06 -11.56
CA LYS D 199 16.21 -97.16 -12.87
C LYS D 199 14.95 -96.31 -12.92
N LYS D 200 14.15 -96.33 -11.85
CA LYS D 200 12.93 -95.52 -11.83
C LYS D 200 13.24 -94.04 -11.93
N VAL D 201 14.28 -93.59 -11.20
CA VAL D 201 14.68 -92.19 -11.28
C VAL D 201 15.19 -91.85 -12.68
N LEU D 202 16.00 -92.73 -13.27
CA LEU D 202 16.56 -92.49 -14.58
C LEU D 202 15.58 -92.77 -15.71
N SER D 203 14.32 -93.04 -15.38
CA SER D 203 13.26 -93.19 -16.38
C SER D 203 12.00 -92.48 -15.94
N SER D 204 12.15 -91.34 -15.26
CA SER D 204 11.01 -90.64 -14.68
C SER D 204 10.04 -90.17 -15.75
N LYS D 205 10.50 -89.26 -16.61
CA LYS D 205 9.65 -88.65 -17.64
C LYS D 205 8.40 -88.03 -17.03
N ARG D 206 8.56 -87.38 -15.88
CA ARG D 206 7.46 -86.70 -15.20
C ARG D 206 7.85 -85.25 -14.95
N ASN D 207 6.85 -84.38 -14.95
CA ASN D 207 7.08 -82.95 -14.98
C ASN D 207 7.05 -82.35 -13.57
N LEU D 208 7.50 -81.09 -13.49
CA LEU D 208 7.54 -80.38 -12.21
C LEU D 208 6.16 -80.24 -11.59
N HIS D 209 5.11 -80.20 -12.44
CA HIS D 209 3.76 -80.12 -11.91
C HIS D 209 3.43 -81.34 -11.06
N SER D 210 3.86 -82.52 -11.49
CA SER D 210 3.64 -83.73 -10.71
C SER D 210 4.35 -83.67 -9.38
N PHE D 211 5.60 -83.19 -9.36
CA PHE D 211 6.34 -83.08 -8.12
C PHE D 211 5.67 -82.10 -7.15
N LEU D 212 5.25 -80.94 -7.66
CA LEU D 212 4.60 -79.96 -6.80
C LEU D 212 3.27 -80.48 -6.28
N ASP D 213 2.52 -81.18 -7.11
CA ASP D 213 1.24 -81.76 -6.69
C ASP D 213 1.43 -83.01 -5.83
N SER D 214 2.62 -83.61 -5.87
CA SER D 214 2.85 -84.85 -5.15
C SER D 214 2.69 -84.64 -3.65
N ALA D 215 2.03 -85.60 -3.00
CA ALA D 215 1.80 -85.50 -1.56
C ALA D 215 3.07 -85.63 -0.75
N LEU D 216 4.18 -86.08 -1.35
CA LEU D 216 5.42 -86.22 -0.62
C LEU D 216 6.02 -84.87 -0.22
N LEU D 217 5.68 -83.79 -0.93
CA LEU D 217 6.13 -82.45 -0.56
C LEU D 217 5.19 -81.90 0.49
N ASN D 218 5.70 -81.72 1.70
CA ASN D 218 4.85 -81.33 2.82
C ASN D 218 4.48 -79.85 2.73
N LEU D 219 3.54 -79.45 3.58
CA LEU D 219 2.98 -78.11 3.50
C LEU D 219 4.03 -77.05 3.83
N MET D 220 4.75 -77.22 4.93
CA MET D 220 5.76 -76.22 5.29
C MET D 220 6.94 -76.24 4.33
N ASP D 221 7.25 -77.41 3.76
CA ASP D 221 8.28 -77.46 2.73
C ASP D 221 7.88 -76.65 1.51
N LYS D 222 6.63 -76.79 1.07
CA LYS D 222 6.14 -75.98 -0.05
C LYS D 222 6.16 -74.50 0.31
N ASN D 223 5.75 -74.18 1.54
CA ASN D 223 5.73 -72.80 1.97
C ASN D 223 7.12 -72.18 1.90
N VAL D 224 8.12 -72.87 2.46
CA VAL D 224 9.46 -72.30 2.44
C VAL D 224 10.02 -72.28 1.03
N ILE D 225 9.69 -73.27 0.20
CA ILE D 225 10.30 -73.33 -1.13
C ILE D 225 9.73 -72.25 -2.04
N TYR D 226 8.47 -71.86 -1.87
CA TYR D 226 7.89 -70.92 -2.82
C TYR D 226 7.40 -69.63 -2.18
N HIS D 227 6.63 -69.69 -1.10
CA HIS D 227 6.02 -68.48 -0.56
C HIS D 227 6.98 -67.71 0.35
N ASN D 228 7.77 -68.42 1.15
CA ASN D 228 8.61 -67.74 2.13
C ASN D 228 9.74 -66.94 1.48
N VAL D 229 10.26 -67.42 0.35
CA VAL D 229 11.39 -66.75 -0.28
C VAL D 229 10.99 -65.40 -0.87
N TYR D 230 9.71 -65.19 -1.15
CA TYR D 230 9.28 -63.92 -1.72
C TYR D 230 9.22 -62.84 -0.65
N ASN D 231 9.19 -61.59 -1.11
CA ASN D 231 9.07 -60.47 -0.19
C ASN D 231 7.70 -60.46 0.48
N LYS D 232 7.68 -60.08 1.75
CA LYS D 232 6.46 -60.06 2.53
C LYS D 232 6.22 -58.77 3.29
N ARG D 233 7.24 -57.95 3.52
CA ARG D 233 7.09 -56.74 4.31
C ARG D 233 7.27 -55.48 3.46
N TYR D 234 8.41 -55.34 2.78
CA TYR D 234 8.69 -54.16 1.98
C TYR D 234 8.18 -54.40 0.57
N PHE D 235 7.16 -53.65 0.18
CA PHE D 235 6.50 -53.84 -1.11
C PHE D 235 6.89 -52.82 -2.15
N LYS D 236 7.21 -51.59 -1.75
CA LYS D 236 7.64 -50.57 -2.71
C LYS D 236 8.39 -49.49 -1.94
N VAL D 237 9.71 -49.43 -2.10
CA VAL D 237 10.50 -48.39 -1.48
C VAL D 237 10.97 -47.35 -2.48
N LEU D 238 11.10 -47.70 -3.74
CA LEU D 238 11.47 -46.74 -4.77
C LEU D 238 10.25 -45.97 -5.23
N PRO D 239 10.44 -44.80 -5.84
CA PRO D 239 9.30 -44.03 -6.35
C PRO D 239 8.60 -44.74 -7.49
N LEU D 240 7.34 -44.38 -7.69
CA LEU D 240 6.50 -44.95 -8.73
C LEU D 240 6.64 -44.10 -9.99
N ILE D 241 7.12 -44.71 -11.07
CA ILE D 241 7.39 -44.01 -12.32
C ILE D 241 6.41 -44.50 -13.38
N THR D 242 5.65 -43.57 -13.94
CA THR D 242 4.71 -43.86 -15.02
C THR D 242 5.24 -43.31 -16.32
N THR D 243 5.16 -44.12 -17.37
CA THR D 243 5.72 -43.77 -18.67
C THR D 243 4.68 -43.99 -19.77
N CYS D 244 4.97 -43.46 -20.95
CA CYS D 244 4.10 -43.65 -22.09
C CYS D 244 3.95 -45.13 -22.41
N SER D 245 2.70 -45.55 -22.64
CA SER D 245 2.46 -46.95 -22.95
C SER D 245 2.99 -47.33 -24.33
N ILE D 246 3.24 -46.34 -25.19
CA ILE D 246 3.69 -46.63 -26.55
C ILE D 246 5.20 -46.53 -26.66
N CYS D 247 5.82 -45.47 -26.14
CA CYS D 247 7.25 -45.28 -26.33
C CYS D 247 8.00 -45.07 -25.02
N GLY D 248 7.32 -45.15 -23.86
CA GLY D 248 8.01 -45.05 -22.60
C GLY D 248 8.42 -43.66 -22.19
N GLY D 249 7.99 -42.63 -22.91
CA GLY D 249 8.35 -41.27 -22.56
C GLY D 249 7.73 -40.81 -21.26
N TYR D 250 8.31 -39.76 -20.70
CA TYR D 250 7.85 -39.21 -19.44
C TYR D 250 7.72 -37.69 -19.43
N ASP D 251 8.18 -37.00 -20.47
CA ASP D 251 8.12 -35.54 -20.47
C ASP D 251 6.70 -35.03 -20.36
N SER D 252 5.79 -35.64 -21.10
CA SER D 252 4.37 -35.29 -21.03
C SER D 252 3.57 -36.58 -20.93
N ILE D 253 2.55 -36.56 -20.09
CA ILE D 253 1.76 -37.76 -19.83
C ILE D 253 0.29 -37.35 -19.79
N SER D 254 -0.55 -38.17 -20.42
CA SER D 254 -1.98 -37.96 -20.38
C SER D 254 -2.65 -39.30 -20.59
N SER D 255 -3.87 -39.42 -20.07
CA SER D 255 -4.60 -40.67 -20.11
C SER D 255 -5.63 -40.62 -21.23
N CYS D 256 -5.70 -41.69 -22.03
CA CYS D 256 -6.66 -41.74 -23.12
C CYS D 256 -8.08 -41.73 -22.58
N VAL D 257 -8.97 -41.09 -23.33
CA VAL D 257 -10.34 -40.92 -22.87
C VAL D 257 -11.07 -42.24 -22.80
N ASN D 258 -10.68 -43.21 -23.64
CA ASN D 258 -11.49 -44.42 -23.78
C ASN D 258 -11.21 -45.43 -22.67
N CYS D 259 -9.94 -45.81 -22.46
CA CYS D 259 -9.63 -46.91 -21.56
C CYS D 259 -8.76 -46.52 -20.38
N GLY D 260 -8.31 -45.27 -20.29
CA GLY D 260 -7.56 -44.84 -19.13
C GLY D 260 -6.09 -45.19 -19.13
N ASN D 261 -5.50 -45.48 -20.28
CA ASN D 261 -4.08 -45.77 -20.37
C ASN D 261 -3.32 -44.56 -20.90
N LYS D 262 -2.03 -44.51 -20.56
CA LYS D 262 -1.24 -43.30 -20.72
C LYS D 262 -0.60 -43.21 -22.09
N ILE D 263 -0.61 -42.00 -22.65
CA ILE D 263 0.06 -41.67 -23.89
C ILE D 263 0.78 -40.34 -23.70
N CYS D 264 1.59 -39.96 -24.69
CA CYS D 264 2.42 -38.79 -24.55
C CYS D 264 2.38 -37.80 -25.69
N SER D 265 1.94 -38.20 -26.89
CA SER D 265 2.05 -37.31 -28.04
C SER D 265 1.00 -37.70 -29.07
N VAL D 266 0.86 -36.83 -30.07
CA VAL D 266 -0.15 -37.05 -31.11
C VAL D 266 0.14 -38.33 -31.89
N SER D 267 1.41 -38.59 -32.19
CA SER D 267 1.76 -39.82 -32.90
C SER D 267 1.43 -41.04 -32.05
N CYS D 268 1.79 -41.01 -30.76
CA CYS D 268 1.44 -42.10 -29.87
C CYS D 268 -0.07 -42.19 -29.70
N PHE D 269 -0.76 -41.05 -29.72
CA PHE D 269 -2.22 -41.07 -29.64
C PHE D 269 -2.82 -41.85 -30.81
N LYS D 270 -2.36 -41.54 -32.03
CA LYS D 270 -2.86 -42.25 -33.20
C LYS D 270 -2.49 -43.73 -33.13
N LEU D 271 -1.26 -44.04 -32.72
CA LEU D 271 -0.85 -45.44 -32.64
C LEU D 271 -1.70 -46.22 -31.66
N HIS D 272 -1.92 -45.67 -30.47
CA HIS D 272 -2.75 -46.34 -29.48
C HIS D 272 -4.16 -46.54 -30.00
N ASN D 273 -4.74 -45.48 -30.57
CA ASN D 273 -6.11 -45.58 -31.05
C ASN D 273 -6.23 -46.64 -32.15
N GLU D 274 -5.24 -46.73 -33.03
CA GLU D 274 -5.35 -47.66 -34.15
C GLU D 274 -5.08 -49.10 -33.74
N THR D 275 -4.15 -49.35 -32.82
CA THR D 275 -3.78 -50.74 -32.59
C THR D 275 -3.81 -51.18 -31.13
N ARG D 276 -3.57 -50.28 -30.18
CA ARG D 276 -3.41 -50.69 -28.80
C ARG D 276 -4.69 -50.62 -27.98
N CYS D 277 -5.60 -49.70 -28.32
CA CYS D 277 -6.81 -49.51 -27.53
C CYS D 277 -7.60 -50.80 -27.41
N ARG D 278 -7.81 -51.24 -26.17
CA ARG D 278 -8.44 -52.53 -25.90
C ARG D 278 -9.94 -52.44 -25.74
N ASN D 279 -10.42 -51.48 -24.95
CA ASN D 279 -11.83 -51.48 -24.56
C ASN D 279 -12.77 -51.12 -25.71
N ARG D 280 -12.28 -50.45 -26.75
CA ARG D 280 -13.12 -50.11 -27.89
C ARG D 280 -13.22 -51.28 -28.86
N VAL E 21 -30.12 36.18 -8.60
CA VAL E 21 -30.55 35.41 -9.76
C VAL E 21 -29.35 34.89 -10.53
N THR E 22 -28.51 35.82 -11.01
CA THR E 22 -27.32 35.46 -11.77
C THR E 22 -26.17 36.36 -11.36
N ARG E 23 -24.95 35.84 -11.48
CA ARG E 23 -23.73 36.57 -11.18
C ARG E 23 -23.03 36.95 -12.47
N THR E 24 -22.21 37.98 -12.40
CA THR E 24 -21.49 38.50 -13.55
C THR E 24 -20.00 38.46 -13.31
N ALA E 25 -19.25 38.07 -14.34
CA ALA E 25 -17.80 37.98 -14.27
C ALA E 25 -17.17 38.78 -15.40
N ALA E 26 -15.87 38.60 -15.62
CA ALA E 26 -15.19 39.37 -16.65
C ALA E 26 -15.67 39.00 -18.05
N HIS E 27 -16.02 37.74 -18.29
CA HIS E 27 -16.33 37.26 -19.63
C HIS E 27 -17.68 36.56 -19.65
N THR E 28 -18.65 37.05 -18.88
CA THR E 28 -19.98 36.45 -18.90
C THR E 28 -20.74 36.80 -20.17
N HIS E 29 -20.41 37.93 -20.80
CA HIS E 29 -21.07 38.33 -22.03
C HIS E 29 -20.51 37.66 -23.27
N ILE E 30 -19.42 36.89 -23.14
CA ILE E 30 -18.79 36.24 -24.28
C ILE E 30 -19.43 34.87 -24.46
N LYS E 31 -20.27 34.73 -25.46
CA LYS E 31 -20.98 33.49 -25.72
C LYS E 31 -20.40 32.70 -26.88
N GLY E 32 -19.49 33.28 -27.65
CA GLY E 32 -18.90 32.59 -28.77
C GLY E 32 -18.11 33.56 -29.63
N LEU E 33 -17.55 33.02 -30.71
CA LEU E 33 -16.78 33.85 -31.62
C LEU E 33 -17.67 34.67 -32.54
N GLY E 34 -18.94 34.31 -32.68
CA GLY E 34 -19.83 35.05 -33.54
C GLY E 34 -19.47 35.03 -35.01
N LEU E 35 -18.95 33.90 -35.49
CA LEU E 35 -18.57 33.75 -36.88
C LEU E 35 -19.69 33.05 -37.65
N ASP E 36 -19.94 33.52 -38.86
CA ASP E 36 -20.99 32.93 -39.70
C ASP E 36 -20.49 31.64 -40.31
N GLU E 37 -21.26 31.07 -41.23
CA GLU E 37 -20.87 29.82 -41.88
C GLU E 37 -19.66 30.02 -42.79
N SER E 38 -19.59 31.14 -43.50
CA SER E 38 -18.51 31.36 -44.43
C SER E 38 -17.19 31.66 -43.73
N GLY E 39 -17.22 32.01 -42.45
CA GLY E 39 -16.03 32.29 -41.68
C GLY E 39 -15.80 33.76 -41.40
N VAL E 40 -16.46 34.66 -42.12
CA VAL E 40 -16.33 36.08 -41.83
C VAL E 40 -17.05 36.40 -40.53
N ALA E 41 -16.52 37.35 -39.78
CA ALA E 41 -17.01 37.69 -38.46
C ALA E 41 -17.80 38.99 -38.52
N LYS E 42 -19.02 38.97 -38.00
CA LYS E 42 -19.80 40.18 -37.88
C LYS E 42 -19.14 41.13 -36.89
N ARG E 43 -19.43 42.42 -37.05
CA ARG E 43 -18.82 43.41 -36.18
C ARG E 43 -19.20 43.20 -34.72
N VAL E 44 -20.47 42.92 -34.46
CA VAL E 44 -20.97 42.71 -33.09
C VAL E 44 -21.85 41.46 -33.07
N GLU E 45 -21.27 40.33 -32.68
CA GLU E 45 -22.00 39.10 -32.44
C GLU E 45 -21.29 38.30 -31.37
N GLY E 46 -22.05 37.50 -30.63
CA GLY E 46 -21.48 36.69 -29.57
C GLY E 46 -20.84 37.48 -28.46
N GLY E 47 -21.24 38.72 -28.26
CA GLY E 47 -20.65 39.56 -27.24
C GLY E 47 -19.34 40.20 -27.60
N PHE E 48 -18.84 39.97 -28.81
CA PHE E 48 -17.59 40.55 -29.26
C PHE E 48 -17.85 41.82 -30.06
N VAL E 49 -16.94 42.78 -29.92
CA VAL E 49 -16.97 44.00 -30.72
C VAL E 49 -15.59 44.19 -31.32
N GLY E 50 -15.53 44.32 -32.65
CA GLY E 50 -14.25 44.47 -33.30
C GLY E 50 -13.46 43.19 -33.23
N GLN E 51 -12.14 43.34 -33.36
CA GLN E 51 -11.20 42.23 -33.32
C GLN E 51 -11.52 41.18 -34.38
N ILE E 52 -11.93 41.65 -35.56
CA ILE E 52 -12.45 40.75 -36.60
C ILE E 52 -11.40 39.73 -37.02
N GLU E 53 -10.17 40.20 -37.26
CA GLU E 53 -9.13 39.31 -37.77
C GLU E 53 -8.78 38.23 -36.76
N ALA E 54 -8.67 38.59 -35.48
CA ALA E 54 -8.38 37.59 -34.45
C ALA E 54 -9.51 36.59 -34.32
N ARG E 55 -10.76 37.05 -34.42
CA ARG E 55 -11.89 36.13 -34.38
C ARG E 55 -11.85 35.15 -35.55
N GLU E 56 -11.50 35.64 -36.74
CA GLU E 56 -11.40 34.75 -37.90
C GLU E 56 -10.28 33.73 -37.72
N ALA E 57 -9.13 34.18 -37.20
CA ALA E 57 -8.03 33.24 -36.96
C ALA E 57 -8.41 32.19 -35.93
N CYS E 58 -9.10 32.61 -34.86
CA CYS E 58 -9.53 31.66 -33.85
C CYS E 58 -10.59 30.72 -34.38
N GLY E 59 -11.43 31.17 -35.31
CA GLY E 59 -12.35 30.26 -35.96
C GLY E 59 -11.64 29.21 -36.78
N VAL E 60 -10.59 29.61 -37.50
CA VAL E 60 -9.78 28.65 -38.24
C VAL E 60 -9.15 27.64 -37.28
N ILE E 61 -8.67 28.12 -36.13
CA ILE E 61 -8.07 27.22 -35.14
C ILE E 61 -9.12 26.25 -34.58
N VAL E 62 -10.35 26.74 -34.36
CA VAL E 62 -11.42 25.89 -33.88
C VAL E 62 -11.74 24.81 -34.91
N ASP E 63 -11.76 25.18 -36.19
CA ASP E 63 -11.98 24.17 -37.22
C ASP E 63 -10.86 23.14 -37.23
N LEU E 64 -9.61 23.59 -37.06
CA LEU E 64 -8.49 22.67 -36.99
C LEU E 64 -8.63 21.70 -35.82
N ILE E 65 -9.06 22.20 -34.66
CA ILE E 65 -9.26 21.34 -33.50
C ILE E 65 -10.38 20.34 -33.76
N LYS E 66 -11.48 20.79 -34.37
CA LYS E 66 -12.59 19.90 -34.68
C LYS E 66 -12.19 18.86 -35.70
N ALA E 67 -11.19 19.13 -36.54
CA ALA E 67 -10.73 18.12 -37.49
C ALA E 67 -10.17 16.90 -36.78
N LYS E 68 -9.61 17.07 -35.59
CA LYS E 68 -9.06 15.98 -34.78
C LYS E 68 -7.98 15.21 -35.53
N LYS E 69 -7.09 15.94 -36.22
CA LYS E 69 -6.04 15.31 -37.01
C LYS E 69 -4.64 15.60 -36.47
N MET E 70 -4.28 16.86 -36.32
CA MET E 70 -2.93 17.23 -35.93
C MET E 70 -2.75 17.18 -34.41
N SER E 71 -1.49 17.12 -34.00
CA SER E 71 -1.14 17.10 -32.58
C SER E 71 0.01 18.07 -32.35
N GLY E 72 0.01 18.70 -31.18
CA GLY E 72 1.08 19.57 -30.80
C GLY E 72 1.07 20.95 -31.41
N ARG E 73 0.03 21.30 -32.14
CA ARG E 73 -0.05 22.63 -32.75
C ARG E 73 -0.18 23.69 -31.67
N ALA E 74 0.51 24.81 -31.87
CA ALA E 74 0.52 25.88 -30.88
C ALA E 74 0.32 27.22 -31.56
N ILE E 75 -0.42 28.10 -30.92
CA ILE E 75 -0.63 29.46 -31.39
C ILE E 75 -0.42 30.41 -30.22
N LEU E 76 -0.09 31.66 -30.55
CA LEU E 76 0.18 32.69 -29.56
C LEU E 76 -0.73 33.88 -29.81
N LEU E 77 -1.51 34.24 -28.78
CA LEU E 77 -2.38 35.41 -28.83
C LEU E 77 -1.58 36.59 -28.27
N ALA E 78 -1.00 37.39 -29.15
CA ALA E 78 -0.08 38.45 -28.77
C ALA E 78 -0.77 39.79 -28.88
N GLY E 79 -0.72 40.57 -27.80
CA GLY E 79 -1.30 41.90 -27.80
C GLY E 79 -1.04 42.57 -26.47
N GLY E 80 -1.43 43.83 -26.39
CA GLY E 80 -1.27 44.58 -25.18
C GLY E 80 -2.29 44.21 -24.12
N PRO E 81 -2.19 44.86 -22.98
CA PRO E 81 -3.16 44.61 -21.91
C PRO E 81 -4.55 45.12 -22.30
N SER E 82 -5.57 44.47 -21.72
CA SER E 82 -6.96 44.85 -21.92
C SER E 82 -7.31 44.93 -23.39
N THR E 83 -6.98 43.86 -24.12
CA THR E 83 -7.14 43.84 -25.56
C THR E 83 -8.01 42.69 -26.05
N GLY E 84 -8.25 41.68 -25.24
CA GLY E 84 -9.20 40.64 -25.60
C GLY E 84 -8.59 39.29 -25.92
N LYS E 85 -7.54 38.92 -25.19
CA LYS E 85 -6.90 37.63 -25.42
C LYS E 85 -7.57 36.51 -24.64
N THR E 86 -7.74 36.70 -23.33
CA THR E 86 -8.44 35.71 -22.52
C THR E 86 -9.88 35.55 -22.98
N ALA E 87 -10.50 36.64 -23.42
CA ALA E 87 -11.85 36.54 -23.97
C ALA E 87 -11.86 35.67 -25.21
N LEU E 88 -10.85 35.82 -26.08
CA LEU E 88 -10.76 34.97 -27.25
C LEU E 88 -10.58 33.50 -26.88
N ALA E 89 -9.76 33.23 -25.86
CA ALA E 89 -9.58 31.85 -25.43
C ALA E 89 -10.88 31.26 -24.90
N LEU E 90 -11.60 32.00 -24.07
CA LEU E 90 -12.87 31.51 -23.57
C LEU E 90 -13.89 31.35 -24.68
N ALA E 91 -13.84 32.21 -25.70
CA ALA E 91 -14.72 32.07 -26.84
C ALA E 91 -14.40 30.80 -27.63
N ILE E 92 -13.12 30.49 -27.78
CA ILE E 92 -12.74 29.23 -28.43
C ILE E 92 -13.30 28.05 -27.64
N SER E 93 -13.18 28.11 -26.32
CA SER E 93 -13.73 27.05 -25.50
C SER E 93 -15.24 26.92 -25.68
N GLN E 94 -15.94 28.04 -25.72
CA GLN E 94 -17.39 28.01 -25.92
C GLN E 94 -17.75 27.43 -27.28
N GLU E 95 -17.04 27.85 -28.33
CA GLU E 95 -17.34 27.36 -29.67
C GLU E 95 -17.09 25.88 -29.79
N LEU E 96 -16.02 25.37 -29.16
CA LEU E 96 -15.75 23.94 -29.22
C LEU E 96 -16.81 23.14 -28.50
N GLY E 97 -17.26 23.60 -27.33
CA GLY E 97 -18.33 22.96 -26.62
C GLY E 97 -17.85 22.21 -25.38
N PRO E 98 -18.80 21.79 -24.54
CA PRO E 98 -18.42 21.08 -23.31
C PRO E 98 -17.94 19.66 -23.53
N LYS E 99 -18.14 19.10 -24.73
CA LYS E 99 -17.66 17.75 -24.99
C LYS E 99 -16.14 17.68 -24.95
N VAL E 100 -15.47 18.67 -25.53
CA VAL E 100 -14.01 18.67 -25.65
C VAL E 100 -13.38 19.15 -24.35
N PRO E 101 -12.19 18.69 -24.00
CA PRO E 101 -11.55 19.17 -22.78
C PRO E 101 -10.70 20.42 -23.03
N PHE E 102 -11.00 21.48 -22.30
CA PHE E 102 -10.30 22.75 -22.41
C PHE E 102 -9.73 23.08 -21.02
N CYS E 103 -8.41 23.03 -20.90
CA CYS E 103 -7.78 23.16 -19.59
C CYS E 103 -7.20 24.56 -19.43
N PRO E 104 -7.81 25.42 -18.63
CA PRO E 104 -7.22 26.73 -18.37
C PRO E 104 -6.01 26.63 -17.46
N LEU E 105 -5.07 27.55 -17.64
CA LEU E 105 -3.84 27.54 -16.87
C LEU E 105 -3.25 28.94 -16.82
N VAL E 106 -2.34 29.12 -15.88
CA VAL E 106 -1.53 30.32 -15.75
C VAL E 106 -0.09 29.88 -15.67
N GLY E 107 0.82 30.73 -16.16
CA GLY E 107 2.24 30.41 -16.09
C GLY E 107 2.73 30.19 -14.67
N SER E 108 2.11 30.86 -13.71
CA SER E 108 2.51 30.73 -12.32
C SER E 108 2.03 29.42 -11.69
N GLU E 109 1.09 28.71 -12.32
CA GLU E 109 0.56 27.49 -11.75
C GLU E 109 1.49 26.30 -11.92
N LEU E 110 2.49 26.39 -12.79
CA LEU E 110 3.37 25.28 -13.09
C LEU E 110 4.56 25.17 -12.14
N TYR E 111 4.67 26.07 -11.17
CA TYR E 111 5.79 26.06 -10.23
C TYR E 111 5.39 25.32 -8.95
N SER E 112 5.20 24.02 -9.10
CA SER E 112 4.75 23.19 -8.00
C SER E 112 5.88 22.91 -7.02
N VAL E 113 5.51 22.43 -5.83
CA VAL E 113 6.48 22.05 -4.81
C VAL E 113 6.53 20.54 -4.59
N GLU E 114 5.48 19.80 -4.98
CA GLU E 114 5.50 18.36 -4.78
C GLU E 114 6.23 17.64 -5.91
N VAL E 115 6.01 18.06 -7.16
CA VAL E 115 6.69 17.48 -8.31
C VAL E 115 7.28 18.62 -9.14
N LYS E 116 8.19 18.24 -10.04
CA LYS E 116 8.90 19.22 -10.85
C LYS E 116 7.97 19.84 -11.88
N LYS E 117 8.42 20.96 -12.46
CA LYS E 117 7.60 21.72 -13.39
C LYS E 117 7.29 20.91 -14.64
N THR E 118 8.25 20.08 -15.07
CA THR E 118 8.07 19.24 -16.25
C THR E 118 6.90 18.28 -16.06
N GLU E 119 6.81 17.65 -14.90
CA GLU E 119 5.74 16.69 -14.64
C GLU E 119 4.38 17.39 -14.65
N THR E 120 4.30 18.58 -14.06
CA THR E 120 3.05 19.33 -14.06
C THR E 120 2.64 19.69 -15.48
N LEU E 121 3.60 20.13 -16.30
CA LEU E 121 3.28 20.46 -17.68
C LEU E 121 2.78 19.24 -18.44
N MET E 122 3.42 18.09 -18.26
CA MET E 122 2.98 16.88 -18.94
C MET E 122 1.59 16.45 -18.47
N GLU E 123 1.34 16.56 -17.16
CA GLU E 123 0.03 16.20 -16.65
C GLU E 123 -1.06 17.08 -17.24
N ASN E 124 -0.78 18.38 -17.36
CA ASN E 124 -1.76 19.27 -17.97
C ASN E 124 -1.93 18.98 -19.46
N PHE E 125 -0.84 18.58 -20.12
CA PHE E 125 -0.93 18.13 -21.51
C PHE E 125 -1.91 16.98 -21.64
N ARG E 126 -1.76 15.97 -20.80
CA ARG E 126 -2.62 14.79 -20.91
C ARG E 126 -4.01 15.02 -20.33
N ARG E 127 -4.19 16.07 -19.54
CA ARG E 127 -5.52 16.42 -19.07
C ARG E 127 -6.38 17.07 -20.14
N ALA E 128 -5.76 17.67 -21.15
CA ALA E 128 -6.46 18.34 -22.24
C ALA E 128 -6.82 17.39 -23.37
N ILE E 129 -6.49 16.11 -23.27
CA ILE E 129 -6.82 15.13 -24.31
C ILE E 129 -7.95 14.27 -23.77
N GLY E 130 -9.06 14.26 -24.49
CA GLY E 130 -10.28 13.63 -24.03
C GLY E 130 -10.52 12.26 -24.61
N LEU E 131 -11.18 11.42 -23.84
CA LEU E 131 -11.55 10.07 -24.26
C LEU E 131 -12.97 9.79 -23.80
N ARG E 132 -13.78 9.27 -24.71
CA ARG E 132 -15.17 8.90 -24.42
C ARG E 132 -15.32 7.41 -24.59
N ILE E 133 -15.80 6.73 -23.56
CA ILE E 133 -15.80 5.28 -23.50
C ILE E 133 -17.20 4.78 -23.16
N LYS E 134 -17.46 3.54 -23.53
CA LYS E 134 -18.71 2.86 -23.23
C LYS E 134 -18.43 1.73 -22.26
N GLU E 135 -19.20 1.66 -21.18
CA GLU E 135 -19.01 0.63 -20.16
C GLU E 135 -20.36 0.05 -19.76
N THR E 136 -20.39 -1.27 -19.56
CA THR E 136 -21.58 -1.96 -19.10
C THR E 136 -21.48 -2.15 -17.59
N LYS E 137 -22.51 -1.73 -16.88
CA LYS E 137 -22.52 -1.76 -15.42
C LYS E 137 -23.43 -2.89 -14.95
N GLU E 138 -22.88 -3.79 -14.16
CA GLU E 138 -23.64 -4.86 -13.54
C GLU E 138 -23.99 -4.44 -12.12
N VAL E 139 -25.27 -4.37 -11.81
CA VAL E 139 -25.77 -3.81 -10.56
C VAL E 139 -26.72 -4.80 -9.91
N TYR E 140 -26.52 -5.05 -8.61
CA TYR E 140 -27.41 -5.88 -7.81
C TYR E 140 -27.99 -5.06 -6.68
N GLU E 141 -29.28 -5.23 -6.41
CA GLU E 141 -29.94 -4.50 -5.34
C GLU E 141 -31.16 -5.27 -4.88
N GLY E 142 -31.35 -5.34 -3.58
CA GLY E 142 -32.50 -6.02 -3.02
C GLY E 142 -32.41 -6.10 -1.52
N GLU E 143 -33.46 -6.67 -0.93
CA GLU E 143 -33.51 -6.85 0.51
C GLU E 143 -32.75 -8.11 0.89
N VAL E 144 -31.86 -8.00 1.87
CA VAL E 144 -31.04 -9.13 2.28
C VAL E 144 -31.91 -10.14 3.01
N THR E 145 -31.81 -11.41 2.61
CA THR E 145 -32.53 -12.48 3.28
C THR E 145 -31.62 -13.53 3.91
N GLU E 146 -30.31 -13.45 3.69
CA GLU E 146 -29.37 -14.39 4.29
C GLU E 146 -27.98 -13.78 4.25
N LEU E 147 -27.23 -13.94 5.34
CA LEU E 147 -25.83 -13.52 5.43
C LEU E 147 -25.06 -14.68 6.05
N THR E 148 -24.60 -15.60 5.22
CA THR E 148 -23.89 -16.79 5.70
C THR E 148 -22.46 -16.79 5.19
N PRO E 149 -21.46 -16.65 6.06
CA PRO E 149 -20.08 -16.85 5.63
C PRO E 149 -19.86 -18.28 5.18
N GLU E 150 -19.00 -18.44 4.18
CA GLU E 150 -18.79 -19.77 3.58
C GLU E 150 -18.12 -20.72 4.56
N ASP E 151 -17.34 -20.19 5.50
CA ASP E 151 -16.64 -21.04 6.47
C ASP E 151 -17.63 -21.65 7.46
N ILE E 163 -11.54 -14.02 6.76
CA ILE E 163 -11.44 -13.78 5.34
C ILE E 163 -12.04 -14.93 4.56
N SER E 164 -13.35 -14.87 4.34
CA SER E 164 -14.05 -15.93 3.63
C SER E 164 -15.19 -15.32 2.85
N HIS E 165 -15.61 -16.03 1.81
CA HIS E 165 -16.72 -15.58 0.99
C HIS E 165 -18.02 -15.59 1.78
N VAL E 166 -18.93 -14.70 1.40
CA VAL E 166 -20.24 -14.59 2.03
C VAL E 166 -21.31 -14.94 1.01
N ILE E 167 -22.30 -15.71 1.43
CA ILE E 167 -23.43 -16.09 0.59
C ILE E 167 -24.60 -15.21 1.00
N VAL E 168 -25.03 -14.35 0.09
CA VAL E 168 -26.08 -13.37 0.36
C VAL E 168 -27.29 -13.69 -0.51
N GLY E 169 -28.47 -13.53 0.06
CA GLY E 169 -29.70 -13.71 -0.68
C GLY E 169 -30.47 -12.43 -0.83
N LEU E 170 -30.65 -11.97 -2.06
CA LEU E 170 -31.31 -10.71 -2.34
C LEU E 170 -32.70 -10.96 -2.89
N LYS E 171 -33.68 -10.29 -2.30
CA LYS E 171 -35.07 -10.39 -2.75
C LYS E 171 -35.53 -9.05 -3.27
N SER E 172 -36.38 -9.09 -4.29
CA SER E 172 -36.96 -7.90 -4.88
C SER E 172 -38.44 -8.16 -5.14
N ALA E 173 -39.10 -7.18 -5.76
CA ALA E 173 -40.52 -7.32 -6.05
C ALA E 173 -40.78 -8.28 -7.19
N LYS E 174 -39.78 -8.54 -8.04
CA LYS E 174 -39.98 -9.41 -9.19
C LYS E 174 -39.35 -10.79 -9.02
N GLY E 175 -38.41 -10.95 -8.10
CA GLY E 175 -37.81 -12.24 -7.88
C GLY E 175 -36.77 -12.17 -6.78
N THR E 176 -36.22 -13.34 -6.46
CA THR E 176 -35.15 -13.46 -5.49
C THR E 176 -33.90 -14.03 -6.17
N LYS E 177 -32.77 -13.84 -5.51
CA LYS E 177 -31.50 -14.30 -6.07
C LYS E 177 -30.51 -14.49 -4.93
N THR E 178 -29.68 -15.51 -5.07
CA THR E 178 -28.64 -15.83 -4.10
C THR E 178 -27.29 -15.72 -4.77
N LEU E 179 -26.36 -15.02 -4.13
CA LEU E 179 -25.07 -14.72 -4.72
C LEU E 179 -23.94 -15.12 -3.78
N ARG E 180 -22.74 -15.23 -4.34
CA ARG E 180 -21.53 -15.51 -3.59
C ARG E 180 -20.55 -14.37 -3.82
N LEU E 181 -20.15 -13.70 -2.74
CA LEU E 181 -19.38 -12.48 -2.82
C LEU E 181 -17.96 -12.70 -2.32
N ASP E 182 -17.02 -11.99 -2.94
CA ASP E 182 -15.62 -12.11 -2.60
C ASP E 182 -15.35 -11.50 -1.22
N PRO E 183 -14.24 -11.86 -0.59
CA PRO E 183 -13.97 -11.36 0.78
C PRO E 183 -13.92 -9.85 0.89
N THR E 184 -13.49 -9.14 -0.16
CA THR E 184 -13.49 -7.68 -0.10
C THR E 184 -14.90 -7.13 0.03
N ILE E 185 -15.84 -7.68 -0.73
CA ILE E 185 -17.24 -7.29 -0.60
C ILE E 185 -17.78 -7.66 0.77
N TYR E 186 -17.31 -8.78 1.32
CA TYR E 186 -17.72 -9.16 2.67
C TYR E 186 -17.24 -8.14 3.69
N GLU E 187 -16.01 -7.66 3.55
CA GLU E 187 -15.51 -6.62 4.45
C GLU E 187 -16.31 -5.34 4.29
N SER E 188 -16.66 -4.98 3.06
CA SER E 188 -17.49 -3.80 2.84
C SER E 188 -18.84 -3.94 3.51
N ILE E 189 -19.47 -5.11 3.39
CA ILE E 189 -20.77 -5.34 4.01
C ILE E 189 -20.64 -5.33 5.52
N GLN E 190 -19.55 -5.91 6.04
CA GLN E 190 -19.36 -5.97 7.48
C GLN E 190 -19.24 -4.58 8.08
N ARG E 191 -18.52 -3.69 7.42
CA ARG E 191 -18.32 -2.33 7.94
C ARG E 191 -19.50 -1.40 7.64
N GLU E 192 -20.47 -1.85 6.86
CA GLU E 192 -21.69 -1.08 6.64
C GLU E 192 -22.82 -1.47 7.58
N LYS E 193 -22.57 -2.42 8.48
CA LYS E 193 -23.56 -2.86 9.46
C LYS E 193 -24.84 -3.35 8.78
N VAL E 194 -24.66 -4.24 7.79
CA VAL E 194 -25.79 -4.80 7.05
C VAL E 194 -26.24 -6.08 7.73
N SER E 195 -27.52 -6.16 8.03
CA SER E 195 -28.12 -7.33 8.65
C SER E 195 -29.27 -7.82 7.79
N ILE E 196 -29.97 -8.85 8.26
CA ILE E 196 -31.12 -9.36 7.53
C ILE E 196 -32.23 -8.33 7.57
N GLY E 197 -32.85 -8.10 6.42
CA GLY E 197 -33.86 -7.08 6.28
C GLY E 197 -33.35 -5.75 5.75
N ASP E 198 -32.04 -5.60 5.65
CA ASP E 198 -31.46 -4.40 5.07
C ASP E 198 -31.50 -4.48 3.55
N VAL E 199 -31.52 -3.32 2.92
CA VAL E 199 -31.50 -3.21 1.46
C VAL E 199 -30.14 -2.66 1.05
N ILE E 200 -29.46 -3.39 0.16
CA ILE E 200 -28.11 -3.01 -0.23
C ILE E 200 -28.04 -2.75 -1.73
N TYR E 201 -26.85 -2.38 -2.21
CA TYR E 201 -26.65 -2.01 -3.60
C TYR E 201 -25.20 -2.37 -3.95
N ILE E 202 -25.00 -3.53 -4.55
CA ILE E 202 -23.67 -4.02 -4.88
C ILE E 202 -23.42 -3.76 -6.35
N GLU E 203 -22.35 -3.02 -6.64
CA GLU E 203 -21.91 -2.78 -8.01
C GLU E 203 -20.82 -3.80 -8.32
N ALA E 204 -21.10 -4.70 -9.27
CA ALA E 204 -20.21 -5.83 -9.51
C ALA E 204 -18.86 -5.40 -10.06
N ASN E 205 -18.86 -4.40 -10.95
CA ASN E 205 -17.61 -4.01 -11.61
C ASN E 205 -16.61 -3.44 -10.61
N THR E 206 -17.07 -2.58 -9.69
CA THR E 206 -16.17 -1.91 -8.76
C THR E 206 -16.15 -2.55 -7.38
N GLY E 207 -17.10 -3.42 -7.06
CA GLY E 207 -17.17 -3.98 -5.72
C GLY E 207 -17.51 -2.98 -4.65
N ALA E 208 -18.47 -2.10 -4.90
CA ALA E 208 -18.92 -1.10 -3.95
C ALA E 208 -20.26 -1.53 -3.36
N VAL E 209 -20.36 -1.48 -2.04
CA VAL E 209 -21.57 -1.86 -1.33
C VAL E 209 -22.09 -0.64 -0.58
N LYS E 210 -23.34 -0.28 -0.83
CA LYS E 210 -23.99 0.82 -0.14
C LYS E 210 -25.24 0.30 0.55
N ARG E 211 -25.36 0.58 1.84
CA ARG E 211 -26.56 0.24 2.59
C ARG E 211 -27.55 1.39 2.46
N VAL E 212 -28.57 1.20 1.63
CA VAL E 212 -29.52 2.28 1.36
C VAL E 212 -30.57 2.44 2.44
N GLY E 213 -30.73 1.47 3.31
CA GLY E 213 -31.65 1.60 4.43
C GLY E 213 -32.25 0.27 4.80
N ARG E 214 -33.30 0.36 5.61
CA ARG E 214 -34.04 -0.79 6.10
C ARG E 214 -35.33 -0.95 5.30
N SER E 215 -35.76 -2.19 5.13
CA SER E 215 -36.94 -2.47 4.32
C SER E 215 -38.20 -1.91 4.96
N ASP E 216 -39.17 -1.56 4.10
CA ASP E 216 -40.40 -0.96 4.58
C ASP E 216 -41.22 -1.93 5.42
N ALA E 217 -41.07 -3.24 5.18
CA ALA E 217 -41.87 -4.22 5.91
C ALA E 217 -41.60 -4.19 7.40
N TYR E 218 -40.48 -3.62 7.83
CA TYR E 218 -40.10 -3.53 9.23
C TYR E 218 -40.18 -2.11 9.77
N ALA E 219 -40.95 -1.24 9.11
CA ALA E 219 -41.04 0.15 9.55
C ALA E 219 -41.72 0.27 10.91
N THR E 220 -42.74 -0.54 11.15
CA THR E 220 -43.54 -0.45 12.36
C THR E 220 -43.08 -1.41 13.44
N GLU E 221 -41.92 -2.04 13.28
CA GLU E 221 -41.42 -2.97 14.29
C GLU E 221 -41.19 -2.27 15.62
N PHE E 222 -40.62 -1.07 15.58
CA PHE E 222 -40.38 -0.28 16.77
C PHE E 222 -40.89 1.14 16.53
N ASP E 223 -41.31 1.80 17.61
CA ASP E 223 -41.83 3.16 17.49
C ASP E 223 -40.74 4.22 17.44
N LEU E 224 -39.49 3.88 17.79
CA LEU E 224 -38.43 4.87 17.82
C LEU E 224 -37.08 4.17 17.63
N GLU E 225 -36.49 4.34 16.45
CA GLU E 225 -35.13 3.87 16.21
C GLU E 225 -34.51 4.74 15.12
N THR E 226 -33.18 4.79 15.11
CA THR E 226 -32.45 5.66 14.20
C THR E 226 -32.59 5.25 12.73
N GLU E 227 -33.03 4.01 12.48
CA GLU E 227 -33.08 3.48 11.12
C GLU E 227 -33.97 4.35 10.23
N GLU E 228 -33.44 4.69 9.05
CA GLU E 228 -34.22 5.35 8.00
C GLU E 228 -34.66 4.31 6.99
N TYR E 229 -35.96 4.18 6.80
CA TYR E 229 -36.52 3.08 6.03
C TYR E 229 -36.66 3.46 4.56
N VAL E 230 -36.52 2.45 3.70
CA VAL E 230 -36.65 2.62 2.26
C VAL E 230 -37.57 1.53 1.73
N PRO E 231 -38.27 1.75 0.62
CA PRO E 231 -39.12 0.71 0.06
C PRO E 231 -38.28 -0.41 -0.56
N LEU E 232 -38.91 -1.57 -0.66
CA LEU E 232 -38.26 -2.72 -1.28
C LEU E 232 -38.05 -2.43 -2.77
N PRO E 233 -36.86 -2.71 -3.31
CA PRO E 233 -36.57 -2.32 -4.69
C PRO E 233 -37.49 -3.00 -5.69
N LYS E 234 -37.81 -2.27 -6.75
CA LYS E 234 -38.60 -2.82 -7.84
C LYS E 234 -37.70 -3.41 -8.91
N GLY E 235 -38.30 -4.22 -9.78
CA GLY E 235 -37.55 -4.86 -10.84
C GLY E 235 -36.77 -6.06 -10.35
N GLU E 236 -36.03 -6.66 -11.27
CA GLU E 236 -35.20 -7.80 -10.94
C GLU E 236 -33.96 -7.35 -10.17
N VAL E 237 -33.41 -8.28 -9.39
CA VAL E 237 -32.23 -7.97 -8.58
C VAL E 237 -31.04 -7.65 -9.48
N HIS E 238 -30.84 -8.44 -10.52
CA HIS E 238 -29.70 -8.27 -11.42
C HIS E 238 -30.08 -7.27 -12.52
N LYS E 239 -29.48 -6.09 -12.49
CA LYS E 239 -29.74 -5.06 -13.48
C LYS E 239 -28.46 -4.74 -14.24
N LYS E 240 -28.61 -4.46 -15.53
CA LYS E 240 -27.47 -4.22 -16.40
C LYS E 240 -27.78 -3.00 -17.28
N LYS E 241 -26.89 -2.01 -17.24
CA LYS E 241 -27.08 -0.80 -18.02
C LYS E 241 -25.78 -0.42 -18.69
N GLU E 242 -25.89 0.32 -19.79
CA GLU E 242 -24.74 0.77 -20.56
C GLU E 242 -24.67 2.29 -20.49
N ILE E 243 -23.59 2.80 -19.91
CA ILE E 243 -23.40 4.23 -19.71
C ILE E 243 -22.14 4.67 -20.45
N VAL E 244 -22.19 5.85 -21.03
CA VAL E 244 -21.05 6.45 -21.71
C VAL E 244 -20.46 7.51 -20.78
N GLN E 245 -19.17 7.37 -20.48
CA GLN E 245 -18.51 8.27 -19.54
C GLN E 245 -17.27 8.87 -20.18
N ASP E 246 -17.05 10.15 -19.91
CA ASP E 246 -15.93 10.90 -20.46
C ASP E 246 -14.79 10.95 -19.46
N VAL E 247 -13.60 10.52 -19.88
CA VAL E 247 -12.41 10.52 -19.06
C VAL E 247 -11.28 11.16 -19.85
N THR E 248 -10.21 11.50 -19.14
CA THR E 248 -9.01 12.03 -19.76
C THR E 248 -7.88 11.04 -19.60
N LEU E 249 -6.83 11.23 -20.41
CA LEU E 249 -5.66 10.38 -20.30
C LEU E 249 -4.99 10.52 -18.94
N HIS E 250 -5.04 11.71 -18.35
CA HIS E 250 -4.51 11.90 -17.01
C HIS E 250 -5.27 11.07 -16.00
N ASP E 251 -6.58 10.91 -16.19
CA ASP E 251 -7.35 10.05 -15.29
C ASP E 251 -6.87 8.61 -15.37
N LEU E 252 -6.61 8.12 -16.58
CA LEU E 252 -6.10 6.75 -16.72
C LEU E 252 -4.72 6.62 -16.11
N ASP E 253 -3.87 7.62 -16.29
CA ASP E 253 -2.53 7.58 -15.71
C ASP E 253 -2.60 7.53 -14.19
N VAL E 254 -3.45 8.36 -13.59
CA VAL E 254 -3.59 8.36 -12.13
C VAL E 254 -4.17 7.03 -11.67
N ALA E 255 -5.12 6.47 -12.41
CA ALA E 255 -5.71 5.20 -12.03
C ALA E 255 -4.67 4.09 -12.05
N ASN E 256 -3.82 4.06 -13.08
CA ASN E 256 -2.81 3.02 -13.18
C ASN E 256 -1.59 3.29 -12.32
N ALA E 257 -1.46 4.48 -11.76
CA ALA E 257 -0.29 4.83 -10.96
C ALA E 257 -0.51 4.58 -9.48
N ARG E 258 -1.60 5.09 -8.92
CA ARG E 258 -1.86 4.98 -7.50
C ARG E 258 -3.26 4.46 -7.24
N PRO E 259 -3.47 3.74 -6.14
CA PRO E 259 -4.83 3.36 -5.77
C PRO E 259 -5.68 4.59 -5.48
N GLN E 260 -6.95 4.53 -5.87
CA GLN E 260 -7.78 5.73 -5.88
C GLN E 260 -9.09 5.60 -5.14
N GLY E 261 -9.61 4.40 -4.92
CA GLY E 261 -10.88 4.27 -4.22
C GLY E 261 -11.00 2.98 -3.44
N GLY E 262 -12.18 2.73 -2.87
CA GLY E 262 -12.42 1.49 -2.19
C GLY E 262 -12.91 1.65 -0.77
N GLN E 263 -13.67 0.67 -0.29
CA GLN E 263 -14.15 0.66 1.08
C GLN E 263 -13.41 -0.35 1.95
N ASP E 264 -12.33 -0.92 1.45
CA ASP E 264 -11.53 -1.86 2.20
C ASP E 264 -10.39 -1.14 2.91
N VAL E 265 -9.97 -1.70 4.04
CA VAL E 265 -8.83 -1.14 4.76
C VAL E 265 -7.55 -1.26 3.93
N ILE E 266 -7.48 -2.28 3.07
CA ILE E 266 -6.30 -2.44 2.22
C ILE E 266 -6.15 -1.25 1.29
N SER E 267 -7.25 -0.82 0.68
CA SER E 267 -7.22 0.37 -0.18
C SER E 267 -6.89 1.61 0.63
N MET E 268 -7.45 1.72 1.83
CA MET E 268 -7.16 2.87 2.67
C MET E 268 -5.68 2.99 2.98
N MET E 269 -5.05 1.88 3.35
CA MET E 269 -3.62 1.89 3.62
C MET E 269 -2.82 2.14 2.35
N GLY E 270 -3.26 1.58 1.22
CA GLY E 270 -2.55 1.79 -0.02
C GLY E 270 -2.55 3.24 -0.46
N GLN E 271 -3.65 3.95 -0.19
CA GLN E 271 -3.73 5.35 -0.62
C GLN E 271 -3.21 6.33 0.43
N LEU E 272 -3.23 5.96 1.72
CA LEU E 272 -2.62 6.84 2.70
C LEU E 272 -1.11 6.67 2.73
N LEU E 273 -0.62 5.50 2.35
CA LEU E 273 0.76 5.37 1.93
C LEU E 273 0.94 6.07 0.59
N LYS E 274 2.16 6.58 0.36
CA LYS E 274 2.55 7.40 -0.79
C LYS E 274 1.42 8.35 -1.21
N PRO E 275 1.12 9.37 -0.39
CA PRO E 275 -0.02 10.24 -0.69
C PRO E 275 0.28 11.32 -1.72
N LYS E 276 1.51 11.83 -1.72
CA LYS E 276 1.84 13.00 -2.53
C LYS E 276 1.91 12.62 -4.01
N LYS E 277 1.96 13.65 -4.84
CA LYS E 277 2.11 13.44 -6.28
C LYS E 277 3.46 12.82 -6.59
N THR E 278 3.51 12.06 -7.67
CA THR E 278 4.72 11.39 -8.09
C THR E 278 5.03 11.74 -9.53
N GLU E 279 6.30 11.60 -9.89
CA GLU E 279 6.77 11.87 -11.25
C GLU E 279 6.47 10.65 -12.11
N ILE E 280 5.32 10.68 -12.79
CA ILE E 280 4.92 9.58 -13.65
C ILE E 280 5.94 9.39 -14.76
N THR E 281 6.30 8.14 -15.03
CA THR E 281 7.31 7.84 -16.02
C THR E 281 6.71 7.76 -17.41
N GLU E 282 7.60 7.79 -18.41
CA GLU E 282 7.15 7.65 -19.79
C GLU E 282 6.60 6.26 -20.07
N LYS E 283 7.07 5.24 -19.35
CA LYS E 283 6.59 3.89 -19.58
C LYS E 283 5.11 3.75 -19.28
N LEU E 284 4.66 4.35 -18.18
CA LEU E 284 3.24 4.30 -17.85
C LEU E 284 2.41 5.00 -18.91
N ARG E 285 2.88 6.15 -19.40
CA ARG E 285 2.15 6.85 -20.44
C ARG E 285 2.09 6.04 -21.73
N GLN E 286 3.19 5.38 -22.09
CA GLN E 286 3.20 4.55 -23.30
C GLN E 286 2.24 3.38 -23.16
N GLU E 287 2.22 2.73 -22.00
CA GLU E 287 1.30 1.61 -21.80
C GLU E 287 -0.15 2.08 -21.81
N VAL E 288 -0.41 3.24 -21.21
CA VAL E 288 -1.76 3.80 -21.24
C VAL E 288 -2.17 4.12 -22.68
N ASN E 289 -1.24 4.64 -23.47
CA ASN E 289 -1.53 4.91 -24.87
C ASN E 289 -1.84 3.63 -25.63
N LYS E 290 -1.11 2.56 -25.35
CA LYS E 290 -1.42 1.28 -25.99
C LYS E 290 -2.80 0.79 -25.59
N VAL E 291 -3.16 0.95 -24.30
CA VAL E 291 -4.49 0.53 -23.85
C VAL E 291 -5.57 1.34 -24.56
N VAL E 292 -5.36 2.64 -24.69
CA VAL E 292 -6.36 3.49 -25.35
C VAL E 292 -6.46 3.14 -26.82
N ALA E 293 -5.34 2.82 -27.46
CA ALA E 293 -5.38 2.39 -28.85
C ALA E 293 -6.15 1.10 -29.01
N LYS E 294 -5.97 0.16 -28.09
CA LYS E 294 -6.76 -1.07 -28.11
C LYS E 294 -8.25 -0.76 -27.95
N TYR E 295 -8.59 0.14 -27.03
CA TYR E 295 -9.99 0.49 -26.81
C TYR E 295 -10.61 1.11 -28.05
N ILE E 296 -9.89 2.03 -28.70
CA ILE E 296 -10.40 2.65 -29.91
C ILE E 296 -10.55 1.63 -31.02
N ASP E 297 -9.57 0.75 -31.18
CA ASP E 297 -9.62 -0.25 -32.24
C ASP E 297 -10.82 -1.16 -32.07
N GLN E 298 -11.15 -1.53 -30.83
CA GLN E 298 -12.33 -2.33 -30.58
C GLN E 298 -13.62 -1.55 -30.78
N GLY E 299 -13.54 -0.24 -30.98
CA GLY E 299 -14.70 0.58 -31.20
C GLY E 299 -15.43 1.01 -29.94
N VAL E 300 -14.96 0.58 -28.77
CA VAL E 300 -15.64 0.91 -27.52
C VAL E 300 -15.32 2.33 -27.05
N ALA E 301 -14.32 2.97 -27.64
CA ALA E 301 -13.91 4.30 -27.21
C ALA E 301 -13.68 5.18 -28.43
N GLU E 302 -13.84 6.49 -28.22
CA GLU E 302 -13.51 7.49 -29.22
C GLU E 302 -12.67 8.58 -28.57
N LEU E 303 -11.79 9.18 -29.36
CA LEU E 303 -10.85 10.18 -28.87
C LEU E 303 -11.35 11.58 -29.18
N ILE E 304 -11.21 12.48 -28.22
CA ILE E 304 -11.61 13.88 -28.38
C ILE E 304 -10.45 14.77 -27.99
N PRO E 305 -9.49 15.02 -28.87
CA PRO E 305 -8.41 15.96 -28.54
C PRO E 305 -8.96 17.34 -28.25
N GLY E 306 -8.35 18.01 -27.28
CA GLY E 306 -8.82 19.28 -26.78
C GLY E 306 -7.75 20.36 -26.83
N VAL E 307 -7.91 21.35 -25.97
CA VAL E 307 -7.11 22.56 -25.98
C VAL E 307 -6.53 22.79 -24.59
N LEU E 308 -5.26 23.17 -24.54
CA LEU E 308 -4.61 23.61 -23.31
C LEU E 308 -4.31 25.10 -23.43
N PHE E 309 -4.88 25.89 -22.54
CA PHE E 309 -4.74 27.33 -22.56
C PHE E 309 -3.83 27.77 -21.41
N ILE E 310 -2.69 28.35 -21.75
CA ILE E 310 -1.73 28.81 -20.76
C ILE E 310 -1.69 30.34 -20.88
N ASP E 311 -2.33 31.02 -19.94
CA ASP E 311 -2.36 32.47 -19.91
C ASP E 311 -1.15 33.01 -19.15
N GLU E 312 -0.70 34.19 -19.56
CA GLU E 312 0.48 34.83 -19.00
C GLU E 312 1.70 33.90 -19.11
N VAL E 313 2.00 33.54 -20.36
CA VAL E 313 3.08 32.59 -20.63
C VAL E 313 4.44 33.15 -20.28
N ASN E 314 4.56 34.47 -20.13
CA ASN E 314 5.84 35.08 -19.82
C ASN E 314 6.34 34.75 -18.42
N MET E 315 5.48 34.22 -17.54
CA MET E 315 5.92 33.82 -16.21
C MET E 315 6.73 32.53 -16.23
N LEU E 316 6.67 31.78 -17.32
CA LEU E 316 7.40 30.51 -17.42
C LEU E 316 8.91 30.75 -17.48
N ASP E 317 9.65 29.85 -16.86
CA ASP E 317 11.10 29.87 -16.91
C ASP E 317 11.60 29.23 -18.20
N ILE E 318 12.91 29.36 -18.43
CA ILE E 318 13.48 28.86 -19.68
C ILE E 318 13.39 27.34 -19.75
N GLU E 319 13.44 26.65 -18.61
CA GLU E 319 13.32 25.20 -18.60
C GLU E 319 11.94 24.74 -19.07
N ILE E 320 10.88 25.45 -18.63
CA ILE E 320 9.53 25.07 -19.05
C ILE E 320 9.38 25.23 -20.55
N PHE E 321 9.89 26.33 -21.10
CA PHE E 321 9.84 26.53 -22.55
C PHE E 321 10.65 25.45 -23.27
N THR E 322 11.81 25.11 -22.73
CA THR E 322 12.66 24.10 -23.36
C THR E 322 11.98 22.74 -23.39
N TYR E 323 11.30 22.37 -22.30
CA TYR E 323 10.57 21.11 -22.32
C TYR E 323 9.32 21.20 -23.18
N LEU E 324 8.70 22.37 -23.25
CA LEU E 324 7.55 22.57 -24.11
C LEU E 324 7.92 22.37 -25.57
N ASN E 325 9.17 22.67 -25.92
CA ASN E 325 9.66 22.38 -27.27
C ASN E 325 9.59 20.88 -27.56
N LYS E 326 10.02 20.06 -26.60
CA LYS E 326 10.01 18.62 -26.81
C LYS E 326 8.61 18.05 -26.70
N ALA E 327 7.81 18.57 -25.77
CA ALA E 327 6.47 18.03 -25.55
C ALA E 327 5.55 18.26 -26.73
N LEU E 328 5.76 19.34 -27.48
CA LEU E 328 4.92 19.61 -28.64
C LEU E 328 5.18 18.61 -29.77
N GLU E 329 6.37 18.02 -29.81
CA GLU E 329 6.71 17.05 -30.84
C GLU E 329 6.10 15.68 -30.58
N SER E 330 5.47 15.48 -29.43
CA SER E 330 4.81 14.21 -29.15
C SER E 330 3.64 14.01 -30.10
N ASN E 331 3.44 12.76 -30.52
CA ASN E 331 2.40 12.46 -31.50
C ASN E 331 1.00 12.53 -30.91
N ILE E 332 0.86 12.59 -29.59
CA ILE E 332 -0.44 12.74 -28.94
C ILE E 332 -0.35 13.97 -28.03
N ALA E 333 -0.73 15.12 -28.56
CA ALA E 333 -0.66 16.38 -27.82
C ALA E 333 -1.84 17.26 -28.22
N PRO E 334 -2.29 18.12 -27.32
CA PRO E 334 -3.41 19.02 -27.62
C PRO E 334 -2.94 20.26 -28.37
N VAL E 335 -3.91 21.10 -28.71
CA VAL E 335 -3.64 22.36 -29.43
C VAL E 335 -3.45 23.41 -28.35
N VAL E 336 -2.21 23.61 -27.93
CA VAL E 336 -1.93 24.52 -26.82
C VAL E 336 -1.98 25.96 -27.34
N VAL E 337 -2.71 26.81 -26.62
CA VAL E 337 -2.84 28.23 -26.95
C VAL E 337 -2.18 29.03 -25.83
N LEU E 338 -1.36 30.00 -26.21
CA LEU E 338 -0.59 30.80 -25.27
C LEU E 338 -0.94 32.27 -25.44
N ALA E 339 -0.89 33.01 -24.33
CA ALA E 339 -1.21 34.42 -24.33
C ALA E 339 -0.16 35.19 -23.54
N SER E 340 0.26 36.32 -24.08
CA SER E 340 1.23 37.18 -23.42
C SER E 340 0.91 38.64 -23.76
N ASN E 341 1.33 39.53 -22.88
CA ASN E 341 1.13 40.96 -23.05
C ASN E 341 2.42 41.72 -22.81
N ARG E 342 3.54 41.19 -23.27
CA ARG E 342 4.84 41.80 -23.07
C ARG E 342 5.59 41.85 -24.40
N GLY E 343 6.44 42.87 -24.53
CA GLY E 343 7.19 43.06 -25.75
C GLY E 343 8.65 43.38 -25.51
N MET E 344 9.53 42.65 -26.20
CA MET E 344 10.99 42.82 -26.06
C MET E 344 11.44 42.63 -24.62
N THR E 345 10.69 41.84 -23.85
CA THR E 345 11.04 41.56 -22.47
C THR E 345 12.04 40.40 -22.41
N THR E 346 12.95 40.48 -21.45
CA THR E 346 13.89 39.40 -21.23
C THR E 346 13.17 38.17 -20.68
N VAL E 347 13.70 37.00 -21.01
CA VAL E 347 13.09 35.75 -20.61
C VAL E 347 13.50 35.43 -19.18
N ARG E 348 12.53 35.03 -18.37
CA ARG E 348 12.80 34.68 -16.98
C ARG E 348 13.78 33.50 -16.92
N GLY E 349 14.70 33.57 -15.98
CA GLY E 349 15.77 32.59 -15.87
C GLY E 349 17.03 32.99 -16.58
N THR E 350 16.92 33.36 -17.85
CA THR E 350 18.06 33.89 -18.58
C THR E 350 18.32 35.33 -18.18
N GLU E 351 19.52 35.81 -18.50
CA GLU E 351 19.93 37.16 -18.17
C GLU E 351 20.21 38.04 -19.37
N ASP E 352 20.31 37.48 -20.57
CA ASP E 352 20.68 38.29 -21.74
C ASP E 352 19.88 37.93 -22.99
N VAL E 353 18.77 37.20 -22.85
CA VAL E 353 17.97 36.79 -24.00
C VAL E 353 16.76 37.71 -24.05
N ILE E 354 16.77 38.66 -24.98
CA ILE E 354 15.62 39.51 -25.24
C ILE E 354 14.78 38.86 -26.33
N SER E 355 13.51 38.65 -26.05
CA SER E 355 12.61 37.88 -26.88
C SER E 355 11.38 38.70 -27.22
N PRO E 356 10.68 38.38 -28.32
CA PRO E 356 9.56 39.23 -28.74
C PRO E 356 8.47 39.39 -27.71
N HIS E 357 8.14 38.33 -26.96
CA HIS E 357 7.06 38.38 -26.00
C HIS E 357 7.43 37.69 -24.70
N GLY E 358 8.72 37.63 -24.38
CA GLY E 358 9.17 36.80 -23.28
C GLY E 358 9.27 35.33 -23.61
N VAL E 359 9.05 34.96 -24.87
CA VAL E 359 9.11 33.59 -25.34
C VAL E 359 10.39 33.41 -26.14
N PRO E 360 11.25 32.45 -25.80
CA PRO E 360 12.51 32.31 -26.52
C PRO E 360 12.27 31.98 -27.98
N PRO E 361 13.19 32.33 -28.86
CA PRO E 361 12.98 32.11 -30.29
C PRO E 361 12.77 30.66 -30.67
N ASP E 362 13.30 29.71 -29.89
CA ASP E 362 13.11 28.31 -30.22
C ASP E 362 11.63 27.92 -30.19
N LEU E 363 10.90 28.40 -29.19
CA LEU E 363 9.47 28.12 -29.13
C LEU E 363 8.67 28.96 -30.11
N ILE E 364 9.12 30.19 -30.38
CA ILE E 364 8.39 31.08 -31.29
C ILE E 364 8.27 30.44 -32.66
N ASP E 365 9.33 29.78 -33.13
CA ASP E 365 9.30 29.13 -34.42
C ASP E 365 8.28 28.00 -34.48
N ARG E 366 7.87 27.46 -33.33
CA ARG E 366 6.86 26.43 -33.25
C ARG E 366 5.45 26.98 -33.20
N LEU E 367 5.28 28.29 -33.15
CA LEU E 367 4.01 28.94 -32.87
C LEU E 367 3.53 29.73 -34.08
N LEU E 368 2.22 29.95 -34.13
CA LEU E 368 1.61 30.89 -35.06
C LEU E 368 1.00 32.03 -34.25
N ILE E 369 1.38 33.26 -34.55
CA ILE E 369 1.03 34.40 -33.73
C ILE E 369 -0.22 35.07 -34.28
N VAL E 370 -1.21 35.24 -33.41
CA VAL E 370 -2.43 35.97 -33.73
C VAL E 370 -2.35 37.31 -33.01
N ARG E 371 -2.24 38.39 -33.76
CA ARG E 371 -2.09 39.71 -33.18
C ARG E 371 -3.44 40.28 -32.79
N THR E 372 -3.49 40.92 -31.62
CA THR E 372 -4.72 41.48 -31.10
C THR E 372 -4.55 42.98 -30.97
N LEU E 373 -5.51 43.74 -31.48
CA LEU E 373 -5.34 45.17 -31.70
C LEU E 373 -6.13 45.99 -30.69
N PRO E 374 -5.68 47.21 -30.37
CA PRO E 374 -6.40 48.03 -29.40
C PRO E 374 -7.77 48.47 -29.94
N TYR E 375 -8.51 49.14 -29.07
CA TYR E 375 -9.88 49.56 -29.35
C TYR E 375 -9.97 51.07 -29.44
N ASP E 376 -10.75 51.55 -30.40
CA ASP E 376 -10.99 52.97 -30.55
C ASP E 376 -12.14 53.39 -29.62
N LYS E 377 -12.60 54.64 -29.75
CA LYS E 377 -13.59 55.15 -28.82
C LYS E 377 -14.96 54.53 -29.03
N ASP E 378 -15.37 54.35 -30.29
CA ASP E 378 -16.70 53.83 -30.56
C ASP E 378 -16.85 52.40 -30.04
N GLU E 379 -15.83 51.56 -30.27
CA GLU E 379 -15.90 50.20 -29.78
C GLU E 379 -15.86 50.13 -28.26
N ILE E 380 -15.11 51.03 -27.63
CA ILE E 380 -15.13 51.11 -26.17
C ILE E 380 -16.53 51.46 -25.68
N ARG E 381 -17.17 52.41 -26.36
CA ARG E 381 -18.52 52.81 -25.99
C ARG E 381 -19.48 51.62 -26.10
N THR E 382 -19.40 50.87 -27.21
CA THR E 382 -20.27 49.72 -27.37
C THR E 382 -20.00 48.64 -26.33
N ILE E 383 -18.73 48.42 -25.99
CA ILE E 383 -18.38 47.42 -24.98
C ILE E 383 -18.96 47.81 -23.63
N ILE E 384 -18.82 49.08 -23.25
CA ILE E 384 -19.39 49.55 -22.00
C ILE E 384 -20.90 49.38 -22.00
N GLU E 385 -21.54 49.73 -23.12
CA GLU E 385 -23.00 49.57 -23.23
C GLU E 385 -23.41 48.12 -23.00
N ARG E 386 -22.72 47.19 -23.64
CA ARG E 386 -23.12 45.79 -23.53
C ARG E 386 -22.83 45.24 -22.14
N ARG E 387 -21.71 45.65 -21.53
CA ARG E 387 -21.41 45.24 -20.16
C ARG E 387 -22.49 45.74 -19.20
N ALA E 388 -22.94 46.98 -19.40
CA ALA E 388 -24.02 47.49 -18.58
C ALA E 388 -25.30 46.70 -18.79
N THR E 389 -25.59 46.35 -20.04
CA THR E 389 -26.78 45.55 -20.33
C THR E 389 -26.71 44.18 -19.66
N VAL E 390 -25.51 43.59 -19.57
CA VAL E 390 -25.38 42.26 -19.00
C VAL E 390 -25.62 42.28 -17.49
N GLU E 391 -25.08 43.28 -16.80
CA GLU E 391 -25.20 43.34 -15.35
C GLU E 391 -26.53 43.91 -14.87
N ARG E 392 -27.50 44.05 -15.77
CA ARG E 392 -28.82 44.60 -15.43
C ARG E 392 -28.69 46.00 -14.84
N LEU E 393 -28.01 46.89 -15.57
CA LEU E 393 -27.92 48.30 -15.23
C LEU E 393 -28.50 49.15 -16.36
N GLN E 394 -29.00 50.33 -15.99
CA GLN E 394 -29.54 51.30 -16.92
C GLN E 394 -28.64 52.53 -16.91
N VAL E 395 -28.10 52.87 -18.08
CA VAL E 395 -27.14 53.97 -18.20
C VAL E 395 -27.69 54.99 -19.18
N GLU E 396 -27.75 56.24 -18.74
CA GLU E 396 -28.18 57.33 -19.61
C GLU E 396 -27.13 57.59 -20.68
N SER E 397 -27.58 58.07 -21.84
CA SER E 397 -26.69 58.23 -22.98
C SER E 397 -25.56 59.21 -22.69
N SER E 398 -25.86 60.33 -22.03
CA SER E 398 -24.81 61.29 -21.70
C SER E 398 -23.84 60.72 -20.67
N ALA E 399 -24.37 60.05 -19.65
CA ALA E 399 -23.51 59.42 -18.66
C ALA E 399 -22.67 58.32 -19.30
N LEU E 400 -23.25 57.57 -20.23
CA LEU E 400 -22.49 56.53 -20.90
C LEU E 400 -21.41 57.13 -21.79
N ASP E 401 -21.69 58.29 -22.40
CA ASP E 401 -20.66 58.98 -23.17
C ASP E 401 -19.52 59.45 -22.27
N LEU E 402 -19.85 59.98 -21.10
CA LEU E 402 -18.80 60.37 -20.15
C LEU E 402 -17.98 59.17 -19.71
N LEU E 403 -18.65 58.05 -19.44
CA LEU E 403 -17.93 56.85 -19.04
C LEU E 403 -17.02 56.36 -20.15
N ALA E 404 -17.49 56.42 -21.40
CA ALA E 404 -16.67 56.02 -22.53
C ALA E 404 -15.47 56.93 -22.70
N THR E 405 -15.67 58.25 -22.56
CA THR E 405 -14.54 59.16 -22.75
C THR E 405 -13.53 59.04 -21.62
N MET E 406 -13.99 58.73 -20.40
CA MET E 406 -13.03 58.52 -19.32
C MET E 406 -12.33 57.17 -19.44
N GLY E 407 -13.00 56.17 -20.04
CA GLY E 407 -12.31 54.93 -20.34
C GLY E 407 -11.25 55.11 -21.42
N THR E 408 -11.57 55.92 -22.44
CA THR E 408 -10.57 56.28 -23.44
C THR E 408 -9.41 57.02 -22.80
N GLU E 409 -9.71 57.95 -21.88
CA GLU E 409 -8.65 58.73 -21.25
C GLU E 409 -7.76 57.88 -20.35
N THR E 410 -8.36 56.99 -19.54
CA THR E 410 -7.60 56.23 -18.55
C THR E 410 -7.44 54.76 -18.92
N SER E 411 -8.53 54.01 -19.07
CA SER E 411 -8.44 52.58 -19.32
C SER E 411 -9.83 52.03 -19.58
N LEU E 412 -9.90 51.00 -20.43
CA LEU E 412 -11.18 50.36 -20.70
C LEU E 412 -11.68 49.56 -19.50
N ARG E 413 -10.79 48.77 -18.88
CA ARG E 413 -11.20 48.02 -17.72
C ARG E 413 -11.59 48.94 -16.56
N TYR E 414 -10.92 50.08 -16.44
CA TYR E 414 -11.30 51.04 -15.41
C TYR E 414 -12.74 51.49 -15.63
N ALA E 415 -13.11 51.79 -16.87
CA ALA E 415 -14.48 52.15 -17.16
C ALA E 415 -15.43 50.99 -16.89
N LEU E 416 -14.98 49.76 -17.12
CA LEU E 416 -15.84 48.61 -16.89
C LEU E 416 -16.12 48.39 -15.41
N GLN E 417 -15.10 48.57 -14.55
CA GLN E 417 -15.30 48.38 -13.12
C GLN E 417 -16.07 49.52 -12.47
N LEU E 418 -16.12 50.69 -13.10
CA LEU E 418 -16.87 51.81 -12.52
C LEU E 418 -18.38 51.60 -12.58
N LEU E 419 -18.86 50.61 -13.33
CA LEU E 419 -20.30 50.45 -13.52
C LEU E 419 -21.00 50.05 -12.23
N ALA E 420 -20.45 49.07 -11.52
CA ALA E 420 -21.07 48.60 -10.29
C ALA E 420 -21.14 49.67 -9.20
N PRO E 421 -20.06 50.41 -8.90
CA PRO E 421 -20.21 51.51 -7.94
C PRO E 421 -21.21 52.56 -8.38
N CYS E 422 -21.29 52.85 -9.68
CA CYS E 422 -22.29 53.79 -10.17
C CYS E 422 -23.70 53.29 -9.91
N GLY E 423 -23.93 51.99 -10.15
CA GLY E 423 -25.24 51.43 -9.88
C GLY E 423 -25.58 51.43 -8.41
N ILE E 424 -24.59 51.17 -7.55
CA ILE E 424 -24.83 51.21 -6.11
C ILE E 424 -25.16 52.62 -5.67
N LEU E 425 -24.44 53.62 -6.19
CA LEU E 425 -24.72 55.01 -5.84
C LEU E 425 -26.11 55.42 -6.31
N ALA E 426 -26.49 55.01 -7.52
CA ALA E 426 -27.82 55.35 -8.03
C ALA E 426 -28.91 54.73 -7.18
N GLN E 427 -28.71 53.48 -6.76
CA GLN E 427 -29.71 52.82 -5.93
C GLN E 427 -29.86 53.51 -4.58
N THR E 428 -28.75 54.00 -4.02
CA THR E 428 -28.82 54.69 -2.74
C THR E 428 -29.60 55.99 -2.82
N SER E 429 -29.75 56.55 -4.01
CA SER E 429 -30.52 57.77 -4.22
C SER E 429 -31.93 57.49 -4.72
N ASN E 430 -32.39 56.23 -4.62
CA ASN E 430 -33.72 55.82 -5.08
C ASN E 430 -33.92 56.11 -6.56
N ARG E 431 -32.87 55.93 -7.35
CA ARG E 431 -32.91 56.19 -8.78
C ARG E 431 -32.39 54.96 -9.53
N LYS E 432 -33.11 54.55 -10.57
CA LYS E 432 -32.74 53.35 -11.30
C LYS E 432 -31.62 53.61 -12.30
N GLU E 433 -31.87 54.49 -13.26
CA GLU E 433 -30.91 54.74 -14.32
C GLU E 433 -29.71 55.51 -13.79
N ILE E 434 -28.53 55.20 -14.33
CA ILE E 434 -27.30 55.87 -13.92
C ILE E 434 -27.24 57.24 -14.58
N VAL E 435 -26.89 58.26 -13.79
CA VAL E 435 -26.79 59.62 -14.28
C VAL E 435 -25.34 60.07 -14.21
N VAL E 436 -25.07 61.25 -14.76
CA VAL E 436 -23.71 61.77 -14.81
C VAL E 436 -23.18 62.06 -13.42
N ASN E 437 -24.04 62.55 -12.52
CA ASN E 437 -23.60 62.89 -11.18
C ASN E 437 -23.13 61.65 -10.42
N ASP E 438 -23.83 60.53 -10.57
CA ASP E 438 -23.39 59.30 -9.93
C ASP E 438 -22.03 58.86 -10.46
N VAL E 439 -21.81 59.01 -11.76
CA VAL E 439 -20.52 58.64 -12.33
C VAL E 439 -19.42 59.54 -11.79
N ASN E 440 -19.69 60.83 -11.66
CA ASN E 440 -18.69 61.74 -11.12
C ASN E 440 -18.38 61.40 -9.67
N GLU E 441 -19.40 61.08 -8.88
CA GLU E 441 -19.17 60.69 -7.49
C GLU E 441 -18.33 59.42 -7.41
N ALA E 442 -18.64 58.44 -8.26
CA ALA E 442 -17.86 57.20 -8.27
C ALA E 442 -16.41 57.47 -8.68
N LYS E 443 -16.21 58.39 -9.62
CA LYS E 443 -14.84 58.76 -10.01
C LYS E 443 -14.10 59.42 -8.85
N LEU E 444 -14.78 60.30 -8.10
CA LEU E 444 -14.12 60.95 -6.99
C LEU E 444 -13.83 59.97 -5.85
N LEU E 445 -14.63 58.92 -5.72
CA LEU E 445 -14.40 57.95 -4.65
C LEU E 445 -13.27 56.99 -5.01
N PHE E 446 -13.35 56.35 -6.17
CA PHE E 446 -12.38 55.36 -6.61
C PHE E 446 -11.50 55.95 -7.69
N LEU E 447 -10.19 55.71 -7.59
CA LEU E 447 -9.21 56.34 -8.46
C LEU E 447 -8.58 55.33 -9.40
N ASP E 448 -7.90 55.86 -10.42
CA ASP E 448 -7.16 55.07 -11.38
C ASP E 448 -5.69 54.98 -10.96
N ALA E 449 -4.93 54.16 -11.69
CA ALA E 449 -3.51 54.01 -11.38
C ALA E 449 -2.76 55.32 -11.57
N LYS E 450 -3.05 56.04 -12.66
CA LYS E 450 -2.37 57.31 -12.92
C LYS E 450 -2.67 58.34 -11.85
N ARG E 451 -3.93 58.45 -11.44
CA ARG E 451 -4.29 59.43 -10.42
C ARG E 451 -3.66 59.09 -9.08
N SER E 452 -3.65 57.82 -8.71
CA SER E 452 -3.02 57.42 -7.45
C SER E 452 -1.52 57.69 -7.47
N THR E 453 -0.86 57.38 -8.61
CA THR E 453 0.56 57.68 -8.72
C THR E 453 0.82 59.18 -8.64
N LYS E 454 -0.04 59.99 -9.27
CA LYS E 454 0.11 61.44 -9.18
C LYS E 454 -0.04 61.92 -7.75
N ILE E 455 -0.99 61.35 -7.01
CA ILE E 455 -1.15 61.69 -5.60
C ILE E 455 0.10 61.30 -4.83
N LEU E 456 0.69 60.16 -5.16
CA LEU E 456 1.94 59.75 -4.51
C LEU E 456 3.06 60.75 -4.77
N GLU E 457 3.14 61.26 -6.01
CA GLU E 457 4.15 62.25 -6.36
C GLU E 457 3.94 63.55 -5.59
N LEU F 17 -13.70 34.62 22.67
CA LEU F 17 -12.42 34.80 23.35
C LEU F 17 -11.61 35.92 22.70
N SER F 18 -11.54 37.06 23.38
CA SER F 18 -10.84 38.21 22.83
C SER F 18 -10.34 39.10 23.96
N LEU F 19 -9.37 39.93 23.64
CA LEU F 19 -8.83 40.94 24.54
C LEU F 19 -8.89 42.29 23.84
N ILE F 20 -8.56 43.34 24.57
CA ILE F 20 -8.57 44.69 23.99
C ILE F 20 -7.40 44.78 23.01
N ALA F 21 -7.70 44.76 21.73
CA ALA F 21 -6.71 44.80 20.66
C ALA F 21 -6.72 46.18 20.02
N ALA F 22 -5.91 46.32 18.96
CA ALA F 22 -5.75 47.62 18.31
C ALA F 22 -7.04 48.09 17.67
N HIS F 23 -7.75 47.21 16.98
CA HIS F 23 -8.97 47.57 16.26
C HIS F 23 -10.22 47.09 16.98
N SER F 24 -10.14 46.84 18.28
CA SER F 24 -11.29 46.36 19.03
C SER F 24 -12.34 47.43 19.27
N HIS F 25 -12.04 48.69 18.95
CA HIS F 25 -12.92 49.79 19.27
C HIS F 25 -13.90 50.13 18.16
N ILE F 26 -13.84 49.44 17.02
CA ILE F 26 -14.70 49.74 15.88
C ILE F 26 -15.64 48.58 15.65
N THR F 27 -16.94 48.89 15.58
CA THR F 27 -17.99 47.90 15.39
C THR F 27 -18.65 48.01 14.02
N GLY F 28 -18.10 48.81 13.13
CA GLY F 28 -18.67 48.93 11.80
C GLY F 28 -18.13 50.18 11.12
N LEU F 29 -18.68 50.42 9.92
CA LEU F 29 -18.27 51.57 9.14
C LEU F 29 -18.96 52.86 9.55
N GLY F 30 -20.04 52.77 10.32
CA GLY F 30 -20.74 53.96 10.77
C GLY F 30 -21.31 54.80 9.66
N LEU F 31 -22.31 54.29 8.95
CA LEU F 31 -22.91 54.97 7.82
C LEU F 31 -24.40 55.11 8.02
N ASP F 32 -24.97 56.11 7.36
CA ASP F 32 -26.42 56.32 7.39
C ASP F 32 -27.09 55.41 6.36
N GLU F 33 -28.42 55.57 6.23
CA GLU F 33 -29.15 54.78 5.26
C GLU F 33 -28.81 55.15 3.82
N ASN F 34 -28.23 56.33 3.60
CA ASN F 34 -27.84 56.78 2.28
C ASN F 34 -26.32 56.72 2.07
N LEU F 35 -25.63 55.90 2.85
CA LEU F 35 -24.19 55.68 2.74
C LEU F 35 -23.38 56.94 2.97
N GLN F 36 -23.95 57.92 3.67
CA GLN F 36 -23.21 59.13 4.03
C GLN F 36 -22.49 58.90 5.35
N PRO F 37 -21.17 58.97 5.40
CA PRO F 37 -20.45 58.66 6.64
C PRO F 37 -20.76 59.69 7.72
N ARG F 38 -21.13 59.20 8.90
CA ARG F 38 -21.32 60.06 10.04
C ARG F 38 -19.98 60.63 10.50
N PRO F 39 -19.99 61.79 11.14
CA PRO F 39 -18.71 62.34 11.64
C PRO F 39 -17.99 61.41 12.60
N THR F 40 -18.72 60.69 13.44
CA THR F 40 -18.10 59.71 14.33
C THR F 40 -19.19 58.73 14.77
N SER F 41 -19.08 57.49 14.31
CA SER F 41 -20.09 56.48 14.65
C SER F 41 -19.45 55.10 14.52
N GLU F 42 -19.86 54.20 15.40
CA GLU F 42 -19.42 52.80 15.41
C GLU F 42 -17.91 52.68 15.57
N GLY F 43 -17.25 53.71 16.11
CA GLY F 43 -15.84 53.65 16.42
C GLY F 43 -14.93 54.34 15.44
N MET F 44 -15.42 54.68 14.25
CA MET F 44 -14.58 55.28 13.21
C MET F 44 -14.73 56.80 13.24
N VAL F 45 -13.62 57.49 12.99
CA VAL F 45 -13.57 58.94 12.99
C VAL F 45 -12.96 59.41 11.68
N GLY F 46 -13.62 60.37 11.03
CA GLY F 46 -13.07 60.95 9.82
C GLY F 46 -13.05 59.96 8.68
N GLN F 47 -12.11 60.17 7.75
CA GLN F 47 -11.95 59.32 6.58
C GLN F 47 -13.25 59.21 5.80
N LEU F 48 -13.89 60.36 5.58
CA LEU F 48 -15.24 60.36 5.01
C LEU F 48 -15.26 59.78 3.60
N GLN F 49 -14.32 60.18 2.74
CA GLN F 49 -14.25 59.61 1.40
C GLN F 49 -13.95 58.12 1.47
N ALA F 50 -12.99 57.73 2.30
CA ALA F 50 -12.64 56.32 2.44
C ALA F 50 -13.81 55.51 2.98
N ARG F 51 -14.52 56.06 3.97
CA ARG F 51 -15.64 55.32 4.55
C ARG F 51 -16.80 55.21 3.56
N ARG F 52 -17.03 56.24 2.74
CA ARG F 52 -18.06 56.14 1.72
C ARG F 52 -17.71 55.09 0.68
N ALA F 53 -16.45 55.05 0.24
CA ALA F 53 -16.03 54.02 -0.69
C ALA F 53 -16.15 52.63 -0.08
N ALA F 54 -15.77 52.49 1.19
CA ALA F 54 -15.90 51.20 1.86
C ALA F 54 -17.36 50.79 1.96
N GLY F 55 -18.26 51.74 2.18
CA GLY F 55 -19.67 51.41 2.19
C GLY F 55 -20.19 50.99 0.84
N VAL F 56 -19.68 51.60 -0.22
CA VAL F 56 -20.05 51.17 -1.57
C VAL F 56 -19.60 49.73 -1.81
N ILE F 57 -18.37 49.42 -1.40
CA ILE F 57 -17.89 48.04 -1.55
C ILE F 57 -18.70 47.09 -0.68
N LEU F 58 -19.12 47.56 0.50
CA LEU F 58 -19.97 46.76 1.38
C LEU F 58 -21.30 46.42 0.70
N LYS F 59 -21.93 47.41 0.08
CA LYS F 59 -23.18 47.15 -0.64
C LYS F 59 -22.95 46.23 -1.82
N MET F 60 -21.80 46.37 -2.49
CA MET F 60 -21.47 45.47 -3.60
C MET F 60 -21.34 44.02 -3.13
N VAL F 61 -20.70 43.82 -1.97
CA VAL F 61 -20.59 42.48 -1.42
C VAL F 61 -21.96 41.95 -1.00
N GLN F 62 -22.78 42.79 -0.37
CA GLN F 62 -24.08 42.34 0.11
C GLN F 62 -25.03 42.03 -1.03
N ASN F 63 -24.89 42.70 -2.17
CA ASN F 63 -25.72 42.39 -3.32
C ASN F 63 -25.49 40.96 -3.80
N GLY F 64 -24.24 40.54 -3.86
CA GLY F 64 -23.91 39.19 -4.26
C GLY F 64 -23.92 38.93 -5.74
N THR F 65 -24.00 39.96 -6.57
CA THR F 65 -24.03 39.79 -8.01
C THR F 65 -22.69 40.03 -8.68
N ILE F 66 -21.96 41.06 -8.25
CA ILE F 66 -20.71 41.43 -8.89
C ILE F 66 -19.61 40.51 -8.35
N ALA F 67 -18.82 39.93 -9.25
CA ALA F 67 -17.87 38.89 -8.91
C ALA F 67 -16.46 39.30 -9.31
N GLY F 68 -15.50 39.00 -8.44
CA GLY F 68 -14.10 39.13 -8.77
C GLY F 68 -13.56 40.53 -8.89
N ARG F 69 -14.22 41.51 -8.28
CA ARG F 69 -13.69 42.86 -8.26
C ARG F 69 -12.50 42.94 -7.33
N ALA F 70 -11.57 43.83 -7.66
CA ALA F 70 -10.40 44.09 -6.85
C ALA F 70 -10.40 45.55 -6.41
N VAL F 71 -10.12 45.78 -5.13
CA VAL F 71 -10.12 47.12 -4.57
C VAL F 71 -8.86 47.30 -3.73
N LEU F 72 -8.20 48.44 -3.89
CA LEU F 72 -6.96 48.74 -3.21
C LEU F 72 -7.16 49.90 -2.24
N VAL F 73 -6.57 49.78 -1.06
CA VAL F 73 -6.59 50.84 -0.07
C VAL F 73 -5.15 51.32 0.10
N ALA F 74 -4.91 52.57 -0.27
CA ALA F 74 -3.58 53.14 -0.24
C ALA F 74 -3.56 54.37 0.65
N GLY F 75 -2.39 54.68 1.19
CA GLY F 75 -2.22 55.84 2.03
C GLY F 75 -1.04 55.70 2.96
N PRO F 76 -0.69 56.78 3.65
CA PRO F 76 0.44 56.74 4.58
C PRO F 76 0.16 55.80 5.74
N PRO F 77 1.18 55.43 6.51
CA PRO F 77 0.95 54.59 7.68
C PRO F 77 0.09 55.29 8.71
N SER F 78 -0.64 54.48 9.48
CA SER F 78 -1.50 54.96 10.57
C SER F 78 -2.66 55.81 10.06
N THR F 79 -3.06 55.60 8.81
CA THR F 79 -4.19 56.31 8.23
C THR F 79 -5.49 55.52 8.30
N GLY F 80 -5.47 54.34 8.90
CA GLY F 80 -6.71 53.61 9.14
C GLY F 80 -7.15 52.66 8.06
N LYS F 81 -6.22 52.12 7.26
CA LYS F 81 -6.63 51.20 6.21
C LYS F 81 -7.04 49.85 6.79
N THR F 82 -6.25 49.31 7.72
CA THR F 82 -6.66 48.08 8.40
C THR F 82 -7.89 48.33 9.26
N ALA F 83 -8.01 49.53 9.83
CA ALA F 83 -9.23 49.88 10.54
C ALA F 83 -10.41 49.89 9.59
N LEU F 84 -10.21 50.38 8.37
CA LEU F 84 -11.29 50.37 7.38
C LEU F 84 -11.70 48.94 7.05
N ALA F 85 -10.71 48.05 6.90
CA ALA F 85 -11.03 46.65 6.62
C ALA F 85 -11.78 46.00 7.78
N MET F 86 -11.37 46.30 9.01
CA MET F 86 -12.08 45.75 10.17
C MET F 86 -13.49 46.29 10.25
N GLY F 87 -13.68 47.56 9.91
CA GLY F 87 -15.02 48.11 9.86
C GLY F 87 -15.90 47.43 8.82
N VAL F 88 -15.33 47.16 7.65
CA VAL F 88 -16.08 46.43 6.62
C VAL F 88 -16.44 45.04 7.12
N SER F 89 -15.49 44.36 7.77
CA SER F 89 -15.75 43.03 8.30
C SER F 89 -16.86 43.05 9.36
N GLN F 90 -16.84 44.07 10.22
CA GLN F 90 -17.86 44.16 11.26
C GLN F 90 -19.22 44.48 10.68
N SER F 91 -19.27 45.34 9.64
CA SER F 91 -20.55 45.61 8.98
C SER F 91 -21.08 44.36 8.28
N LEU F 92 -20.18 43.58 7.69
CA LEU F 92 -20.59 42.30 7.10
C LEU F 92 -21.21 41.39 8.16
N GLY F 93 -20.60 41.35 9.35
CA GLY F 93 -21.08 40.50 10.41
C GLY F 93 -20.77 39.05 10.16
N LYS F 94 -21.41 38.19 10.94
CA LYS F 94 -21.31 36.77 10.71
C LYS F 94 -22.14 36.37 9.49
N ASP F 95 -21.98 35.12 9.07
CA ASP F 95 -22.63 34.50 7.92
C ASP F 95 -22.09 35.01 6.59
N VAL F 96 -21.21 36.00 6.59
CA VAL F 96 -20.54 36.44 5.36
C VAL F 96 -19.05 36.26 5.55
N PRO F 97 -18.42 35.35 4.83
CA PRO F 97 -17.01 35.02 5.11
C PRO F 97 -16.10 36.22 4.91
N PHE F 98 -15.09 36.31 5.78
CA PHE F 98 -14.06 37.33 5.69
C PHE F 98 -12.73 36.66 5.97
N THR F 99 -11.85 36.64 4.97
CA THR F 99 -10.56 35.96 5.07
C THR F 99 -9.47 37.03 5.12
N ALA F 100 -8.88 37.21 6.29
CA ALA F 100 -7.81 38.18 6.48
C ALA F 100 -6.48 37.43 6.47
N ILE F 101 -5.65 37.70 5.46
CA ILE F 101 -4.34 37.09 5.33
C ILE F 101 -3.30 38.17 5.10
N ALA F 102 -2.05 37.82 5.31
CA ALA F 102 -0.91 38.68 5.04
C ALA F 102 -0.16 38.17 3.82
N GLY F 103 0.61 39.07 3.21
CA GLY F 103 1.41 38.68 2.06
C GLY F 103 2.45 37.64 2.40
N SER F 104 2.90 37.59 3.66
CA SER F 104 3.89 36.62 4.06
C SER F 104 3.31 35.21 4.19
N GLU F 105 1.99 35.08 4.35
CA GLU F 105 1.39 33.78 4.60
C GLU F 105 1.38 32.90 3.36
N ILE F 106 1.47 33.48 2.17
CA ILE F 106 1.37 32.69 0.95
C ILE F 106 2.59 31.80 0.77
N PHE F 107 3.77 32.30 1.13
CA PHE F 107 5.01 31.58 0.86
C PHE F 107 5.17 30.40 1.80
N SER F 108 4.68 29.24 1.38
CA SER F 108 4.68 28.03 2.19
C SER F 108 5.74 27.06 1.68
N LEU F 109 5.87 25.95 2.40
CA LEU F 109 6.80 24.89 2.04
C LEU F 109 6.11 23.64 1.52
N GLU F 110 4.85 23.39 1.91
CA GLU F 110 4.12 22.23 1.45
C GLU F 110 3.22 22.52 0.26
N LEU F 111 2.92 23.79 0.00
CA LEU F 111 2.06 24.17 -1.11
C LEU F 111 2.73 25.25 -1.94
N SER F 112 2.33 25.32 -3.20
CA SER F 112 2.84 26.37 -4.09
C SER F 112 2.15 27.69 -3.79
N LYS F 113 2.74 28.77 -4.31
CA LYS F 113 2.14 30.09 -4.15
C LYS F 113 0.77 30.15 -4.81
N THR F 114 0.65 29.59 -6.01
CA THR F 114 -0.63 29.57 -6.69
C THR F 114 -1.65 28.73 -5.94
N GLU F 115 -1.22 27.61 -5.37
CA GLU F 115 -2.14 26.78 -4.60
C GLU F 115 -2.60 27.47 -3.32
N ALA F 116 -1.68 28.13 -2.62
CA ALA F 116 -2.06 28.85 -1.41
C ALA F 116 -3.02 29.98 -1.73
N LEU F 117 -2.77 30.71 -2.82
CA LEU F 117 -3.69 31.77 -3.22
C LEU F 117 -5.05 31.20 -3.62
N THR F 118 -5.06 30.05 -4.30
CA THR F 118 -6.33 29.42 -4.64
C THR F 118 -7.12 29.04 -3.40
N GLN F 119 -6.44 28.48 -2.39
CA GLN F 119 -7.12 28.11 -1.17
C GLN F 119 -7.62 29.34 -0.42
N ALA F 120 -6.85 30.42 -0.41
CA ALA F 120 -7.29 31.64 0.23
C ALA F 120 -8.50 32.24 -0.47
N PHE F 121 -8.51 32.20 -1.80
CA PHE F 121 -9.65 32.71 -2.55
C PHE F 121 -10.91 31.90 -2.28
N ARG F 122 -10.77 30.57 -2.24
CA ARG F 122 -11.94 29.72 -2.02
C ARG F 122 -12.44 29.76 -0.58
N LYS F 123 -11.59 30.19 0.35
CA LYS F 123 -12.02 30.31 1.75
C LYS F 123 -13.06 31.38 1.94
N SER F 124 -13.23 32.28 0.97
CA SER F 124 -14.11 33.43 1.11
C SER F 124 -15.49 33.20 0.51
N ILE F 125 -15.77 32.03 -0.05
CA ILE F 125 -17.08 31.71 -0.62
C ILE F 125 -17.72 30.66 0.26
N GLY F 126 -18.91 30.95 0.75
CA GLY F 126 -19.63 30.06 1.65
C GLY F 126 -20.81 29.41 0.96
N ILE F 127 -21.06 28.15 1.30
CA ILE F 127 -22.19 27.40 0.79
C ILE F 127 -23.07 27.01 1.97
N LYS F 128 -24.35 27.34 1.89
CA LYS F 128 -25.31 27.05 2.94
C LYS F 128 -26.33 26.05 2.42
N ILE F 129 -26.43 24.90 3.08
CA ILE F 129 -27.43 23.90 2.78
C ILE F 129 -28.34 23.79 3.98
N LYS F 130 -29.62 24.07 3.79
CA LYS F 130 -30.60 24.06 4.86
C LYS F 130 -31.34 22.73 4.87
N GLU F 131 -31.50 22.15 6.05
CA GLU F 131 -32.21 20.89 6.21
C GLU F 131 -33.24 21.01 7.31
N GLU F 132 -34.33 20.26 7.16
CA GLU F 132 -35.39 20.21 8.16
C GLU F 132 -35.30 18.88 8.90
N THR F 133 -35.24 18.97 10.23
CA THR F 133 -35.08 17.80 11.08
C THR F 133 -36.21 17.73 12.11
N GLU F 134 -36.57 16.51 12.48
CA GLU F 134 -37.59 16.26 13.49
C GLU F 134 -36.92 16.02 14.83
N LEU F 135 -37.38 16.73 15.85
CA LEU F 135 -36.79 16.67 17.17
C LEU F 135 -37.84 16.29 18.21
N ILE F 136 -37.53 15.31 19.03
CA ILE F 136 -38.37 14.90 20.15
C ILE F 136 -37.81 15.50 21.42
N GLU F 137 -38.64 16.24 22.14
CA GLU F 137 -38.23 16.91 23.37
C GLU F 137 -39.28 16.69 24.44
N GLY F 138 -38.83 16.42 25.66
CA GLY F 138 -39.76 16.19 26.75
C GLY F 138 -39.04 15.73 27.99
N GLU F 139 -39.82 15.62 29.06
CA GLU F 139 -39.32 15.15 30.35
C GLU F 139 -39.64 13.67 30.50
N VAL F 140 -38.62 12.87 30.80
CA VAL F 140 -38.80 11.43 30.90
C VAL F 140 -39.65 11.10 32.11
N VAL F 141 -40.52 10.11 31.96
CA VAL F 141 -41.32 9.61 33.07
C VAL F 141 -40.72 8.31 33.58
N GLU F 142 -40.67 7.30 32.70
CA GLU F 142 -40.10 6.01 33.04
C GLU F 142 -39.24 5.52 31.90
N ILE F 143 -38.05 5.02 32.22
CA ILE F 143 -37.19 4.34 31.27
C ILE F 143 -37.00 2.91 31.76
N GLN F 144 -37.02 1.97 30.82
CA GLN F 144 -36.95 0.55 31.20
C GLN F 144 -36.23 -0.19 30.08
N ILE F 145 -35.04 -0.70 30.38
CA ILE F 145 -34.24 -1.47 29.43
C ILE F 145 -34.05 -2.87 29.99
N ASP F 146 -34.51 -3.87 29.25
CA ASP F 146 -34.41 -5.27 29.66
C ASP F 146 -33.43 -5.97 28.73
N ARG F 147 -32.34 -6.48 29.30
CA ARG F 147 -31.31 -7.16 28.52
C ARG F 147 -30.96 -8.48 29.20
N SER F 148 -30.81 -9.52 28.38
CA SER F 148 -30.50 -10.84 28.90
C SER F 148 -29.00 -10.98 29.12
N ILE F 149 -28.62 -11.50 30.28
CA ILE F 149 -27.21 -11.78 30.55
C ILE F 149 -26.73 -12.89 29.63
N THR F 150 -25.54 -12.71 29.06
CA THR F 150 -24.99 -13.61 28.04
C THR F 150 -25.96 -13.77 26.86
N GLY F 151 -26.55 -12.66 26.44
CA GLY F 151 -27.45 -12.67 25.31
C GLY F 151 -27.46 -11.31 24.64
N GLY F 152 -27.70 -11.33 23.33
CA GLY F 152 -27.66 -10.11 22.55
C GLY F 152 -28.98 -9.39 22.38
N HIS F 153 -30.09 -10.02 22.77
CA HIS F 153 -31.40 -9.40 22.60
C HIS F 153 -31.65 -8.38 23.71
N LYS F 154 -32.04 -7.17 23.30
CA LYS F 154 -32.37 -6.11 24.24
C LYS F 154 -33.75 -5.55 23.88
N GLN F 155 -34.55 -5.28 24.90
CA GLN F 155 -35.90 -4.76 24.71
C GLN F 155 -36.13 -3.66 25.72
N GLY F 156 -36.67 -2.54 25.26
CA GLY F 156 -36.86 -1.40 26.14
C GLY F 156 -37.97 -0.50 25.67
N LYS F 157 -38.60 0.18 26.62
CA LYS F 157 -39.61 1.18 26.34
C LYS F 157 -39.40 2.37 27.25
N LEU F 158 -39.75 3.56 26.77
CA LEU F 158 -39.63 4.78 27.55
C LEU F 158 -40.92 5.58 27.46
N THR F 159 -41.17 6.40 28.46
CA THR F 159 -42.32 7.29 28.51
C THR F 159 -41.81 8.72 28.64
N ILE F 160 -41.87 9.46 27.54
CA ILE F 160 -41.43 10.86 27.51
C ILE F 160 -42.67 11.73 27.47
N LYS F 161 -42.73 12.72 28.36
CA LYS F 161 -43.92 13.51 28.57
C LYS F 161 -43.66 14.97 28.25
N THR F 162 -44.72 15.67 27.91
CA THR F 162 -44.73 17.12 27.74
C THR F 162 -45.94 17.64 28.50
N THR F 163 -46.02 18.97 28.65
CA THR F 163 -47.08 19.55 29.47
C THR F 163 -48.47 19.18 28.98
N ASP F 164 -48.62 18.93 27.67
CA ASP F 164 -49.93 18.67 27.10
C ASP F 164 -50.12 17.25 26.57
N MET F 165 -49.06 16.44 26.54
CA MET F 165 -49.19 15.08 26.02
C MET F 165 -48.14 14.19 26.64
N GLU F 166 -48.44 12.89 26.66
CA GLU F 166 -47.53 11.87 27.18
C GLU F 166 -47.70 10.62 26.35
N THR F 167 -46.59 9.94 26.06
CA THR F 167 -46.64 8.77 25.20
C THR F 167 -45.50 7.82 25.55
N ILE F 168 -45.61 6.59 25.05
CA ILE F 168 -44.66 5.53 25.30
C ILE F 168 -44.10 5.06 23.98
N TYR F 169 -42.78 4.94 23.90
CA TYR F 169 -42.10 4.47 22.70
C TYR F 169 -41.37 3.18 23.01
N GLU F 170 -41.57 2.17 22.17
CA GLU F 170 -40.82 0.93 22.27
C GLU F 170 -39.60 1.02 21.35
N LEU F 171 -38.44 0.72 21.89
CA LEU F 171 -37.17 1.18 21.35
C LEU F 171 -36.45 0.08 20.60
N GLY F 172 -35.77 0.47 19.51
CA GLY F 172 -34.87 -0.43 18.83
C GLY F 172 -33.55 -0.54 19.53
N ASN F 173 -32.68 -1.38 18.98
CA ASN F 173 -31.39 -1.66 19.63
C ASN F 173 -30.53 -0.41 19.71
N LYS F 174 -30.44 0.34 18.62
CA LYS F 174 -29.52 1.49 18.59
C LYS F 174 -29.99 2.59 19.53
N MET F 175 -31.29 2.81 19.63
CA MET F 175 -31.79 3.80 20.58
C MET F 175 -31.52 3.38 22.01
N ILE F 176 -31.68 2.09 22.31
CA ILE F 176 -31.36 1.58 23.64
C ILE F 176 -29.90 1.80 23.96
N ASP F 177 -29.01 1.50 23.01
CA ASP F 177 -27.58 1.71 23.23
C ASP F 177 -27.28 3.19 23.45
N GLY F 178 -27.91 4.06 22.67
CA GLY F 178 -27.65 5.48 22.82
C GLY F 178 -28.10 6.01 24.16
N LEU F 179 -29.29 5.60 24.60
CA LEU F 179 -29.78 6.06 25.89
C LEU F 179 -28.96 5.50 27.04
N THR F 180 -28.50 4.25 26.92
CA THR F 180 -27.63 3.70 27.94
C THR F 180 -26.30 4.46 28.00
N LYS F 181 -25.76 4.81 26.84
CA LYS F 181 -24.52 5.59 26.81
C LYS F 181 -24.71 6.97 27.43
N GLU F 182 -25.83 7.63 27.10
CA GLU F 182 -26.06 8.98 27.57
C GLU F 182 -26.40 9.04 29.06
N LYS F 183 -26.67 7.90 29.70
CA LYS F 183 -27.02 7.83 31.11
C LYS F 183 -28.27 8.66 31.41
N VAL F 184 -29.35 8.33 30.71
CA VAL F 184 -30.62 9.02 30.89
C VAL F 184 -31.33 8.44 32.11
N LEU F 185 -31.96 9.31 32.89
CA LEU F 185 -32.72 8.89 34.06
C LEU F 185 -34.14 9.43 34.00
N ALA F 186 -34.89 9.26 35.09
CA ALA F 186 -36.28 9.72 35.09
C ALA F 186 -36.37 11.24 35.12
N GLY F 187 -35.59 11.89 35.99
CA GLY F 187 -35.68 13.32 36.13
C GLY F 187 -34.87 14.09 35.10
N ASP F 188 -34.82 13.57 33.88
CA ASP F 188 -34.03 14.18 32.81
C ASP F 188 -34.92 14.69 31.70
N VAL F 189 -34.65 15.91 31.25
CA VAL F 189 -35.29 16.47 30.06
C VAL F 189 -34.29 16.38 28.92
N ILE F 190 -34.62 15.59 27.91
CA ILE F 190 -33.68 15.26 26.84
C ILE F 190 -34.33 15.51 25.50
N SER F 191 -33.48 15.62 24.48
CA SER F 191 -33.90 15.80 23.10
C SER F 191 -33.37 14.66 22.25
N ILE F 192 -34.20 14.17 21.34
CA ILE F 192 -33.85 13.06 20.46
C ILE F 192 -33.99 13.53 19.02
N ASP F 193 -32.93 13.34 18.24
CA ASP F 193 -32.95 13.62 16.81
C ASP F 193 -33.21 12.29 16.08
N LYS F 194 -34.35 12.20 15.41
CA LYS F 194 -34.73 10.94 14.79
C LYS F 194 -33.81 10.56 13.64
N ALA F 195 -33.15 11.53 13.02
CA ALA F 195 -32.25 11.25 11.91
C ALA F 195 -30.83 10.97 12.41
N SER F 196 -30.22 11.93 13.10
CA SER F 196 -28.86 11.74 13.58
C SER F 196 -28.79 10.69 14.67
N GLY F 197 -29.71 10.73 15.62
CA GLY F 197 -29.72 9.78 16.71
C GLY F 197 -29.00 10.22 17.97
N LYS F 198 -28.60 11.49 18.05
CA LYS F 198 -27.90 11.96 19.23
C LYS F 198 -28.88 12.40 20.32
N ILE F 199 -28.49 12.17 21.57
CA ILE F 199 -29.31 12.50 22.73
C ILE F 199 -28.58 13.58 23.52
N THR F 200 -29.25 14.71 23.72
CA THR F 200 -28.68 15.85 24.42
C THR F 200 -29.44 16.05 25.73
N LYS F 201 -28.71 16.04 26.84
CA LYS F 201 -29.30 16.21 28.16
C LYS F 201 -29.40 17.69 28.46
N LEU F 202 -30.61 18.25 28.35
CA LEU F 202 -30.80 19.68 28.53
C LEU F 202 -30.75 20.09 29.99
N GLY F 203 -31.26 19.25 30.89
CA GLY F 203 -31.28 19.60 32.30
C GLY F 203 -32.06 18.57 33.10
N ARG F 204 -32.37 18.95 34.33
CA ARG F 204 -33.03 18.09 35.29
C ARG F 204 -34.39 18.65 35.66
N SER F 205 -35.32 17.76 35.98
CA SER F 205 -36.65 18.15 36.42
C SER F 205 -36.86 18.06 37.93
N PHE F 206 -36.14 17.16 38.61
CA PHE F 206 -36.19 17.07 40.05
C PHE F 206 -34.97 16.29 40.54
N ALA F 207 -34.89 16.09 41.85
CA ALA F 207 -33.73 15.50 42.49
C ALA F 207 -33.74 13.98 42.35
N ARG F 208 -32.60 13.38 42.69
CA ARG F 208 -32.40 11.93 42.52
C ARG F 208 -32.62 11.17 43.83
N SER F 209 -33.80 11.33 44.41
CA SER F 209 -34.32 10.48 45.48
C SER F 209 -33.40 10.40 46.70
N ARG F 210 -32.45 11.32 46.84
CA ARG F 210 -31.58 11.40 48.02
C ARG F 210 -30.82 10.09 48.25
N ASP F 211 -30.02 9.72 47.25
CA ASP F 211 -28.99 8.70 47.46
C ASP F 211 -27.75 9.35 48.06
N TYR F 212 -26.78 8.53 48.45
CA TYR F 212 -25.61 9.07 49.14
C TYR F 212 -24.73 9.87 48.20
N ASP F 213 -24.18 9.21 47.18
CA ASP F 213 -23.35 9.92 46.21
C ASP F 213 -24.22 10.86 45.36
N ALA F 214 -23.64 11.99 44.98
CA ALA F 214 -24.33 13.03 44.23
C ALA F 214 -25.57 13.50 44.98
N MET F 215 -25.32 14.13 46.13
CA MET F 215 -26.40 14.56 47.01
C MET F 215 -27.15 15.76 46.43
N GLY F 216 -26.43 16.86 46.21
CA GLY F 216 -27.07 18.09 45.79
C GLY F 216 -26.48 18.72 44.55
N ALA F 217 -26.11 17.89 43.58
CA ALA F 217 -25.52 18.37 42.34
C ALA F 217 -26.54 18.65 41.24
N ASP F 218 -27.84 18.52 41.55
CA ASP F 218 -28.90 18.70 40.57
C ASP F 218 -29.87 19.82 40.97
N THR F 219 -29.37 20.79 41.74
CA THR F 219 -30.26 21.86 42.23
C THR F 219 -30.75 22.76 41.10
N ARG F 220 -29.97 22.90 40.03
CA ARG F 220 -30.32 23.78 38.92
C ARG F 220 -31.42 23.12 38.08
N PHE F 221 -32.64 23.25 38.55
CA PHE F 221 -33.79 22.68 37.86
C PHE F 221 -34.07 23.45 36.57
N VAL F 222 -34.69 22.76 35.61
CA VAL F 222 -35.12 23.37 34.37
C VAL F 222 -36.61 23.10 34.19
N GLN F 223 -37.30 24.04 33.56
CA GLN F 223 -38.74 23.92 33.38
C GLN F 223 -39.06 22.83 32.36
N CYS F 224 -40.20 22.16 32.57
CA CYS F 224 -40.65 21.15 31.63
C CYS F 224 -41.02 21.80 30.30
N PRO F 225 -40.65 21.19 29.18
CA PRO F 225 -41.00 21.77 27.88
C PRO F 225 -42.50 21.74 27.63
N GLU F 226 -42.93 22.57 26.69
CA GLU F 226 -44.34 22.76 26.40
C GLU F 226 -44.59 22.61 24.90
N GLY F 227 -45.69 21.95 24.56
CA GLY F 227 -46.14 21.87 23.20
C GLY F 227 -46.10 20.46 22.64
N GLU F 228 -46.15 20.38 21.32
CA GLU F 228 -46.09 19.09 20.65
C GLU F 228 -44.77 18.39 20.95
N LEU F 229 -44.85 17.10 21.26
CA LEU F 229 -43.66 16.34 21.64
C LEU F 229 -42.67 16.25 20.49
N GLN F 230 -43.17 16.02 19.28
CA GLN F 230 -42.33 15.86 18.09
C GLN F 230 -42.53 17.08 17.21
N LYS F 231 -41.55 17.98 17.18
CA LYS F 231 -41.63 19.22 16.43
C LYS F 231 -40.51 19.30 15.41
N ARG F 232 -40.82 19.94 14.29
CA ARG F 232 -39.86 20.06 13.19
C ARG F 232 -39.08 21.37 13.33
N LYS F 233 -37.77 21.28 13.12
CA LYS F 233 -36.89 22.43 13.15
C LYS F 233 -35.93 22.38 11.97
N THR F 234 -35.45 23.55 11.56
CA THR F 234 -34.55 23.68 10.43
C THR F 234 -33.11 23.90 10.90
N VAL F 235 -32.17 23.27 10.20
CA VAL F 235 -30.75 23.34 10.55
C VAL F 235 -29.98 23.79 9.32
N VAL F 236 -29.11 24.77 9.50
CA VAL F 236 -28.34 25.35 8.40
C VAL F 236 -26.89 24.93 8.54
N HIS F 237 -26.34 24.34 7.48
CA HIS F 237 -24.95 23.89 7.44
C HIS F 237 -24.17 24.84 6.55
N THR F 238 -23.28 25.63 7.15
CA THR F 238 -22.46 26.59 6.43
C THR F 238 -21.04 26.06 6.31
N VAL F 239 -20.56 25.90 5.09
CA VAL F 239 -19.23 25.37 4.81
C VAL F 239 -18.64 26.13 3.64
N SER F 240 -17.38 26.52 3.75
CA SER F 240 -16.72 27.24 2.67
C SER F 240 -16.40 26.31 1.51
N LEU F 241 -16.20 26.91 0.34
CA LEU F 241 -15.91 26.13 -0.86
C LEU F 241 -14.58 25.39 -0.72
N HIS F 242 -13.61 26.00 -0.06
CA HIS F 242 -12.33 25.34 0.16
C HIS F 242 -12.48 24.08 0.99
N GLU F 243 -13.36 24.11 1.98
CA GLU F 243 -13.58 22.92 2.80
C GLU F 243 -14.15 21.78 1.98
N ILE F 244 -15.09 22.09 1.08
CA ILE F 244 -15.64 21.07 0.19
C ILE F 244 -14.54 20.51 -0.72
N ASP F 245 -13.69 21.39 -1.24
CA ASP F 245 -12.58 20.94 -2.08
C ASP F 245 -11.65 20.00 -1.31
N VAL F 246 -11.34 20.35 -0.06
CA VAL F 246 -10.43 19.53 0.73
C VAL F 246 -11.08 18.18 1.07
N ILE F 247 -12.38 18.20 1.36
CA ILE F 247 -13.08 16.95 1.65
C ILE F 247 -13.05 16.02 0.45
N ASN F 248 -13.30 16.56 -0.75
CA ASN F 248 -13.41 15.74 -1.94
C ASN F 248 -12.08 15.52 -2.65
N SER F 249 -10.99 16.10 -2.16
CA SER F 249 -9.70 15.91 -2.82
C SER F 249 -9.19 14.48 -2.64
N ARG F 250 -9.22 13.98 -1.41
CA ARG F 250 -8.80 12.62 -1.10
C ARG F 250 -9.71 12.08 -0.01
N THR F 251 -9.47 10.84 0.39
CA THR F 251 -10.26 10.28 1.47
C THR F 251 -9.83 10.83 2.83
N GLN F 252 -8.55 11.14 2.98
CA GLN F 252 -8.03 11.70 4.23
C GLN F 252 -8.09 13.21 4.25
N GLY F 253 -8.76 13.83 3.28
CA GLY F 253 -8.85 15.29 3.27
C GLY F 253 -9.60 15.86 4.45
N PHE F 254 -10.51 15.09 5.03
CA PHE F 254 -11.24 15.58 6.19
C PHE F 254 -10.28 15.85 7.35
N LEU F 255 -9.30 14.96 7.55
CA LEU F 255 -8.26 15.23 8.53
C LEU F 255 -7.43 16.45 8.14
N ALA F 256 -7.21 16.62 6.83
CA ALA F 256 -6.44 17.77 6.35
C ALA F 256 -7.14 19.09 6.62
N LEU F 257 -8.44 19.08 6.89
CA LEU F 257 -9.15 20.31 7.22
C LEU F 257 -8.63 20.91 8.51
N PHE F 258 -8.21 20.09 9.46
CA PHE F 258 -7.67 20.53 10.74
C PHE F 258 -6.15 20.47 10.79
N THR F 259 -5.55 19.39 10.30
CA THR F 259 -4.11 19.24 10.36
C THR F 259 -3.38 20.17 9.42
N GLY F 260 -4.02 20.57 8.32
CA GLY F 260 -3.29 21.13 7.20
C GLY F 260 -2.86 20.01 6.30
N ASP F 261 -1.75 20.18 5.59
CA ASP F 261 -1.22 19.16 4.68
C ASP F 261 -2.27 18.74 3.65
N THR F 262 -3.00 19.73 3.14
CA THR F 262 -4.02 19.47 2.13
C THR F 262 -3.41 19.03 0.81
N GLY F 263 -2.13 19.30 0.58
CA GLY F 263 -1.54 19.03 -0.70
C GLY F 263 -2.00 20.04 -1.75
N GLU F 264 -1.62 19.77 -2.99
CA GLU F 264 -2.05 20.57 -4.13
C GLU F 264 -3.21 19.85 -4.78
N ILE F 265 -4.43 20.31 -4.49
CA ILE F 265 -5.62 19.62 -4.97
C ILE F 265 -5.69 19.70 -6.49
N ARG F 266 -5.97 18.57 -7.12
CA ARG F 266 -5.99 18.50 -8.58
C ARG F 266 -7.10 19.40 -9.12
N SER F 267 -6.84 19.98 -10.30
CA SER F 267 -7.77 20.94 -10.87
C SER F 267 -9.12 20.31 -11.20
N GLU F 268 -9.14 19.01 -11.52
CA GLU F 268 -10.40 18.36 -11.85
C GLU F 268 -11.35 18.37 -10.67
N VAL F 269 -10.81 18.22 -9.45
CA VAL F 269 -11.65 18.27 -8.25
C VAL F 269 -12.32 19.63 -8.15
N ARG F 270 -11.56 20.71 -8.34
CA ARG F 270 -12.13 22.04 -8.22
C ARG F 270 -13.17 22.29 -9.31
N ASP F 271 -12.90 21.87 -10.55
CA ASP F 271 -13.88 22.06 -11.62
C ASP F 271 -15.16 21.29 -11.34
N GLN F 272 -15.04 20.05 -10.87
CA GLN F 272 -16.22 19.25 -10.58
C GLN F 272 -17.01 19.84 -9.42
N ILE F 273 -16.31 20.34 -8.40
CA ILE F 273 -17.00 20.98 -7.28
C ILE F 273 -17.73 22.23 -7.75
N ASN F 274 -17.11 23.01 -8.63
CA ASN F 274 -17.76 24.19 -9.17
C ASN F 274 -19.05 23.81 -9.91
N THR F 275 -18.97 22.78 -10.76
CA THR F 275 -20.16 22.36 -11.50
C THR F 275 -21.24 21.85 -10.55
N LYS F 276 -20.86 21.06 -9.54
CA LYS F 276 -21.84 20.52 -8.60
C LYS F 276 -22.51 21.62 -7.79
N VAL F 277 -21.74 22.62 -7.37
CA VAL F 277 -22.30 23.71 -6.59
C VAL F 277 -23.22 24.59 -7.46
N ALA F 278 -22.85 24.79 -8.72
CA ALA F 278 -23.74 25.51 -9.62
C ALA F 278 -25.06 24.75 -9.80
N GLU F 279 -24.98 23.43 -9.93
CA GLU F 279 -26.19 22.62 -10.01
C GLU F 279 -27.01 22.74 -8.73
N TRP F 280 -26.35 22.75 -7.58
CA TRP F 280 -27.05 22.91 -6.30
C TRP F 280 -27.77 24.24 -6.24
N LYS F 281 -27.12 25.32 -6.69
CA LYS F 281 -27.77 26.61 -6.69
C LYS F 281 -28.97 26.64 -7.63
N GLU F 282 -28.80 26.09 -8.83
CA GLU F 282 -29.93 26.03 -9.76
C GLU F 282 -31.06 25.16 -9.23
N GLU F 283 -30.76 24.24 -8.33
CA GLU F 283 -31.77 23.37 -7.75
C GLU F 283 -32.37 23.92 -6.46
N GLY F 284 -31.82 24.99 -5.91
CA GLY F 284 -32.31 25.53 -4.66
C GLY F 284 -31.85 24.78 -3.43
N LYS F 285 -31.04 23.73 -3.59
CA LYS F 285 -30.55 22.99 -2.44
C LYS F 285 -29.60 23.83 -1.60
N ALA F 286 -28.73 24.60 -2.25
CA ALA F 286 -27.68 25.33 -1.57
C ALA F 286 -27.76 26.80 -1.90
N GLU F 287 -27.39 27.63 -0.92
CA GLU F 287 -27.31 29.07 -1.09
C GLU F 287 -25.86 29.50 -0.99
N ILE F 288 -25.39 30.24 -1.98
CA ILE F 288 -24.00 30.68 -2.05
C ILE F 288 -23.92 32.10 -1.51
N VAL F 289 -23.06 32.30 -0.53
CA VAL F 289 -22.87 33.62 0.08
C VAL F 289 -21.43 34.06 -0.10
N PRO F 290 -21.10 34.76 -1.19
CA PRO F 290 -19.72 35.21 -1.40
C PRO F 290 -19.30 36.23 -0.37
N GLY F 291 -17.99 36.25 -0.10
CA GLY F 291 -17.43 37.13 0.92
C GLY F 291 -16.29 37.99 0.43
N VAL F 292 -15.42 38.40 1.34
CA VAL F 292 -14.33 39.32 1.05
C VAL F 292 -13.02 38.69 1.48
N LEU F 293 -12.01 38.79 0.61
CA LEU F 293 -10.65 38.39 0.93
C LEU F 293 -9.82 39.64 1.13
N PHE F 294 -9.09 39.69 2.24
CA PHE F 294 -8.31 40.86 2.60
C PHE F 294 -6.85 40.47 2.76
N ILE F 295 -5.97 41.12 2.01
CA ILE F 295 -4.55 40.83 2.05
C ILE F 295 -3.83 42.01 2.70
N ASP F 296 -3.23 41.76 3.86
CA ASP F 296 -2.37 42.74 4.50
C ASP F 296 -1.02 42.79 3.81
N GLU F 297 -0.56 43.99 3.50
CA GLU F 297 0.78 44.21 2.94
C GLU F 297 0.99 43.34 1.69
N VAL F 298 0.18 43.63 0.68
CA VAL F 298 0.24 42.86 -0.56
C VAL F 298 1.55 43.05 -1.29
N HIS F 299 2.34 44.07 -0.92
CA HIS F 299 3.62 44.30 -1.56
C HIS F 299 4.63 43.19 -1.31
N MET F 300 4.37 42.32 -0.34
CA MET F 300 5.25 41.17 -0.10
C MET F 300 5.04 40.04 -1.09
N LEU F 301 3.95 40.06 -1.85
CA LEU F 301 3.69 38.99 -2.80
C LEU F 301 4.60 39.10 -4.02
N ASP F 302 4.92 37.94 -4.60
CA ASP F 302 5.74 37.87 -5.79
C ASP F 302 4.93 38.26 -7.01
N ILE F 303 5.63 38.50 -8.13
CA ILE F 303 4.96 38.84 -9.36
C ILE F 303 4.12 37.67 -9.87
N GLU F 304 4.55 36.44 -9.61
CA GLU F 304 3.75 35.28 -9.99
C GLU F 304 2.40 35.30 -9.27
N CYS F 305 2.40 35.68 -7.99
CA CYS F 305 1.16 35.81 -7.25
C CYS F 305 0.25 36.86 -7.88
N PHE F 306 0.83 37.98 -8.31
CA PHE F 306 0.02 39.03 -8.92
C PHE F 306 -0.57 38.57 -10.25
N SER F 307 0.21 37.84 -11.05
CA SER F 307 -0.34 37.31 -12.30
C SER F 307 -1.48 36.34 -12.03
N PHE F 308 -1.32 35.45 -11.05
CA PHE F 308 -2.38 34.51 -10.73
C PHE F 308 -3.61 35.25 -10.24
N ILE F 309 -3.42 36.30 -9.44
CA ILE F 309 -4.55 37.10 -8.99
C ILE F 309 -5.25 37.74 -10.18
N ASN F 310 -4.47 38.24 -11.13
CA ASN F 310 -5.06 38.81 -12.34
C ASN F 310 -5.98 37.81 -13.03
N ARG F 311 -5.50 36.58 -13.22
CA ARG F 311 -6.34 35.61 -13.93
C ARG F 311 -7.48 35.11 -13.05
N ALA F 312 -7.21 34.82 -11.78
CA ALA F 312 -8.22 34.17 -10.93
C ALA F 312 -9.36 35.09 -10.56
N LEU F 313 -9.22 36.39 -10.75
CA LEU F 313 -10.32 37.31 -10.49
C LEU F 313 -11.41 37.21 -11.54
N GLU F 314 -11.11 36.62 -12.71
CA GLU F 314 -12.07 36.50 -13.78
C GLU F 314 -13.00 35.30 -13.61
N ASP F 315 -12.75 34.45 -12.63
CA ASP F 315 -13.61 33.30 -12.39
C ASP F 315 -14.95 33.76 -11.83
N GLU F 316 -15.99 32.99 -12.14
CA GLU F 316 -17.33 33.31 -11.66
C GLU F 316 -17.53 33.01 -10.19
N PHE F 317 -16.72 32.11 -9.62
CA PHE F 317 -16.79 31.77 -8.20
C PHE F 317 -15.74 32.50 -7.38
N ALA F 318 -15.39 33.71 -7.78
CA ALA F 318 -14.35 34.42 -7.06
C ALA F 318 -14.95 35.44 -6.11
N PRO F 319 -14.30 35.69 -4.98
CA PRO F 319 -14.76 36.72 -4.04
C PRO F 319 -14.33 38.10 -4.50
N ILE F 320 -14.53 39.08 -3.61
CA ILE F 320 -14.05 40.44 -3.81
C ILE F 320 -12.80 40.64 -2.97
N VAL F 321 -11.70 41.01 -3.62
CA VAL F 321 -10.38 41.09 -2.98
C VAL F 321 -10.09 42.54 -2.65
N MET F 322 -9.65 42.79 -1.42
CA MET F 322 -9.21 44.12 -1.00
C MET F 322 -7.80 44.03 -0.44
N MET F 323 -6.94 44.96 -0.85
CA MET F 323 -5.53 44.95 -0.52
C MET F 323 -5.14 46.27 0.13
N ALA F 324 -4.12 46.22 0.99
CA ALA F 324 -3.61 47.38 1.68
C ALA F 324 -2.14 47.58 1.31
N THR F 325 -1.78 48.81 0.96
CA THR F 325 -0.42 49.12 0.56
C THR F 325 -0.08 50.55 0.98
N ASN F 326 1.16 50.74 1.42
CA ASN F 326 1.62 52.08 1.77
C ASN F 326 3.00 52.38 1.20
N ARG F 327 3.49 51.58 0.26
CA ARG F 327 4.87 51.70 -0.19
C ARG F 327 5.06 52.83 -1.20
N GLY F 328 3.99 53.35 -1.78
CA GLY F 328 4.20 54.28 -2.87
C GLY F 328 4.89 53.56 -4.02
N VAL F 329 5.73 54.29 -4.75
CA VAL F 329 6.55 53.67 -5.77
C VAL F 329 7.62 52.82 -5.10
N SER F 330 7.72 51.56 -5.52
CA SER F 330 8.65 50.63 -4.90
C SER F 330 8.89 49.49 -5.88
N LYS F 331 9.95 48.72 -5.61
CA LYS F 331 10.31 47.60 -6.45
C LYS F 331 9.36 46.43 -6.19
N THR F 332 8.71 45.95 -7.24
CA THR F 332 7.90 44.75 -7.14
C THR F 332 8.81 43.56 -6.86
N ARG F 333 8.44 42.74 -5.88
CA ARG F 333 9.24 41.57 -5.57
C ARG F 333 9.22 40.59 -6.73
N GLY F 334 10.39 40.02 -7.03
CA GLY F 334 10.54 39.15 -8.16
C GLY F 334 10.94 39.84 -9.44
N THR F 335 10.95 41.17 -9.46
CA THR F 335 11.36 41.95 -10.62
C THR F 335 12.32 43.04 -10.17
N ASN F 336 12.98 43.66 -11.15
CA ASN F 336 14.01 44.64 -10.88
C ASN F 336 13.59 46.06 -11.28
N TYR F 337 12.29 46.31 -11.40
CA TYR F 337 11.80 47.62 -11.77
C TYR F 337 10.77 48.10 -10.77
N LYS F 338 10.77 49.41 -10.53
CA LYS F 338 9.83 49.99 -9.59
C LYS F 338 8.45 50.17 -10.22
N SER F 339 7.43 50.01 -9.40
CA SER F 339 6.05 50.05 -9.83
C SER F 339 5.27 51.01 -8.96
N PRO F 340 4.16 51.57 -9.48
CA PRO F 340 3.52 52.71 -8.79
C PRO F 340 3.11 52.44 -7.36
N HIS F 341 2.64 51.23 -7.04
CA HIS F 341 2.21 50.92 -5.69
C HIS F 341 2.86 49.64 -5.18
N GLY F 342 4.02 49.29 -5.72
CA GLY F 342 4.57 47.98 -5.45
C GLY F 342 3.87 46.87 -6.18
N LEU F 343 2.98 47.19 -7.11
CA LEU F 343 2.19 46.24 -7.86
C LEU F 343 2.34 46.47 -9.35
N PRO F 344 2.28 45.42 -10.16
CA PRO F 344 2.39 45.61 -11.61
C PRO F 344 1.18 46.34 -12.17
N LEU F 345 1.39 46.94 -13.33
CA LEU F 345 0.33 47.74 -13.96
C LEU F 345 -0.86 46.87 -14.37
N ASP F 346 -0.62 45.59 -14.64
CA ASP F 346 -1.72 44.71 -15.01
C ASP F 346 -2.73 44.58 -13.86
N LEU F 347 -2.24 44.46 -12.63
CA LEU F 347 -3.14 44.38 -11.49
C LEU F 347 -3.75 45.74 -11.16
N LEU F 348 -3.00 46.82 -11.37
CA LEU F 348 -3.55 48.15 -11.10
C LEU F 348 -4.66 48.50 -12.09
N ASP F 349 -4.60 47.95 -13.31
CA ASP F 349 -5.60 48.29 -14.31
C ASP F 349 -6.97 47.75 -13.94
N ARG F 350 -7.02 46.63 -13.23
CA ARG F 350 -8.29 45.98 -12.91
C ARG F 350 -8.67 46.14 -11.44
N SER F 351 -8.17 47.18 -10.78
CA SER F 351 -8.49 47.43 -9.38
C SER F 351 -8.87 48.89 -9.20
N ILE F 352 -9.84 49.13 -8.33
CA ILE F 352 -10.26 50.48 -7.96
C ILE F 352 -9.58 50.85 -6.65
N ILE F 353 -8.95 52.02 -6.62
CA ILE F 353 -8.10 52.43 -5.52
C ILE F 353 -8.84 53.45 -4.67
N ILE F 354 -8.97 53.16 -3.38
CA ILE F 354 -9.53 54.09 -2.40
C ILE F 354 -8.39 54.59 -1.53
N THR F 355 -8.33 55.90 -1.32
CA THR F 355 -7.19 56.54 -0.69
C THR F 355 -7.54 57.01 0.72
N THR F 356 -6.50 57.13 1.54
CA THR F 356 -6.63 57.60 2.91
C THR F 356 -5.66 58.75 3.12
N LYS F 357 -6.04 59.65 4.02
CA LYS F 357 -5.27 60.87 4.27
C LYS F 357 -4.83 60.93 5.72
N SER F 358 -3.89 61.84 5.98
CA SER F 358 -3.42 62.07 7.34
C SER F 358 -4.53 62.72 8.17
N TYR F 359 -4.40 62.56 9.48
CA TYR F 359 -5.45 62.98 10.40
C TYR F 359 -5.15 64.36 10.99
N ASN F 360 -6.22 65.12 11.21
CA ASN F 360 -6.11 66.41 11.86
C ASN F 360 -5.81 66.23 13.34
N GLU F 361 -5.60 67.35 14.02
CA GLU F 361 -5.42 67.30 15.47
C GLU F 361 -6.69 66.85 16.17
N GLN F 362 -7.85 67.33 15.72
CA GLN F 362 -9.11 66.98 16.36
C GLN F 362 -9.44 65.49 16.15
N GLU F 363 -9.18 64.98 14.95
CA GLU F 363 -9.41 63.56 14.69
C GLU F 363 -8.51 62.69 15.56
N ILE F 364 -7.24 63.09 15.71
CA ILE F 364 -6.35 62.36 16.60
C ILE F 364 -6.86 62.40 18.03
N LYS F 365 -7.31 63.57 18.48
CA LYS F 365 -7.80 63.67 19.86
C LYS F 365 -8.99 62.76 20.09
N THR F 366 -9.94 62.74 19.16
CA THR F 366 -11.12 61.91 19.38
C THR F 366 -10.81 60.42 19.22
N ILE F 367 -9.84 60.06 18.38
CA ILE F 367 -9.41 58.66 18.33
C ILE F 367 -8.77 58.26 19.64
N LEU F 368 -7.95 59.14 20.22
CA LEU F 368 -7.35 58.86 21.52
C LEU F 368 -8.43 58.69 22.59
N SER F 369 -9.45 59.54 22.57
CA SER F 369 -10.52 59.42 23.54
C SER F 369 -11.29 58.12 23.37
N ILE F 370 -11.55 57.73 22.12
CA ILE F 370 -12.21 56.45 21.86
C ILE F 370 -11.38 55.29 22.40
N ARG F 371 -10.06 55.32 22.14
CA ARG F 371 -9.19 54.26 22.64
C ARG F 371 -9.19 54.22 24.16
N ALA F 372 -9.15 55.39 24.80
CA ALA F 372 -9.19 55.45 26.26
C ALA F 372 -10.49 54.87 26.80
N GLN F 373 -11.60 55.13 26.12
CA GLN F 373 -12.86 54.52 26.51
C GLN F 373 -12.79 52.99 26.37
N GLU F 374 -12.18 52.51 25.28
CA GLU F 374 -12.10 51.07 25.07
C GLU F 374 -11.16 50.40 26.06
N GLU F 375 -10.05 51.06 26.37
CA GLU F 375 -9.09 50.53 27.33
C GLU F 375 -9.50 50.79 28.78
N GLU F 376 -10.65 51.41 29.00
CA GLU F 376 -11.14 51.71 30.35
C GLU F 376 -10.14 52.57 31.12
N VAL F 377 -9.53 53.52 30.45
CA VAL F 377 -8.59 54.45 31.04
C VAL F 377 -9.26 55.82 31.09
N GLU F 378 -9.40 56.38 32.28
CA GLU F 378 -10.04 57.68 32.46
C GLU F 378 -8.96 58.77 32.38
N LEU F 379 -9.01 59.56 31.31
CA LEU F 379 -8.03 60.60 31.08
C LEU F 379 -8.60 61.96 31.46
N SER F 380 -7.80 62.76 32.17
CA SER F 380 -8.16 64.14 32.41
C SER F 380 -8.02 64.95 31.13
N SER F 381 -8.65 66.13 31.12
CA SER F 381 -8.63 66.95 29.92
C SER F 381 -7.21 67.37 29.54
N ASP F 382 -6.42 67.81 30.53
CA ASP F 382 -5.06 68.22 30.26
C ASP F 382 -4.21 67.06 29.79
N ALA F 383 -4.40 65.87 30.38
CA ALA F 383 -3.68 64.68 29.94
C ALA F 383 -4.02 64.34 28.49
N LEU F 384 -5.30 64.45 28.12
CA LEU F 384 -5.70 64.17 26.75
C LEU F 384 -5.09 65.17 25.79
N ASP F 385 -5.05 66.45 26.19
CA ASP F 385 -4.43 67.46 25.32
C ASP F 385 -2.94 67.19 25.14
N LEU F 386 -2.25 66.82 26.22
CA LEU F 386 -0.83 66.49 26.09
C LEU F 386 -0.62 65.28 25.19
N LEU F 387 -1.47 64.26 25.34
CA LEU F 387 -1.37 63.08 24.49
C LEU F 387 -1.61 63.42 23.04
N THR F 388 -2.58 64.30 22.77
CA THR F 388 -2.84 64.71 21.39
C THR F 388 -1.67 65.46 20.79
N LYS F 389 -1.06 66.36 21.57
CA LYS F 389 0.11 67.08 21.08
C LYS F 389 1.26 66.12 20.81
N THR F 390 1.47 65.16 21.70
CA THR F 390 2.51 64.16 21.49
C THR F 390 2.24 63.33 20.25
N GLY F 391 0.99 62.93 20.04
CA GLY F 391 0.66 62.13 18.88
C GLY F 391 0.86 62.88 17.57
N VAL F 392 0.47 64.14 17.55
CA VAL F 392 0.73 64.95 16.36
C VAL F 392 2.23 65.09 16.14
N GLU F 393 2.98 65.28 17.23
CA GLU F 393 4.43 65.45 17.10
C GLU F 393 5.11 64.17 16.65
N THR F 394 4.76 63.04 17.25
CA THR F 394 5.51 61.79 17.03
C THR F 394 4.73 60.75 16.24
N SER F 395 3.58 60.31 16.75
CA SER F 395 2.80 59.26 16.08
C SER F 395 1.50 59.03 16.83
N LEU F 396 0.47 58.67 16.08
CA LEU F 396 -0.81 58.30 16.68
C LEU F 396 -0.67 57.02 17.50
N ARG F 397 -0.02 56.02 16.93
CA ARG F 397 0.12 54.74 17.62
C ARG F 397 0.98 54.86 18.86
N TYR F 398 1.94 55.80 18.86
CA TYR F 398 2.77 56.00 20.04
C TYR F 398 1.94 56.46 21.23
N SER F 399 1.06 57.43 21.01
CA SER F 399 0.19 57.89 22.09
C SER F 399 -0.82 56.82 22.48
N SER F 400 -1.33 56.08 21.50
CA SER F 400 -2.24 54.99 21.80
C SER F 400 -1.58 53.97 22.73
N ASN F 401 -0.32 53.64 22.47
CA ASN F 401 0.40 52.71 23.34
C ASN F 401 0.72 53.35 24.68
N LEU F 402 0.96 54.66 24.71
CA LEU F 402 1.29 55.35 25.95
C LEU F 402 0.11 55.42 26.90
N ILE F 403 -1.13 55.35 26.39
CA ILE F 403 -2.30 55.48 27.27
C ILE F 403 -2.27 54.43 28.37
N SER F 404 -2.09 53.15 28.01
CA SER F 404 -2.17 52.09 28.99
C SER F 404 -1.02 52.14 29.99
N VAL F 405 0.18 52.48 29.51
CA VAL F 405 1.31 52.62 30.42
C VAL F 405 1.08 53.76 31.39
N ALA F 406 0.48 54.86 30.93
CA ALA F 406 0.14 55.95 31.82
C ALA F 406 -0.87 55.50 32.87
N GLN F 407 -1.84 54.68 32.45
CA GLN F 407 -2.80 54.15 33.41
C GLN F 407 -2.10 53.31 34.48
N GLN F 408 -1.13 52.49 34.06
CA GLN F 408 -0.39 51.67 35.03
C GLN F 408 0.43 52.54 35.98
N ILE F 409 1.04 53.60 35.44
CA ILE F 409 1.80 54.51 36.28
C ILE F 409 0.89 55.19 37.31
N ALA F 410 -0.30 55.59 36.87
CA ALA F 410 -1.27 56.18 37.78
C ALA F 410 -1.67 55.19 38.87
N MET F 411 -1.86 53.92 38.50
CA MET F 411 -2.19 52.90 39.50
C MET F 411 -1.07 52.74 40.50
N LYS F 412 0.18 52.77 40.04
CA LYS F 412 1.32 52.73 40.94
C LYS F 412 1.27 53.88 41.95
N ARG F 413 0.78 55.04 41.52
CA ARG F 413 0.61 56.21 42.38
C ARG F 413 -0.64 56.12 43.24
N LYS F 414 -1.45 55.08 43.05
CA LYS F 414 -2.73 54.92 43.76
C LYS F 414 -3.67 56.08 43.46
N ASN F 415 -3.91 56.29 42.16
CA ASN F 415 -4.84 57.29 41.68
C ASN F 415 -5.70 56.69 40.59
N ASN F 416 -6.97 57.07 40.56
CA ASN F 416 -7.93 56.49 39.63
C ASN F 416 -8.03 57.26 38.32
N THR F 417 -7.24 58.30 38.13
CA THR F 417 -7.26 59.11 36.93
C THR F 417 -5.84 59.36 36.45
N VAL F 418 -5.69 59.50 35.14
CA VAL F 418 -4.39 59.79 34.55
C VAL F 418 -4.25 61.30 34.42
N GLU F 419 -3.20 61.85 35.03
CA GLU F 419 -2.91 63.27 34.98
C GLU F 419 -1.72 63.52 34.06
N VAL F 420 -1.32 64.79 33.98
CA VAL F 420 -0.24 65.17 33.07
C VAL F 420 1.09 64.56 33.53
N GLU F 421 1.29 64.46 34.84
CA GLU F 421 2.57 63.95 35.34
C GLU F 421 2.75 62.47 35.02
N ASP F 422 1.67 61.70 35.06
CA ASP F 422 1.76 60.28 34.69
C ASP F 422 2.15 60.12 33.23
N VAL F 423 1.55 60.94 32.36
CA VAL F 423 1.90 60.90 30.94
C VAL F 423 3.34 61.35 30.74
N LYS F 424 3.79 62.33 31.53
CA LYS F 424 5.17 62.76 31.45
C LYS F 424 6.13 61.64 31.82
N ARG F 425 5.81 60.90 32.88
CA ARG F 425 6.66 59.78 33.28
C ARG F 425 6.67 58.70 32.21
N ALA F 426 5.50 58.40 31.64
CA ALA F 426 5.45 57.39 30.58
C ALA F 426 6.26 57.83 29.37
N TYR F 427 6.20 59.12 29.03
CA TYR F 427 6.99 59.66 27.94
C TYR F 427 8.48 59.54 28.23
N LEU F 428 8.88 59.79 29.47
CA LEU F 428 10.29 59.69 29.83
C LEU F 428 10.79 58.26 29.76
N LEU F 429 9.97 57.31 30.23
CA LEU F 429 10.41 55.93 30.30
C LEU F 429 10.46 55.27 28.93
N PHE F 430 9.48 55.56 28.08
CA PHE F 430 9.32 54.88 26.80
C PHE F 430 9.55 55.87 25.66
N LEU F 431 10.33 55.45 24.68
CA LEU F 431 10.81 56.36 23.63
C LEU F 431 10.05 56.16 22.32
N ASP F 432 10.15 57.17 21.47
CA ASP F 432 9.63 57.14 20.12
C ASP F 432 10.76 56.78 19.16
N SER F 433 10.40 56.62 17.87
CA SER F 433 11.41 56.30 16.88
C SER F 433 12.43 57.42 16.72
N ALA F 434 11.97 58.67 16.71
CA ALA F 434 12.87 59.79 16.49
C ALA F 434 13.90 59.92 17.61
N ARG F 435 13.46 59.80 18.85
CA ARG F 435 14.38 59.92 19.97
C ARG F 435 15.40 58.78 19.97
N SER F 436 14.96 57.56 19.65
CA SER F 436 15.89 56.45 19.57
C SER F 436 16.90 56.66 18.45
N VAL F 437 16.45 57.17 17.31
CA VAL F 437 17.38 57.46 16.22
C VAL F 437 18.40 58.49 16.64
N LYS F 438 17.95 59.55 17.34
CA LYS F 438 18.87 60.57 17.81
C LYS F 438 19.90 59.99 18.77
N TYR F 439 19.44 59.17 19.71
CA TYR F 439 20.36 58.58 20.68
C TYR F 439 21.34 57.61 20.02
N VAL F 440 20.91 56.94 18.96
CA VAL F 440 21.82 56.07 18.23
C VAL F 440 22.88 56.89 17.50
N GLN F 441 22.45 57.96 16.82
CA GLN F 441 23.40 58.78 16.07
C GLN F 441 24.41 59.44 17.00
N GLU F 442 23.97 59.89 18.17
CA GLU F 442 24.89 60.51 19.11
C GLU F 442 25.90 59.50 19.65
N ASN F 443 25.49 58.25 19.84
CA ASN F 443 26.34 57.24 20.45
C ASN F 443 26.57 56.06 19.51
N GLU F 444 26.95 56.36 18.26
CA GLU F 444 27.04 55.32 17.23
C GLU F 444 28.06 54.25 17.59
N SER F 445 29.10 54.60 18.34
CA SER F 445 30.14 53.62 18.67
C SER F 445 29.63 52.52 19.58
N GLN F 446 28.51 52.73 20.26
CA GLN F 446 27.97 51.75 21.20
C GLN F 446 27.04 50.74 20.54
N TYR F 447 26.83 50.84 19.23
CA TYR F 447 25.95 49.95 18.50
C TYR F 447 26.71 49.33 17.34
N ILE F 448 26.28 48.15 16.93
CA ILE F 448 26.92 47.43 15.83
C ILE F 448 26.45 48.05 14.51
N ASP F 449 27.40 48.47 13.69
CA ASP F 449 27.09 49.11 12.43
C ASP F 449 26.93 48.06 11.32
N ASP F 450 26.51 48.53 10.14
CA ASP F 450 26.31 47.63 9.02
C ASP F 450 27.59 46.97 8.56
N GLN F 451 28.75 47.55 8.89
CA GLN F 451 30.04 46.97 8.58
C GLN F 451 30.54 46.04 9.67
N GLY F 452 29.73 45.78 10.70
CA GLY F 452 30.09 44.80 11.71
C GLY F 452 31.15 45.24 12.70
N ASN F 453 31.19 46.51 13.04
CA ASN F 453 32.16 47.03 14.00
C ASN F 453 31.42 47.70 15.15
N VAL F 454 31.93 47.51 16.36
CA VAL F 454 31.36 48.11 17.56
C VAL F 454 32.43 48.17 18.62
N GLN F 455 32.36 49.18 19.47
CA GLN F 455 33.27 49.34 20.60
C GLN F 455 32.57 48.87 21.87
N ILE F 456 33.10 47.83 22.49
CA ILE F 456 32.48 47.28 23.70
C ILE F 456 32.97 47.99 24.95
N SER F 457 34.26 48.33 24.99
CA SER F 457 34.83 48.98 26.16
C SER F 457 34.37 50.44 26.24
N ILE F 458 34.47 50.99 27.45
CA ILE F 458 34.12 52.38 27.67
C ILE F 458 35.35 53.29 27.77
N ALA F 459 36.54 52.74 27.96
CA ALA F 459 37.76 53.53 28.03
C ALA F 459 38.43 53.63 26.67
N THR G 22 23.97 24.62 42.16
CA THR G 22 25.40 24.37 42.04
C THR G 22 25.93 24.83 40.69
N ARG G 23 25.11 24.72 39.65
CA ARG G 23 25.47 25.24 38.34
C ARG G 23 25.37 26.76 38.35
N THR G 24 26.15 27.40 37.49
CA THR G 24 26.20 28.85 37.42
C THR G 24 26.16 29.30 35.96
N ALA G 25 24.97 29.64 35.48
CA ALA G 25 24.81 30.21 34.15
C ALA G 25 25.14 31.71 34.21
N ALA G 26 24.83 32.43 33.14
CA ALA G 26 25.17 33.84 33.08
C ALA G 26 24.16 34.75 33.77
N HIS G 27 23.01 34.23 34.19
CA HIS G 27 21.98 35.06 34.82
C HIS G 27 21.40 34.36 36.04
N THR G 28 22.26 33.71 36.84
CA THR G 28 21.77 33.09 38.07
C THR G 28 21.53 34.13 39.16
N HIS G 29 22.25 35.25 39.14
CA HIS G 29 22.12 36.26 40.16
C HIS G 29 20.96 37.21 39.92
N ILE G 30 20.35 37.20 38.74
CA ILE G 30 19.23 38.08 38.44
C ILE G 30 17.97 37.45 39.01
N LYS G 31 17.61 37.84 40.24
CA LYS G 31 16.42 37.31 40.89
C LYS G 31 15.18 38.17 40.63
N GLY G 32 15.33 39.37 40.12
CA GLY G 32 14.20 40.23 39.89
C GLY G 32 14.64 41.65 39.67
N LEU G 33 13.66 42.51 39.41
CA LEU G 33 13.94 43.91 39.10
C LEU G 33 14.27 44.73 40.35
N GLY G 34 13.92 44.26 41.53
CA GLY G 34 14.27 44.96 42.75
C GLY G 34 13.61 46.31 42.93
N LEU G 35 12.35 46.43 42.55
CA LEU G 35 11.60 47.65 42.80
C LEU G 35 10.89 47.55 44.16
N ASP G 36 10.45 48.70 44.66
CA ASP G 36 9.67 48.75 45.88
C ASP G 36 8.26 49.25 45.58
N GLU G 37 7.30 48.79 46.37
CA GLU G 37 5.91 49.14 46.14
C GLU G 37 5.72 50.65 46.22
N SER G 38 5.02 51.19 45.23
CA SER G 38 4.77 52.64 45.13
C SER G 38 6.08 53.41 45.16
N GLY G 39 7.08 52.91 44.46
CA GLY G 39 8.40 53.52 44.45
C GLY G 39 9.15 53.28 43.16
N VAL G 40 10.48 53.34 43.24
CA VAL G 40 11.36 53.30 42.10
C VAL G 40 12.37 52.18 42.30
N ALA G 41 13.29 52.06 41.35
CA ALA G 41 14.30 51.00 41.42
C ALA G 41 15.36 51.35 42.46
N LYS G 42 15.64 50.40 43.34
CA LYS G 42 16.76 50.56 44.26
C LYS G 42 18.08 50.45 43.50
N ARG G 43 19.11 51.11 44.03
CA ARG G 43 20.38 51.17 43.32
C ARG G 43 20.99 49.79 43.13
N VAL G 44 20.99 48.96 44.18
CA VAL G 44 21.46 47.59 44.09
C VAL G 44 20.48 46.71 44.87
N GLU G 45 19.77 45.83 44.16
CA GLU G 45 18.82 44.90 44.75
C GLU G 45 18.39 43.92 43.66
N GLY G 46 18.22 42.66 44.05
CA GLY G 46 17.82 41.65 43.09
C GLY G 46 18.87 41.28 42.08
N GLY G 47 20.15 41.54 42.39
CA GLY G 47 21.22 41.24 41.47
C GLY G 47 21.47 42.28 40.40
N PHE G 48 20.70 43.36 40.39
CA PHE G 48 20.84 44.42 39.40
C PHE G 48 21.61 45.60 39.98
N VAL G 49 22.54 46.13 39.19
CA VAL G 49 23.30 47.32 39.53
C VAL G 49 23.07 48.34 38.43
N GLY G 50 22.53 49.49 38.79
CA GLY G 50 22.24 50.51 37.81
C GLY G 50 21.01 50.19 36.98
N GLN G 51 20.92 50.85 35.82
CA GLN G 51 19.80 50.67 34.88
C GLN G 51 18.47 50.98 35.56
N ILE G 52 18.39 52.13 36.21
CA ILE G 52 17.19 52.49 36.97
C ILE G 52 16.00 52.68 36.04
N GLU G 53 16.19 53.45 34.97
CA GLU G 53 15.07 53.74 34.06
C GLU G 53 14.55 52.48 33.39
N ALA G 54 15.45 51.62 32.91
CA ALA G 54 15.03 50.39 32.26
C ALA G 54 14.30 49.47 33.24
N ARG G 55 14.75 49.42 34.49
CA ARG G 55 14.08 48.59 35.48
C ARG G 55 12.69 49.13 35.80
N GLU G 56 12.55 50.45 35.89
CA GLU G 56 11.22 51.03 36.12
C GLU G 56 10.28 50.77 34.95
N ALA G 57 10.79 50.89 33.72
CA ALA G 57 9.96 50.60 32.56
C ALA G 57 9.56 49.14 32.52
N CYS G 58 10.49 48.24 32.84
CA CYS G 58 10.13 46.83 32.92
C CYS G 58 9.11 46.58 34.02
N GLY G 59 9.18 47.34 35.11
CA GLY G 59 8.20 47.19 36.17
C GLY G 59 6.80 47.60 35.74
N VAL G 60 6.69 48.73 35.04
CA VAL G 60 5.36 49.13 34.57
C VAL G 60 4.85 48.15 33.52
N ILE G 61 5.75 47.60 32.68
CA ILE G 61 5.33 46.59 31.72
C ILE G 61 4.85 45.33 32.44
N VAL G 62 5.53 44.94 33.52
CA VAL G 62 5.11 43.78 34.30
C VAL G 62 3.74 44.02 34.92
N ASP G 63 3.50 45.24 35.41
CA ASP G 63 2.18 45.57 35.93
C ASP G 63 1.13 45.46 34.84
N LEU G 64 1.44 45.93 33.64
CA LEU G 64 0.51 45.80 32.52
C LEU G 64 0.20 44.35 32.22
N ILE G 65 1.22 43.49 32.22
CA ILE G 65 1.01 42.07 31.96
C ILE G 65 0.15 41.44 33.04
N LYS G 66 0.41 41.79 34.31
CA LYS G 66 -0.39 41.26 35.40
C LYS G 66 -1.84 41.73 35.30
N ALA G 67 -2.07 42.91 34.73
CA ALA G 67 -3.45 43.38 34.54
C ALA G 67 -4.25 42.43 33.66
N LYS G 68 -3.59 41.79 32.69
CA LYS G 68 -4.21 40.73 31.87
C LYS G 68 -5.44 41.25 31.13
N LYS G 69 -5.35 42.47 30.60
CA LYS G 69 -6.47 43.08 29.90
C LYS G 69 -6.12 43.58 28.51
N MET G 70 -4.89 43.39 28.04
CA MET G 70 -4.45 43.91 26.76
C MET G 70 -3.78 42.80 25.96
N SER G 71 -3.76 42.98 24.64
CA SER G 71 -3.12 42.05 23.74
C SER G 71 -2.27 42.79 22.73
N GLY G 72 -1.22 42.11 22.25
CA GLY G 72 -0.37 42.65 21.22
C GLY G 72 0.39 43.90 21.60
N ARG G 73 0.99 43.89 22.78
CA ARG G 73 1.80 45.01 23.26
C ARG G 73 3.27 44.68 23.09
N ALA G 74 3.99 45.56 22.39
CA ALA G 74 5.37 45.31 22.02
C ALA G 74 6.29 46.29 22.72
N ILE G 75 7.37 45.79 23.30
CA ILE G 75 8.44 46.61 23.84
C ILE G 75 9.75 46.14 23.24
N LEU G 76 10.64 47.09 22.95
CA LEU G 76 11.94 46.80 22.35
C LEU G 76 13.03 47.19 23.32
N LEU G 77 13.89 46.24 23.67
CA LEU G 77 15.05 46.49 24.52
C LEU G 77 16.20 46.91 23.62
N ALA G 78 16.47 48.21 23.56
CA ALA G 78 17.47 48.76 22.66
C ALA G 78 18.69 49.22 23.44
N GLY G 79 19.86 48.80 22.99
CA GLY G 79 21.10 49.17 23.65
C GLY G 79 22.26 48.39 23.06
N GLY G 80 23.45 48.70 23.57
CA GLY G 80 24.64 48.05 23.09
C GLY G 80 24.85 46.69 23.73
N PRO G 81 25.92 46.03 23.32
CA PRO G 81 26.29 44.78 23.97
C PRO G 81 26.70 45.01 25.41
N SER G 82 26.44 44.00 26.24
CA SER G 82 26.75 44.05 27.67
C SER G 82 26.06 45.24 28.35
N THR G 83 24.76 45.36 28.12
CA THR G 83 23.97 46.44 28.67
C THR G 83 22.79 45.97 29.51
N GLY G 84 22.58 44.66 29.64
CA GLY G 84 21.55 44.15 30.52
C GLY G 84 20.22 43.79 29.89
N LYS G 85 20.15 43.72 28.57
CA LYS G 85 18.86 43.48 27.90
C LYS G 85 18.31 42.10 28.26
N THR G 86 19.12 41.06 28.08
CA THR G 86 18.65 39.71 28.41
C THR G 86 18.41 39.59 29.91
N ALA G 87 19.23 40.26 30.71
CA ALA G 87 18.98 40.30 32.15
C ALA G 87 17.64 40.94 32.46
N LEU G 88 17.27 42.00 31.73
CA LEU G 88 15.97 42.63 31.95
C LEU G 88 14.84 41.69 31.57
N ALA G 89 14.98 40.98 30.44
CA ALA G 89 13.94 40.03 30.06
C ALA G 89 13.79 38.92 31.10
N LEU G 90 14.91 38.40 31.59
CA LEU G 90 14.86 37.37 32.62
C LEU G 90 14.28 37.93 33.92
N ALA G 91 14.57 39.19 34.25
CA ALA G 91 13.98 39.80 35.43
C ALA G 91 12.47 39.92 35.28
N ILE G 92 11.99 40.26 34.09
CA ILE G 92 10.55 40.29 33.85
C ILE G 92 9.97 38.90 34.06
N SER G 93 10.63 37.87 33.54
CA SER G 93 10.16 36.51 33.71
C SER G 93 10.11 36.12 35.18
N GLN G 94 11.14 36.45 35.94
CA GLN G 94 11.19 36.10 37.36
C GLN G 94 10.15 36.87 38.16
N GLU G 95 9.95 38.15 37.82
CA GLU G 95 8.97 38.95 38.54
C GLU G 95 7.56 38.45 38.29
N LEU G 96 7.26 38.04 37.06
CA LEU G 96 5.92 37.52 36.78
C LEU G 96 5.67 36.18 37.45
N GLY G 97 6.71 35.43 37.77
CA GLY G 97 6.57 34.14 38.39
C GLY G 97 6.50 33.02 37.37
N PRO G 98 6.64 31.78 37.83
CA PRO G 98 6.59 30.64 36.90
C PRO G 98 5.20 30.32 36.39
N LYS G 99 4.16 30.90 36.99
CA LYS G 99 2.80 30.60 36.55
C LYS G 99 2.47 31.27 35.22
N VAL G 100 3.02 32.45 34.97
CA VAL G 100 2.80 33.16 33.71
C VAL G 100 3.71 32.54 32.64
N PRO G 101 3.15 32.09 31.52
CA PRO G 101 3.97 31.43 30.50
C PRO G 101 4.93 32.36 29.78
N PHE G 102 6.22 32.15 30.00
CA PHE G 102 7.28 32.91 29.36
C PHE G 102 7.95 32.02 28.32
N CYS G 103 8.15 32.56 27.13
CA CYS G 103 8.63 31.78 25.98
C CYS G 103 9.88 32.41 25.40
N PRO G 104 11.06 32.10 25.93
CA PRO G 104 12.29 32.65 25.35
C PRO G 104 12.51 32.12 23.95
N LEU G 105 13.09 32.96 23.10
CA LEU G 105 13.28 32.59 21.70
C LEU G 105 14.35 33.49 21.11
N VAL G 106 15.10 32.93 20.16
CA VAL G 106 16.06 33.68 19.37
C VAL G 106 15.50 33.81 17.97
N GLY G 107 15.71 34.97 17.35
CA GLY G 107 15.15 35.20 16.04
C GLY G 107 15.59 34.19 15.00
N SER G 108 16.76 33.58 15.21
CA SER G 108 17.25 32.56 14.28
C SER G 108 16.38 31.31 14.29
N GLU G 109 15.70 31.04 15.41
CA GLU G 109 14.93 29.81 15.54
C GLU G 109 13.73 29.76 14.60
N LEU G 110 13.28 30.91 14.11
CA LEU G 110 12.07 30.93 13.28
C LEU G 110 12.26 30.19 11.96
N TYR G 111 13.49 30.17 11.44
CA TYR G 111 13.76 29.61 10.11
C TYR G 111 13.81 28.09 10.20
N SER G 112 12.63 27.47 10.17
CA SER G 112 12.51 26.03 10.18
C SER G 112 12.66 25.46 8.78
N VAL G 113 12.72 24.13 8.70
CA VAL G 113 12.75 23.43 7.43
C VAL G 113 11.45 22.65 7.19
N GLU G 114 10.67 22.37 8.22
CA GLU G 114 9.44 21.60 8.07
C GLU G 114 8.23 22.47 7.72
N VAL G 115 8.20 23.72 8.18
CA VAL G 115 7.08 24.61 7.91
C VAL G 115 7.62 26.00 7.57
N LYS G 116 6.70 26.86 7.15
CA LYS G 116 7.02 28.25 6.86
C LYS G 116 7.29 29.04 8.14
N LYS G 117 7.93 30.18 7.97
CA LYS G 117 8.28 31.03 9.11
C LYS G 117 7.03 31.54 9.82
N THR G 118 5.99 31.86 9.05
CA THR G 118 4.75 32.38 9.62
C THR G 118 4.12 31.38 10.58
N GLU G 119 4.11 30.10 10.20
CA GLU G 119 3.55 29.08 11.07
C GLU G 119 4.32 28.99 12.38
N THR G 120 5.66 29.04 12.31
CA THR G 120 6.45 28.96 13.53
C THR G 120 6.19 30.16 14.44
N LEU G 121 6.10 31.35 13.85
CA LEU G 121 5.80 32.54 14.64
C LEU G 121 4.44 32.41 15.32
N MET G 122 3.43 31.92 14.59
CA MET G 122 2.11 31.77 15.19
C MET G 122 2.13 30.73 16.30
N GLU G 123 2.87 29.64 16.11
CA GLU G 123 2.97 28.62 17.15
C GLU G 123 3.59 29.19 18.41
N ASN G 124 4.65 29.99 18.27
CA ASN G 124 5.24 30.64 19.44
C ASN G 124 4.25 31.60 20.10
N PHE G 125 3.53 32.39 19.29
CA PHE G 125 2.52 33.30 19.80
C PHE G 125 1.52 32.56 20.69
N ARG G 126 0.98 31.45 20.19
CA ARG G 126 -0.02 30.72 20.94
C ARG G 126 0.59 29.88 22.06
N ARG G 127 1.89 29.62 22.00
CA ARG G 127 2.58 29.00 23.13
C ARG G 127 2.74 30.00 24.27
N ALA G 128 2.76 31.29 23.96
CA ALA G 128 2.89 32.28 25.03
C ALA G 128 1.60 32.45 25.83
N ILE G 129 0.44 32.18 25.25
CA ILE G 129 -0.83 32.29 25.96
C ILE G 129 -1.05 31.03 26.78
N GLY G 130 -1.57 31.20 27.99
CA GLY G 130 -1.74 30.09 28.90
C GLY G 130 -3.14 30.05 29.48
N LEU G 131 -3.52 28.85 29.94
CA LEU G 131 -4.83 28.60 30.51
C LEU G 131 -4.68 27.82 31.81
N ARG G 132 -5.44 28.21 32.82
CA ARG G 132 -5.42 27.55 34.12
C ARG G 132 -6.80 26.99 34.41
N ILE G 133 -6.87 25.70 34.68
CA ILE G 133 -8.14 25.00 34.91
C ILE G 133 -8.19 24.57 36.36
N LYS G 134 -9.20 25.07 37.09
CA LYS G 134 -9.39 24.75 38.49
C LYS G 134 -10.64 23.90 38.62
N GLU G 135 -10.48 22.64 39.03
CA GLU G 135 -11.59 21.72 39.17
C GLU G 135 -11.57 21.12 40.58
N THR G 136 -12.73 21.13 41.23
CA THR G 136 -12.91 20.48 42.52
C THR G 136 -13.68 19.20 42.33
N LYS G 137 -13.22 18.13 42.96
CA LYS G 137 -13.84 16.81 42.81
C LYS G 137 -13.99 16.14 44.17
N GLU G 138 -15.15 15.53 44.38
CA GLU G 138 -15.43 14.79 45.60
C GLU G 138 -15.28 13.30 45.31
N VAL G 139 -14.54 12.60 46.17
CA VAL G 139 -14.23 11.20 45.95
C VAL G 139 -14.24 10.46 47.28
N TYR G 140 -14.70 9.22 47.24
CA TYR G 140 -14.61 8.30 48.36
C TYR G 140 -13.58 7.23 48.04
N GLU G 141 -12.63 7.01 48.95
CA GLU G 141 -11.56 6.05 48.72
C GLU G 141 -11.33 5.24 49.98
N GLY G 142 -11.05 3.96 49.80
CA GLY G 142 -10.80 3.08 50.92
C GLY G 142 -10.96 1.63 50.53
N GLU G 143 -10.47 0.77 51.40
CA GLU G 143 -10.56 -0.67 51.17
C GLU G 143 -12.02 -1.12 51.24
N VAL G 144 -12.43 -1.93 50.28
CA VAL G 144 -13.81 -2.42 50.23
C VAL G 144 -13.98 -3.50 51.29
N THR G 145 -14.93 -3.29 52.20
CA THR G 145 -15.17 -4.24 53.28
C THR G 145 -16.53 -4.93 53.18
N GLU G 146 -17.56 -4.23 52.73
CA GLU G 146 -18.90 -4.80 52.62
C GLU G 146 -19.43 -4.56 51.22
N LEU G 147 -20.16 -5.54 50.70
CA LEU G 147 -20.78 -5.42 49.38
C LEU G 147 -22.10 -6.18 49.42
N THR G 148 -23.18 -5.46 49.73
CA THR G 148 -24.48 -6.09 49.91
C THR G 148 -25.57 -5.26 49.25
N PRO G 149 -26.35 -5.84 48.35
CA PRO G 149 -27.51 -5.14 47.80
C PRO G 149 -28.77 -5.40 48.61
N GLU G 150 -29.52 -4.33 48.87
CA GLU G 150 -30.73 -4.43 49.67
C GLU G 150 -31.94 -4.63 48.77
N ASP G 151 -32.71 -5.67 49.04
CA ASP G 151 -33.88 -5.98 48.24
C ASP G 151 -35.02 -5.02 48.59
N ALA G 152 -35.81 -4.67 47.58
CA ALA G 152 -36.94 -3.77 47.75
C ALA G 152 -38.10 -4.26 46.90
N GLU G 153 -39.28 -3.72 47.20
CA GLU G 153 -40.48 -4.11 46.46
C GLU G 153 -40.40 -3.64 45.01
N ASN G 154 -40.84 -4.50 44.10
CA ASN G 154 -40.80 -4.18 42.67
C ASN G 154 -42.01 -3.33 42.30
N PRO G 155 -41.80 -2.15 41.72
CA PRO G 155 -42.96 -1.38 41.23
C PRO G 155 -43.73 -2.08 40.13
N LEU G 156 -43.07 -2.88 39.31
CA LEU G 156 -43.72 -3.64 38.25
C LEU G 156 -44.05 -5.07 38.65
N GLY G 157 -43.79 -5.45 39.90
CA GLY G 157 -44.09 -6.80 40.34
C GLY G 157 -43.32 -7.84 39.55
N GLY G 158 -44.02 -8.87 39.11
CA GLY G 158 -43.41 -9.91 38.31
C GLY G 158 -42.64 -10.96 39.07
N TYR G 159 -42.67 -10.92 40.40
CA TYR G 159 -42.03 -11.90 41.27
C TYR G 159 -40.52 -11.94 41.10
N GLY G 160 -39.93 -10.91 40.49
CA GLY G 160 -38.49 -10.86 40.35
C GLY G 160 -37.81 -10.29 41.57
N LYS G 161 -36.51 -10.54 41.65
CA LYS G 161 -35.68 -10.04 42.75
C LYS G 161 -35.10 -8.69 42.36
N THR G 162 -35.45 -7.65 43.09
CA THR G 162 -35.03 -6.29 42.78
C THR G 162 -34.13 -5.74 43.88
N ILE G 163 -33.25 -4.81 43.51
CA ILE G 163 -32.35 -4.15 44.43
C ILE G 163 -32.55 -2.65 44.29
N SER G 164 -32.67 -1.96 45.43
CA SER G 164 -32.84 -0.52 45.43
C SER G 164 -31.54 0.24 45.71
N HIS G 165 -30.58 -0.40 46.37
CA HIS G 165 -29.28 0.20 46.64
C HIS G 165 -28.23 -0.90 46.68
N VAL G 166 -26.97 -0.49 46.52
CA VAL G 166 -25.82 -1.36 46.74
C VAL G 166 -24.96 -0.72 47.81
N ILE G 167 -24.62 -1.50 48.83
CA ILE G 167 -23.95 -0.99 50.02
C ILE G 167 -22.47 -1.32 49.92
N VAL G 168 -21.63 -0.29 49.99
CA VAL G 168 -20.19 -0.44 49.93
C VAL G 168 -19.61 0.19 51.19
N GLY G 169 -18.83 -0.59 51.93
CA GLY G 169 -18.18 -0.08 53.12
C GLY G 169 -16.69 0.08 52.92
N LEU G 170 -16.19 1.30 53.11
CA LEU G 170 -14.80 1.61 52.89
C LEU G 170 -14.15 2.00 54.21
N LYS G 171 -12.97 1.45 54.48
CA LYS G 171 -12.22 1.75 55.69
C LYS G 171 -10.92 2.45 55.31
N SER G 172 -10.58 3.50 56.06
CA SER G 172 -9.42 4.32 55.78
C SER G 172 -8.67 4.58 57.08
N ALA G 173 -7.55 5.27 56.98
CA ALA G 173 -6.77 5.63 58.16
C ALA G 173 -7.53 6.67 58.97
N LYS G 174 -7.91 6.29 60.20
CA LYS G 174 -8.73 7.13 61.06
C LYS G 174 -10.04 7.52 60.35
N GLY G 175 -10.68 6.52 59.75
CA GLY G 175 -11.95 6.75 59.10
C GLY G 175 -12.54 5.52 58.44
N THR G 176 -13.87 5.41 58.50
CA THR G 176 -14.59 4.32 57.84
C THR G 176 -16.05 4.73 57.70
N LYS G 177 -16.68 4.31 56.60
CA LYS G 177 -18.06 4.69 56.34
C LYS G 177 -18.71 3.63 55.47
N THR G 178 -20.04 3.62 55.50
CA THR G 178 -20.85 2.75 54.65
C THR G 178 -21.74 3.61 53.77
N LEU G 179 -21.80 3.27 52.50
CA LEU G 179 -22.48 4.08 51.50
C LEU G 179 -23.66 3.31 50.92
N ARG G 180 -24.82 3.97 50.86
CA ARG G 180 -25.98 3.42 50.17
C ARG G 180 -26.03 4.05 48.77
N LEU G 181 -25.20 3.52 47.88
CA LEU G 181 -25.14 4.00 46.52
C LEU G 181 -26.34 3.53 45.72
N ASP G 182 -26.57 4.18 44.57
CA ASP G 182 -27.64 3.80 43.70
C ASP G 182 -27.34 2.45 43.04
N PRO G 183 -28.36 1.75 42.55
CA PRO G 183 -28.12 0.42 41.97
C PRO G 183 -27.24 0.42 40.74
N THR G 184 -27.03 1.58 40.10
CA THR G 184 -26.26 1.62 38.86
C THR G 184 -24.82 1.19 39.07
N ILE G 185 -24.31 1.24 40.30
CA ILE G 185 -22.90 0.97 40.56
C ILE G 185 -22.49 -0.45 40.14
N TYR G 186 -23.45 -1.35 40.00
CA TYR G 186 -23.13 -2.75 39.74
C TYR G 186 -22.36 -2.91 38.43
N GLU G 187 -22.66 -2.08 37.43
CA GLU G 187 -21.94 -2.16 36.17
C GLU G 187 -20.47 -1.80 36.35
N SER G 188 -20.21 -0.70 37.06
CA SER G 188 -18.83 -0.27 37.26
C SER G 188 -18.05 -1.27 38.11
N ILE G 189 -18.72 -1.86 39.11
CA ILE G 189 -18.08 -2.87 39.94
C ILE G 189 -17.68 -4.08 39.10
N GLN G 190 -18.58 -4.53 38.22
CA GLN G 190 -18.26 -5.66 37.36
C GLN G 190 -17.13 -5.31 36.40
N ARG G 191 -17.17 -4.12 35.81
CA ARG G 191 -16.17 -3.73 34.82
C ARG G 191 -14.79 -3.64 35.44
N GLU G 192 -14.69 -3.11 36.66
CA GLU G 192 -13.41 -2.96 37.33
C GLU G 192 -13.02 -4.17 38.16
N LYS G 193 -13.82 -5.23 38.12
CA LYS G 193 -13.56 -6.50 38.81
C LYS G 193 -12.94 -6.29 40.19
N VAL G 194 -13.60 -5.45 40.98
CA VAL G 194 -13.16 -5.19 42.35
C VAL G 194 -13.55 -6.36 43.23
N SER G 195 -12.99 -6.42 44.44
CA SER G 195 -13.31 -7.49 45.37
C SER G 195 -13.10 -6.97 46.79
N ILE G 196 -13.47 -7.81 47.76
CA ILE G 196 -13.26 -7.45 49.16
C ILE G 196 -11.76 -7.42 49.43
N GLY G 197 -11.32 -6.36 50.10
CA GLY G 197 -9.92 -6.11 50.33
C GLY G 197 -9.29 -5.15 49.33
N ASP G 198 -9.95 -4.90 48.21
CA ASP G 198 -9.48 -3.93 47.24
C ASP G 198 -9.75 -2.51 47.74
N VAL G 199 -8.85 -1.60 47.42
CA VAL G 199 -9.05 -0.17 47.65
C VAL G 199 -9.41 0.48 46.33
N ILE G 200 -10.48 1.27 46.32
CA ILE G 200 -11.10 1.75 45.09
C ILE G 200 -11.22 3.27 45.14
N TYR G 201 -11.54 3.83 43.98
CA TYR G 201 -11.63 5.28 43.78
C TYR G 201 -12.95 5.53 43.05
N ILE G 202 -13.94 6.08 43.75
CA ILE G 202 -15.27 6.30 43.21
C ILE G 202 -15.59 7.78 43.25
N GLU G 203 -15.93 8.35 42.08
CA GLU G 203 -16.27 9.76 41.99
C GLU G 203 -17.69 9.99 42.50
N ALA G 204 -17.87 11.09 43.24
CA ALA G 204 -19.15 11.32 43.91
C ALA G 204 -20.27 11.62 42.93
N ASN G 205 -20.00 12.46 41.94
CA ASN G 205 -21.05 12.91 41.03
C ASN G 205 -21.12 12.11 39.73
N THR G 206 -20.06 11.38 39.37
CA THR G 206 -20.04 10.64 38.12
C THR G 206 -20.59 9.22 38.27
N GLY G 207 -20.26 8.55 39.36
CA GLY G 207 -20.68 7.18 39.57
C GLY G 207 -19.69 6.13 39.10
N ALA G 208 -18.57 6.53 38.51
CA ALA G 208 -17.57 5.56 38.08
C ALA G 208 -16.71 5.12 39.26
N VAL G 209 -16.08 3.96 39.10
CA VAL G 209 -15.17 3.41 40.11
C VAL G 209 -13.86 3.04 39.42
N LYS G 210 -12.81 2.97 40.23
CA LYS G 210 -11.48 2.62 39.73
C LYS G 210 -10.68 2.04 40.88
N ARG G 211 -10.11 0.85 40.68
CA ARG G 211 -9.32 0.19 41.71
C ARG G 211 -7.85 0.45 41.45
N VAL G 212 -7.14 0.87 42.51
CA VAL G 212 -5.71 1.14 42.41
C VAL G 212 -4.85 -0.01 42.91
N GLY G 213 -5.46 -1.06 43.47
CA GLY G 213 -4.72 -2.21 43.91
C GLY G 213 -5.29 -2.86 45.15
N ARG G 214 -4.62 -3.90 45.65
CA ARG G 214 -5.04 -4.53 46.88
C ARG G 214 -4.51 -3.76 48.09
N SER G 215 -5.08 -4.04 49.25
CA SER G 215 -4.58 -3.48 50.48
C SER G 215 -3.30 -4.20 50.92
N ASP G 216 -2.40 -3.45 51.55
CA ASP G 216 -1.14 -4.03 51.99
C ASP G 216 -1.33 -5.08 53.07
N ALA G 217 -2.48 -5.07 53.76
CA ALA G 217 -2.72 -6.04 54.82
C ALA G 217 -2.80 -7.47 54.30
N TYR G 218 -3.12 -7.64 53.02
CA TYR G 218 -3.22 -8.97 52.43
C TYR G 218 -2.02 -9.33 51.57
N ALA G 219 -0.91 -8.59 51.69
CA ALA G 219 0.29 -8.92 50.94
C ALA G 219 0.91 -10.24 51.41
N THR G 220 0.61 -10.68 52.62
CA THR G 220 1.18 -11.90 53.17
C THR G 220 0.38 -13.15 52.82
N GLU G 221 -0.87 -12.99 52.36
CA GLU G 221 -1.73 -14.14 52.12
C GLU G 221 -1.17 -15.04 51.02
N PHE G 222 -0.47 -14.46 50.04
CA PHE G 222 0.14 -15.23 48.97
C PHE G 222 1.61 -14.82 48.85
N ASP G 223 2.48 -15.83 48.69
CA ASP G 223 3.91 -15.54 48.56
C ASP G 223 4.20 -14.80 47.26
N LEU G 224 3.55 -15.19 46.16
CA LEU G 224 3.71 -14.54 44.88
C LEU G 224 2.36 -14.08 44.34
N GLU G 225 2.34 -12.88 43.77
CA GLU G 225 1.14 -12.34 43.14
C GLU G 225 1.57 -11.20 42.23
N THR G 226 1.05 -11.19 41.00
CA THR G 226 1.49 -10.19 40.03
C THR G 226 0.99 -8.80 40.38
N GLU G 227 -0.18 -8.69 40.98
CA GLU G 227 -0.78 -7.38 41.23
C GLU G 227 0.03 -6.59 42.25
N GLU G 228 -0.09 -5.27 42.19
CA GLU G 228 0.62 -4.38 43.07
C GLU G 228 -0.24 -4.02 44.27
N TYR G 229 0.29 -4.24 45.47
CA TYR G 229 -0.40 -3.92 46.71
C TYR G 229 -0.01 -2.50 47.11
N VAL G 230 -1.00 -1.64 47.29
CA VAL G 230 -0.76 -0.22 47.55
C VAL G 230 -1.11 0.09 49.00
N PRO G 231 -0.45 1.06 49.63
CA PRO G 231 -0.77 1.39 51.01
C PRO G 231 -2.19 1.95 51.15
N LEU G 232 -2.77 1.72 52.31
CA LEU G 232 -4.12 2.17 52.57
C LEU G 232 -4.17 3.69 52.60
N PRO G 233 -5.10 4.33 51.89
CA PRO G 233 -5.12 5.79 51.82
C PRO G 233 -5.44 6.42 53.16
N LYS G 234 -4.86 7.60 53.39
CA LYS G 234 -4.97 8.29 54.66
C LYS G 234 -6.20 9.18 54.70
N GLY G 235 -6.51 9.67 55.89
CA GLY G 235 -7.61 10.60 56.06
C GLY G 235 -8.97 9.93 56.04
N GLU G 236 -9.99 10.77 56.08
CA GLU G 236 -11.37 10.30 55.99
C GLU G 236 -11.62 9.73 54.59
N VAL G 237 -12.62 8.84 54.52
CA VAL G 237 -12.96 8.21 53.24
C VAL G 237 -13.42 9.27 52.24
N HIS G 238 -14.14 10.29 52.70
CA HIS G 238 -14.64 11.35 51.83
C HIS G 238 -13.63 12.48 51.77
N LYS G 239 -13.05 12.70 50.60
CA LYS G 239 -12.00 13.71 50.40
C LYS G 239 -12.37 14.62 49.25
N LYS G 240 -12.22 15.93 49.47
CA LYS G 240 -12.46 16.94 48.45
C LYS G 240 -11.12 17.53 48.05
N LYS G 241 -10.77 17.43 46.77
CA LYS G 241 -9.48 17.86 46.26
C LYS G 241 -9.66 18.84 45.12
N GLU G 242 -8.83 19.89 45.11
CA GLU G 242 -8.83 20.89 44.06
C GLU G 242 -7.61 20.67 43.20
N ILE G 243 -7.80 20.28 41.94
CA ILE G 243 -6.71 20.00 41.03
C ILE G 243 -6.58 21.17 40.06
N VAL G 244 -5.38 21.72 39.97
CA VAL G 244 -5.07 22.82 39.06
C VAL G 244 -4.11 22.30 38.00
N GLN G 245 -4.43 22.56 36.74
CA GLN G 245 -3.59 22.16 35.63
C GLN G 245 -3.35 23.36 34.73
N ASP G 246 -2.15 23.43 34.16
CA ASP G 246 -1.75 24.54 33.30
C ASP G 246 -1.52 24.05 31.88
N VAL G 247 -2.16 24.71 30.91
CA VAL G 247 -2.03 24.37 29.51
C VAL G 247 -1.84 25.65 28.71
N THR G 248 -1.33 25.49 27.49
CA THR G 248 -1.16 26.59 26.56
C THR G 248 -2.00 26.31 25.32
N LEU G 249 -2.34 27.38 24.61
CA LEU G 249 -3.14 27.25 23.40
C LEU G 249 -2.44 26.37 22.36
N HIS G 250 -1.11 26.44 22.30
CA HIS G 250 -0.36 25.57 21.41
C HIS G 250 -0.56 24.11 21.78
N ASP G 251 -0.57 23.80 23.07
CA ASP G 251 -0.76 22.42 23.49
C ASP G 251 -2.12 21.89 23.05
N LEU G 252 -3.17 22.69 23.24
CA LEU G 252 -4.50 22.28 22.82
C LEU G 252 -4.57 22.11 21.30
N ASP G 253 -3.97 23.03 20.56
CA ASP G 253 -3.99 22.93 19.10
C ASP G 253 -3.28 21.67 18.62
N VAL G 254 -2.11 21.39 19.18
CA VAL G 254 -1.38 20.20 18.77
C VAL G 254 -2.14 18.94 19.16
N ALA G 255 -2.71 18.90 20.36
CA ALA G 255 -3.46 17.72 20.78
C ALA G 255 -4.67 17.49 19.90
N ASN G 256 -5.32 18.56 19.46
CA ASN G 256 -6.48 18.39 18.58
C ASN G 256 -6.08 18.03 17.16
N ALA G 257 -4.90 18.43 16.73
CA ALA G 257 -4.42 18.10 15.38
C ALA G 257 -3.75 16.75 15.29
N ARG G 258 -3.62 16.03 16.41
CA ARG G 258 -2.90 14.77 16.47
C ARG G 258 -3.86 13.61 16.69
N PRO G 259 -3.63 12.46 16.06
CA PRO G 259 -4.48 11.30 16.31
C PRO G 259 -4.34 10.80 17.74
N GLN G 260 -5.40 10.12 18.21
CA GLN G 260 -5.43 9.65 19.59
C GLN G 260 -4.29 8.70 19.88
N GLY G 261 -4.01 7.78 18.96
CA GLY G 261 -2.97 6.81 19.18
C GLY G 261 -3.52 5.49 19.69
N GLY G 262 -3.58 4.49 18.82
CA GLY G 262 -4.14 3.21 19.20
C GLY G 262 -4.07 2.19 18.09
N GLN G 263 -5.03 1.27 18.05
CA GLN G 263 -5.05 0.20 17.07
C GLN G 263 -5.76 0.57 15.78
N ASP G 264 -6.36 1.75 15.70
CA ASP G 264 -7.04 2.16 14.48
C ASP G 264 -6.02 2.47 13.38
N VAL G 265 -6.51 2.49 12.15
CA VAL G 265 -5.63 2.50 10.99
C VAL G 265 -4.93 3.84 10.83
N ILE G 266 -5.60 4.94 11.22
CA ILE G 266 -4.99 6.26 11.14
C ILE G 266 -3.77 6.33 12.03
N SER G 267 -3.86 5.81 13.25
CA SER G 267 -2.71 5.78 14.13
C SER G 267 -1.60 4.89 13.58
N MET G 268 -1.95 3.83 12.86
CA MET G 268 -0.93 2.97 12.29
C MET G 268 -0.14 3.70 11.21
N MET G 269 -0.83 4.37 10.29
CA MET G 269 -0.09 5.16 9.30
C MET G 269 0.64 6.33 9.95
N GLY G 270 0.13 6.84 11.07
CA GLY G 270 0.88 7.86 11.80
C GLY G 270 2.16 7.31 12.39
N GLN G 271 2.13 6.06 12.85
CA GLN G 271 3.36 5.40 13.29
C GLN G 271 4.33 5.22 12.13
N LEU G 272 3.81 4.86 10.95
CA LEU G 272 4.68 4.65 9.81
C LEU G 272 5.35 5.95 9.36
N LEU G 273 4.56 7.01 9.18
CA LEU G 273 5.07 8.28 8.70
C LEU G 273 5.40 9.18 9.89
N LYS G 274 6.66 9.61 9.97
CA LYS G 274 7.09 10.43 11.09
C LYS G 274 6.28 11.73 11.12
N PRO G 275 5.80 12.14 12.29
CA PRO G 275 4.99 13.38 12.36
C PRO G 275 5.82 14.63 12.17
N LYS G 276 5.65 15.27 11.02
CA LYS G 276 6.27 16.57 10.75
C LYS G 276 5.32 17.69 11.18
N LYS G 277 5.89 18.87 11.38
CA LYS G 277 5.06 20.04 11.64
C LYS G 277 4.16 20.31 10.44
N THR G 278 2.96 20.77 10.71
CA THR G 278 1.97 21.05 9.67
C THR G 278 1.35 22.41 9.93
N GLU G 279 0.84 23.00 8.86
CA GLU G 279 0.14 24.28 8.95
C GLU G 279 -1.22 24.05 9.61
N ILE G 280 -1.28 24.24 10.92
CA ILE G 280 -2.55 24.06 11.62
C ILE G 280 -3.52 25.12 11.12
N THR G 281 -4.67 24.66 10.62
CA THR G 281 -5.61 25.54 9.96
C THR G 281 -6.30 26.46 10.97
N GLU G 282 -6.85 27.56 10.44
CA GLU G 282 -7.56 28.50 11.29
C GLU G 282 -8.84 27.91 11.86
N LYS G 283 -9.43 26.93 11.19
CA LYS G 283 -10.64 26.31 11.70
C LYS G 283 -10.39 25.61 13.02
N LEU G 284 -9.30 24.86 13.12
CA LEU G 284 -8.96 24.18 14.36
C LEU G 284 -8.68 25.18 15.48
N ARG G 285 -7.94 26.24 15.17
CA ARG G 285 -7.63 27.25 16.18
C ARG G 285 -8.91 27.93 16.67
N GLN G 286 -9.83 28.24 15.76
CA GLN G 286 -11.08 28.85 16.17
C GLN G 286 -11.93 27.91 17.00
N GLU G 287 -11.92 26.61 16.69
CA GLU G 287 -12.61 25.65 17.52
C GLU G 287 -12.02 25.60 18.92
N VAL G 288 -10.68 25.62 19.02
CA VAL G 288 -10.03 25.63 20.32
C VAL G 288 -10.41 26.89 21.09
N ASN G 289 -10.42 28.03 20.42
CA ASN G 289 -10.82 29.28 21.07
C ASN G 289 -12.25 29.20 21.56
N LYS G 290 -13.15 28.62 20.77
CA LYS G 290 -14.55 28.54 21.15
C LYS G 290 -14.74 27.68 22.38
N VAL G 291 -14.09 26.51 22.42
CA VAL G 291 -14.25 25.64 23.59
C VAL G 291 -13.62 26.27 24.82
N VAL G 292 -12.48 26.94 24.65
CA VAL G 292 -11.85 27.62 25.78
C VAL G 292 -12.75 28.73 26.32
N ALA G 293 -13.37 29.49 25.42
CA ALA G 293 -14.28 30.55 25.85
C ALA G 293 -15.48 29.98 26.59
N LYS G 294 -16.02 28.87 26.09
CA LYS G 294 -17.14 28.23 26.78
C LYS G 294 -16.76 27.85 28.20
N TYR G 295 -15.61 27.20 28.36
CA TYR G 295 -15.24 26.73 29.70
C TYR G 295 -14.81 27.89 30.61
N ILE G 296 -14.28 28.97 30.03
CA ILE G 296 -13.98 30.15 30.82
C ILE G 296 -15.27 30.77 31.34
N ASP G 297 -16.29 30.86 30.49
CA ASP G 297 -17.57 31.40 30.93
C ASP G 297 -18.20 30.52 31.99
N GLN G 298 -18.03 29.20 31.87
CA GLN G 298 -18.54 28.31 32.90
C GLN G 298 -17.86 28.51 34.25
N GLY G 299 -16.72 29.20 34.27
CA GLY G 299 -16.04 29.52 35.50
C GLY G 299 -14.94 28.58 35.92
N VAL G 300 -14.56 27.64 35.06
CA VAL G 300 -13.56 26.64 35.42
C VAL G 300 -12.16 27.03 34.95
N ALA G 301 -12.03 27.97 34.01
CA ALA G 301 -10.75 28.29 33.40
C ALA G 301 -10.49 29.79 33.46
N GLU G 302 -9.21 30.14 33.55
CA GLU G 302 -8.76 31.52 33.54
C GLU G 302 -7.63 31.66 32.52
N LEU G 303 -7.58 32.80 31.86
CA LEU G 303 -6.63 33.03 30.77
C LEU G 303 -5.46 33.87 31.26
N ILE G 304 -4.25 33.44 30.92
CA ILE G 304 -3.02 34.14 31.27
C ILE G 304 -2.32 34.53 29.97
N PRO G 305 -2.14 35.82 29.70
CA PRO G 305 -1.53 36.25 28.43
C PRO G 305 -0.10 35.75 28.21
N GLY G 306 0.81 36.04 29.13
CA GLY G 306 2.19 35.60 28.97
C GLY G 306 3.04 36.54 28.15
N VAL G 307 4.31 36.17 28.01
CA VAL G 307 5.31 36.99 27.35
C VAL G 307 6.06 36.15 26.33
N LEU G 308 6.29 36.73 25.14
CA LEU G 308 7.09 36.11 24.09
C LEU G 308 8.33 36.97 23.87
N PHE G 309 9.49 36.45 24.24
CA PHE G 309 10.74 37.18 24.15
C PHE G 309 11.52 36.70 22.95
N ILE G 310 11.72 37.58 21.97
CA ILE G 310 12.45 37.26 20.76
C ILE G 310 13.77 38.02 20.81
N ASP G 311 14.82 37.35 21.27
CA ASP G 311 16.14 37.95 21.30
C ASP G 311 16.75 37.97 19.90
N GLU G 312 17.63 38.95 19.68
CA GLU G 312 18.25 39.16 18.38
C GLU G 312 17.21 39.28 17.28
N VAL G 313 16.35 40.31 17.43
CA VAL G 313 15.30 40.54 16.46
C VAL G 313 15.86 40.98 15.12
N ASN G 314 17.13 41.39 15.09
CA ASN G 314 17.78 41.78 13.85
C ASN G 314 17.85 40.61 12.87
N MET G 315 17.83 39.38 13.36
CA MET G 315 17.97 38.22 12.49
C MET G 315 16.70 37.93 11.70
N LEU G 316 15.56 38.50 12.09
CA LEU G 316 14.31 38.20 11.41
C LEU G 316 14.29 38.85 10.04
N ASP G 317 13.63 38.17 9.09
CA ASP G 317 13.47 38.69 7.74
C ASP G 317 12.26 39.60 7.67
N ILE G 318 12.11 40.25 6.51
CA ILE G 318 11.03 41.21 6.32
C ILE G 318 9.67 40.52 6.32
N GLU G 319 9.59 39.29 5.82
CA GLU G 319 8.33 38.56 5.84
C GLU G 319 7.87 38.31 7.27
N ILE G 320 8.79 37.93 8.15
CA ILE G 320 8.44 37.71 9.55
C ILE G 320 7.99 39.02 10.20
N PHE G 321 8.62 40.13 9.82
CA PHE G 321 8.21 41.42 10.37
C PHE G 321 6.82 41.82 9.91
N THR G 322 6.49 41.58 8.64
CA THR G 322 5.15 41.87 8.15
C THR G 322 4.12 41.00 8.86
N TYR G 323 4.45 39.72 9.07
CA TYR G 323 3.50 38.89 9.79
C TYR G 323 3.37 39.31 11.24
N LEU G 324 4.44 39.83 11.85
CA LEU G 324 4.30 40.41 13.18
C LEU G 324 3.37 41.61 13.16
N ASN G 325 3.47 42.43 12.11
CA ASN G 325 2.56 43.56 11.98
C ASN G 325 1.12 43.09 11.97
N LYS G 326 0.84 42.01 11.25
CA LYS G 326 -0.54 41.51 11.23
C LYS G 326 -0.94 40.83 12.53
N ALA G 327 -0.02 40.07 13.14
CA ALA G 327 -0.37 39.24 14.29
C ALA G 327 -0.49 40.04 15.58
N LEU G 328 0.20 41.18 15.68
CA LEU G 328 0.06 42.01 16.85
C LEU G 328 -1.36 42.56 16.99
N GLU G 329 -2.11 42.65 15.89
CA GLU G 329 -3.48 43.12 15.92
C GLU G 329 -4.47 42.03 16.27
N SER G 330 -4.02 40.79 16.47
CA SER G 330 -4.92 39.71 16.84
C SER G 330 -5.55 40.00 18.19
N ASN G 331 -6.85 39.68 18.31
CA ASN G 331 -7.58 39.97 19.53
C ASN G 331 -7.03 39.22 20.73
N ILE G 332 -6.35 38.10 20.51
CA ILE G 332 -5.69 37.35 21.58
C ILE G 332 -4.23 37.17 21.17
N ALA G 333 -3.34 37.89 21.85
CA ALA G 333 -1.91 37.83 21.56
C ALA G 333 -1.15 38.21 22.82
N PRO G 334 0.06 37.70 23.00
CA PRO G 334 0.83 38.02 24.20
C PRO G 334 1.57 39.34 24.11
N VAL G 335 2.40 39.61 25.11
CA VAL G 335 3.28 40.77 25.10
C VAL G 335 4.62 40.34 24.54
N VAL G 336 5.03 40.95 23.43
CA VAL G 336 6.25 40.58 22.74
C VAL G 336 7.36 41.53 23.15
N VAL G 337 8.45 40.98 23.65
CA VAL G 337 9.64 41.74 24.04
C VAL G 337 10.74 41.41 23.06
N LEU G 338 11.29 42.42 22.41
CA LEU G 338 12.35 42.26 21.44
C LEU G 338 13.60 42.98 21.93
N ALA G 339 14.76 42.44 21.56
CA ALA G 339 16.05 42.99 21.97
C ALA G 339 16.96 43.05 20.77
N SER G 340 17.63 44.19 20.58
CA SER G 340 18.50 44.40 19.44
C SER G 340 19.69 45.25 19.87
N ASN G 341 20.88 44.83 19.45
CA ASN G 341 22.11 45.56 19.76
C ASN G 341 22.64 46.33 18.55
N ARG G 342 21.80 46.57 17.56
CA ARG G 342 22.23 47.21 16.33
C ARG G 342 21.80 48.68 16.29
N GLY G 343 22.50 49.44 15.46
CA GLY G 343 22.15 50.83 15.22
C GLY G 343 21.40 50.97 13.92
N MET G 344 21.95 51.74 12.99
CA MET G 344 21.35 51.88 11.66
C MET G 344 21.90 50.76 10.79
N THR G 345 21.12 49.71 10.60
CA THR G 345 21.50 48.57 9.79
C THR G 345 20.37 48.20 8.84
N THR G 346 20.73 47.64 7.70
CA THR G 346 19.74 47.26 6.70
C THR G 346 18.93 46.07 7.20
N VAL G 347 17.61 46.14 7.01
CA VAL G 347 16.74 45.07 7.45
C VAL G 347 16.95 43.85 6.57
N ARG G 348 17.05 42.68 7.20
CA ARG G 348 17.33 41.45 6.46
C ARG G 348 16.22 41.18 5.46
N GLY G 349 16.60 40.70 4.28
CA GLY G 349 15.67 40.48 3.21
C GLY G 349 15.35 41.71 2.39
N THR G 350 15.92 42.86 2.74
CA THR G 350 15.73 44.10 2.01
C THR G 350 17.08 44.62 1.55
N GLU G 351 17.07 45.38 0.46
CA GLU G 351 18.30 45.91 -0.11
C GLU G 351 18.60 47.34 0.30
N ASP G 352 17.57 48.14 0.58
CA ASP G 352 17.81 49.55 0.87
C ASP G 352 16.95 50.07 2.02
N VAL G 353 16.51 49.21 2.93
CA VAL G 353 15.70 49.63 4.06
C VAL G 353 16.62 49.70 5.28
N ILE G 354 17.17 50.89 5.50
CA ILE G 354 17.97 51.16 6.69
C ILE G 354 17.05 51.74 7.76
N SER G 355 16.90 51.00 8.85
CA SER G 355 15.95 51.36 9.89
C SER G 355 16.66 51.38 11.23
N PRO G 356 16.14 52.15 12.19
CA PRO G 356 16.72 52.11 13.54
C PRO G 356 16.69 50.70 14.10
N HIS G 357 17.77 50.32 14.77
CA HIS G 357 17.99 48.95 15.21
C HIS G 357 17.90 48.07 13.96
N GLY G 358 17.26 46.91 14.02
CA GLY G 358 17.08 46.13 12.82
C GLY G 358 15.63 46.07 12.40
N VAL G 359 14.78 46.68 13.21
CA VAL G 359 13.33 46.55 13.04
C VAL G 359 12.87 47.55 11.97
N PRO G 360 12.11 47.12 10.98
CA PRO G 360 11.63 48.04 9.94
C PRO G 360 10.69 49.07 10.53
N PRO G 361 10.59 50.24 9.91
CA PRO G 361 9.85 51.35 10.54
C PRO G 361 8.40 51.04 10.83
N ASP G 362 7.77 50.15 10.06
CA ASP G 362 6.37 49.82 10.31
C ASP G 362 6.18 49.19 11.68
N LEU G 363 7.07 48.28 12.06
CA LEU G 363 6.94 47.63 13.36
C LEU G 363 7.40 48.54 14.50
N ILE G 364 8.35 49.43 14.24
CA ILE G 364 8.82 50.33 15.30
C ILE G 364 7.70 51.28 15.70
N ASP G 365 6.86 51.68 14.76
CA ASP G 365 5.73 52.55 15.07
C ASP G 365 4.74 51.88 16.01
N ARG G 366 4.75 50.55 16.10
CA ARG G 366 3.80 49.83 16.94
C ARG G 366 4.36 49.41 18.29
N LEU G 367 5.60 49.79 18.61
CA LEU G 367 6.22 49.33 19.84
C LEU G 367 6.72 50.51 20.66
N LEU G 368 7.17 50.20 21.87
CA LEU G 368 7.75 51.16 22.80
C LEU G 368 9.18 50.75 23.10
N ILE G 369 10.10 51.71 23.08
CA ILE G 369 11.52 51.45 23.20
C ILE G 369 11.98 51.80 24.60
N VAL G 370 12.85 50.96 25.16
CA VAL G 370 13.50 51.23 26.44
C VAL G 370 15.01 51.16 26.22
N ARG G 371 15.73 52.16 26.71
CA ARG G 371 17.17 52.23 26.53
C ARG G 371 17.89 51.49 27.65
N THR G 372 19.05 50.94 27.32
CA THR G 372 19.94 50.31 28.29
C THR G 372 21.30 51.00 28.18
N LEU G 373 21.67 51.74 29.22
CA LEU G 373 22.86 52.56 29.19
C LEU G 373 24.12 51.73 29.47
N PRO G 374 25.27 52.18 29.00
CA PRO G 374 26.54 51.57 29.42
C PRO G 374 26.84 51.90 30.87
N TYR G 375 27.84 51.22 31.41
CA TYR G 375 28.16 51.26 32.83
C TYR G 375 29.41 52.07 33.10
N ASP G 376 29.54 52.50 34.36
CA ASP G 376 30.70 53.21 34.86
C ASP G 376 31.65 52.22 35.54
N LYS G 377 32.78 52.73 36.02
CA LYS G 377 33.75 51.86 36.69
C LYS G 377 33.16 51.24 37.96
N ASP G 378 32.45 52.05 38.76
CA ASP G 378 31.89 51.54 40.01
C ASP G 378 30.84 50.47 39.75
N GLU G 379 29.99 50.68 38.74
CA GLU G 379 28.99 49.68 38.42
C GLU G 379 29.63 48.38 37.96
N ILE G 380 30.67 48.47 37.14
CA ILE G 380 31.38 47.26 36.69
C ILE G 380 31.99 46.54 37.88
N ARG G 381 32.61 47.28 38.79
CA ARG G 381 33.22 46.67 39.96
C ARG G 381 32.19 45.97 40.83
N THR G 382 31.05 46.62 41.05
CA THR G 382 29.99 46.01 41.86
C THR G 382 29.44 44.75 41.19
N ILE G 383 29.25 44.80 39.87
CA ILE G 383 28.77 43.62 39.16
C ILE G 383 29.77 42.49 39.28
N ILE G 384 31.07 42.80 39.14
CA ILE G 384 32.09 41.78 39.23
C ILE G 384 32.12 41.15 40.61
N GLU G 385 32.02 41.97 41.67
CA GLU G 385 32.08 41.41 43.01
C GLU G 385 30.83 40.58 43.33
N ARG G 386 29.66 41.03 42.88
CA ARG G 386 28.47 40.23 43.12
C ARG G 386 28.51 38.91 42.36
N ARG G 387 29.01 38.94 41.12
CA ARG G 387 29.17 37.70 40.37
C ARG G 387 30.17 36.76 41.04
N ALA G 388 31.26 37.31 41.57
CA ALA G 388 32.23 36.50 42.28
C ALA G 388 31.60 35.88 43.52
N THR G 389 30.76 36.63 44.23
CA THR G 389 30.04 36.06 45.36
C THR G 389 29.14 34.92 44.91
N VAL G 390 28.46 35.08 43.77
CA VAL G 390 27.58 34.03 43.27
C VAL G 390 28.37 32.77 42.95
N GLU G 391 29.54 32.91 42.33
CA GLU G 391 30.38 31.78 41.98
C GLU G 391 31.14 31.21 43.17
N ARG G 392 30.83 31.65 44.39
CA ARG G 392 31.47 31.16 45.61
C ARG G 392 32.98 31.35 45.56
N LEU G 393 33.40 32.56 45.17
CA LEU G 393 34.80 32.90 45.07
C LEU G 393 35.11 34.09 45.97
N GLN G 394 36.35 34.16 46.43
CA GLN G 394 36.83 35.26 47.26
C GLN G 394 37.97 35.97 46.53
N VAL G 395 37.90 37.29 46.49
CA VAL G 395 38.86 38.11 45.75
C VAL G 395 39.39 39.22 46.66
N GLU G 396 40.67 39.54 46.51
CA GLU G 396 41.26 40.66 47.22
C GLU G 396 40.82 41.98 46.60
N SER G 397 40.92 43.05 47.38
CA SER G 397 40.49 44.36 46.91
C SER G 397 41.33 44.82 45.72
N SER G 398 42.65 44.63 45.78
CA SER G 398 43.51 45.02 44.67
C SER G 398 43.18 44.22 43.42
N ALA G 399 42.93 42.92 43.58
CA ALA G 399 42.54 42.10 42.46
C ALA G 399 41.21 42.55 41.88
N LEU G 400 40.26 42.93 42.74
CA LEU G 400 38.98 43.42 42.25
C LEU G 400 39.16 44.72 41.47
N ASP G 401 40.03 45.61 41.96
CA ASP G 401 40.29 46.87 41.25
C ASP G 401 40.92 46.61 39.88
N LEU G 402 41.87 45.69 39.82
CA LEU G 402 42.47 45.35 38.53
C LEU G 402 41.45 44.72 37.58
N LEU G 403 40.59 43.86 38.11
CA LEU G 403 39.56 43.23 37.30
C LEU G 403 38.61 44.27 36.74
N ALA G 404 38.21 45.24 37.56
CA ALA G 404 37.35 46.32 37.08
C ALA G 404 38.07 47.19 36.06
N THR G 405 39.38 47.41 36.25
CA THR G 405 40.14 48.18 35.28
C THR G 405 40.12 47.49 33.92
N MET G 406 40.32 46.17 33.90
CA MET G 406 40.22 45.46 32.63
C MET G 406 38.80 45.50 32.07
N GLY G 407 37.80 45.38 32.94
CA GLY G 407 36.42 45.43 32.47
C GLY G 407 36.09 46.73 31.78
N THR G 408 36.58 47.84 32.32
CA THR G 408 36.42 49.12 31.65
C THR G 408 37.38 49.28 30.48
N GLU G 409 38.43 48.47 30.42
CA GLU G 409 39.41 48.57 29.35
C GLU G 409 39.06 47.72 28.13
N THR G 410 38.56 46.50 28.33
CA THR G 410 38.23 45.60 27.23
C THR G 410 36.74 45.30 27.15
N SER G 411 36.15 44.74 28.19
CA SER G 411 34.75 44.37 28.20
C SER G 411 34.36 43.90 29.59
N LEU G 412 33.08 44.09 29.92
CA LEU G 412 32.55 43.58 31.19
C LEU G 412 32.47 42.06 31.17
N ARG G 413 31.94 41.50 30.09
CA ARG G 413 31.78 40.06 30.01
C ARG G 413 33.13 39.36 29.98
N TYR G 414 34.16 40.01 29.45
CA TYR G 414 35.48 39.42 29.47
C TYR G 414 35.97 39.18 30.89
N ALA G 415 35.82 40.19 31.75
CA ALA G 415 36.23 40.03 33.14
C ALA G 415 35.32 39.04 33.87
N LEU G 416 34.01 39.12 33.63
CA LEU G 416 33.08 38.21 34.28
C LEU G 416 33.41 36.76 33.96
N GLN G 417 33.83 36.49 32.72
CA GLN G 417 34.23 35.14 32.36
C GLN G 417 35.61 34.81 32.92
N LEU G 418 36.51 35.80 32.96
CA LEU G 418 37.85 35.59 33.48
C LEU G 418 37.86 35.26 34.97
N LEU G 419 36.77 35.54 35.68
CA LEU G 419 36.71 35.21 37.09
C LEU G 419 37.02 33.74 37.36
N ALA G 420 36.39 32.85 36.60
CA ALA G 420 36.54 31.41 36.87
C ALA G 420 37.96 30.90 36.64
N PRO G 421 38.63 31.17 35.53
CA PRO G 421 40.02 30.71 35.39
C PRO G 421 40.94 31.25 36.46
N CYS G 422 40.71 32.47 36.93
CA CYS G 422 41.48 32.98 38.06
C CYS G 422 41.28 32.12 39.29
N GLY G 423 40.04 31.72 39.54
CA GLY G 423 39.77 30.83 40.67
C GLY G 423 40.45 29.50 40.51
N ILE G 424 40.44 28.93 39.31
CA ILE G 424 41.10 27.65 39.08
C ILE G 424 42.60 27.78 39.32
N LEU G 425 43.21 28.86 38.83
CA LEU G 425 44.64 29.07 39.06
C LEU G 425 44.96 29.24 40.54
N ALA G 426 44.10 29.97 41.27
CA ALA G 426 44.31 30.13 42.70
C ALA G 426 44.19 28.80 43.43
N GLN G 427 43.22 27.97 43.04
CA GLN G 427 43.05 26.67 43.67
C GLN G 427 44.23 25.76 43.38
N THR G 428 44.79 25.85 42.16
CA THR G 428 45.97 25.06 41.85
C THR G 428 47.17 25.46 42.69
N SER G 429 47.25 26.73 43.08
CA SER G 429 48.31 27.22 43.94
C SER G 429 47.97 27.07 45.42
N ASN G 430 47.01 26.20 45.75
CA ASN G 430 46.62 25.88 47.13
C ASN G 430 46.07 27.09 47.88
N ARG G 431 45.67 28.13 47.17
CA ARG G 431 45.20 29.36 47.78
C ARG G 431 43.68 29.46 47.68
N LYS G 432 43.06 29.97 48.74
CA LYS G 432 41.61 30.10 48.81
C LYS G 432 41.12 31.48 48.37
N GLU G 433 42.01 32.35 47.92
CA GLU G 433 41.63 33.70 47.52
C GLU G 433 42.32 34.04 46.20
N ILE G 434 41.66 34.87 45.41
CA ILE G 434 42.20 35.30 44.12
C ILE G 434 43.03 36.56 44.35
N VAL G 435 44.25 36.57 43.81
CA VAL G 435 45.21 37.62 44.04
C VAL G 435 45.61 38.19 42.66
N VAL G 436 46.27 39.35 42.67
CA VAL G 436 46.64 40.04 41.44
C VAL G 436 47.51 39.16 40.56
N ASN G 437 48.36 38.31 41.16
CA ASN G 437 49.18 37.40 40.37
C ASN G 437 48.33 36.46 39.54
N ASP G 438 47.27 35.90 40.14
CA ASP G 438 46.38 35.01 39.40
C ASP G 438 45.67 35.76 38.28
N VAL G 439 45.27 37.00 38.53
CA VAL G 439 44.60 37.79 37.51
C VAL G 439 45.51 38.03 36.32
N ASN G 440 46.76 38.39 36.59
CA ASN G 440 47.70 38.64 35.50
C ASN G 440 48.06 37.34 34.76
N GLU G 441 48.17 36.23 35.51
CA GLU G 441 48.43 34.95 34.87
C GLU G 441 47.31 34.56 33.92
N ALA G 442 46.05 34.75 34.35
CA ALA G 442 44.92 34.49 33.48
C ALA G 442 44.91 35.45 32.29
N LYS G 443 45.27 36.71 32.52
CA LYS G 443 45.32 37.68 31.43
C LYS G 443 46.30 37.25 30.35
N LEU G 444 47.47 36.77 30.76
CA LEU G 444 48.44 36.29 29.78
C LEU G 444 47.98 35.01 29.10
N LEU G 445 47.35 34.11 29.87
CA LEU G 445 46.92 32.84 29.29
C LEU G 445 45.80 33.03 28.27
N PHE G 446 44.78 33.80 28.64
CA PHE G 446 43.58 33.97 27.83
C PHE G 446 43.53 35.38 27.27
N LEU G 447 43.61 35.51 25.95
CA LEU G 447 43.55 36.82 25.32
C LEU G 447 42.10 37.22 25.06
N ASP G 448 41.88 38.53 25.01
CA ASP G 448 40.58 39.07 24.65
C ASP G 448 40.48 39.21 23.13
N ALA G 449 39.36 39.78 22.66
CA ALA G 449 39.16 39.94 21.24
C ALA G 449 40.17 40.91 20.64
N LYS G 450 40.44 42.02 21.33
CA LYS G 450 41.31 43.05 20.77
C LYS G 450 42.75 42.58 20.68
N ARG G 451 43.29 42.01 21.77
CA ARG G 451 44.67 41.55 21.75
C ARG G 451 44.87 40.41 20.78
N SER G 452 43.85 39.57 20.58
CA SER G 452 43.95 38.51 19.58
C SER G 452 43.88 39.07 18.17
N THR G 453 43.05 40.10 17.96
CA THR G 453 43.00 40.74 16.65
C THR G 453 44.34 41.37 16.31
N LYS G 454 45.01 41.97 17.29
CA LYS G 454 46.35 42.48 17.06
C LYS G 454 47.30 41.36 16.70
N ILE G 455 47.18 40.21 17.35
CA ILE G 455 48.02 39.05 17.04
C ILE G 455 47.54 38.38 15.76
N SER H 16 39.03 0.31 20.83
CA SER H 16 38.23 0.78 19.71
C SER H 16 38.90 0.45 18.39
N LEU H 17 38.10 0.09 17.39
CA LEU H 17 38.65 -0.19 16.07
C LEU H 17 39.32 1.06 15.50
N SER H 18 40.62 0.96 15.23
CA SER H 18 41.37 2.13 14.84
C SER H 18 42.59 1.70 14.02
N LEU H 19 43.09 2.65 13.24
CA LEU H 19 44.37 2.57 12.57
C LEU H 19 45.20 3.79 12.96
N ILE H 20 46.50 3.74 12.67
CA ILE H 20 47.36 4.87 13.00
C ILE H 20 46.87 6.09 12.24
N ALA H 21 46.49 7.13 12.97
CA ALA H 21 45.88 8.32 12.40
C ALA H 21 46.74 9.54 12.71
N ALA H 22 46.23 10.72 12.33
CA ALA H 22 47.00 11.94 12.50
C ALA H 22 47.25 12.24 13.97
N HIS H 23 46.24 12.07 14.81
CA HIS H 23 46.33 12.39 16.23
C HIS H 23 46.30 11.13 17.09
N SER H 24 46.92 10.06 16.60
CA SER H 24 46.89 8.80 17.33
C SER H 24 47.91 8.73 18.46
N HIS H 25 48.81 9.70 18.56
CA HIS H 25 49.90 9.66 19.53
C HIS H 25 49.63 10.51 20.76
N ILE H 26 48.50 11.20 20.83
CA ILE H 26 48.21 12.12 21.92
C ILE H 26 47.39 11.37 22.96
N THR H 27 48.04 11.00 24.06
CA THR H 27 47.35 10.41 25.19
C THR H 27 46.73 11.46 26.11
N GLY H 28 47.10 12.71 25.93
CA GLY H 28 46.53 13.79 26.72
C GLY H 28 47.51 14.94 26.84
N LEU H 29 47.08 15.97 27.57
CA LEU H 29 47.95 17.08 27.85
C LEU H 29 49.02 16.67 28.86
N GLY H 30 50.27 16.96 28.56
CA GLY H 30 51.35 16.58 29.44
C GLY H 30 51.52 17.56 30.59
N LEU H 31 50.53 17.61 31.47
CA LEU H 31 50.51 18.57 32.57
C LEU H 31 50.92 17.89 33.87
N ASP H 32 51.63 18.65 34.71
CA ASP H 32 52.03 18.16 36.02
C ASP H 32 50.89 18.37 37.01
N GLU H 33 51.18 18.22 38.30
CA GLU H 33 50.14 18.39 39.31
C GLU H 33 49.71 19.86 39.42
N ASN H 34 50.63 20.79 39.21
CA ASN H 34 50.32 22.21 39.30
C ASN H 34 49.89 22.79 37.96
N LEU H 35 49.37 21.97 37.05
CA LEU H 35 49.01 22.38 35.69
C LEU H 35 50.20 23.00 34.96
N GLN H 36 51.41 22.55 35.29
CA GLN H 36 52.60 23.02 34.59
C GLN H 36 52.95 22.02 33.49
N PRO H 37 52.95 22.42 32.22
CA PRO H 37 53.23 21.47 31.15
C PRO H 37 54.64 20.94 31.21
N ARG H 38 54.79 19.75 30.80
CA ARG H 38 56.13 19.20 30.65
C ARG H 38 56.65 19.46 29.25
N PRO H 39 57.97 19.52 29.06
CA PRO H 39 58.49 19.81 27.71
C PRO H 39 58.02 18.81 26.67
N THR H 40 57.84 17.55 27.04
CA THR H 40 57.20 16.56 26.17
C THR H 40 56.64 15.46 27.04
N SER H 41 55.34 15.20 26.92
CA SER H 41 54.68 14.21 27.76
C SER H 41 53.32 13.88 27.20
N GLU H 42 52.92 12.62 27.32
CA GLU H 42 51.64 12.12 26.83
C GLU H 42 51.45 12.44 25.35
N GLY H 43 52.55 12.53 24.61
CA GLY H 43 52.48 12.67 23.17
C GLY H 43 52.35 14.08 22.64
N MET H 44 52.65 15.10 23.45
CA MET H 44 52.57 16.48 23.00
C MET H 44 53.88 17.19 23.28
N VAL H 45 54.26 18.08 22.36
CA VAL H 45 55.52 18.81 22.42
C VAL H 45 55.24 20.29 22.30
N GLY H 46 55.84 21.08 23.18
CA GLY H 46 55.72 22.52 23.08
C GLY H 46 54.32 23.01 23.41
N GLN H 47 54.02 24.21 22.90
CA GLN H 47 52.75 24.88 23.13
C GLN H 47 52.45 24.99 24.62
N LEU H 48 53.46 25.42 25.37
CA LEU H 48 53.36 25.39 26.83
C LEU H 48 52.23 26.30 27.32
N GLN H 49 52.15 27.52 26.79
CA GLN H 49 51.09 28.43 27.21
C GLN H 49 49.72 27.90 26.81
N ALA H 50 49.61 27.42 25.58
CA ALA H 50 48.35 26.87 25.10
C ALA H 50 47.94 25.64 25.92
N ARG H 51 48.92 24.81 26.27
CA ARG H 51 48.62 23.63 27.08
C ARG H 51 48.20 24.02 28.49
N ARG H 52 48.80 25.06 29.05
CA ARG H 52 48.35 25.56 30.35
C ARG H 52 46.90 26.02 30.28
N ALA H 53 46.57 26.79 29.24
CA ALA H 53 45.20 27.27 29.10
C ALA H 53 44.23 26.12 28.91
N ALA H 54 44.61 25.12 28.11
CA ALA H 54 43.76 23.96 27.90
C ALA H 54 43.56 23.21 29.21
N GLY H 55 44.61 23.11 30.03
CA GLY H 55 44.46 22.45 31.32
C GLY H 55 43.56 23.21 32.27
N VAL H 56 43.63 24.54 32.23
CA VAL H 56 42.73 25.34 33.05
C VAL H 56 41.28 25.13 32.62
N ILE H 57 41.04 25.10 31.31
CA ILE H 57 39.69 24.82 30.80
C ILE H 57 39.25 23.42 31.19
N LEU H 58 40.19 22.46 31.14
CA LEU H 58 39.86 21.09 31.52
C LEU H 58 39.46 20.99 32.98
N LYS H 59 40.20 21.66 33.86
CA LYS H 59 39.84 21.66 35.28
C LYS H 59 38.51 22.38 35.50
N MET H 60 38.23 23.42 34.71
CA MET H 60 36.93 24.07 34.77
C MET H 60 35.81 23.10 34.41
N VAL H 61 36.04 22.28 33.38
CA VAL H 61 35.06 21.27 33.01
C VAL H 61 34.90 20.23 34.12
N GLN H 62 36.02 19.79 34.69
CA GLN H 62 35.98 18.74 35.69
C GLN H 62 35.26 19.20 36.96
N ASN H 63 35.44 20.47 37.34
CA ASN H 63 34.76 20.99 38.52
C ASN H 63 33.26 20.92 38.36
N GLY H 64 32.75 21.25 37.18
CA GLY H 64 31.36 21.04 36.87
C GLY H 64 30.41 22.11 37.36
N THR H 65 30.91 23.22 37.90
CA THR H 65 30.04 24.28 38.39
C THR H 65 29.78 25.34 37.34
N ILE H 66 30.80 25.73 36.57
CA ILE H 66 30.65 26.78 35.58
C ILE H 66 29.94 26.21 34.36
N ALA H 67 28.94 26.93 33.88
CA ALA H 67 28.08 26.47 32.79
C ALA H 67 28.14 27.46 31.64
N GLY H 68 28.22 26.92 30.42
CA GLY H 68 28.13 27.73 29.22
C GLY H 68 29.26 28.71 29.02
N ARG H 69 30.46 28.19 28.77
CA ARG H 69 31.63 29.02 28.50
C ARG H 69 32.15 28.72 27.10
N ALA H 70 32.39 29.77 26.33
CA ALA H 70 32.90 29.62 24.97
C ALA H 70 34.41 29.84 24.98
N VAL H 71 35.14 28.91 24.38
CA VAL H 71 36.60 28.98 24.24
C VAL H 71 36.94 28.95 22.76
N LEU H 72 37.75 29.91 22.32
CA LEU H 72 38.21 29.98 20.95
C LEU H 72 39.68 29.62 20.90
N VAL H 73 40.03 28.68 20.02
CA VAL H 73 41.41 28.29 19.78
C VAL H 73 41.83 28.89 18.44
N ALA H 74 42.83 29.77 18.48
CA ALA H 74 43.29 30.47 17.29
C ALA H 74 44.79 30.27 17.11
N GLY H 75 45.23 30.42 15.86
CA GLY H 75 46.62 30.28 15.53
C GLY H 75 46.79 29.85 14.08
N PRO H 76 48.03 29.89 13.59
CA PRO H 76 48.30 29.53 12.21
C PRO H 76 47.97 28.07 11.96
N PRO H 77 47.79 27.67 10.71
CA PRO H 77 47.49 26.26 10.43
C PRO H 77 48.64 25.35 10.81
N SER H 78 48.29 24.10 11.14
CA SER H 78 49.26 23.10 11.57
C SER H 78 50.04 23.59 12.79
N THR H 79 49.32 23.99 13.83
CA THR H 79 49.94 24.55 15.02
C THR H 79 49.38 23.90 16.29
N GLY H 80 48.62 22.82 16.16
CA GLY H 80 48.20 22.06 17.32
C GLY H 80 46.82 22.35 17.86
N LYS H 81 45.97 23.03 17.08
CA LYS H 81 44.62 23.32 17.58
C LYS H 81 43.82 22.05 17.75
N THR H 82 43.66 21.28 16.67
CA THR H 82 42.97 20.00 16.78
C THR H 82 43.75 19.05 17.68
N ALA H 83 45.08 19.16 17.71
CA ALA H 83 45.87 18.37 18.64
C ALA H 83 45.55 18.72 20.08
N LEU H 84 45.41 20.01 20.37
CA LEU H 84 45.02 20.44 21.72
C LEU H 84 43.64 19.93 22.08
N ALA H 85 42.71 19.98 21.14
CA ALA H 85 41.36 19.46 21.40
C ALA H 85 41.40 17.96 21.67
N MET H 86 42.19 17.22 20.89
CA MET H 86 42.33 15.79 21.13
C MET H 86 42.93 15.52 22.50
N GLY H 87 43.92 16.31 22.90
CA GLY H 87 44.49 16.15 24.23
C GLY H 87 43.48 16.41 25.33
N VAL H 88 42.66 17.44 25.16
CA VAL H 88 41.61 17.72 26.13
C VAL H 88 40.64 16.55 26.21
N SER H 89 40.24 16.01 25.06
CA SER H 89 39.32 14.87 25.05
C SER H 89 39.91 13.66 25.74
N GLN H 90 41.20 13.39 25.49
CA GLN H 90 41.84 12.23 26.12
C GLN H 90 41.96 12.43 27.63
N SER H 91 42.28 13.65 28.07
CA SER H 91 42.37 13.90 29.50
C SER H 91 41.02 13.76 30.17
N LEU H 92 39.95 14.20 29.49
CA LEU H 92 38.60 14.04 30.05
C LEU H 92 38.26 12.58 30.22
N GLY H 93 38.59 11.75 29.24
CA GLY H 93 38.31 10.34 29.32
C GLY H 93 36.84 10.03 29.11
N LYS H 94 36.48 8.78 29.41
CA LYS H 94 35.09 8.39 29.35
C LYS H 94 34.33 8.93 30.55
N ASP H 95 33.01 8.72 30.54
CA ASP H 95 32.06 9.22 31.52
C ASP H 95 31.88 10.73 31.46
N VAL H 96 32.64 11.43 30.63
CA VAL H 96 32.44 12.86 30.40
C VAL H 96 32.22 13.06 28.90
N PRO H 97 31.01 13.43 28.47
CA PRO H 97 30.74 13.50 27.03
C PRO H 97 31.63 14.52 26.34
N PHE H 98 31.96 14.22 25.07
CA PHE H 98 32.79 15.09 24.25
C PHE H 98 32.34 14.91 22.82
N THR H 99 31.55 15.84 22.32
CA THR H 99 31.03 15.79 20.96
C THR H 99 31.88 16.70 20.08
N ALA H 100 32.61 16.11 19.14
CA ALA H 100 33.43 16.85 18.20
C ALA H 100 32.73 16.83 16.84
N ILE H 101 32.38 18.01 16.35
CA ILE H 101 31.67 18.15 15.08
C ILE H 101 32.39 19.18 14.24
N ALA H 102 32.14 19.14 12.94
CA ALA H 102 32.70 20.10 12.01
C ALA H 102 31.74 21.28 11.83
N GLY H 103 32.26 22.35 11.26
CA GLY H 103 31.43 23.51 10.99
C GLY H 103 30.35 23.25 9.97
N SER H 104 30.65 22.43 8.97
CA SER H 104 29.71 22.16 7.90
C SER H 104 28.71 21.06 8.24
N GLU H 105 28.87 20.39 9.38
CA GLU H 105 27.99 19.28 9.70
C GLU H 105 26.58 19.74 10.05
N ILE H 106 26.45 20.95 10.58
CA ILE H 106 25.15 21.43 11.05
C ILE H 106 24.19 21.72 9.89
N PHE H 107 24.69 21.92 8.68
CA PHE H 107 23.83 22.20 7.55
C PHE H 107 23.15 20.93 7.09
N SER H 108 21.82 20.87 7.20
CA SER H 108 21.07 19.68 6.89
C SER H 108 19.82 20.05 6.09
N LEU H 109 19.34 19.09 5.31
CA LEU H 109 18.10 19.26 4.58
C LEU H 109 16.87 18.91 5.41
N GLU H 110 17.07 18.31 6.58
CA GLU H 110 15.96 17.92 7.46
C GLU H 110 15.84 18.81 8.68
N LEU H 111 16.94 19.11 9.36
CA LEU H 111 16.93 19.94 10.55
C LEU H 111 17.33 21.36 10.21
N SER H 112 16.70 22.32 10.87
CA SER H 112 17.18 23.69 10.82
C SER H 112 18.52 23.80 11.54
N LYS H 113 19.23 24.89 11.25
CA LYS H 113 20.54 25.08 11.85
C LYS H 113 20.44 25.20 13.37
N THR H 114 19.40 25.89 13.84
CA THR H 114 19.19 26.00 15.28
C THR H 114 18.90 24.64 15.90
N GLU H 115 18.15 23.79 15.21
CA GLU H 115 17.86 22.46 15.74
C GLU H 115 19.12 21.60 15.79
N ALA H 116 19.96 21.67 14.76
CA ALA H 116 21.21 20.93 14.77
C ALA H 116 22.11 21.38 15.90
N LEU H 117 22.20 22.70 16.12
CA LEU H 117 23.00 23.19 17.24
C LEU H 117 22.42 22.78 18.58
N THR H 118 21.09 22.79 18.70
CA THR H 118 20.47 22.35 19.95
C THR H 118 20.77 20.89 20.22
N GLN H 119 20.68 20.04 19.20
CA GLN H 119 20.98 18.63 19.39
C GLN H 119 22.45 18.42 19.74
N ALA H 120 23.34 19.18 19.11
CA ALA H 120 24.76 19.11 19.47
C ALA H 120 24.99 19.51 20.92
N PHE H 121 24.32 20.59 21.36
CA PHE H 121 24.47 21.03 22.74
C PHE H 121 23.96 19.99 23.73
N ARG H 122 22.80 19.39 23.43
CA ARG H 122 22.24 18.40 24.35
C ARG H 122 23.06 17.11 24.36
N LYS H 123 23.69 16.76 23.23
CA LYS H 123 24.55 15.58 23.22
C LYS H 123 25.75 15.75 24.14
N SER H 124 26.16 16.99 24.40
CA SER H 124 27.34 17.26 25.21
C SER H 124 27.06 17.24 26.70
N ILE H 125 25.82 16.97 27.12
CA ILE H 125 25.46 16.86 28.52
C ILE H 125 24.92 15.46 28.76
N GLY H 126 25.46 14.77 29.76
CA GLY H 126 25.08 13.41 30.07
C GLY H 126 24.36 13.34 31.40
N ILE H 127 23.40 12.42 31.50
CA ILE H 127 22.63 12.21 32.71
C ILE H 127 22.89 10.80 33.20
N LYS H 128 23.37 10.68 34.43
CA LYS H 128 23.65 9.38 35.04
C LYS H 128 22.47 9.04 35.94
N ILE H 129 21.63 8.11 35.47
CA ILE H 129 20.35 7.80 36.10
C ILE H 129 20.44 6.44 36.77
N LYS H 130 19.88 6.35 37.96
CA LYS H 130 19.88 5.12 38.74
C LYS H 130 18.49 4.51 38.74
N GLU H 131 18.40 3.22 38.43
CA GLU H 131 17.15 2.47 38.51
C GLU H 131 17.33 1.32 39.48
N GLU H 132 16.40 1.19 40.41
CA GLU H 132 16.44 0.15 41.42
C GLU H 132 15.51 -0.99 41.00
N THR H 133 16.05 -2.19 40.91
CA THR H 133 15.30 -3.36 40.50
C THR H 133 15.47 -4.46 41.52
N GLU H 134 14.36 -5.08 41.92
CA GLU H 134 14.38 -6.24 42.81
C GLU H 134 13.87 -7.44 42.03
N LEU H 135 14.64 -8.52 42.03
CA LEU H 135 14.37 -9.65 41.17
C LEU H 135 14.62 -10.96 41.90
N ILE H 136 13.97 -12.01 41.42
CA ILE H 136 14.24 -13.38 41.85
C ILE H 136 14.58 -14.21 40.63
N GLU H 137 15.70 -14.92 40.68
CA GLU H 137 16.18 -15.73 39.57
C GLU H 137 16.56 -17.11 40.06
N GLY H 138 16.18 -18.14 39.32
CA GLY H 138 16.54 -19.49 39.67
C GLY H 138 15.93 -20.48 38.70
N GLU H 139 16.42 -21.71 38.78
CA GLU H 139 15.95 -22.78 37.92
C GLU H 139 14.76 -23.46 38.57
N VAL H 140 13.62 -23.45 37.87
CA VAL H 140 12.41 -24.05 38.42
C VAL H 140 12.57 -25.55 38.45
N VAL H 141 12.37 -26.14 39.62
CA VAL H 141 12.55 -27.58 39.79
C VAL H 141 11.25 -28.33 39.56
N GLU H 142 10.18 -27.92 40.23
CA GLU H 142 8.89 -28.56 40.08
C GLU H 142 7.78 -27.52 40.13
N ILE H 143 6.78 -27.71 39.30
CA ILE H 143 5.59 -26.85 39.25
C ILE H 143 4.37 -27.73 39.40
N GLN H 144 3.48 -27.36 40.33
CA GLN H 144 2.26 -28.11 40.60
C GLN H 144 1.10 -27.14 40.62
N ILE H 145 0.16 -27.31 39.69
CA ILE H 145 -0.98 -26.40 39.54
C ILE H 145 -2.26 -27.23 39.63
N ASP H 146 -3.19 -26.77 40.46
CA ASP H 146 -4.50 -27.39 40.61
C ASP H 146 -5.57 -26.38 40.20
N ARG H 147 -6.51 -26.82 39.37
CA ARG H 147 -7.55 -25.93 38.85
C ARG H 147 -8.88 -26.66 38.81
N SER H 148 -9.95 -25.96 39.18
CA SER H 148 -11.29 -26.53 39.13
C SER H 148 -11.73 -26.75 37.68
N GLY H 152 -14.01 -22.34 39.62
CA GLY H 152 -13.29 -21.54 40.60
C GLY H 152 -11.87 -21.21 40.18
N HIS H 153 -11.23 -20.33 40.93
CA HIS H 153 -9.86 -19.94 40.63
C HIS H 153 -8.89 -21.09 40.93
N LYS H 154 -7.74 -21.05 40.27
CA LYS H 154 -6.72 -22.07 40.42
C LYS H 154 -5.73 -21.71 41.52
N GLN H 155 -5.11 -22.74 42.08
CA GLN H 155 -4.05 -22.56 43.06
C GLN H 155 -2.91 -23.51 42.72
N GLY H 156 -1.70 -23.14 43.13
CA GLY H 156 -0.55 -23.95 42.82
C GLY H 156 0.65 -23.57 43.64
N LYS H 157 1.63 -24.48 43.68
CA LYS H 157 2.89 -24.28 44.36
C LYS H 157 4.03 -24.47 43.38
N LEU H 158 5.10 -23.70 43.59
CA LEU H 158 6.24 -23.68 42.67
C LEU H 158 7.53 -23.70 43.46
N THR H 159 8.54 -24.37 42.90
CA THR H 159 9.84 -24.49 43.54
C THR H 159 10.91 -23.92 42.63
N ILE H 160 11.74 -23.03 43.18
CA ILE H 160 12.86 -22.43 42.48
C ILE H 160 14.11 -22.64 43.32
N LYS H 161 15.19 -23.08 42.69
CA LYS H 161 16.43 -23.35 43.38
C LYS H 161 17.55 -22.48 42.82
N THR H 162 18.54 -22.22 43.67
CA THR H 162 19.80 -21.61 43.28
C THR H 162 20.93 -22.59 43.60
N THR H 163 22.17 -22.15 43.41
CA THR H 163 23.30 -23.00 43.74
C THR H 163 23.43 -23.23 45.23
N ASP H 164 22.85 -22.36 46.06
CA ASP H 164 22.95 -22.50 47.50
C ASP H 164 21.65 -22.13 48.21
N MET H 165 20.50 -22.33 47.57
CA MET H 165 19.23 -22.04 48.20
C MET H 165 18.11 -22.74 47.44
N GLU H 166 17.01 -23.01 48.15
CA GLU H 166 15.83 -23.59 47.56
C GLU H 166 14.62 -23.20 48.40
N THR H 167 13.54 -22.78 47.74
CA THR H 167 12.36 -22.33 48.44
C THR H 167 11.14 -22.63 47.60
N ILE H 168 10.05 -23.00 48.26
CA ILE H 168 8.77 -23.27 47.60
C ILE H 168 7.87 -22.08 47.80
N TYR H 169 7.29 -21.58 46.72
CA TYR H 169 6.40 -20.42 46.75
C TYR H 169 4.99 -20.83 46.35
N GLU H 170 4.02 -20.08 46.85
CA GLU H 170 2.62 -20.27 46.49
C GLU H 170 2.23 -19.23 45.45
N LEU H 171 1.47 -19.66 44.45
CA LEU H 171 1.18 -18.85 43.28
C LEU H 171 -0.28 -18.41 43.30
N GLY H 172 -0.51 -17.13 43.04
CA GLY H 172 -1.85 -16.62 42.89
C GLY H 172 -2.42 -16.93 41.53
N ASN H 173 -3.70 -16.57 41.35
CA ASN H 173 -4.37 -16.85 40.09
C ASN H 173 -3.70 -16.13 38.92
N LYS H 174 -3.36 -14.86 39.10
CA LYS H 174 -2.72 -14.11 38.03
C LYS H 174 -1.30 -14.61 37.77
N MET H 175 -0.60 -15.03 38.83
CA MET H 175 0.72 -15.61 38.65
C MET H 175 0.63 -16.91 37.87
N ILE H 176 -0.36 -17.74 38.16
CA ILE H 176 -0.56 -18.98 37.40
C ILE H 176 -0.89 -18.66 35.95
N ASP H 177 -1.71 -17.64 35.72
CA ASP H 177 -2.03 -17.24 34.35
C ASP H 177 -0.77 -16.81 33.60
N GLY H 178 0.09 -16.04 34.26
CA GLY H 178 1.34 -15.63 33.64
C GLY H 178 2.26 -16.79 33.34
N LEU H 179 2.35 -17.75 34.28
CA LEU H 179 3.15 -18.94 34.05
C LEU H 179 2.63 -19.72 32.85
N THR H 180 1.31 -19.89 32.76
CA THR H 180 0.74 -20.63 31.64
C THR H 180 0.96 -19.91 30.32
N LYS H 181 0.82 -18.58 30.31
CA LYS H 181 1.02 -17.84 29.08
C LYS H 181 2.49 -17.76 28.68
N GLU H 182 3.40 -17.99 29.63
CA GLU H 182 4.81 -18.09 29.30
C GLU H 182 5.23 -19.51 28.95
N LYS H 183 4.41 -20.50 29.28
CA LYS H 183 4.70 -21.91 29.00
C LYS H 183 6.05 -22.33 29.59
N VAL H 184 6.16 -22.14 30.90
CA VAL H 184 7.37 -22.49 31.63
C VAL H 184 7.32 -23.97 32.00
N LEU H 185 8.44 -24.66 31.82
CA LEU H 185 8.61 -26.05 32.19
C LEU H 185 9.81 -26.16 33.13
N ALA H 186 10.03 -27.37 33.63
CA ALA H 186 11.15 -27.60 34.54
C ALA H 186 12.48 -27.42 33.82
N GLY H 187 13.51 -27.07 34.58
CA GLY H 187 14.82 -26.83 34.01
C GLY H 187 15.00 -25.47 33.39
N ASP H 188 13.99 -24.62 33.42
CA ASP H 188 14.08 -23.28 32.87
C ASP H 188 14.55 -22.31 33.95
N VAL H 189 15.44 -21.40 33.57
CA VAL H 189 15.90 -20.34 34.45
C VAL H 189 15.09 -19.09 34.13
N ILE H 190 14.36 -18.59 35.12
CA ILE H 190 13.43 -17.48 34.90
C ILE H 190 13.70 -16.40 35.92
N SER H 191 13.29 -15.18 35.57
CA SER H 191 13.43 -14.01 36.42
C SER H 191 12.06 -13.35 36.58
N ILE H 192 11.71 -13.02 37.82
CA ILE H 192 10.42 -12.43 38.15
C ILE H 192 10.65 -11.12 38.88
N ASP H 193 9.99 -10.06 38.44
CA ASP H 193 10.02 -8.78 39.12
C ASP H 193 8.87 -8.74 40.12
N LYS H 194 9.19 -8.77 41.41
CA LYS H 194 8.15 -8.85 42.43
C LYS H 194 7.23 -7.64 42.43
N ALA H 195 7.66 -6.52 41.85
CA ALA H 195 6.80 -5.35 41.76
C ALA H 195 5.62 -5.62 40.84
N SER H 196 5.89 -6.12 39.63
CA SER H 196 4.84 -6.33 38.65
C SER H 196 4.51 -7.81 38.42
N GLY H 197 5.37 -8.72 38.83
CA GLY H 197 5.12 -10.13 38.60
C GLY H 197 5.43 -10.60 37.20
N LYS H 198 5.99 -9.74 36.35
CA LYS H 198 6.34 -10.15 34.99
C LYS H 198 7.41 -11.23 35.03
N ILE H 199 7.26 -12.22 34.16
CA ILE H 199 8.13 -13.39 34.14
C ILE H 199 8.91 -13.38 32.83
N THR H 200 10.23 -13.43 32.94
CA THR H 200 11.12 -13.44 31.78
C THR H 200 11.95 -14.72 31.82
N LYS H 201 11.95 -15.45 30.72
CA LYS H 201 12.63 -16.74 30.63
C LYS H 201 14.06 -16.51 30.18
N LEU H 202 15.01 -16.66 31.11
CA LEU H 202 16.41 -16.46 30.76
C LEU H 202 16.92 -17.56 29.83
N GLY H 203 16.66 -18.81 30.16
CA GLY H 203 17.11 -19.91 29.33
C GLY H 203 16.83 -21.24 29.98
N ARG H 204 17.37 -22.28 29.37
CA ARG H 204 17.23 -23.65 29.85
C ARG H 204 18.51 -24.12 30.53
N SER H 205 18.38 -25.15 31.34
CA SER H 205 19.54 -25.74 32.00
C SER H 205 20.32 -26.60 31.02
N PHE H 206 21.57 -26.89 31.39
CA PHE H 206 22.44 -27.68 30.54
C PHE H 206 21.99 -29.13 30.43
N ALA H 207 21.24 -29.63 31.43
CA ALA H 207 20.84 -31.03 31.42
C ALA H 207 19.89 -31.35 30.27
N ARG H 208 19.22 -30.35 29.72
CA ARG H 208 18.28 -30.56 28.62
C ARG H 208 18.91 -30.39 27.24
N SER H 209 20.21 -30.12 27.17
CA SER H 209 20.83 -29.88 25.87
C SER H 209 20.86 -31.13 25.01
N ARG H 210 21.08 -32.28 25.62
CA ARG H 210 21.21 -33.53 24.85
C ARG H 210 19.91 -33.93 24.18
N ASP H 211 18.78 -33.38 24.62
CA ASP H 211 17.47 -33.88 24.21
C ASP H 211 17.12 -33.65 22.75
N TYR H 212 17.88 -32.82 22.03
CA TYR H 212 17.53 -32.50 20.66
C TYR H 212 18.79 -32.43 19.80
N ASP H 213 18.59 -32.59 18.49
CA ASP H 213 19.68 -32.49 17.53
C ASP H 213 19.79 -31.09 16.94
N ALA H 214 18.67 -30.45 16.67
CA ALA H 214 18.63 -29.07 16.22
C ALA H 214 17.82 -28.24 17.21
N MET H 215 18.26 -27.01 17.46
CA MET H 215 17.69 -26.17 18.49
C MET H 215 17.02 -24.96 17.87
N GLY H 216 15.90 -24.55 18.44
CA GLY H 216 15.18 -23.40 17.95
C GLY H 216 15.94 -22.11 18.19
N ALA H 217 15.45 -21.05 17.56
CA ALA H 217 16.11 -19.75 17.70
C ALA H 217 15.98 -19.19 19.11
N ASP H 218 14.87 -19.47 19.78
CA ASP H 218 14.64 -18.89 21.09
C ASP H 218 15.44 -19.55 22.19
N THR H 219 15.80 -20.83 22.02
CA THR H 219 16.39 -21.57 23.13
C THR H 219 17.81 -21.08 23.45
N ARG H 220 18.13 -21.09 24.74
CA ARG H 220 19.44 -20.74 25.25
C ARG H 220 19.71 -21.61 26.47
N PHE H 221 20.97 -22.02 26.63
CA PHE H 221 21.39 -22.83 27.76
C PHE H 221 22.17 -21.94 28.72
N VAL H 222 21.72 -21.87 29.98
CA VAL H 222 22.35 -21.03 30.98
C VAL H 222 22.51 -21.83 32.27
N GLN H 223 23.47 -21.39 33.10
CA GLN H 223 23.72 -22.03 34.38
C GLN H 223 22.68 -21.58 35.41
N CYS H 224 22.66 -22.29 36.53
CA CYS H 224 21.80 -21.91 37.64
C CYS H 224 22.41 -20.73 38.38
N PRO H 225 21.65 -19.67 38.64
CA PRO H 225 22.22 -18.51 39.32
C PRO H 225 22.66 -18.83 40.73
N GLU H 226 23.69 -18.13 41.19
CA GLU H 226 24.26 -18.34 42.50
C GLU H 226 23.58 -17.44 43.53
N GLY H 227 24.01 -17.56 44.79
CA GLY H 227 23.60 -16.63 45.81
C GLY H 227 22.14 -16.74 46.22
N GLU H 228 21.67 -15.68 46.86
CA GLU H 228 20.31 -15.63 47.38
C GLU H 228 19.29 -15.57 46.25
N LEU H 229 18.13 -16.17 46.49
CA LEU H 229 17.07 -16.19 45.47
C LEU H 229 16.58 -14.79 45.15
N GLN H 230 16.37 -13.96 46.16
CA GLN H 230 15.86 -12.59 45.98
C GLN H 230 17.00 -11.61 46.15
N LYS H 231 17.18 -10.73 45.16
CA LYS H 231 18.31 -9.80 45.15
C LYS H 231 17.85 -8.38 44.88
N ARG H 232 18.55 -7.43 45.49
CA ARG H 232 18.36 -6.01 45.26
C ARG H 232 19.61 -5.44 44.62
N LYS H 233 19.45 -4.71 43.52
CA LYS H 233 20.59 -4.18 42.80
C LYS H 233 20.21 -2.85 42.17
N THR H 234 21.17 -1.93 42.16
CA THR H 234 21.03 -0.64 41.50
C THR H 234 22.02 -0.54 40.35
N VAL H 235 21.57 0.02 39.24
CA VAL H 235 22.37 0.10 38.03
C VAL H 235 22.31 1.53 37.50
N VAL H 236 23.47 2.06 37.11
CA VAL H 236 23.59 3.43 36.62
C VAL H 236 23.66 3.42 35.11
N HIS H 237 22.88 4.29 34.48
CA HIS H 237 22.83 4.40 33.03
C HIS H 237 23.25 5.80 32.62
N THR H 238 24.07 5.89 31.58
CA THR H 238 24.56 7.15 31.06
C THR H 238 23.78 7.48 29.79
N VAL H 239 22.90 8.47 29.87
CA VAL H 239 22.04 8.87 28.77
C VAL H 239 22.15 10.38 28.61
N SER H 240 22.37 10.83 27.38
CA SER H 240 22.46 12.26 27.11
C SER H 240 21.07 12.89 27.14
N LEU H 241 21.04 14.21 27.25
CA LEU H 241 19.77 14.94 27.20
C LEU H 241 19.09 14.75 25.86
N HIS H 242 19.86 14.77 24.78
CA HIS H 242 19.29 14.58 23.45
C HIS H 242 18.62 13.21 23.34
N GLU H 243 19.23 12.18 23.94
CA GLU H 243 18.64 10.85 23.88
C GLU H 243 17.30 10.81 24.61
N ILE H 244 17.23 11.47 25.77
CA ILE H 244 15.95 11.53 26.50
C ILE H 244 14.90 12.25 25.67
N ASP H 245 15.28 13.36 25.03
CA ASP H 245 14.33 14.09 24.21
C ASP H 245 13.82 13.23 23.05
N VAL H 246 14.72 12.52 22.38
CA VAL H 246 14.31 11.70 21.25
C VAL H 246 13.42 10.56 21.71
N ILE H 247 13.75 9.93 22.83
CA ILE H 247 12.93 8.83 23.33
C ILE H 247 11.54 9.33 23.70
N ASN H 248 11.46 10.50 24.32
CA ASN H 248 10.17 11.03 24.77
C ASN H 248 9.45 11.84 23.70
N SER H 249 10.00 11.96 22.49
CA SER H 249 9.33 12.72 21.44
C SER H 249 8.25 11.89 20.77
N ARG H 250 8.62 10.81 20.11
CA ARG H 250 7.70 9.93 19.42
C ARG H 250 7.46 8.70 20.29
N THR H 251 6.75 7.71 19.72
CA THR H 251 6.52 6.46 20.43
C THR H 251 7.63 5.45 20.22
N GLN H 252 8.49 5.64 19.22
CA GLN H 252 9.62 4.77 18.97
C GLN H 252 10.87 5.59 18.66
N GLY H 253 11.13 6.60 19.48
CA GLY H 253 12.24 7.50 19.22
C GLY H 253 13.60 6.84 19.33
N PHE H 254 13.71 5.77 20.12
CA PHE H 254 15.01 5.11 20.25
C PHE H 254 15.49 4.56 18.92
N LEU H 255 14.59 4.33 17.96
CA LEU H 255 15.02 4.00 16.61
C LEU H 255 15.60 5.22 15.90
N ALA H 256 15.00 6.38 16.12
CA ALA H 256 15.54 7.62 15.55
C ALA H 256 16.90 7.97 16.15
N LEU H 257 17.19 7.46 17.35
CA LEU H 257 18.52 7.67 17.92
C LEU H 257 19.61 7.02 17.09
N PHE H 258 19.26 6.05 16.24
CA PHE H 258 20.19 5.39 15.34
C PHE H 258 20.01 5.79 13.89
N THR H 259 18.77 5.89 13.43
CA THR H 259 18.52 6.28 12.04
C THR H 259 18.87 7.73 11.79
N GLY H 260 18.64 8.60 12.77
CA GLY H 260 18.83 10.02 12.59
C GLY H 260 17.61 10.76 12.09
N ASP H 261 16.52 10.04 11.77
CA ASP H 261 15.28 10.66 11.32
C ASP H 261 14.45 11.10 12.52
N THR H 262 15.01 12.04 13.28
CA THR H 262 14.37 12.50 14.50
C THR H 262 13.49 13.72 14.30
N GLY H 263 13.76 14.53 13.28
CA GLY H 263 12.98 15.72 13.06
C GLY H 263 13.31 16.79 14.07
N GLU H 264 12.60 17.90 13.96
CA GLU H 264 12.78 19.04 14.84
C GLU H 264 11.93 18.81 16.08
N ILE H 265 12.57 18.36 17.17
CA ILE H 265 11.85 18.03 18.38
C ILE H 265 11.13 19.26 18.92
N ARG H 266 9.95 19.05 19.48
CA ARG H 266 9.13 20.15 20.00
C ARG H 266 9.85 20.84 21.14
N SER H 267 9.70 22.17 21.19
CA SER H 267 10.29 22.94 22.29
C SER H 267 9.67 22.57 23.62
N GLU H 268 8.36 22.32 23.63
CA GLU H 268 7.70 21.90 24.85
C GLU H 268 8.24 20.58 25.36
N VAL H 269 8.62 19.69 24.44
CA VAL H 269 9.23 18.42 24.86
C VAL H 269 10.55 18.68 25.57
N ARG H 270 11.36 19.59 25.03
CA ARG H 270 12.63 19.91 25.68
C ARG H 270 12.42 20.55 27.04
N ASP H 271 11.41 21.41 27.16
CA ASP H 271 11.12 22.01 28.48
C ASP H 271 10.67 20.94 29.47
N GLN H 272 9.82 20.01 29.02
CA GLN H 272 9.40 18.90 29.88
C GLN H 272 10.59 18.07 30.33
N ILE H 273 11.51 17.79 29.41
CA ILE H 273 12.67 16.97 29.76
C ILE H 273 13.58 17.70 30.73
N ASN H 274 13.74 19.01 30.55
CA ASN H 274 14.51 19.79 31.51
C ASN H 274 13.88 19.74 32.89
N THR H 275 12.56 19.90 32.96
CA THR H 275 11.88 19.84 34.24
C THR H 275 12.02 18.45 34.87
N LYS H 276 11.90 17.40 34.06
CA LYS H 276 12.01 16.03 34.57
C LYS H 276 13.42 15.76 35.11
N VAL H 277 14.44 16.23 34.38
CA VAL H 277 15.82 16.04 34.85
C VAL H 277 16.05 16.81 36.14
N ALA H 278 15.50 18.02 36.24
CA ALA H 278 15.63 18.79 37.48
C ALA H 278 14.98 18.06 38.64
N GLU H 279 13.79 17.48 38.42
CA GLU H 279 13.12 16.73 39.47
C GLU H 279 13.93 15.52 39.90
N TRP H 280 14.48 14.79 38.93
CA TRP H 280 15.31 13.64 39.26
C TRP H 280 16.54 14.07 40.05
N LYS H 281 17.18 15.17 39.64
CA LYS H 281 18.38 15.63 40.32
C LYS H 281 18.07 16.04 41.75
N GLU H 282 16.93 16.69 41.96
CA GLU H 282 16.51 17.00 43.33
C GLU H 282 16.30 15.74 44.14
N GLU H 283 15.64 14.73 43.55
CA GLU H 283 15.41 13.48 44.26
C GLU H 283 16.68 12.63 44.38
N GLY H 284 17.76 13.00 43.70
CA GLY H 284 19.02 12.33 43.86
C GLY H 284 19.20 11.06 43.07
N LYS H 285 18.30 10.74 42.15
CA LYS H 285 18.45 9.55 41.32
C LYS H 285 19.14 9.84 39.99
N ALA H 286 19.40 11.11 39.68
CA ALA H 286 20.10 11.47 38.45
C ALA H 286 21.18 12.49 38.77
N GLU H 287 22.32 12.34 38.11
CA GLU H 287 23.45 13.25 38.27
C GLU H 287 23.81 13.83 36.91
N ILE H 288 24.24 15.08 36.90
CA ILE H 288 24.60 15.79 35.67
C ILE H 288 26.10 15.74 35.51
N VAL H 289 26.56 15.30 34.35
CA VAL H 289 27.99 15.29 34.02
C VAL H 289 28.19 16.17 32.78
N PRO H 290 28.45 17.46 32.96
CA PRO H 290 28.63 18.34 31.80
C PRO H 290 29.86 17.95 31.00
N GLY H 291 29.78 18.18 29.70
CA GLY H 291 30.87 17.83 28.81
C GLY H 291 31.34 18.98 27.95
N VAL H 292 32.08 18.67 26.91
CA VAL H 292 32.68 19.68 26.04
C VAL H 292 32.17 19.48 24.63
N LEU H 293 31.66 20.55 24.04
CA LEU H 293 31.27 20.57 22.63
C LEU H 293 32.39 21.21 21.83
N PHE H 294 32.95 20.49 20.89
CA PHE H 294 34.04 20.97 20.06
C PHE H 294 33.55 21.14 18.64
N ILE H 295 33.63 22.36 18.13
CA ILE H 295 33.23 22.68 16.77
C ILE H 295 34.49 22.95 15.98
N ASP H 296 34.80 22.07 15.03
CA ASP H 296 35.95 22.26 14.16
C ASP H 296 35.57 23.22 13.03
N GLU H 297 36.46 24.16 12.74
CA GLU H 297 36.26 25.12 11.66
C GLU H 297 34.93 25.88 11.83
N VAL H 298 34.87 26.65 12.91
CA VAL H 298 33.68 27.42 13.23
C VAL H 298 33.41 28.50 12.19
N HIS H 299 34.42 28.89 11.41
CA HIS H 299 34.25 29.93 10.41
C HIS H 299 33.31 29.51 9.29
N MET H 300 32.97 28.23 9.18
CA MET H 300 32.01 27.78 8.20
C MET H 300 30.56 27.95 8.67
N LEU H 301 30.35 28.42 9.89
CA LEU H 301 29.01 28.66 10.39
C LEU H 301 28.48 29.99 9.86
N ASP H 302 27.17 30.19 10.02
CA ASP H 302 26.51 31.39 9.54
C ASP H 302 26.23 32.35 10.68
N ILE H 303 25.79 33.55 10.33
CA ILE H 303 25.47 34.55 11.35
C ILE H 303 24.28 34.11 12.19
N GLU H 304 23.31 33.41 11.58
CA GLU H 304 22.19 32.89 12.34
C GLU H 304 22.65 31.89 13.39
N CYS H 305 23.58 31.02 13.01
CA CYS H 305 24.11 30.04 13.96
C CYS H 305 24.82 30.73 15.12
N PHE H 306 25.62 31.75 14.83
CA PHE H 306 26.32 32.45 15.90
C PHE H 306 25.34 33.18 16.82
N SER H 307 24.30 33.79 16.25
CA SER H 307 23.32 34.46 17.08
C SER H 307 22.60 33.47 17.97
N PHE H 308 22.35 32.26 17.48
CA PHE H 308 21.78 31.23 18.34
C PHE H 308 22.76 30.81 19.43
N ILE H 309 24.04 30.66 19.08
CA ILE H 309 25.03 30.19 20.04
C ILE H 309 25.19 31.20 21.17
N ASN H 310 25.08 32.49 20.85
CA ASN H 310 25.22 33.52 21.87
C ASN H 310 24.23 33.31 23.00
N ARG H 311 22.98 33.02 22.68
CA ARG H 311 21.97 32.81 23.70
C ARG H 311 21.99 31.39 24.25
N ALA H 312 22.47 30.42 23.47
CA ALA H 312 22.48 29.04 23.93
C ALA H 312 23.41 28.84 25.11
N LEU H 313 24.54 29.56 25.13
CA LEU H 313 25.48 29.41 26.23
C LEU H 313 24.94 29.95 27.54
N GLU H 314 23.93 30.82 27.50
CA GLU H 314 23.35 31.39 28.70
C GLU H 314 22.24 30.49 29.24
N ASP H 315 22.62 29.25 29.56
CA ASP H 315 21.68 28.27 30.08
C ASP H 315 22.33 27.49 31.21
N GLU H 316 21.49 26.96 32.09
CA GLU H 316 22.01 26.16 33.21
C GLU H 316 22.55 24.82 32.73
N PHE H 317 21.95 24.25 31.68
CA PHE H 317 22.39 22.98 31.13
C PHE H 317 23.38 23.13 29.98
N ALA H 318 23.77 24.35 29.64
CA ALA H 318 24.66 24.54 28.51
C ALA H 318 26.05 23.99 28.82
N PRO H 319 26.68 23.32 27.86
CA PRO H 319 28.03 22.77 28.09
C PRO H 319 29.08 23.84 27.82
N ILE H 320 30.34 23.41 27.89
CA ILE H 320 31.48 24.28 27.59
C ILE H 320 31.88 24.04 26.14
N VAL H 321 31.91 25.10 25.35
CA VAL H 321 32.08 25.00 23.90
C VAL H 321 33.51 25.39 23.55
N MET H 322 34.20 24.51 22.85
CA MET H 322 35.52 24.78 22.31
C MET H 322 35.40 25.03 20.81
N MET H 323 36.08 26.06 20.34
CA MET H 323 36.01 26.48 18.94
C MET H 323 37.41 26.67 18.40
N ALA H 324 37.68 26.08 17.24
CA ALA H 324 38.99 26.16 16.60
C ALA H 324 38.85 26.85 15.26
N THR H 325 39.58 27.96 15.08
CA THR H 325 39.58 28.71 13.84
C THR H 325 41.00 29.13 13.52
N ASN H 326 41.28 29.27 12.22
CA ASN H 326 42.59 29.72 11.76
C ASN H 326 42.56 30.99 10.94
N ARG H 327 41.40 31.37 10.41
CA ARG H 327 41.33 32.57 9.59
C ARG H 327 41.49 33.83 10.45
N GLY H 328 42.12 34.84 9.88
CA GLY H 328 42.27 36.12 10.55
C GLY H 328 41.08 37.02 10.27
N VAL H 329 41.34 38.20 9.71
CA VAL H 329 40.25 39.10 9.33
C VAL H 329 39.66 38.55 8.04
N SER H 330 38.56 37.82 8.17
CA SER H 330 37.89 37.17 7.05
C SER H 330 36.41 37.51 7.08
N LYS H 331 35.70 37.07 6.05
CA LYS H 331 34.29 37.41 5.88
C LYS H 331 33.42 36.37 6.56
N THR H 332 32.60 36.82 7.51
CA THR H 332 31.66 35.92 8.16
C THR H 332 30.60 35.46 7.16
N ARG H 333 30.31 34.16 7.17
CA ARG H 333 29.32 33.62 6.25
C ARG H 333 27.94 34.17 6.59
N GLY H 334 27.19 34.53 5.56
CA GLY H 334 25.88 35.12 5.74
C GLY H 334 25.87 36.61 5.95
N THR H 335 27.04 37.26 5.94
CA THR H 335 27.14 38.70 6.08
C THR H 335 27.98 39.27 4.95
N ASN H 336 28.03 40.59 4.87
CA ASN H 336 28.81 41.28 3.85
C ASN H 336 29.95 42.10 4.47
N TYR H 337 30.44 41.69 5.64
CA TYR H 337 31.51 42.41 6.31
C TYR H 337 32.51 41.42 6.88
N LYS H 338 33.72 41.93 7.11
CA LYS H 338 34.81 41.13 7.66
C LYS H 338 34.82 41.21 9.19
N SER H 339 35.38 40.18 9.80
CA SER H 339 35.36 40.00 11.24
C SER H 339 36.76 39.64 11.74
N PRO H 340 37.06 39.91 13.00
CA PRO H 340 38.44 39.68 13.50
C PRO H 340 38.93 38.26 13.33
N HIS H 341 38.08 37.25 13.52
CA HIS H 341 38.46 35.87 13.34
C HIS H 341 37.51 35.14 12.39
N GLY H 342 36.72 35.88 11.62
CA GLY H 342 35.61 35.30 10.91
C GLY H 342 34.37 35.11 11.75
N LEU H 343 34.35 35.66 12.96
CA LEU H 343 33.26 35.53 13.91
C LEU H 343 32.77 36.90 14.34
N PRO H 344 31.47 37.04 14.59
CA PRO H 344 30.94 38.36 14.97
C PRO H 344 31.45 38.80 16.33
N LEU H 345 31.49 40.12 16.52
CA LEU H 345 32.05 40.68 17.74
C LEU H 345 31.27 40.26 18.98
N ASP H 346 29.96 40.04 18.84
CA ASP H 346 29.17 39.65 20.00
C ASP H 346 29.61 38.29 20.54
N LEU H 347 29.88 37.33 19.65
CA LEU H 347 30.35 36.03 20.10
C LEU H 347 31.76 36.10 20.66
N LEU H 348 32.63 36.90 20.03
CA LEU H 348 33.98 37.06 20.54
C LEU H 348 33.99 37.72 21.91
N ASP H 349 32.98 38.53 22.20
CA ASP H 349 32.91 39.19 23.50
C ASP H 349 32.75 38.17 24.62
N ARG H 350 31.93 37.14 24.41
CA ARG H 350 31.66 36.13 25.42
C ARG H 350 32.55 34.90 25.27
N SER H 351 33.73 35.05 24.69
CA SER H 351 34.64 33.94 24.47
C SER H 351 36.04 34.32 24.93
N ILE H 352 36.69 33.40 25.65
CA ILE H 352 38.09 33.54 26.04
C ILE H 352 38.94 32.80 25.02
N ILE H 353 40.05 33.41 24.60
CA ILE H 353 40.81 32.97 23.44
C ILE H 353 42.09 32.29 23.90
N ILE H 354 42.33 31.09 23.39
CA ILE H 354 43.57 30.35 23.58
C ILE H 354 44.33 30.38 22.27
N THR H 355 45.56 30.87 22.29
CA THR H 355 46.34 31.05 21.08
C THR H 355 47.42 29.98 20.96
N THR H 356 47.84 29.73 19.72
CA THR H 356 48.89 28.79 19.42
C THR H 356 50.03 29.52 18.70
N LYS H 357 51.24 28.97 18.84
CA LYS H 357 52.44 29.60 18.31
C LYS H 357 53.19 28.65 17.39
N SER H 358 53.77 29.20 16.34
CA SER H 358 54.52 28.38 15.38
C SER H 358 55.72 27.74 16.06
N TYR H 359 56.03 26.51 15.64
CA TYR H 359 57.08 25.73 16.25
C TYR H 359 58.44 26.09 15.66
N ASN H 360 59.48 25.81 16.42
CA ASN H 360 60.85 25.97 15.97
C ASN H 360 61.37 24.63 15.44
N GLU H 361 62.68 24.57 15.16
CA GLU H 361 63.25 23.37 14.54
C GLU H 361 63.21 22.18 15.51
N GLN H 362 63.58 22.40 16.77
CA GLN H 362 63.66 21.30 17.72
C GLN H 362 62.29 20.68 17.97
N GLU H 363 61.26 21.52 18.08
CA GLU H 363 59.92 20.99 18.30
C GLU H 363 59.44 20.17 17.10
N ILE H 364 59.73 20.63 15.88
CA ILE H 364 59.37 19.86 14.70
C ILE H 364 60.12 18.53 14.69
N LYS H 365 61.39 18.55 15.08
CA LYS H 365 62.16 17.31 15.14
C LYS H 365 61.55 16.33 16.12
N THR H 366 61.17 16.80 17.31
CA THR H 366 60.56 15.92 18.29
C THR H 366 59.21 15.40 17.82
N ILE H 367 58.43 16.24 17.15
CA ILE H 367 57.14 15.79 16.63
C ILE H 367 57.32 14.72 15.58
N LEU H 368 58.30 14.90 14.69
CA LEU H 368 58.56 13.90 13.66
C LEU H 368 59.05 12.60 14.28
N SER H 369 59.87 12.69 15.33
CA SER H 369 60.31 11.47 16.02
C SER H 369 59.13 10.74 16.65
N ILE H 370 58.22 11.48 17.28
CA ILE H 370 57.04 10.86 17.87
C ILE H 370 56.17 10.20 16.80
N ARG H 371 55.97 10.89 15.67
CA ARG H 371 55.19 10.32 14.59
C ARG H 371 55.85 9.07 14.03
N ALA H 372 57.17 9.09 13.89
CA ALA H 372 57.89 7.91 13.41
C ALA H 372 57.73 6.74 14.37
N GLN H 373 57.80 7.02 15.68
CA GLN H 373 57.60 5.96 16.66
C GLN H 373 56.19 5.38 16.58
N GLU H 374 55.18 6.25 16.41
CA GLU H 374 53.81 5.76 16.33
C GLU H 374 53.61 4.90 15.09
N GLU H 375 54.24 5.26 13.98
CA GLU H 375 54.14 4.51 12.74
C GLU H 375 55.14 3.37 12.66
N GLU H 376 55.80 3.04 13.77
CA GLU H 376 56.84 2.00 13.85
C GLU H 376 57.78 2.05 12.65
N VAL H 377 58.31 3.22 12.38
CA VAL H 377 59.32 3.44 11.34
C VAL H 377 60.61 3.85 12.01
N GLU H 378 61.69 3.14 11.70
CA GLU H 378 62.99 3.38 12.34
C GLU H 378 63.77 4.38 11.49
N LEU H 379 63.66 5.65 11.84
CA LEU H 379 64.35 6.70 11.12
C LEU H 379 65.83 6.74 11.53
N SER H 380 66.65 7.27 10.63
CA SER H 380 68.05 7.53 10.92
C SER H 380 68.25 9.01 11.24
N SER H 381 69.40 9.31 11.84
CA SER H 381 69.67 10.69 12.26
C SER H 381 69.71 11.64 11.07
N ASP H 382 70.40 11.24 10.00
CA ASP H 382 70.48 12.10 8.83
C ASP H 382 69.12 12.26 8.15
N ALA H 383 68.36 11.16 8.07
CA ALA H 383 67.02 11.24 7.48
C ALA H 383 66.12 12.13 8.33
N LEU H 384 66.24 12.03 9.65
CA LEU H 384 65.47 12.90 10.53
C LEU H 384 65.83 14.36 10.32
N ASP H 385 67.12 14.65 10.16
CA ASP H 385 67.53 16.03 9.92
C ASP H 385 67.00 16.54 8.59
N LEU H 386 67.04 15.71 7.55
CA LEU H 386 66.50 16.12 6.26
C LEU H 386 64.99 16.37 6.34
N LEU H 387 64.28 15.51 7.06
CA LEU H 387 62.85 15.71 7.22
C LEU H 387 62.55 16.98 8.00
N THR H 388 63.35 17.26 9.03
CA THR H 388 63.16 18.50 9.79
C THR H 388 63.40 19.72 8.91
N LYS H 389 64.43 19.67 8.07
CA LYS H 389 64.71 20.80 7.19
C LYS H 389 63.58 21.00 6.19
N THR H 390 63.05 19.91 5.63
CA THR H 390 61.91 20.03 4.72
C THR H 390 60.70 20.58 5.44
N GLY H 391 60.50 20.18 6.70
CA GLY H 391 59.36 20.68 7.45
C GLY H 391 59.45 22.18 7.71
N VAL H 392 60.62 22.64 8.16
CA VAL H 392 60.76 24.06 8.43
C VAL H 392 60.72 24.86 7.14
N GLU H 393 61.19 24.28 6.03
CA GLU H 393 61.14 24.98 4.76
C GLU H 393 59.73 25.00 4.18
N THR H 394 59.01 23.87 4.24
CA THR H 394 57.72 23.78 3.57
C THR H 394 56.55 23.62 4.53
N SER H 395 56.50 22.55 5.33
CA SER H 395 55.37 22.31 6.21
C SER H 395 55.60 21.09 7.09
N LEU H 396 54.95 21.06 8.26
CA LEU H 396 55.10 19.92 9.16
C LEU H 396 54.34 18.72 8.65
N ARG H 397 53.12 18.92 8.17
CA ARG H 397 52.32 17.82 7.66
C ARG H 397 52.96 17.17 6.45
N TYR H 398 53.66 17.95 5.63
CA TYR H 398 54.31 17.37 4.45
C TYR H 398 55.35 16.34 4.85
N SER H 399 56.21 16.70 5.81
CA SER H 399 57.22 15.74 6.28
C SER H 399 56.57 14.57 7.01
N SER H 400 55.53 14.85 7.79
CA SER H 400 54.85 13.77 8.51
C SER H 400 54.27 12.75 7.53
N ASN H 401 53.71 13.22 6.42
CA ASN H 401 53.19 12.31 5.41
C ASN H 401 54.31 11.65 4.61
N LEU H 402 55.42 12.35 4.41
CA LEU H 402 56.55 11.75 3.72
C LEU H 402 57.18 10.61 4.50
N ILE H 403 57.02 10.59 5.82
CA ILE H 403 57.65 9.55 6.63
C ILE H 403 57.22 8.16 6.17
N SER H 404 55.91 7.94 6.04
CA SER H 404 55.41 6.60 5.71
C SER H 404 55.75 6.22 4.27
N VAL H 405 55.68 7.18 3.34
CA VAL H 405 56.05 6.90 1.96
C VAL H 405 57.52 6.52 1.87
N ALA H 406 58.38 7.23 2.62
CA ALA H 406 59.79 6.87 2.66
C ALA H 406 59.98 5.48 3.26
N GLN H 407 59.18 5.14 4.27
CA GLN H 407 59.26 3.80 4.84
C GLN H 407 58.93 2.74 3.80
N GLN H 408 57.89 2.99 3.00
CA GLN H 408 57.52 2.02 1.97
C GLN H 408 58.60 1.90 0.90
N ILE H 409 59.19 3.03 0.50
CA ILE H 409 60.26 3.00 -0.49
C ILE H 409 61.45 2.21 0.06
N ALA H 410 61.81 2.45 1.31
CA ALA H 410 62.92 1.73 1.92
C ALA H 410 62.64 0.24 2.01
N MET H 411 61.42 -0.13 2.36
CA MET H 411 61.05 -1.54 2.43
C MET H 411 61.12 -2.19 1.06
N LYS H 412 60.71 -1.47 0.01
CA LYS H 412 60.84 -2.00 -1.34
C LYS H 412 62.29 -2.22 -1.72
N ARG H 413 63.21 -1.44 -1.15
CA ARG H 413 64.64 -1.59 -1.36
C ARG H 413 65.25 -2.70 -0.49
N LYS H 414 64.40 -3.60 0.02
CA LYS H 414 64.78 -4.63 0.99
C LYS H 414 65.79 -4.10 2.02
N ASN H 415 65.44 -2.96 2.61
CA ASN H 415 66.20 -2.35 3.69
C ASN H 415 65.24 -2.01 4.81
N ASN H 416 65.56 -2.47 6.02
CA ASN H 416 64.62 -2.34 7.15
C ASN H 416 64.65 -0.98 7.82
N THR H 417 65.60 -0.12 7.47
CA THR H 417 65.68 1.23 8.03
C THR H 417 65.71 2.25 6.90
N VAL H 418 65.10 3.40 7.17
CA VAL H 418 65.02 4.48 6.19
C VAL H 418 66.29 5.31 6.29
N GLU H 419 66.71 5.88 5.16
CA GLU H 419 67.92 6.67 5.11
C GLU H 419 67.67 7.89 4.22
N VAL H 420 68.75 8.59 3.88
CA VAL H 420 68.62 9.85 3.16
C VAL H 420 68.12 9.62 1.74
N GLU H 421 68.57 8.54 1.10
CA GLU H 421 68.16 8.27 -0.28
C GLU H 421 66.66 8.04 -0.38
N ASP H 422 66.09 7.31 0.59
CA ASP H 422 64.65 7.06 0.56
C ASP H 422 63.85 8.35 0.74
N VAL H 423 64.29 9.22 1.66
CA VAL H 423 63.61 10.49 1.85
C VAL H 423 63.74 11.37 0.61
N LYS H 424 64.92 11.35 -0.03
CA LYS H 424 65.09 12.13 -1.25
C LYS H 424 64.17 11.64 -2.36
N ARG H 425 64.06 10.32 -2.52
CA ARG H 425 63.16 9.77 -3.53
C ARG H 425 61.71 10.11 -3.23
N ALA H 426 61.33 10.05 -1.95
CA ALA H 426 59.96 10.43 -1.58
C ALA H 426 59.71 11.91 -1.88
N TYR H 427 60.70 12.75 -1.63
CA TYR H 427 60.58 14.17 -1.96
C TYR H 427 60.41 14.37 -3.45
N LEU H 428 61.15 13.62 -4.26
CA LEU H 428 61.06 13.79 -5.71
C LEU H 428 59.73 13.30 -6.24
N LEU H 429 59.25 12.15 -5.77
CA LEU H 429 58.02 11.59 -6.32
C LEU H 429 56.80 12.43 -5.92
N PHE H 430 56.68 12.77 -4.64
CA PHE H 430 55.49 13.42 -4.11
C PHE H 430 55.80 14.89 -3.85
N LEU H 431 55.03 15.77 -4.49
CA LEU H 431 55.25 17.20 -4.40
C LEU H 431 54.53 17.79 -3.18
N ASP H 432 54.85 19.04 -2.89
CA ASP H 432 54.20 19.83 -1.86
C ASP H 432 53.43 20.98 -2.50
N SER H 433 52.87 21.85 -1.67
CA SER H 433 52.07 22.96 -2.19
C SER H 433 52.89 23.92 -3.03
N ALA H 434 54.10 24.24 -2.57
CA ALA H 434 54.91 25.25 -3.26
C ALA H 434 55.34 24.79 -4.64
N ARG H 435 55.88 23.57 -4.73
CA ARG H 435 56.33 23.07 -6.02
C ARG H 435 55.17 22.86 -6.98
N SER H 436 54.02 22.44 -6.45
CA SER H 436 52.83 22.30 -7.29
C SER H 436 52.39 23.64 -7.84
N VAL H 437 52.40 24.68 -7.01
CA VAL H 437 52.05 26.02 -7.49
C VAL H 437 53.05 26.48 -8.55
N LYS H 438 54.33 26.21 -8.32
CA LYS H 438 55.34 26.60 -9.31
C LYS H 438 55.09 25.92 -10.65
N TYR H 439 54.78 24.63 -10.62
CA TYR H 439 54.56 23.90 -11.88
C TYR H 439 53.28 24.35 -12.56
N VAL H 440 52.21 24.61 -11.79
CA VAL H 440 50.97 25.06 -12.42
C VAL H 440 51.15 26.45 -13.00
N GLN H 441 51.98 27.30 -12.39
CA GLN H 441 52.21 28.62 -12.94
C GLN H 441 53.11 28.56 -14.16
N GLU H 442 54.04 27.61 -14.22
CA GLU H 442 54.94 27.55 -15.36
C GLU H 442 54.24 27.05 -16.62
N ASN H 443 53.16 26.28 -16.46
CA ASN H 443 52.46 25.65 -17.57
C ASN H 443 50.98 25.98 -17.51
N GLU H 444 50.66 27.27 -17.35
CA GLU H 444 49.28 27.68 -17.17
C GLU H 444 48.38 27.30 -18.35
N SER H 445 48.96 27.06 -19.53
CA SER H 445 48.15 26.87 -20.72
C SER H 445 47.54 25.47 -20.82
N GLN H 446 48.07 24.50 -20.07
CA GLN H 446 47.57 23.13 -20.16
C GLN H 446 46.60 22.77 -19.05
N TYR H 447 46.35 23.67 -18.11
CA TYR H 447 45.41 23.44 -17.03
C TYR H 447 44.26 24.43 -17.14
N ILE H 448 43.05 23.96 -16.85
CA ILE H 448 41.87 24.81 -16.98
C ILE H 448 41.93 25.94 -15.96
N ASP H 449 41.51 27.13 -16.38
CA ASP H 449 41.53 28.31 -15.55
C ASP H 449 40.11 28.68 -15.15
N ASP H 450 39.98 29.84 -14.48
CA ASP H 450 38.65 30.31 -14.09
C ASP H 450 37.78 30.55 -15.31
N GLN H 451 38.35 31.10 -16.38
CA GLN H 451 37.60 31.34 -17.61
C GLN H 451 37.32 30.07 -18.39
N GLY H 452 37.92 28.95 -18.01
CA GLY H 452 37.65 27.68 -18.65
C GLY H 452 38.52 27.34 -19.83
N ASN H 453 39.43 28.22 -20.24
CA ASN H 453 40.28 27.96 -21.38
C ASN H 453 41.40 26.98 -21.02
N VAL H 454 41.63 26.02 -21.90
CA VAL H 454 42.72 25.05 -21.73
C VAL H 454 43.16 24.58 -23.11
N GLN H 455 44.47 24.45 -23.29
CA GLN H 455 45.05 24.01 -24.55
C GLN H 455 45.40 22.54 -24.42
N ILE H 456 44.45 21.67 -24.79
CA ILE H 456 44.70 20.23 -24.75
C ILE H 456 45.75 19.84 -25.78
N SER H 457 45.76 20.51 -26.93
CA SER H 457 46.74 20.22 -27.96
C SER H 457 48.15 20.58 -27.47
N ILE H 458 49.14 19.89 -28.05
CA ILE H 458 50.53 20.05 -27.64
C ILE H 458 51.40 20.60 -28.75
N ALA H 459 51.24 20.10 -29.97
CA ALA H 459 52.02 20.57 -31.10
C ALA H 459 51.37 21.81 -31.72
N THR I 22 34.00 -8.76 -26.96
CA THR I 22 33.69 -8.07 -25.73
C THR I 22 33.66 -6.55 -25.96
N ARG I 23 32.92 -5.85 -25.11
CA ARG I 23 32.85 -4.40 -25.21
C ARG I 23 34.19 -3.77 -24.83
N THR I 24 34.54 -2.70 -25.51
CA THR I 24 35.82 -2.02 -25.32
C THR I 24 35.53 -0.63 -24.75
N ALA I 25 35.72 -0.48 -23.44
CA ALA I 25 35.57 0.82 -22.80
C ALA I 25 36.85 1.63 -23.00
N ALA I 26 36.88 2.83 -22.41
CA ALA I 26 38.03 3.71 -22.60
C ALA I 26 39.26 3.20 -21.87
N HIS I 27 39.08 2.46 -20.78
CA HIS I 27 40.20 2.02 -19.95
C HIS I 27 40.29 0.51 -19.87
N THR I 28 39.89 -0.19 -20.94
CA THR I 28 39.99 -1.64 -20.94
C THR I 28 41.44 -2.09 -21.04
N HIS I 29 42.24 -1.40 -21.85
CA HIS I 29 43.62 -1.79 -22.05
C HIS I 29 44.47 -1.65 -20.80
N ILE I 30 44.03 -0.85 -19.84
CA ILE I 30 44.78 -0.66 -18.60
C ILE I 30 44.60 -1.91 -17.75
N LYS I 31 45.64 -2.74 -17.68
CA LYS I 31 45.61 -3.96 -16.90
C LYS I 31 46.37 -3.86 -15.58
N GLY I 32 47.24 -2.86 -15.44
CA GLY I 32 48.00 -2.73 -14.21
C GLY I 32 49.00 -1.60 -14.33
N LEU I 33 49.69 -1.35 -13.21
CA LEU I 33 50.66 -0.28 -13.18
C LEU I 33 51.91 -0.62 -13.96
N GLY I 34 52.20 -1.90 -14.13
CA GLY I 34 53.37 -2.31 -14.89
C GLY I 34 54.68 -1.90 -14.25
N LEU I 35 54.97 -2.47 -13.09
CA LEU I 35 56.19 -2.18 -12.36
C LEU I 35 57.01 -3.45 -12.19
N ASP I 36 58.29 -3.27 -11.90
CA ASP I 36 59.17 -4.39 -11.62
C ASP I 36 59.07 -4.76 -10.14
N GLU I 37 59.81 -5.81 -9.75
CA GLU I 37 59.81 -6.22 -8.35
C GLU I 37 60.46 -5.18 -7.45
N SER I 38 61.44 -4.45 -7.98
CA SER I 38 62.13 -3.42 -7.21
C SER I 38 61.39 -2.08 -7.23
N GLY I 39 60.26 -1.99 -7.92
CA GLY I 39 59.46 -0.78 -7.96
C GLY I 39 59.66 0.07 -9.18
N VAL I 40 60.67 -0.20 -10.01
CA VAL I 40 60.89 0.58 -11.20
C VAL I 40 59.81 0.28 -12.23
N ALA I 41 59.42 1.30 -12.99
CA ALA I 41 58.35 1.19 -13.97
C ALA I 41 58.94 1.03 -15.36
N LYS I 42 58.49 0.00 -16.07
CA LYS I 42 58.95 -0.21 -17.44
C LYS I 42 58.38 0.85 -18.36
N ARG I 43 59.07 1.07 -19.48
CA ARG I 43 58.65 2.11 -20.41
C ARG I 43 57.26 1.82 -20.99
N VAL I 44 57.04 0.57 -21.39
CA VAL I 44 55.73 0.16 -21.93
C VAL I 44 55.37 -1.21 -21.36
N GLU I 45 54.51 -1.23 -20.35
CA GLU I 45 54.02 -2.47 -19.78
C GLU I 45 52.66 -2.22 -19.14
N GLY I 46 51.87 -3.28 -19.03
CA GLY I 46 50.57 -3.16 -18.40
C GLY I 46 49.62 -2.24 -19.11
N GLY I 47 49.80 -2.02 -20.41
CA GLY I 47 48.98 -1.11 -21.16
C GLY I 47 49.35 0.34 -21.04
N PHE I 48 50.27 0.68 -20.13
CA PHE I 48 50.70 2.05 -19.96
C PHE I 48 51.84 2.37 -20.90
N VAL I 49 51.89 3.63 -21.32
CA VAL I 49 53.00 4.15 -22.11
C VAL I 49 53.52 5.38 -21.39
N GLY I 50 54.76 5.33 -20.92
CA GLY I 50 55.31 6.48 -20.23
C GLY I 50 54.74 6.63 -18.83
N GLN I 51 54.71 7.89 -18.37
CA GLN I 51 54.23 8.23 -17.03
C GLN I 51 55.00 7.45 -15.97
N ILE I 52 56.33 7.46 -16.07
CA ILE I 52 57.16 6.65 -15.20
C ILE I 52 57.04 7.10 -13.75
N GLU I 53 57.21 8.40 -13.50
CA GLU I 53 57.20 8.89 -12.13
C GLU I 53 55.83 8.72 -11.49
N ALA I 54 54.77 9.02 -12.22
CA ALA I 54 53.42 8.84 -11.70
C ALA I 54 53.13 7.39 -11.38
N ARG I 55 53.56 6.49 -12.27
CA ARG I 55 53.34 5.06 -12.03
C ARG I 55 54.12 4.58 -10.80
N GLU I 56 55.35 5.07 -10.63
CA GLU I 56 56.11 4.67 -9.44
C GLU I 56 55.47 5.19 -8.16
N ALA I 57 54.99 6.45 -8.18
CA ALA I 57 54.31 6.98 -7.00
C ALA I 57 53.05 6.18 -6.69
N CYS I 58 52.29 5.83 -7.73
CA CYS I 58 51.10 5.02 -7.51
C CYS I 58 51.46 3.64 -6.98
N GLY I 59 52.59 3.08 -7.41
CA GLY I 59 53.02 1.80 -6.87
C GLY I 59 53.38 1.87 -5.40
N VAL I 60 54.05 2.94 -4.99
CA VAL I 60 54.34 3.14 -3.58
C VAL I 60 53.04 3.28 -2.79
N ILE I 61 52.06 3.99 -3.36
CA ILE I 61 50.77 4.14 -2.69
C ILE I 61 50.07 2.79 -2.58
N VAL I 62 50.18 1.95 -3.61
CA VAL I 62 49.56 0.63 -3.58
C VAL I 62 50.20 -0.23 -2.50
N ASP I 63 51.52 -0.14 -2.36
CA ASP I 63 52.20 -0.82 -1.26
C ASP I 63 51.70 -0.31 0.09
N LEU I 64 51.50 1.00 0.20
CA LEU I 64 51.00 1.56 1.45
C LEU I 64 49.61 1.04 1.77
N ILE I 65 48.76 0.91 0.75
CA ILE I 65 47.42 0.36 0.96
C ILE I 65 47.50 -1.10 1.40
N LYS I 66 48.36 -1.88 0.75
CA LYS I 66 48.53 -3.28 1.14
C LYS I 66 49.12 -3.42 2.53
N ALA I 67 49.82 -2.40 3.02
CA ALA I 67 50.36 -2.45 4.38
C ALA I 67 49.25 -2.55 5.42
N LYS I 68 48.15 -1.82 5.20
CA LYS I 68 46.99 -1.85 6.08
C LYS I 68 47.35 -1.43 7.50
N LYS I 69 47.97 -0.26 7.61
CA LYS I 69 48.40 0.25 8.91
C LYS I 69 47.94 1.67 9.14
N MET I 70 47.83 2.45 8.08
CA MET I 70 47.58 3.88 8.17
C MET I 70 46.16 4.21 7.72
N SER I 71 45.61 5.26 8.30
CA SER I 71 44.26 5.72 8.02
C SER I 71 44.28 7.18 7.65
N GLY I 72 43.47 7.55 6.67
CA GLY I 72 43.33 8.94 6.31
C GLY I 72 44.40 9.50 5.41
N ARG I 73 45.30 8.68 4.90
CA ARG I 73 46.29 9.16 3.95
C ARG I 73 45.60 9.57 2.66
N ALA I 74 46.05 10.67 2.09
CA ALA I 74 45.41 11.24 0.91
C ALA I 74 46.46 11.61 -0.13
N ILE I 75 46.17 11.34 -1.39
CA ILE I 75 46.99 11.80 -2.50
C ILE I 75 46.08 12.44 -3.53
N LEU I 76 46.64 13.37 -4.30
CA LEU I 76 45.91 14.11 -5.32
C LEU I 76 46.67 14.02 -6.64
N LEU I 77 46.02 13.50 -7.67
CA LEU I 77 46.62 13.39 -8.99
C LEU I 77 46.36 14.67 -9.75
N ALA I 78 47.40 15.49 -9.93
CA ALA I 78 47.29 16.79 -10.57
C ALA I 78 47.91 16.73 -11.96
N GLY I 79 47.16 17.21 -12.95
CA GLY I 79 47.65 17.22 -14.31
C GLY I 79 46.57 17.75 -15.23
N GLY I 80 46.96 17.96 -16.48
CA GLY I 80 46.05 18.49 -17.47
C GLY I 80 45.09 17.44 -17.98
N PRO I 81 44.10 17.89 -18.74
CA PRO I 81 43.15 16.95 -19.34
C PRO I 81 43.86 15.99 -20.28
N SER I 82 43.39 14.75 -20.30
CA SER I 82 43.97 13.68 -21.11
C SER I 82 45.45 13.50 -20.77
N THR I 83 45.70 13.13 -19.52
CA THR I 83 47.07 12.92 -19.05
C THR I 83 47.18 11.55 -18.38
N GLY I 84 46.09 11.08 -17.78
CA GLY I 84 46.07 9.74 -17.24
C GLY I 84 45.72 9.63 -15.77
N LYS I 85 45.02 10.62 -15.22
CA LYS I 85 44.65 10.55 -13.81
C LYS I 85 43.71 9.37 -13.56
N THR I 86 42.62 9.29 -14.32
CA THR I 86 41.70 8.18 -14.16
C THR I 86 42.36 6.85 -14.52
N ALA I 87 43.27 6.87 -15.50
CA ALA I 87 44.00 5.66 -15.84
C ALA I 87 44.82 5.16 -14.66
N LEU I 88 45.51 6.08 -13.97
CA LEU I 88 46.30 5.67 -12.81
C LEU I 88 45.42 5.19 -11.68
N ALA I 89 44.28 5.84 -11.46
CA ALA I 89 43.37 5.37 -10.41
C ALA I 89 42.86 3.97 -10.70
N LEU I 90 42.49 3.71 -11.95
CA LEU I 90 42.01 2.37 -12.31
C LEU I 90 43.13 1.35 -12.28
N ALA I 91 44.36 1.76 -12.58
CA ALA I 91 45.50 0.86 -12.43
C ALA I 91 45.71 0.49 -10.97
N ILE I 92 45.55 1.46 -10.07
CA ILE I 92 45.64 1.16 -8.64
C ILE I 92 44.55 0.16 -8.25
N SER I 93 43.33 0.37 -8.74
CA SER I 93 42.24 -0.55 -8.42
C SER I 93 42.54 -1.95 -8.93
N GLN I 94 43.07 -2.07 -10.15
CA GLN I 94 43.41 -3.37 -10.70
C GLN I 94 44.53 -4.03 -9.91
N GLU I 95 45.54 -3.26 -9.50
CA GLU I 95 46.67 -3.83 -8.77
C GLU I 95 46.24 -4.33 -7.40
N LEU I 96 45.32 -3.61 -6.74
CA LEU I 96 44.87 -4.06 -5.43
C LEU I 96 44.06 -5.34 -5.53
N GLY I 97 43.31 -5.53 -6.61
CA GLY I 97 42.52 -6.72 -6.80
C GLY I 97 41.07 -6.52 -6.44
N PRO I 98 40.23 -7.52 -6.76
CA PRO I 98 38.80 -7.41 -6.48
C PRO I 98 38.41 -7.75 -5.05
N LYS I 99 39.36 -8.03 -4.16
CA LYS I 99 39.06 -8.31 -2.77
C LYS I 99 39.25 -7.09 -1.87
N VAL I 100 39.73 -5.98 -2.41
CA VAL I 100 39.95 -4.75 -1.67
C VAL I 100 38.97 -3.71 -2.17
N PRO I 101 38.28 -2.98 -1.30
CA PRO I 101 37.28 -2.02 -1.76
C PRO I 101 37.90 -0.92 -2.61
N PHE I 102 37.11 -0.45 -3.58
CA PHE I 102 37.50 0.69 -4.40
C PHE I 102 36.21 1.32 -4.89
N CYS I 103 35.81 2.42 -4.26
CA CYS I 103 34.54 3.06 -4.58
C CYS I 103 34.81 4.28 -5.45
N PRO I 104 34.50 4.22 -6.74
CA PRO I 104 34.65 5.41 -7.58
C PRO I 104 33.60 6.45 -7.25
N LEU I 105 33.94 7.70 -7.52
CA LEU I 105 33.05 8.82 -7.25
C LEU I 105 33.41 9.96 -8.18
N VAL I 106 32.47 10.89 -8.33
CA VAL I 106 32.75 12.19 -8.93
C VAL I 106 32.20 13.25 -7.99
N GLY I 107 32.75 14.46 -8.12
CA GLY I 107 32.40 15.53 -7.19
C GLY I 107 30.93 15.87 -7.22
N SER I 108 30.27 15.68 -8.36
CA SER I 108 28.86 16.04 -8.46
C SER I 108 27.95 15.06 -7.74
N GLU I 109 28.38 13.80 -7.59
CA GLU I 109 27.52 12.80 -6.98
C GLU I 109 27.27 13.03 -5.49
N LEU I 110 28.09 13.86 -4.84
CA LEU I 110 27.90 14.11 -3.42
C LEU I 110 26.66 14.96 -3.15
N TYR I 111 26.18 15.70 -4.13
CA TYR I 111 25.07 16.63 -3.95
C TYR I 111 23.75 15.87 -4.11
N SER I 112 23.36 15.18 -3.05
CA SER I 112 22.10 14.46 -3.00
C SER I 112 20.97 15.39 -2.60
N VAL I 113 19.74 14.89 -2.75
CA VAL I 113 18.54 15.62 -2.38
C VAL I 113 17.81 14.98 -1.22
N GLU I 114 18.29 13.85 -0.72
CA GLU I 114 17.66 13.18 0.41
C GLU I 114 18.36 13.45 1.73
N VAL I 115 19.68 13.62 1.72
CA VAL I 115 20.44 13.86 2.94
C VAL I 115 21.54 14.87 2.63
N LYS I 116 22.10 15.46 3.68
CA LYS I 116 23.15 16.45 3.50
C LYS I 116 24.38 15.83 2.85
N LYS I 117 25.12 16.66 2.12
CA LYS I 117 26.29 16.18 1.39
C LYS I 117 27.33 15.57 2.33
N THR I 118 27.40 16.08 3.56
CA THR I 118 28.32 15.52 4.53
C THR I 118 28.01 14.06 4.83
N GLU I 119 26.73 13.73 4.98
CA GLU I 119 26.35 12.35 5.24
C GLU I 119 26.69 11.46 4.05
N THR I 120 26.50 11.96 2.83
CA THR I 120 26.88 11.18 1.65
C THR I 120 28.37 10.92 1.62
N LEU I 121 29.18 11.93 1.95
CA LEU I 121 30.62 11.75 1.99
C LEU I 121 31.00 10.72 3.05
N MET I 122 30.37 10.78 4.22
CA MET I 122 30.68 9.81 5.27
C MET I 122 30.28 8.40 4.85
N GLU I 123 29.13 8.26 4.19
CA GLU I 123 28.71 6.94 3.72
C GLU I 123 29.68 6.39 2.70
N ASN I 124 30.19 7.24 1.82
CA ASN I 124 31.20 6.79 0.86
C ASN I 124 32.49 6.40 1.56
N PHE I 125 32.85 7.11 2.63
CA PHE I 125 34.07 6.78 3.37
C PHE I 125 33.98 5.39 3.98
N ARG I 126 32.83 5.06 4.57
CA ARG I 126 32.67 3.76 5.20
C ARG I 126 32.28 2.68 4.21
N ARG I 127 31.97 3.04 2.97
CA ARG I 127 31.77 2.07 1.91
C ARG I 127 33.08 1.54 1.35
N ALA I 128 34.21 2.11 1.78
CA ALA I 128 35.52 1.70 1.31
C ALA I 128 36.39 1.13 2.43
N ILE I 129 35.79 0.69 3.52
CA ILE I 129 36.50 -0.04 4.56
C ILE I 129 35.86 -1.42 4.61
N GLY I 130 36.41 -2.36 3.86
CA GLY I 130 35.83 -3.68 3.78
C GLY I 130 36.19 -4.54 4.98
N LEU I 131 35.28 -5.44 5.31
CA LEU I 131 35.48 -6.40 6.40
C LEU I 131 35.18 -7.80 5.89
N ARG I 132 36.09 -8.73 6.15
CA ARG I 132 35.92 -10.12 5.75
C ARG I 132 35.53 -10.93 6.99
N ILE I 133 34.28 -11.37 7.03
CA ILE I 133 33.73 -12.05 8.20
C ILE I 133 33.38 -13.47 7.80
N LYS I 134 33.83 -14.44 8.59
CA LYS I 134 33.61 -15.85 8.32
C LYS I 134 32.76 -16.45 9.43
N GLU I 135 31.88 -17.37 9.03
CA GLU I 135 30.94 -18.00 9.94
C GLU I 135 30.75 -19.45 9.52
N THR I 136 30.87 -20.36 10.47
CA THR I 136 30.66 -21.77 10.21
C THR I 136 29.19 -22.12 10.41
N LYS I 137 28.60 -22.76 9.41
CA LYS I 137 27.17 -23.03 9.41
C LYS I 137 26.93 -24.50 9.14
N GLU I 138 25.99 -25.08 9.89
CA GLU I 138 25.61 -26.48 9.76
C GLU I 138 24.17 -26.56 9.26
N VAL I 139 23.95 -27.34 8.21
CA VAL I 139 22.64 -27.44 7.58
C VAL I 139 22.25 -28.90 7.44
N TYR I 140 20.97 -29.16 7.70
CA TYR I 140 20.37 -30.47 7.45
C TYR I 140 19.47 -30.34 6.23
N GLU I 141 19.78 -31.10 5.19
CA GLU I 141 19.03 -31.00 3.94
C GLU I 141 18.80 -32.39 3.36
N GLY I 142 17.69 -32.53 2.65
CA GLY I 142 17.33 -33.81 2.07
C GLY I 142 15.85 -33.86 1.75
N GLU I 143 15.36 -35.06 1.52
CA GLU I 143 13.96 -35.32 1.20
C GLU I 143 13.27 -35.93 2.40
N VAL I 144 12.12 -35.38 2.77
CA VAL I 144 11.43 -35.84 3.97
C VAL I 144 10.80 -37.20 3.73
N THR I 145 11.11 -38.15 4.61
CA THR I 145 10.55 -39.49 4.54
C THR I 145 9.56 -39.78 5.65
N GLU I 146 9.74 -39.22 6.83
CA GLU I 146 8.85 -39.44 7.95
C GLU I 146 8.65 -38.14 8.72
N LEU I 147 7.50 -38.04 9.39
CA LEU I 147 7.19 -36.91 10.24
C LEU I 147 6.20 -37.41 11.29
N THR I 148 6.72 -37.74 12.48
CA THR I 148 5.95 -38.42 13.52
C THR I 148 6.02 -37.62 14.81
N PRO I 149 5.18 -36.60 14.95
CA PRO I 149 5.12 -35.88 16.23
C PRO I 149 4.72 -36.80 17.37
N GLU I 150 5.32 -36.57 18.53
CA GLU I 150 5.07 -37.38 19.71
C GLU I 150 4.62 -36.48 20.85
N ASP I 151 3.69 -36.99 21.65
CA ASP I 151 3.21 -36.25 22.82
C ASP I 151 4.00 -36.67 24.06
N ALA I 152 3.81 -35.91 25.14
CA ALA I 152 4.49 -36.20 26.39
C ALA I 152 3.99 -37.51 26.98
N GLU I 153 4.85 -38.16 27.76
CA GLU I 153 4.48 -39.44 28.37
C GLU I 153 3.31 -39.29 29.33
N ASN I 154 3.15 -38.11 29.93
CA ASN I 154 2.04 -37.84 30.82
C ASN I 154 1.29 -36.60 30.36
N PRO I 155 -0.04 -36.64 30.37
CA PRO I 155 -0.81 -35.45 29.94
C PRO I 155 -0.55 -34.22 30.81
N LEU I 156 -0.26 -34.41 32.09
CA LEU I 156 0.03 -33.29 32.98
C LEU I 156 1.39 -32.66 32.74
N GLY I 157 2.21 -33.26 31.86
CA GLY I 157 3.57 -32.76 31.67
C GLY I 157 3.61 -31.35 31.10
N GLY I 158 2.69 -31.03 30.19
CA GLY I 158 2.72 -29.73 29.54
C GLY I 158 1.38 -29.02 29.49
N TYR I 159 1.29 -27.97 28.67
CA TYR I 159 0.10 -27.16 28.55
C TYR I 159 -0.57 -27.39 27.21
N GLY I 160 -1.89 -27.50 27.22
CA GLY I 160 -2.65 -27.54 25.98
C GLY I 160 -2.30 -28.75 25.13
N LYS I 161 -1.80 -28.49 23.92
CA LYS I 161 -1.47 -29.57 23.00
C LYS I 161 -0.45 -30.53 23.59
N THR I 162 0.44 -30.03 24.44
CA THR I 162 1.46 -30.84 25.11
C THR I 162 2.30 -31.60 24.08
N ILE I 163 2.73 -30.90 23.05
CA ILE I 163 3.50 -31.52 21.98
C ILE I 163 4.95 -31.64 22.42
N SER I 164 5.49 -32.85 22.33
CA SER I 164 6.88 -33.12 22.61
C SER I 164 7.67 -33.03 21.29
N HIS I 165 8.89 -33.56 21.27
CA HIS I 165 9.75 -33.57 20.10
C HIS I 165 9.05 -34.14 18.87
N VAL I 166 9.56 -33.80 17.69
CA VAL I 166 9.11 -34.39 16.43
C VAL I 166 10.27 -35.14 15.81
N ILE I 167 9.97 -36.25 15.15
CA ILE I 167 10.96 -37.10 14.50
C ILE I 167 10.80 -36.92 12.99
N VAL I 168 11.89 -36.55 12.33
CA VAL I 168 11.88 -36.35 10.89
C VAL I 168 12.99 -37.18 10.27
N GLY I 169 12.68 -37.81 9.14
CA GLY I 169 13.66 -38.59 8.42
C GLY I 169 14.00 -37.95 7.09
N LEU I 170 15.26 -37.61 6.90
CA LEU I 170 15.72 -36.98 5.67
C LEU I 170 16.57 -37.96 4.87
N LYS I 171 16.45 -37.89 3.55
CA LYS I 171 17.17 -38.78 2.65
C LYS I 171 18.05 -37.95 1.74
N SER I 172 19.28 -38.40 1.53
CA SER I 172 20.25 -37.74 0.68
C SER I 172 20.87 -38.76 -0.27
N ALA I 173 21.76 -38.28 -1.13
CA ALA I 173 22.40 -39.15 -2.09
C ALA I 173 23.29 -40.19 -1.44
N LYS I 174 23.70 -39.97 -0.20
CA LYS I 174 24.62 -40.87 0.48
C LYS I 174 23.96 -41.62 1.63
N GLY I 175 22.68 -41.42 1.87
CA GLY I 175 21.98 -42.20 2.87
C GLY I 175 20.89 -41.39 3.54
N THR I 176 20.41 -41.91 4.66
CA THR I 176 19.32 -41.32 5.41
C THR I 176 19.75 -41.09 6.85
N LYS I 177 19.08 -40.14 7.50
CA LYS I 177 19.30 -39.84 8.91
C LYS I 177 17.98 -39.45 9.56
N THR I 178 17.76 -39.95 10.78
CA THR I 178 16.55 -39.67 11.54
C THR I 178 16.87 -38.60 12.58
N LEU I 179 16.21 -37.46 12.48
CA LEU I 179 16.50 -36.32 13.34
C LEU I 179 15.44 -36.15 14.41
N ARG I 180 15.87 -35.62 15.55
CA ARG I 180 15.01 -35.30 16.67
C ARG I 180 14.99 -33.78 16.81
N LEU I 181 13.82 -33.17 16.67
CA LEU I 181 13.72 -31.73 16.56
C LEU I 181 12.86 -31.15 17.67
N ASP I 182 13.12 -29.87 17.96
CA ASP I 182 12.32 -29.14 18.92
C ASP I 182 10.93 -28.87 18.36
N PRO I 183 9.94 -28.67 19.23
CA PRO I 183 8.60 -28.32 18.74
C PRO I 183 8.57 -27.02 17.94
N THR I 184 9.52 -26.11 18.18
CA THR I 184 9.61 -24.91 17.36
C THR I 184 9.90 -25.25 15.91
N ILE I 185 10.80 -26.21 15.69
CA ILE I 185 11.07 -26.64 14.32
C ILE I 185 9.84 -27.31 13.71
N TYR I 186 9.06 -28.02 14.52
CA TYR I 186 7.83 -28.60 14.02
C TYR I 186 6.85 -27.52 13.58
N GLU I 187 6.75 -26.45 14.37
CA GLU I 187 5.90 -25.33 14.00
C GLU I 187 6.38 -24.69 12.70
N SER I 188 7.70 -24.55 12.54
CA SER I 188 8.25 -24.03 11.30
C SER I 188 7.93 -24.93 10.11
N ILE I 189 8.04 -26.25 10.32
CA ILE I 189 7.71 -27.21 9.26
C ILE I 189 6.25 -27.04 8.84
N GLN I 190 5.36 -26.91 9.81
CA GLN I 190 3.96 -26.71 9.50
C GLN I 190 3.73 -25.40 8.77
N ARG I 191 4.44 -24.35 9.18
CA ARG I 191 4.28 -23.05 8.52
C ARG I 191 4.72 -23.11 7.06
N GLU I 192 5.84 -23.78 6.78
CA GLU I 192 6.33 -23.88 5.42
C GLU I 192 5.56 -24.90 4.58
N LYS I 193 4.61 -25.60 5.18
CA LYS I 193 3.77 -26.57 4.47
C LYS I 193 4.62 -27.66 3.81
N VAL I 194 5.30 -28.43 4.66
CA VAL I 194 6.18 -29.50 4.21
C VAL I 194 5.48 -30.83 4.43
N SER I 195 5.40 -31.63 3.38
CA SER I 195 4.82 -32.96 3.43
C SER I 195 5.90 -33.98 3.08
N ILE I 196 5.54 -35.27 3.16
CA ILE I 196 6.49 -36.32 2.86
C ILE I 196 6.84 -36.26 1.37
N GLY I 197 8.14 -36.31 1.08
CA GLY I 197 8.63 -36.26 -0.28
C GLY I 197 9.20 -34.92 -0.69
N ASP I 198 8.89 -33.85 0.04
CA ASP I 198 9.42 -32.54 -0.29
C ASP I 198 10.87 -32.43 0.17
N VAL I 199 11.69 -31.79 -0.65
CA VAL I 199 13.08 -31.52 -0.29
C VAL I 199 13.12 -30.29 0.59
N ILE I 200 13.71 -30.42 1.77
CA ILE I 200 13.74 -29.31 2.72
C ILE I 200 15.16 -28.93 3.08
N TYR I 201 15.30 -27.96 3.97
CA TYR I 201 16.60 -27.33 4.24
C TYR I 201 16.51 -26.67 5.60
N ILE I 202 17.22 -27.22 6.58
CA ILE I 202 17.17 -26.74 7.96
C ILE I 202 18.54 -26.21 8.34
N GLU I 203 18.58 -25.01 8.91
CA GLU I 203 19.81 -24.39 9.37
C GLU I 203 19.88 -24.52 10.89
N ALA I 204 20.84 -25.31 11.37
CA ALA I 204 21.01 -25.46 12.81
C ALA I 204 21.52 -24.20 13.48
N ASN I 205 22.13 -23.29 12.71
CA ASN I 205 22.57 -22.02 13.28
C ASN I 205 21.39 -21.21 13.79
N THR I 206 20.31 -21.15 13.02
CA THR I 206 19.17 -20.31 13.32
C THR I 206 17.87 -21.06 13.55
N GLY I 207 17.78 -22.33 13.15
CA GLY I 207 16.53 -23.05 13.26
C GLY I 207 15.53 -22.73 12.17
N ALA I 208 16.00 -22.30 11.00
CA ALA I 208 15.11 -21.91 9.91
C ALA I 208 14.90 -23.07 8.95
N VAL I 209 13.65 -23.31 8.58
CA VAL I 209 13.27 -24.39 7.68
C VAL I 209 12.83 -23.79 6.35
N LYS I 210 13.43 -24.27 5.28
CA LYS I 210 13.13 -23.81 3.93
C LYS I 210 12.68 -25.00 3.09
N ARG I 211 11.71 -24.76 2.20
CA ARG I 211 11.18 -25.79 1.33
C ARG I 211 11.76 -25.60 -0.07
N VAL I 212 12.78 -26.39 -0.39
CA VAL I 212 13.42 -26.30 -1.70
C VAL I 212 12.43 -26.65 -2.80
N GLY I 213 11.66 -27.72 -2.61
CA GLY I 213 10.68 -28.12 -3.60
C GLY I 213 10.36 -29.60 -3.46
N ARG I 214 9.77 -30.13 -4.52
CA ARG I 214 9.38 -31.54 -4.55
C ARG I 214 10.49 -32.38 -5.17
N SER I 215 10.62 -33.61 -4.68
CA SER I 215 11.64 -34.50 -5.20
C SER I 215 11.28 -34.96 -6.61
N ASP I 216 12.32 -35.15 -7.43
CA ASP I 216 12.12 -35.68 -8.77
C ASP I 216 11.57 -37.10 -8.74
N ALA I 217 11.68 -37.78 -7.60
CA ALA I 217 11.15 -39.13 -7.48
C ALA I 217 9.64 -39.15 -7.69
N TYR I 218 8.94 -38.18 -7.12
CA TYR I 218 7.49 -38.06 -7.27
C TYR I 218 7.11 -37.09 -8.38
N ALA I 219 7.95 -36.98 -9.42
CA ALA I 219 7.64 -36.06 -10.51
C ALA I 219 6.42 -36.51 -11.30
N THR I 220 6.28 -37.81 -11.54
CA THR I 220 5.23 -38.34 -12.37
C THR I 220 4.06 -38.89 -11.57
N GLU I 221 3.92 -38.47 -10.31
CA GLU I 221 2.77 -38.89 -9.51
C GLU I 221 1.48 -38.36 -10.11
N PHE I 222 1.47 -37.10 -10.55
CA PHE I 222 0.34 -36.50 -11.24
C PHE I 222 0.82 -35.94 -12.56
N ASP I 223 0.02 -36.12 -13.62
CA ASP I 223 0.44 -35.65 -14.92
C ASP I 223 0.31 -34.14 -15.09
N LEU I 224 -0.47 -33.48 -14.24
CA LEU I 224 -0.59 -32.03 -14.28
C LEU I 224 -0.62 -31.50 -12.85
N GLU I 225 0.47 -30.88 -12.42
CA GLU I 225 0.56 -30.34 -11.07
C GLU I 225 1.62 -29.26 -11.03
N THR I 226 1.34 -28.19 -10.29
CA THR I 226 2.26 -27.05 -10.18
C THR I 226 3.14 -27.27 -8.96
N GLU I 227 4.29 -27.89 -9.20
CA GLU I 227 5.29 -28.12 -8.16
C GLU I 227 6.67 -27.98 -8.77
N GLU I 228 7.54 -27.24 -8.10
CA GLU I 228 8.90 -27.04 -8.59
C GLU I 228 9.72 -28.26 -8.20
N TYR I 229 9.76 -29.24 -9.10
CA TYR I 229 10.48 -30.48 -8.83
C TYR I 229 11.99 -30.23 -8.83
N VAL I 230 12.66 -30.69 -7.79
CA VAL I 230 14.09 -30.45 -7.63
C VAL I 230 14.79 -31.78 -7.34
N PRO I 231 16.05 -31.95 -7.73
CA PRO I 231 16.73 -33.22 -7.49
C PRO I 231 17.09 -33.39 -6.03
N LEU I 232 17.41 -34.64 -5.68
CA LEU I 232 17.81 -34.97 -4.33
C LEU I 232 19.16 -34.33 -4.02
N PRO I 233 19.33 -33.75 -2.83
CA PRO I 233 20.60 -33.08 -2.52
C PRO I 233 21.77 -34.04 -2.55
N LYS I 234 22.91 -33.55 -3.04
CA LYS I 234 24.13 -34.33 -3.08
C LYS I 234 24.80 -34.34 -1.71
N GLY I 235 25.76 -35.23 -1.54
CA GLY I 235 26.48 -35.31 -0.30
C GLY I 235 25.63 -35.86 0.83
N GLU I 236 26.16 -35.73 2.04
CA GLU I 236 25.46 -36.23 3.21
C GLU I 236 24.30 -35.30 3.56
N VAL I 237 23.41 -35.82 4.40
CA VAL I 237 22.31 -35.02 4.89
C VAL I 237 22.80 -33.89 5.78
N HIS I 238 23.82 -34.16 6.59
CA HIS I 238 24.33 -33.21 7.58
C HIS I 238 25.69 -32.71 7.12
N LYS I 239 25.71 -31.56 6.46
CA LYS I 239 26.93 -30.99 5.90
C LYS I 239 27.26 -29.69 6.63
N LYS I 240 28.51 -29.58 7.06
CA LYS I 240 29.01 -28.39 7.76
C LYS I 240 29.92 -27.62 6.81
N LYS I 241 29.60 -26.36 6.57
CA LYS I 241 30.32 -25.55 5.61
C LYS I 241 30.74 -24.23 6.26
N GLU I 242 31.91 -23.74 5.88
CA GLU I 242 32.45 -22.49 6.37
C GLU I 242 32.19 -21.41 5.32
N ILE I 243 31.43 -20.39 5.70
CA ILE I 243 30.99 -19.34 4.78
C ILE I 243 31.79 -18.09 5.06
N VAL I 244 32.38 -17.51 4.02
CA VAL I 244 33.20 -16.32 4.10
C VAL I 244 32.59 -15.27 3.17
N GLN I 245 32.37 -14.07 3.70
CA GLN I 245 31.83 -12.98 2.91
C GLN I 245 32.62 -11.71 3.18
N ASP I 246 32.75 -10.89 2.15
CA ASP I 246 33.35 -9.58 2.26
C ASP I 246 32.24 -8.53 2.28
N VAL I 247 32.11 -7.83 3.40
CA VAL I 247 31.09 -6.82 3.59
C VAL I 247 31.75 -5.53 4.07
N THR I 248 31.29 -4.41 3.54
CA THR I 248 31.78 -3.12 4.01
C THR I 248 31.12 -2.75 5.33
N LEU I 249 31.75 -1.82 6.04
CA LEU I 249 31.16 -1.30 7.27
C LEU I 249 29.84 -0.59 6.98
N HIS I 250 29.75 0.10 5.84
CA HIS I 250 28.51 0.75 5.47
C HIS I 250 27.37 -0.25 5.33
N ASP I 251 27.68 -1.48 4.93
CA ASP I 251 26.64 -2.51 4.87
C ASP I 251 26.07 -2.78 6.26
N LEU I 252 26.93 -2.88 7.27
CA LEU I 252 26.44 -3.07 8.63
C LEU I 252 25.64 -1.87 9.11
N ASP I 253 26.09 -0.66 8.77
CA ASP I 253 25.36 0.54 9.16
C ASP I 253 23.97 0.56 8.54
N VAL I 254 23.88 0.22 7.25
CA VAL I 254 22.57 0.17 6.59
C VAL I 254 21.70 -0.91 7.19
N ALA I 255 22.28 -2.07 7.50
CA ALA I 255 21.50 -3.14 8.10
C ALA I 255 20.91 -2.72 9.43
N ASN I 256 21.69 -2.01 10.26
CA ASN I 256 21.17 -1.55 11.53
C ASN I 256 20.15 -0.44 11.37
N ALA I 257 20.39 0.49 10.45
CA ALA I 257 19.48 1.62 10.29
C ALA I 257 18.12 1.16 9.76
N ARG I 258 18.11 0.26 8.79
CA ARG I 258 16.88 -0.22 8.17
C ARG I 258 16.85 -1.73 8.22
N PRO I 259 16.59 -2.30 9.40
CA PRO I 259 16.52 -3.77 9.51
C PRO I 259 15.32 -4.33 8.76
N GLN I 260 15.51 -5.52 8.21
CA GLN I 260 14.49 -6.18 7.43
C GLN I 260 13.63 -7.14 8.24
N GLY I 261 13.87 -7.26 9.53
CA GLY I 261 13.11 -8.17 10.35
C GLY I 261 11.71 -7.66 10.64
N GLY I 262 10.89 -8.58 11.16
CA GLY I 262 9.52 -8.25 11.52
C GLY I 262 8.50 -8.69 10.50
N GLN I 263 7.38 -9.27 10.96
CA GLN I 263 6.30 -9.69 10.09
C GLN I 263 4.98 -9.00 10.44
N ASP I 264 5.05 -7.89 11.17
CA ASP I 264 3.86 -7.14 11.52
C ASP I 264 3.36 -6.36 10.30
N VAL I 265 2.14 -5.83 10.43
CA VAL I 265 1.61 -4.97 9.38
C VAL I 265 2.48 -3.72 9.24
N ILE I 266 2.91 -3.16 10.36
CA ILE I 266 3.78 -1.98 10.33
C ILE I 266 5.11 -2.32 9.64
N SER I 267 5.66 -3.49 9.94
CA SER I 267 6.91 -3.90 9.32
C SER I 267 6.78 -4.00 7.81
N MET I 268 5.71 -4.64 7.33
CA MET I 268 5.53 -4.77 5.88
C MET I 268 5.27 -3.43 5.23
N MET I 269 4.47 -2.58 5.86
CA MET I 269 4.21 -1.26 5.32
C MET I 269 5.49 -0.45 5.21
N GLY I 270 6.36 -0.55 6.22
CA GLY I 270 7.66 0.10 6.13
C GLY I 270 8.54 -0.49 5.05
N GLN I 271 8.44 -1.81 4.82
CA GLN I 271 9.19 -2.44 3.74
C GLN I 271 8.77 -1.87 2.39
N LEU I 272 7.47 -1.63 2.20
CA LEU I 272 7.00 -1.09 0.93
C LEU I 272 7.46 0.34 0.69
N LEU I 273 7.78 1.09 1.74
CA LEU I 273 8.16 2.48 1.60
C LEU I 273 9.52 2.62 0.91
N LYS I 274 9.73 3.77 0.28
CA LYS I 274 10.99 4.02 -0.42
C LYS I 274 12.12 4.16 0.60
N PRO I 275 13.32 3.70 0.26
CA PRO I 275 14.45 3.73 1.21
C PRO I 275 15.24 5.04 1.15
N LYS I 276 14.64 6.10 1.69
CA LYS I 276 15.30 7.40 1.69
C LYS I 276 16.53 7.38 2.59
N LYS I 277 17.61 8.01 2.12
CA LYS I 277 18.82 8.12 2.92
C LYS I 277 18.58 8.99 4.15
N THR I 278 19.14 8.55 5.28
CA THR I 278 18.99 9.25 6.55
C THR I 278 20.35 9.48 7.17
N GLU I 279 20.45 10.51 8.01
CA GLU I 279 21.69 10.84 8.67
C GLU I 279 21.98 9.83 9.78
N ILE I 280 22.70 8.76 9.45
CA ILE I 280 23.00 7.73 10.44
C ILE I 280 23.88 8.33 11.52
N THR I 281 23.44 8.22 12.76
CA THR I 281 24.09 8.93 13.86
C THR I 281 25.46 8.34 14.14
N GLU I 282 26.29 9.15 14.81
CA GLU I 282 27.63 8.68 15.21
C GLU I 282 27.55 7.54 16.21
N LYS I 283 26.46 7.46 16.98
CA LYS I 283 26.33 6.38 17.96
C LYS I 283 26.24 5.02 17.28
N LEU I 284 25.48 4.93 16.20
CA LEU I 284 25.37 3.65 15.49
C LEU I 284 26.71 3.24 14.89
N ARG I 285 27.45 4.19 14.33
CA ARG I 285 28.78 3.88 13.81
C ARG I 285 29.70 3.41 14.93
N GLN I 286 29.63 4.05 16.10
CA GLN I 286 30.47 3.64 17.22
C GLN I 286 30.14 2.22 17.67
N GLU I 287 28.85 1.88 17.74
CA GLU I 287 28.46 0.54 18.14
C GLU I 287 28.91 -0.51 17.11
N VAL I 288 28.76 -0.19 15.83
CA VAL I 288 29.26 -1.10 14.78
C VAL I 288 30.75 -1.30 14.92
N ASN I 289 31.49 -0.22 15.17
CA ASN I 289 32.94 -0.35 15.32
C ASN I 289 33.27 -1.20 16.54
N LYS I 290 32.50 -1.06 17.62
CA LYS I 290 32.73 -1.89 18.80
C LYS I 290 32.56 -3.38 18.49
N VAL I 291 31.45 -3.74 17.84
CA VAL I 291 31.21 -5.15 17.56
C VAL I 291 32.24 -5.69 16.57
N VAL I 292 32.64 -4.86 15.59
CA VAL I 292 33.61 -5.30 14.61
C VAL I 292 34.98 -5.48 15.25
N ALA I 293 35.35 -4.58 16.18
CA ALA I 293 36.61 -4.73 16.88
C ALA I 293 36.62 -5.99 17.72
N LYS I 294 35.50 -6.29 18.39
CA LYS I 294 35.42 -7.52 19.17
C LYS I 294 35.63 -8.73 18.27
N TYR I 295 34.97 -8.76 17.11
CA TYR I 295 35.11 -9.91 16.23
C TYR I 295 36.51 -10.00 15.64
N ILE I 296 37.14 -8.86 15.33
CA ILE I 296 38.50 -8.88 14.82
C ILE I 296 39.45 -9.42 15.88
N ASP I 297 39.24 -9.05 17.14
CA ASP I 297 40.04 -9.59 18.23
C ASP I 297 39.85 -11.10 18.36
N GLN I 298 38.61 -11.57 18.23
CA GLN I 298 38.38 -13.00 18.35
C GLN I 298 38.87 -13.79 17.13
N GLY I 299 39.28 -13.11 16.06
CA GLY I 299 39.71 -13.78 14.85
C GLY I 299 38.60 -14.09 13.87
N VAL I 300 37.35 -13.76 14.20
CA VAL I 300 36.24 -14.07 13.31
C VAL I 300 36.32 -13.22 12.04
N ALA I 301 36.76 -11.98 12.15
CA ALA I 301 36.74 -11.05 11.03
C ALA I 301 38.10 -10.38 10.85
N GLU I 302 38.34 -9.90 9.63
CA GLU I 302 39.57 -9.18 9.29
C GLU I 302 39.21 -7.91 8.54
N LEU I 303 40.03 -6.88 8.74
CA LEU I 303 39.78 -5.55 8.18
C LEU I 303 40.56 -5.38 6.89
N ILE I 304 39.89 -4.84 5.88
CA ILE I 304 40.53 -4.56 4.59
C ILE I 304 40.28 -3.10 4.22
N PRO I 305 41.13 -2.17 4.65
CA PRO I 305 40.99 -0.78 4.19
C PRO I 305 41.11 -0.70 2.68
N GLY I 306 40.11 -0.11 2.06
CA GLY I 306 40.06 0.06 0.63
C GLY I 306 40.56 1.43 0.19
N VAL I 307 40.06 1.88 -0.95
CA VAL I 307 40.45 3.16 -1.54
C VAL I 307 39.20 3.89 -2.00
N LEU I 308 39.13 5.18 -1.72
CA LEU I 308 38.06 6.04 -2.21
C LEU I 308 38.63 6.95 -3.29
N PHE I 309 38.01 6.93 -4.46
CA PHE I 309 38.45 7.73 -5.59
C PHE I 309 37.39 8.78 -5.90
N ILE I 310 37.78 10.05 -5.82
CA ILE I 310 36.89 11.16 -6.14
C ILE I 310 37.48 11.87 -7.36
N ASP I 311 36.89 11.62 -8.51
CA ASP I 311 37.30 12.32 -9.73
C ASP I 311 36.58 13.65 -9.81
N GLU I 312 37.23 14.62 -10.46
CA GLU I 312 36.73 15.98 -10.57
C GLU I 312 36.43 16.53 -9.18
N VAL I 313 37.49 16.64 -8.37
CA VAL I 313 37.38 17.20 -7.04
C VAL I 313 37.05 18.68 -7.08
N ASN I 314 37.22 19.32 -8.25
CA ASN I 314 36.93 20.74 -8.38
C ASN I 314 35.47 21.05 -8.06
N MET I 315 34.57 20.08 -8.27
CA MET I 315 33.15 20.34 -8.12
C MET I 315 32.67 20.32 -6.67
N LEU I 316 33.54 19.97 -5.74
CA LEU I 316 33.15 19.98 -4.33
C LEU I 316 33.06 21.41 -3.81
N ASP I 317 32.12 21.61 -2.88
CA ASP I 317 31.95 22.89 -2.22
C ASP I 317 32.97 23.05 -1.10
N ILE I 318 33.11 24.27 -0.60
CA ILE I 318 34.04 24.53 0.50
C ILE I 318 33.61 23.77 1.75
N GLU I 319 32.31 23.58 1.93
CA GLU I 319 31.84 22.82 3.09
C GLU I 319 32.29 21.36 3.02
N ILE I 320 32.25 20.76 1.83
CA ILE I 320 32.70 19.38 1.68
C ILE I 320 34.17 19.26 2.00
N PHE I 321 34.99 20.20 1.52
CA PHE I 321 36.41 20.19 1.83
C PHE I 321 36.66 20.34 3.32
N THR I 322 35.92 21.25 3.96
CA THR I 322 36.08 21.45 5.39
C THR I 322 35.73 20.19 6.16
N TYR I 323 34.67 19.49 5.75
CA TYR I 323 34.34 18.23 6.41
C TYR I 323 35.36 17.15 6.10
N LEU I 324 35.97 17.19 4.91
CA LEU I 324 37.05 16.25 4.60
C LEU I 324 38.21 16.43 5.54
N ASN I 325 38.50 17.68 5.92
CA ASN I 325 39.56 17.91 6.90
C ASN I 325 39.33 17.11 8.17
N LYS I 326 38.08 17.08 8.66
CA LYS I 326 37.77 16.32 9.87
C LYS I 326 37.71 14.82 9.62
N ALA I 327 37.19 14.41 8.46
CA ALA I 327 37.07 12.99 8.17
C ALA I 327 38.44 12.32 8.04
N LEU I 328 39.40 13.00 7.45
CA LEU I 328 40.73 12.43 7.23
C LEU I 328 41.50 12.22 8.52
N GLU I 329 41.04 12.79 9.63
CA GLU I 329 41.70 12.61 10.92
C GLU I 329 41.09 11.49 11.75
N SER I 330 40.14 10.75 11.20
CA SER I 330 39.48 9.70 11.95
C SER I 330 40.38 8.48 12.11
N ASN I 331 40.00 7.62 13.04
CA ASN I 331 40.77 6.41 13.28
C ASN I 331 40.56 5.37 12.19
N ILE I 332 39.41 5.38 11.53
CA ILE I 332 39.12 4.50 10.40
C ILE I 332 38.79 5.39 9.21
N ALA I 333 39.72 5.47 8.26
CA ALA I 333 39.50 6.25 7.07
C ALA I 333 40.33 5.62 5.95
N PRO I 334 39.74 5.43 4.77
CA PRO I 334 40.48 4.83 3.67
C PRO I 334 41.46 5.82 3.06
N VAL I 335 42.13 5.38 2.00
CA VAL I 335 43.08 6.21 1.28
C VAL I 335 42.29 6.91 0.16
N VAL I 336 41.99 8.18 0.37
CA VAL I 336 41.26 8.95 -0.63
C VAL I 336 42.23 9.43 -1.70
N VAL I 337 41.92 9.12 -2.96
CA VAL I 337 42.69 9.58 -4.09
C VAL I 337 41.84 10.58 -4.88
N LEU I 338 42.39 11.76 -5.12
CA LEU I 338 41.65 12.84 -5.75
C LEU I 338 42.30 13.20 -7.08
N ALA I 339 41.46 13.63 -8.02
CA ALA I 339 41.93 14.06 -9.34
C ALA I 339 41.40 15.45 -9.64
N SER I 340 42.29 16.33 -10.09
CA SER I 340 41.93 17.70 -10.46
C SER I 340 42.66 18.04 -11.74
N ASN I 341 41.95 18.64 -12.70
CA ASN I 341 42.54 18.98 -13.98
C ASN I 341 42.57 20.48 -14.23
N ARG I 342 42.51 21.28 -13.17
CA ARG I 342 42.55 22.73 -13.32
C ARG I 342 43.42 23.33 -12.24
N GLY I 343 44.04 24.46 -12.57
CA GLY I 343 44.92 25.14 -11.64
C GLY I 343 44.52 26.60 -11.46
N MET I 344 44.83 27.11 -10.28
CA MET I 344 44.59 28.51 -9.91
C MET I 344 43.14 28.90 -10.17
N THR I 345 42.23 28.07 -9.68
CA THR I 345 40.80 28.25 -9.88
C THR I 345 40.14 28.56 -8.55
N THR I 346 39.21 29.53 -8.57
CA THR I 346 38.46 29.86 -7.36
C THR I 346 37.66 28.66 -6.89
N VAL I 347 37.70 28.41 -5.58
CA VAL I 347 37.03 27.25 -5.02
C VAL I 347 35.53 27.48 -5.02
N ARG I 348 34.78 26.45 -5.42
CA ARG I 348 33.32 26.56 -5.44
C ARG I 348 32.79 26.81 -4.04
N GLY I 349 31.77 27.66 -3.96
CA GLY I 349 31.24 28.08 -2.68
C GLY I 349 32.00 29.22 -2.02
N THR I 350 33.01 29.77 -2.68
CA THR I 350 33.80 30.87 -2.14
C THR I 350 33.99 31.91 -3.22
N GLU I 351 34.11 33.17 -2.80
CA GLU I 351 34.20 34.29 -3.73
C GLU I 351 35.63 34.66 -4.07
N ASP I 352 36.56 34.58 -3.11
CA ASP I 352 37.87 35.19 -3.24
C ASP I 352 39.04 34.22 -3.16
N VAL I 353 38.83 32.98 -2.72
CA VAL I 353 39.97 32.09 -2.38
C VAL I 353 40.39 31.40 -3.68
N ILE I 354 41.34 32.01 -4.36
CA ILE I 354 42.06 31.33 -5.45
C ILE I 354 43.00 30.30 -4.83
N SER I 355 42.90 29.05 -5.30
CA SER I 355 43.63 27.94 -4.72
C SER I 355 44.41 27.21 -5.79
N PRO I 356 45.48 26.49 -5.40
CA PRO I 356 46.35 25.86 -6.42
C PRO I 356 45.63 25.02 -7.47
N HIS I 357 44.85 24.03 -7.06
CA HIS I 357 44.16 23.12 -7.98
C HIS I 357 42.66 23.21 -7.86
N GLY I 358 42.13 24.33 -7.40
CA GLY I 358 40.74 24.36 -7.03
C GLY I 358 40.46 23.65 -5.72
N VAL I 359 41.49 23.28 -4.99
CA VAL I 359 41.39 22.57 -3.72
C VAL I 359 41.86 23.51 -2.62
N PRO I 360 41.10 23.69 -1.55
CA PRO I 360 41.45 24.65 -0.51
C PRO I 360 42.84 24.39 0.04
N PRO I 361 43.53 25.45 0.47
CA PRO I 361 44.91 25.27 0.95
C PRO I 361 45.00 24.37 2.17
N ASP I 362 43.99 24.36 3.04
CA ASP I 362 44.07 23.53 4.23
C ASP I 362 44.02 22.05 3.87
N LEU I 363 43.22 21.68 2.86
CA LEU I 363 43.21 20.29 2.41
C LEU I 363 44.49 19.93 1.68
N ILE I 364 45.06 20.89 0.94
CA ILE I 364 46.32 20.63 0.23
C ILE I 364 47.43 20.28 1.21
N ASP I 365 47.44 20.93 2.36
CA ASP I 365 48.45 20.66 3.37
C ASP I 365 48.39 19.24 3.90
N ARG I 366 47.25 18.57 3.76
CA ARG I 366 47.08 17.19 4.16
C ARG I 366 47.29 16.20 3.02
N LEU I 367 47.68 16.68 1.84
CA LEU I 367 47.73 15.88 0.63
C LEU I 367 49.18 15.66 0.20
N LEU I 368 49.36 14.66 -0.67
CA LEU I 368 50.58 14.47 -1.43
C LEU I 368 50.23 14.51 -2.91
N ILE I 369 50.75 15.49 -3.63
CA ILE I 369 50.39 15.71 -5.02
C ILE I 369 51.29 14.86 -5.91
N VAL I 370 50.67 14.08 -6.78
CA VAL I 370 51.38 13.25 -7.76
C VAL I 370 51.16 13.89 -9.12
N ARG I 371 52.16 14.63 -9.60
CA ARG I 371 52.05 15.34 -10.86
C ARG I 371 52.17 14.37 -12.02
N THR I 372 51.26 14.48 -12.98
CA THR I 372 51.29 13.68 -14.20
C THR I 372 51.52 14.61 -15.39
N LEU I 373 52.40 14.18 -16.30
CA LEU I 373 52.93 15.07 -17.33
C LEU I 373 52.36 14.75 -18.70
N PRO I 374 52.26 15.75 -19.58
CA PRO I 374 51.70 15.51 -20.92
C PRO I 374 52.62 14.66 -21.77
N TYR I 375 52.06 14.17 -22.88
CA TYR I 375 52.72 13.21 -23.74
C TYR I 375 53.35 13.89 -24.96
N ASP I 376 54.31 13.20 -25.56
CA ASP I 376 54.92 13.62 -26.80
C ASP I 376 54.34 12.77 -27.95
N LYS I 377 54.90 12.95 -29.14
CA LYS I 377 54.34 12.27 -30.31
C LYS I 377 54.54 10.77 -30.25
N ASP I 378 55.70 10.31 -29.78
CA ASP I 378 55.97 8.88 -29.73
C ASP I 378 55.02 8.18 -28.77
N GLU I 379 54.79 8.78 -27.60
CA GLU I 379 53.86 8.19 -26.64
C GLU I 379 52.44 8.15 -27.20
N ILE I 380 52.02 9.21 -27.87
CA ILE I 380 50.68 9.24 -28.46
C ILE I 380 50.56 8.17 -29.53
N ARG I 381 51.60 8.00 -30.34
CA ARG I 381 51.60 6.97 -31.37
C ARG I 381 51.49 5.58 -30.77
N THR I 382 52.25 5.32 -29.70
CA THR I 382 52.17 4.01 -29.05
C THR I 382 50.80 3.79 -28.43
N ILE I 383 50.21 4.84 -27.86
CA ILE I 383 48.88 4.71 -27.27
C ILE I 383 47.85 4.37 -28.34
N ILE I 384 47.94 5.03 -29.49
CA ILE I 384 47.02 4.73 -30.58
C ILE I 384 47.23 3.30 -31.07
N GLU I 385 48.49 2.86 -31.16
CA GLU I 385 48.76 1.48 -31.53
C GLU I 385 48.10 0.50 -30.58
N ARG I 386 48.29 0.70 -29.27
CA ARG I 386 47.72 -0.22 -28.29
C ARG I 386 46.20 -0.20 -28.33
N ARG I 387 45.61 0.98 -28.47
CA ARG I 387 44.16 1.10 -28.54
C ARG I 387 43.60 0.40 -29.77
N ALA I 388 44.27 0.53 -30.91
CA ALA I 388 43.84 -0.16 -32.11
C ALA I 388 43.95 -1.67 -31.94
N THR I 389 45.02 -2.13 -31.28
CA THR I 389 45.18 -3.56 -31.04
C THR I 389 44.06 -4.10 -30.15
N VAL I 390 43.76 -3.40 -29.06
CA VAL I 390 42.75 -3.87 -28.12
C VAL I 390 41.34 -3.78 -28.70
N GLU I 391 41.16 -2.98 -29.75
CA GLU I 391 39.88 -2.80 -30.40
C GLU I 391 39.62 -3.82 -31.49
N ARG I 392 40.57 -4.74 -31.73
CA ARG I 392 40.49 -5.71 -32.82
C ARG I 392 40.40 -5.01 -34.18
N LEU I 393 41.21 -3.98 -34.36
CA LEU I 393 41.28 -3.22 -35.61
C LEU I 393 42.71 -3.23 -36.14
N GLN I 394 42.85 -3.34 -37.45
CA GLN I 394 44.13 -3.27 -38.12
C GLN I 394 44.30 -1.89 -38.74
N VAL I 395 45.44 -1.25 -38.45
CA VAL I 395 45.71 0.10 -38.91
C VAL I 395 47.02 0.11 -39.68
N GLU I 396 47.01 0.75 -40.85
CA GLU I 396 48.22 0.88 -41.65
C GLU I 396 49.16 1.89 -41.01
N SER I 397 50.46 1.73 -41.27
CA SER I 397 51.47 2.60 -40.67
C SER I 397 51.26 4.05 -41.08
N SER I 398 50.94 4.30 -42.35
CA SER I 398 50.75 5.67 -42.81
C SER I 398 49.54 6.32 -42.16
N ALA I 399 48.41 5.60 -42.13
CA ALA I 399 47.23 6.13 -41.45
C ALA I 399 47.48 6.31 -39.97
N LEU I 400 48.32 5.46 -39.39
CA LEU I 400 48.63 5.58 -37.97
C LEU I 400 49.48 6.81 -37.68
N ASP I 401 50.44 7.11 -38.57
CA ASP I 401 51.19 8.36 -38.43
C ASP I 401 50.30 9.57 -38.61
N LEU I 402 49.35 9.48 -39.56
CA LEU I 402 48.39 10.58 -39.73
C LEU I 402 47.57 10.78 -38.46
N LEU I 403 47.13 9.68 -37.84
CA LEU I 403 46.38 9.78 -36.59
C LEU I 403 47.24 10.38 -35.48
N ALA I 404 48.51 10.01 -35.42
CA ALA I 404 49.39 10.58 -34.40
C ALA I 404 49.56 12.08 -34.59
N THR I 405 49.75 12.52 -35.85
CA THR I 405 49.86 13.95 -36.12
C THR I 405 48.56 14.66 -35.77
N MET I 406 47.42 14.05 -36.09
CA MET I 406 46.14 14.65 -35.74
C MET I 406 45.99 14.76 -34.23
N GLY I 407 46.38 13.72 -33.50
CA GLY I 407 46.24 13.75 -32.06
C GLY I 407 47.13 14.79 -31.40
N THR I 408 48.37 14.91 -31.87
CA THR I 408 49.23 15.97 -31.35
C THR I 408 48.78 17.34 -31.85
N GLU I 409 47.94 17.39 -32.88
CA GLU I 409 47.42 18.67 -33.35
C GLU I 409 46.23 19.13 -32.54
N THR I 410 45.32 18.22 -32.19
CA THR I 410 44.10 18.59 -31.47
C THR I 410 44.05 17.97 -30.08
N SER I 411 44.07 16.65 -29.97
CA SER I 411 44.00 15.95 -28.69
C SER I 411 44.16 14.44 -28.87
N LEU I 412 44.64 13.76 -27.83
CA LEU I 412 44.75 12.32 -27.90
C LEU I 412 43.38 11.65 -27.94
N ARG I 413 42.44 12.15 -27.14
CA ARG I 413 41.12 11.53 -27.07
C ARG I 413 40.38 11.64 -28.39
N TYR I 414 40.62 12.73 -29.14
CA TYR I 414 39.97 12.88 -30.44
C TYR I 414 40.37 11.75 -31.37
N ALA I 415 41.67 11.44 -31.44
CA ALA I 415 42.12 10.33 -32.29
C ALA I 415 41.61 9.00 -31.76
N LEU I 416 41.70 8.79 -30.44
CA LEU I 416 41.29 7.52 -29.86
C LEU I 416 39.80 7.25 -30.11
N GLN I 417 38.98 8.30 -30.16
CA GLN I 417 37.57 8.12 -30.48
C GLN I 417 37.31 8.08 -31.97
N LEU I 418 38.18 8.68 -32.78
CA LEU I 418 38.05 8.61 -34.22
C LEU I 418 38.49 7.28 -34.80
N LEU I 419 39.15 6.43 -34.00
CA LEU I 419 39.56 5.12 -34.49
C LEU I 419 38.37 4.28 -34.92
N ALA I 420 37.32 4.24 -34.10
CA ALA I 420 36.18 3.36 -34.39
C ALA I 420 35.43 3.75 -35.66
N PRO I 421 35.03 5.01 -35.88
CA PRO I 421 34.39 5.34 -37.17
C PRO I 421 35.29 5.05 -38.35
N CYS I 422 36.61 5.16 -38.20
CA CYS I 422 37.50 4.77 -39.27
C CYS I 422 37.37 3.29 -39.59
N GLY I 423 37.27 2.46 -38.56
CA GLY I 423 37.06 1.03 -38.80
C GLY I 423 35.74 0.75 -39.48
N ILE I 424 34.68 1.44 -39.06
CA ILE I 424 33.38 1.25 -39.69
C ILE I 424 33.44 1.66 -41.16
N LEU I 425 34.09 2.77 -41.46
CA LEU I 425 34.23 3.22 -42.84
C LEU I 425 35.04 2.23 -43.67
N ALA I 426 36.10 1.67 -43.09
CA ALA I 426 36.88 0.66 -43.80
C ALA I 426 36.04 -0.59 -44.07
N GLN I 427 35.21 -0.98 -43.10
CA GLN I 427 34.34 -2.14 -43.30
C GLN I 427 33.31 -1.88 -44.39
N THR I 428 32.77 -0.66 -44.47
CA THR I 428 31.80 -0.35 -45.50
C THR I 428 32.40 -0.45 -46.90
N SER I 429 33.71 -0.32 -47.02
CA SER I 429 34.42 -0.55 -48.27
C SER I 429 34.95 -1.98 -48.37
N ASN I 430 34.58 -2.85 -47.43
CA ASN I 430 35.05 -4.23 -47.40
C ASN I 430 36.57 -4.32 -47.33
N ARG I 431 37.16 -3.50 -46.47
CA ARG I 431 38.60 -3.49 -46.24
C ARG I 431 38.89 -3.99 -44.83
N LYS I 432 39.91 -4.84 -44.72
CA LYS I 432 40.27 -5.39 -43.42
C LYS I 432 40.96 -4.36 -42.54
N GLU I 433 41.68 -3.41 -43.13
CA GLU I 433 42.48 -2.47 -42.38
C GLU I 433 42.14 -1.04 -42.77
N ILE I 434 42.40 -0.12 -41.84
CA ILE I 434 42.12 1.29 -42.04
C ILE I 434 43.22 1.92 -42.88
N VAL I 435 42.82 2.63 -43.92
CA VAL I 435 43.74 3.31 -44.81
C VAL I 435 43.64 4.80 -44.54
N VAL I 436 44.62 5.57 -45.04
CA VAL I 436 44.65 7.01 -44.82
C VAL I 436 43.39 7.69 -45.35
N ASN I 437 42.83 7.17 -46.45
CA ASN I 437 41.60 7.75 -46.99
C ASN I 437 40.45 7.59 -46.01
N ASP I 438 40.40 6.45 -45.30
CA ASP I 438 39.35 6.26 -44.30
C ASP I 438 39.46 7.29 -43.20
N VAL I 439 40.68 7.59 -42.76
CA VAL I 439 40.88 8.60 -41.72
C VAL I 439 40.47 9.97 -42.23
N ASN I 440 40.81 10.29 -43.49
CA ASN I 440 40.41 11.58 -44.03
C ASN I 440 38.90 11.72 -44.13
N GLU I 441 38.22 10.66 -44.57
CA GLU I 441 36.76 10.70 -44.64
C GLU I 441 36.16 10.82 -43.24
N ALA I 442 36.76 10.16 -42.25
CA ALA I 442 36.29 10.30 -40.88
C ALA I 442 36.45 11.73 -40.38
N LYS I 443 37.57 12.37 -40.72
CA LYS I 443 37.75 13.78 -40.36
C LYS I 443 36.68 14.65 -41.00
N LEU I 444 36.36 14.38 -42.27
CA LEU I 444 35.33 15.17 -42.94
C LEU I 444 33.96 14.97 -42.29
N LEU I 445 33.63 13.73 -41.94
CA LEU I 445 32.31 13.45 -41.37
C LEU I 445 32.20 13.97 -39.94
N PHE I 446 33.22 13.73 -39.12
CA PHE I 446 33.19 14.09 -37.70
C PHE I 446 34.22 15.18 -37.45
N LEU I 447 33.78 16.29 -36.88
CA LEU I 447 34.66 17.41 -36.60
C LEU I 447 35.25 17.30 -35.20
N ASP I 448 35.99 18.32 -34.80
CA ASP I 448 36.55 18.45 -33.46
C ASP I 448 36.05 19.74 -32.83
N ALA I 449 36.49 19.99 -31.60
CA ALA I 449 36.02 21.17 -30.87
C ALA I 449 36.47 22.47 -31.55
N LYS I 450 37.75 22.54 -31.92
CA LYS I 450 38.26 23.76 -32.54
C LYS I 450 37.60 24.02 -33.90
N ARG I 451 37.44 22.97 -34.71
CA ARG I 451 36.83 23.14 -36.01
C ARG I 451 35.35 23.49 -35.90
N SER I 452 34.66 22.91 -34.92
CA SER I 452 33.26 23.27 -34.67
C SER I 452 33.15 24.72 -34.24
N THR I 453 34.06 25.18 -33.38
CA THR I 453 34.05 26.58 -32.97
C THR I 453 34.30 27.50 -34.17
N LYS I 454 35.23 27.11 -35.04
CA LYS I 454 35.50 27.92 -36.23
C LYS I 454 34.30 27.97 -37.16
N ILE I 455 33.66 26.83 -37.39
CA ILE I 455 32.54 26.79 -38.34
C ILE I 455 31.33 27.51 -37.77
N LEU I 456 31.15 27.52 -36.45
CA LEU I 456 30.05 28.26 -35.86
C LEU I 456 30.32 29.76 -35.74
N GLU I 457 31.56 30.19 -35.93
CA GLU I 457 31.90 31.60 -35.85
C GLU I 457 31.75 32.28 -37.19
N SER J 16 -0.58 1.02 -32.00
CA SER J 16 -0.17 2.31 -31.46
C SER J 16 -0.82 3.45 -32.23
N LEU J 17 -2.08 3.74 -31.91
CA LEU J 17 -2.81 4.80 -32.59
C LEU J 17 -2.46 6.16 -31.98
N SER J 18 -2.10 7.10 -32.85
CA SER J 18 -1.76 8.45 -32.41
C SER J 18 -1.96 9.41 -33.57
N LEU J 19 -2.02 10.69 -33.25
CA LEU J 19 -2.25 11.73 -34.24
C LEU J 19 -0.95 12.02 -34.98
N ILE J 20 -0.94 13.08 -35.79
CA ILE J 20 0.20 13.43 -36.62
C ILE J 20 1.09 14.39 -35.86
N ALA J 21 2.38 14.06 -35.77
CA ALA J 21 3.37 14.90 -35.14
C ALA J 21 4.19 15.64 -36.20
N ALA J 22 5.24 16.32 -35.77
CA ALA J 22 6.12 17.04 -36.66
C ALA J 22 7.26 16.19 -37.20
N HIS J 23 7.37 14.93 -36.76
CA HIS J 23 8.43 14.04 -37.22
C HIS J 23 7.86 12.70 -37.67
N SER J 24 6.58 12.67 -38.04
CA SER J 24 5.95 11.39 -38.41
C SER J 24 6.45 10.87 -39.74
N HIS J 25 6.87 11.76 -40.64
CA HIS J 25 7.26 11.34 -41.98
C HIS J 25 8.63 10.68 -42.02
N ILE J 26 9.46 10.89 -41.00
CA ILE J 26 10.83 10.38 -40.98
C ILE J 26 10.77 8.93 -40.52
N THR J 27 10.77 8.00 -41.47
CA THR J 27 10.69 6.57 -41.18
C THR J 27 12.05 5.89 -41.23
N GLY J 28 13.13 6.65 -41.35
CA GLY J 28 14.44 6.06 -41.40
C GLY J 28 15.47 7.08 -41.82
N LEU J 29 16.71 6.61 -41.91
CA LEU J 29 17.84 7.47 -42.23
C LEU J 29 18.16 7.48 -43.72
N GLY J 30 17.54 6.60 -44.50
CA GLY J 30 17.64 6.63 -45.95
C GLY J 30 19.00 6.36 -46.53
N LEU J 31 19.68 5.33 -46.05
CA LEU J 31 21.00 4.96 -46.54
C LEU J 31 20.92 3.73 -47.42
N ASP J 32 21.93 3.57 -48.27
CA ASP J 32 22.09 2.38 -49.08
C ASP J 32 22.99 1.40 -48.33
N GLU J 33 23.46 0.35 -49.03
CA GLU J 33 24.35 -0.62 -48.40
C GLU J 33 25.68 0.02 -48.01
N ASN J 34 26.20 0.91 -48.86
CA ASN J 34 27.48 1.55 -48.62
C ASN J 34 27.37 2.77 -47.71
N LEU J 35 26.28 2.89 -46.95
CA LEU J 35 26.03 3.99 -46.02
C LEU J 35 25.95 5.35 -46.71
N GLN J 36 25.83 5.36 -48.03
CA GLN J 36 25.70 6.63 -48.75
C GLN J 36 24.22 7.03 -48.79
N PRO J 37 23.84 8.16 -48.20
CA PRO J 37 22.42 8.52 -48.18
C PRO J 37 21.93 8.98 -49.54
N ARG J 38 20.72 8.55 -49.88
CA ARG J 38 20.07 8.97 -51.11
C ARG J 38 19.52 10.37 -50.97
N PRO J 39 19.27 11.07 -52.08
CA PRO J 39 18.77 12.45 -51.99
C PRO J 39 17.46 12.57 -51.24
N THR J 40 16.56 11.60 -51.39
CA THR J 40 15.28 11.64 -50.69
C THR J 40 14.81 10.20 -50.50
N SER J 41 14.93 9.70 -49.27
CA SER J 41 14.50 8.35 -48.97
C SER J 41 14.15 8.27 -47.49
N GLU J 42 13.20 7.39 -47.17
CA GLU J 42 12.75 7.14 -45.80
C GLU J 42 12.27 8.42 -45.11
N GLY J 43 11.83 9.40 -45.89
CA GLY J 43 11.30 10.63 -45.34
C GLY J 43 12.32 11.71 -45.05
N MET J 44 13.58 11.49 -45.36
CA MET J 44 14.63 12.47 -45.10
C MET J 44 15.12 13.08 -46.40
N VAL J 45 15.37 14.39 -46.36
CA VAL J 45 15.80 15.14 -47.54
C VAL J 45 17.09 15.86 -47.21
N GLY J 46 18.08 15.73 -48.09
CA GLY J 46 19.32 16.46 -47.90
C GLY J 46 20.08 16.00 -46.67
N GLN J 47 20.91 16.90 -46.16
CA GLN J 47 21.79 16.62 -45.03
C GLN J 47 22.62 15.36 -45.29
N LEU J 48 23.39 15.41 -46.37
CA LEU J 48 24.09 14.22 -46.83
C LEU J 48 25.17 13.80 -45.85
N GLN J 49 26.03 14.74 -45.44
CA GLN J 49 27.12 14.39 -44.54
C GLN J 49 26.61 14.06 -43.15
N ALA J 50 25.60 14.79 -42.68
CA ALA J 50 25.01 14.49 -41.38
C ALA J 50 24.42 13.09 -41.36
N ARG J 51 23.74 12.71 -42.44
CA ARG J 51 23.16 11.37 -42.49
C ARG J 51 24.23 10.29 -42.65
N ARG J 52 25.32 10.58 -43.37
CA ARG J 52 26.41 9.62 -43.45
C ARG J 52 27.01 9.37 -42.07
N ALA J 53 27.28 10.44 -41.33
CA ALA J 53 27.83 10.30 -39.99
C ALA J 53 26.84 9.60 -39.06
N ALA J 54 25.55 9.90 -39.20
CA ALA J 54 24.55 9.23 -38.40
C ALA J 54 24.50 7.74 -38.71
N GLY J 55 24.72 7.38 -39.98
CA GLY J 55 24.80 5.98 -40.33
C GLY J 55 26.01 5.30 -39.74
N VAL J 56 27.14 6.01 -39.68
CA VAL J 56 28.31 5.49 -38.98
C VAL J 56 27.98 5.22 -37.52
N ILE J 57 27.31 6.17 -36.87
CA ILE J 57 26.92 5.99 -35.47
C ILE J 57 25.98 4.80 -35.32
N LEU J 58 25.04 4.66 -36.26
CA LEU J 58 24.09 3.55 -36.22
C LEU J 58 24.79 2.21 -36.35
N LYS J 59 25.77 2.13 -37.25
CA LYS J 59 26.54 0.91 -37.39
C LYS J 59 27.32 0.60 -36.12
N MET J 60 27.87 1.64 -35.47
CA MET J 60 28.55 1.43 -34.20
C MET J 60 27.59 0.89 -33.14
N VAL J 61 26.38 1.42 -33.10
CA VAL J 61 25.38 0.94 -32.13
C VAL J 61 25.04 -0.51 -32.41
N GLN J 62 24.83 -0.85 -33.68
CA GLN J 62 24.46 -2.22 -34.02
C GLN J 62 25.58 -3.21 -33.75
N ASN J 63 26.83 -2.79 -33.94
CA ASN J 63 27.96 -3.68 -33.66
C ASN J 63 28.00 -4.04 -32.17
N GLY J 64 27.84 -3.04 -31.31
CA GLY J 64 27.80 -3.28 -29.88
C GLY J 64 29.13 -3.48 -29.21
N THR J 65 30.24 -3.39 -29.95
CA THR J 65 31.56 -3.58 -29.38
C THR J 65 32.18 -2.29 -28.87
N ILE J 66 31.54 -1.16 -29.07
CA ILE J 66 32.08 0.14 -28.67
C ILE J 66 31.15 0.74 -27.64
N ALA J 67 31.72 1.20 -26.53
CA ALA J 67 30.95 1.73 -25.42
C ALA J 67 31.45 3.13 -25.07
N GLY J 68 30.55 3.93 -24.50
CA GLY J 68 30.90 5.22 -23.97
C GLY J 68 31.38 6.24 -24.98
N ARG J 69 30.65 6.35 -26.09
CA ARG J 69 30.94 7.34 -27.11
C ARG J 69 29.87 8.42 -27.10
N ALA J 70 30.29 9.67 -27.14
CA ALA J 70 29.39 10.81 -27.17
C ALA J 70 29.50 11.51 -28.52
N VAL J 71 28.36 11.73 -29.16
CA VAL J 71 28.29 12.43 -30.44
C VAL J 71 27.44 13.67 -30.23
N LEU J 72 27.95 14.81 -30.69
CA LEU J 72 27.27 16.09 -30.56
C LEU J 72 26.67 16.46 -31.91
N VAL J 73 25.37 16.71 -31.92
CA VAL J 73 24.66 17.10 -33.14
C VAL J 73 24.42 18.60 -33.04
N ALA J 74 25.35 19.38 -33.59
CA ALA J 74 25.30 20.83 -33.48
C ALA J 74 24.97 21.46 -34.82
N GLY J 75 24.33 22.63 -34.77
CA GLY J 75 23.98 23.36 -35.96
C GLY J 75 22.91 24.41 -35.70
N PRO J 76 22.59 25.19 -36.72
CA PRO J 76 21.59 26.25 -36.56
C PRO J 76 20.20 25.66 -36.39
N PRO J 77 19.27 26.42 -35.84
CA PRO J 77 17.92 25.89 -35.61
C PRO J 77 17.19 25.60 -36.92
N SER J 78 16.22 24.70 -36.82
CA SER J 78 15.42 24.27 -37.97
C SER J 78 16.29 23.68 -39.08
N THR J 79 17.27 22.87 -38.68
CA THR J 79 18.18 22.25 -39.62
C THR J 79 18.05 20.73 -39.67
N GLY J 80 17.50 20.10 -38.63
CA GLY J 80 17.20 18.69 -38.71
C GLY J 80 17.87 17.85 -37.65
N LYS J 81 18.27 18.48 -36.54
CA LYS J 81 18.93 17.74 -35.47
C LYS J 81 17.99 16.72 -34.84
N THR J 82 16.81 17.16 -34.43
CA THR J 82 15.83 16.23 -33.89
C THR J 82 15.33 15.28 -34.96
N ALA J 83 15.20 15.76 -36.20
CA ALA J 83 14.85 14.87 -37.31
C ALA J 83 15.91 13.81 -37.51
N LEU J 84 17.19 14.21 -37.43
CA LEU J 84 18.27 13.24 -37.56
C LEU J 84 18.22 12.20 -36.46
N ALA J 85 17.97 12.64 -35.22
CA ALA J 85 17.87 11.69 -34.11
C ALA J 85 16.69 10.74 -34.30
N MET J 86 15.55 11.27 -34.77
CA MET J 86 14.40 10.41 -35.00
C MET J 86 14.67 9.40 -36.09
N GLY J 87 15.35 9.82 -37.16
CA GLY J 87 15.72 8.88 -38.21
C GLY J 87 16.66 7.80 -37.71
N VAL J 88 17.62 8.18 -36.87
CA VAL J 88 18.52 7.19 -36.27
C VAL J 88 17.74 6.21 -35.42
N SER J 89 16.78 6.72 -34.64
CA SER J 89 15.99 5.84 -33.79
C SER J 89 15.15 4.86 -34.61
N GLN J 90 14.53 5.34 -35.69
CA GLN J 90 13.69 4.46 -36.49
C GLN J 90 14.52 3.44 -37.24
N SER J 91 15.65 3.85 -37.83
CA SER J 91 16.51 2.90 -38.51
C SER J 91 17.11 1.90 -37.53
N LEU J 92 17.35 2.32 -36.29
CA LEU J 92 17.81 1.39 -35.27
C LEU J 92 16.72 0.38 -34.92
N GLY J 93 15.47 0.76 -35.09
CA GLY J 93 14.37 -0.17 -34.88
C GLY J 93 14.07 -0.42 -33.42
N LYS J 94 13.14 -1.34 -33.19
CA LYS J 94 12.80 -1.79 -31.86
C LYS J 94 13.82 -2.83 -31.40
N ASP J 95 13.53 -3.51 -30.31
CA ASP J 95 14.41 -4.52 -29.72
C ASP J 95 15.79 -3.94 -29.39
N VAL J 96 15.87 -2.62 -29.21
CA VAL J 96 17.10 -1.94 -28.84
C VAL J 96 16.73 -0.64 -28.12
N PRO J 97 17.27 -0.40 -26.94
CA PRO J 97 16.83 0.76 -26.16
C PRO J 97 17.18 2.08 -26.85
N PHE J 98 16.28 3.04 -26.72
CA PHE J 98 16.51 4.40 -27.20
C PHE J 98 15.79 5.34 -26.25
N THR J 99 16.54 5.99 -25.38
CA THR J 99 15.98 6.90 -24.39
C THR J 99 16.19 8.34 -24.86
N ALA J 100 15.10 9.08 -25.00
CA ALA J 100 15.14 10.46 -25.45
C ALA J 100 14.57 11.34 -24.35
N ILE J 101 15.43 12.08 -23.66
CA ILE J 101 15.03 12.96 -22.58
C ILE J 101 15.54 14.37 -22.87
N ALA J 102 14.70 15.36 -22.61
CA ALA J 102 15.14 16.74 -22.69
C ALA J 102 16.01 17.08 -21.50
N GLY J 103 16.93 18.03 -21.70
CA GLY J 103 17.86 18.40 -20.64
C GLY J 103 17.18 19.01 -19.44
N SER J 104 15.95 19.46 -19.56
CA SER J 104 15.21 20.02 -18.44
C SER J 104 14.53 18.97 -17.58
N GLU J 105 14.55 17.71 -18.00
CA GLU J 105 13.93 16.65 -17.22
C GLU J 105 14.82 16.16 -16.08
N ILE J 106 16.10 16.52 -16.08
CA ILE J 106 17.01 16.06 -15.03
C ILE J 106 16.68 16.72 -13.70
N PHE J 107 16.34 18.00 -13.73
CA PHE J 107 16.13 18.78 -12.51
C PHE J 107 14.84 18.33 -11.83
N SER J 108 14.98 17.53 -10.79
CA SER J 108 13.85 16.98 -10.06
C SER J 108 13.97 17.31 -8.58
N LEU J 109 12.84 17.31 -7.89
CA LEU J 109 12.83 17.53 -6.45
C LEU J 109 12.98 16.25 -5.66
N GLU J 110 12.96 15.09 -6.31
CA GLU J 110 13.12 13.81 -5.63
C GLU J 110 14.40 13.09 -5.98
N LEU J 111 15.01 13.39 -7.12
CA LEU J 111 16.23 12.74 -7.55
C LEU J 111 17.31 13.78 -7.78
N SER J 112 18.52 13.49 -7.31
CA SER J 112 19.66 14.33 -7.63
C SER J 112 19.94 14.28 -9.13
N LYS J 113 20.53 15.35 -9.64
CA LYS J 113 20.80 15.42 -11.06
C LYS J 113 21.72 14.29 -11.51
N THR J 114 22.72 13.96 -10.69
CA THR J 114 23.56 12.81 -11.00
C THR J 114 22.77 11.52 -10.99
N GLU J 115 21.86 11.36 -10.02
CA GLU J 115 21.04 10.15 -9.98
C GLU J 115 20.11 10.07 -11.18
N ALA J 116 19.52 11.19 -11.58
CA ALA J 116 18.66 11.20 -12.75
C ALA J 116 19.45 10.84 -14.01
N LEU J 117 20.65 11.39 -14.15
CA LEU J 117 21.48 11.06 -15.30
C LEU J 117 21.89 9.59 -15.27
N THR J 118 22.18 9.05 -14.08
CA THR J 118 22.52 7.64 -13.97
C THR J 118 21.36 6.76 -14.40
N GLN J 119 20.16 7.09 -13.95
CA GLN J 119 18.98 6.32 -14.33
C GLN J 119 18.75 6.40 -15.83
N ALA J 120 18.94 7.58 -16.42
CA ALA J 120 18.83 7.69 -17.87
C ALA J 120 19.86 6.84 -18.59
N PHE J 121 21.09 6.82 -18.06
CA PHE J 121 22.15 6.01 -18.68
C PHE J 121 21.81 4.53 -18.61
N ARG J 122 21.30 4.06 -17.47
CA ARG J 122 20.98 2.65 -17.34
C ARG J 122 19.76 2.26 -18.17
N LYS J 123 18.86 3.21 -18.43
CA LYS J 123 17.65 2.91 -19.19
C LYS J 123 17.97 2.50 -20.62
N SER J 124 19.11 2.94 -21.15
CA SER J 124 19.46 2.72 -22.54
C SER J 124 20.30 1.47 -22.77
N ILE J 125 20.56 0.68 -21.75
CA ILE J 125 21.25 -0.60 -21.90
C ILE J 125 20.25 -1.70 -21.61
N GLY J 126 19.93 -2.50 -22.62
CA GLY J 126 18.93 -3.54 -22.50
C GLY J 126 19.54 -4.91 -22.24
N ILE J 127 18.78 -5.76 -21.55
CA ILE J 127 19.20 -7.11 -21.23
C ILE J 127 18.07 -8.05 -21.65
N LYS J 128 18.40 -9.02 -22.50
CA LYS J 128 17.43 -10.00 -22.98
C LYS J 128 17.61 -11.29 -22.21
N ILE J 129 16.56 -11.74 -21.54
CA ILE J 129 16.57 -12.97 -20.76
C ILE J 129 15.55 -13.93 -21.34
N LYS J 130 15.99 -15.14 -21.67
CA LYS J 130 15.12 -16.16 -22.25
C LYS J 130 14.63 -17.09 -21.15
N GLU J 131 13.31 -17.30 -21.12
CA GLU J 131 12.69 -18.19 -20.15
C GLU J 131 11.94 -19.28 -20.90
N GLU J 132 12.33 -20.53 -20.67
CA GLU J 132 11.70 -21.67 -21.31
C GLU J 132 10.61 -22.22 -20.39
N THR J 133 9.36 -22.15 -20.86
CA THR J 133 8.22 -22.54 -20.06
C THR J 133 7.45 -23.66 -20.75
N GLU J 134 6.98 -24.62 -19.96
CA GLU J 134 6.17 -25.73 -20.44
C GLU J 134 4.71 -25.38 -20.18
N LEU J 135 3.96 -25.11 -21.24
CA LEU J 135 2.56 -24.73 -21.13
C LEU J 135 1.71 -25.60 -22.05
N ILE J 136 0.56 -26.03 -21.53
CA ILE J 136 -0.38 -26.85 -22.28
C ILE J 136 -1.51 -25.95 -22.76
N GLU J 137 -1.77 -25.98 -24.06
CA GLU J 137 -2.78 -25.15 -24.68
C GLU J 137 -3.74 -26.01 -25.46
N GLY J 138 -5.04 -25.83 -25.22
CA GLY J 138 -6.05 -26.59 -25.92
C GLY J 138 -7.43 -26.14 -25.51
N GLU J 139 -8.44 -26.82 -26.07
CA GLU J 139 -9.83 -26.51 -25.80
C GLU J 139 -10.36 -27.47 -24.75
N VAL J 140 -10.82 -26.93 -23.62
CA VAL J 140 -11.32 -27.75 -22.53
C VAL J 140 -12.64 -28.39 -22.93
N VAL J 141 -12.91 -29.57 -22.37
CA VAL J 141 -14.12 -30.32 -22.69
C VAL J 141 -14.90 -30.63 -21.42
N GLU J 142 -14.25 -31.29 -20.47
CA GLU J 142 -14.91 -31.70 -19.24
C GLU J 142 -13.99 -31.48 -18.06
N ILE J 143 -14.59 -31.18 -16.91
CA ILE J 143 -13.87 -31.06 -15.65
C ILE J 143 -14.68 -31.79 -14.58
N GLN J 144 -14.02 -32.67 -13.83
CA GLN J 144 -14.66 -33.45 -12.77
C GLN J 144 -13.83 -33.31 -11.50
N ILE J 145 -14.42 -32.69 -10.48
CA ILE J 145 -13.76 -32.48 -9.19
C ILE J 145 -14.64 -33.09 -8.11
N ASP J 146 -14.02 -33.82 -7.19
CA ASP J 146 -14.74 -34.52 -6.13
C ASP J 146 -14.17 -34.17 -4.76
N ARG J 147 -14.99 -34.37 -3.75
CA ARG J 147 -14.60 -34.11 -2.37
C ARG J 147 -13.62 -35.19 -1.89
N SER J 148 -13.02 -34.93 -0.73
CA SER J 148 -12.05 -35.86 -0.16
C SER J 148 -12.67 -37.24 0.07
N ILE J 149 -11.93 -38.27 -0.32
CA ILE J 149 -12.40 -39.64 -0.17
C ILE J 149 -11.44 -40.43 0.71
N HIS J 153 -6.53 -35.74 -0.94
CA HIS J 153 -7.37 -34.67 -0.43
C HIS J 153 -8.47 -34.31 -1.42
N LYS J 154 -8.13 -34.35 -2.71
CA LYS J 154 -9.09 -34.03 -3.77
C LYS J 154 -8.78 -34.90 -4.98
N GLN J 155 -9.84 -35.40 -5.62
CA GLN J 155 -9.72 -36.20 -6.82
C GLN J 155 -10.28 -35.40 -8.00
N GLY J 156 -9.48 -35.25 -9.05
CA GLY J 156 -9.90 -34.44 -10.17
C GLY J 156 -9.36 -34.87 -11.52
N LYS J 157 -10.19 -34.77 -12.55
CA LYS J 157 -9.79 -35.10 -13.91
C LYS J 157 -10.28 -34.01 -14.85
N LEU J 158 -9.40 -33.53 -15.72
CA LEU J 158 -9.76 -32.57 -16.76
C LEU J 158 -9.41 -33.14 -18.13
N THR J 159 -10.22 -32.80 -19.12
CA THR J 159 -10.02 -33.24 -20.49
C THR J 159 -9.78 -32.02 -21.37
N ILE J 160 -8.70 -32.06 -22.16
CA ILE J 160 -8.34 -30.99 -23.07
C ILE J 160 -8.37 -31.55 -24.49
N LYS J 161 -9.16 -30.93 -25.36
CA LYS J 161 -9.25 -31.33 -26.76
C LYS J 161 -8.45 -30.35 -27.61
N THR J 162 -7.84 -30.88 -28.67
CA THR J 162 -7.13 -30.06 -29.64
C THR J 162 -7.51 -30.56 -31.03
N THR J 163 -6.78 -30.10 -32.04
CA THR J 163 -7.12 -30.48 -33.41
C THR J 163 -6.86 -31.95 -33.68
N ASP J 164 -5.99 -32.61 -32.88
CA ASP J 164 -5.64 -33.99 -33.16
C ASP J 164 -5.45 -34.86 -31.92
N MET J 165 -5.84 -34.40 -30.73
CA MET J 165 -5.73 -35.21 -29.53
C MET J 165 -6.87 -34.87 -28.59
N GLU J 166 -7.22 -35.84 -27.74
CA GLU J 166 -8.27 -35.63 -26.73
C GLU J 166 -7.98 -36.60 -25.60
N THR J 167 -7.46 -36.09 -24.49
CA THR J 167 -6.98 -36.91 -23.39
C THR J 167 -7.41 -36.30 -22.08
N ILE J 168 -7.43 -37.12 -21.04
CA ILE J 168 -7.76 -36.66 -19.70
C ILE J 168 -6.47 -36.51 -18.90
N TYR J 169 -6.50 -35.58 -17.94
CA TYR J 169 -5.37 -35.30 -17.07
C TYR J 169 -5.80 -35.51 -15.63
N GLU J 170 -4.97 -36.21 -14.87
CA GLU J 170 -5.25 -36.47 -13.46
C GLU J 170 -4.64 -35.34 -12.64
N LEU J 171 -5.50 -34.50 -12.07
CA LEU J 171 -5.06 -33.30 -11.38
C LEU J 171 -4.49 -33.64 -10.00
N GLY J 172 -3.85 -32.65 -9.39
CA GLY J 172 -3.40 -32.72 -8.02
C GLY J 172 -4.10 -31.69 -7.16
N ASN J 173 -3.60 -31.47 -5.94
CA ASN J 173 -4.28 -30.54 -5.03
C ASN J 173 -4.16 -29.10 -5.52
N LYS J 174 -2.94 -28.66 -5.85
CA LYS J 174 -2.74 -27.24 -6.16
C LYS J 174 -3.34 -26.88 -7.50
N MET J 175 -3.29 -27.79 -8.48
CA MET J 175 -3.92 -27.51 -9.76
C MET J 175 -5.44 -27.40 -9.61
N ILE J 176 -6.04 -28.26 -8.78
CA ILE J 176 -7.47 -28.18 -8.52
C ILE J 176 -7.81 -26.85 -7.85
N ASP J 177 -6.99 -26.45 -6.88
CA ASP J 177 -7.24 -25.17 -6.21
C ASP J 177 -7.16 -24.01 -7.21
N GLY J 178 -6.16 -24.04 -8.08
CA GLY J 178 -6.01 -22.98 -9.06
C GLY J 178 -7.17 -22.92 -10.04
N LEU J 179 -7.61 -24.08 -10.54
CA LEU J 179 -8.74 -24.09 -11.47
C LEU J 179 -10.03 -23.62 -10.79
N THR J 180 -10.24 -24.01 -9.53
CA THR J 180 -11.40 -23.51 -8.81
C THR J 180 -11.32 -22.01 -8.63
N LYS J 181 -10.13 -21.49 -8.31
CA LYS J 181 -9.97 -20.05 -8.16
C LYS J 181 -10.26 -19.31 -9.45
N GLU J 182 -9.79 -19.85 -10.58
CA GLU J 182 -10.09 -19.24 -11.87
C GLU J 182 -11.52 -19.50 -12.31
N LYS J 183 -12.14 -20.56 -11.82
CA LYS J 183 -13.47 -20.99 -12.24
C LYS J 183 -13.58 -21.09 -13.75
N VAL J 184 -12.75 -21.96 -14.32
CA VAL J 184 -12.75 -22.18 -15.76
C VAL J 184 -14.02 -22.94 -16.15
N LEU J 185 -14.68 -22.49 -17.20
CA LEU J 185 -15.86 -23.14 -17.72
C LEU J 185 -15.44 -24.23 -18.71
N ALA J 186 -16.40 -24.75 -19.46
CA ALA J 186 -16.13 -25.74 -20.50
C ALA J 186 -16.31 -25.11 -21.88
N GLY J 187 -15.64 -25.68 -22.87
CA GLY J 187 -15.73 -25.18 -24.22
C GLY J 187 -14.95 -23.93 -24.51
N ASP J 188 -14.13 -23.46 -23.57
CA ASP J 188 -13.32 -22.26 -23.75
C ASP J 188 -11.85 -22.64 -23.81
N VAL J 189 -11.13 -21.98 -24.71
CA VAL J 189 -9.69 -22.23 -24.87
C VAL J 189 -8.97 -21.77 -23.62
N ILE J 190 -8.15 -22.65 -23.05
CA ILE J 190 -7.45 -22.37 -21.80
C ILE J 190 -5.96 -22.64 -22.00
N SER J 191 -5.15 -21.96 -21.20
CA SER J 191 -3.71 -22.12 -21.22
C SER J 191 -3.23 -22.31 -19.79
N ILE J 192 -2.49 -23.39 -19.54
CA ILE J 192 -2.00 -23.73 -18.21
C ILE J 192 -0.50 -23.93 -18.30
N ASP J 193 0.24 -23.33 -17.38
CA ASP J 193 1.68 -23.47 -17.31
C ASP J 193 2.04 -24.55 -16.31
N LYS J 194 2.92 -25.47 -16.71
CA LYS J 194 3.25 -26.58 -15.84
C LYS J 194 4.09 -26.13 -14.64
N ALA J 195 5.05 -25.25 -14.88
CA ALA J 195 5.94 -24.82 -13.79
C ALA J 195 5.30 -23.73 -12.94
N SER J 196 5.00 -22.58 -13.55
CA SER J 196 4.47 -21.46 -12.79
C SER J 196 3.08 -21.77 -12.24
N GLY J 197 2.24 -22.45 -13.01
CA GLY J 197 0.88 -22.69 -12.63
C GLY J 197 -0.10 -21.61 -13.01
N LYS J 198 0.35 -20.59 -13.74
CA LYS J 198 -0.54 -19.54 -14.19
C LYS J 198 -1.51 -20.05 -15.25
N ILE J 199 -2.73 -19.54 -15.21
CA ILE J 199 -3.78 -19.91 -16.15
C ILE J 199 -4.22 -18.66 -16.91
N THR J 200 -4.16 -18.72 -18.23
CA THR J 200 -4.59 -17.63 -19.09
C THR J 200 -5.82 -18.07 -19.87
N LYS J 201 -6.93 -17.36 -19.67
CA LYS J 201 -8.19 -17.71 -20.30
C LYS J 201 -8.26 -17.14 -21.70
N LEU J 202 -8.97 -17.85 -22.58
CA LEU J 202 -9.24 -17.39 -23.93
C LEU J 202 -10.66 -17.80 -24.31
N GLY J 203 -11.20 -17.14 -25.32
CA GLY J 203 -12.56 -17.38 -25.74
C GLY J 203 -12.73 -18.73 -26.41
N ARG J 204 -13.99 -19.03 -26.73
CA ARG J 204 -14.30 -20.29 -27.38
C ARG J 204 -13.62 -20.39 -28.73
N SER J 205 -13.21 -21.60 -29.10
CA SER J 205 -12.56 -21.83 -30.38
C SER J 205 -13.51 -21.57 -31.53
N VAL J 222 -12.66 -18.48 -35.58
CA VAL J 222 -11.62 -17.47 -35.56
C VAL J 222 -10.30 -18.07 -35.08
N GLN J 223 -10.35 -18.79 -33.96
CA GLN J 223 -9.18 -19.42 -33.38
C GLN J 223 -9.50 -20.86 -33.02
N CYS J 224 -8.44 -21.67 -32.91
CA CYS J 224 -8.58 -23.07 -32.55
C CYS J 224 -7.22 -23.64 -32.14
N PRO J 225 -7.19 -24.67 -31.29
CA PRO J 225 -5.92 -25.34 -30.98
C PRO J 225 -5.29 -25.93 -32.24
N GLU J 226 -3.96 -25.91 -32.29
CA GLU J 226 -3.24 -26.14 -33.53
C GLU J 226 -2.35 -27.37 -33.53
N GLY J 227 -2.29 -28.14 -32.46
CA GLY J 227 -1.41 -29.30 -32.47
C GLY J 227 -1.30 -30.07 -31.17
N GLU J 228 -0.07 -30.36 -30.78
CA GLU J 228 0.17 -31.19 -29.60
C GLU J 228 -0.30 -30.47 -28.33
N LEU J 229 -0.64 -31.26 -27.31
CA LEU J 229 -1.18 -30.71 -26.09
C LEU J 229 -0.15 -29.88 -25.34
N GLN J 230 1.04 -30.42 -25.14
CA GLN J 230 2.09 -29.78 -24.38
C GLN J 230 3.20 -29.34 -25.33
N LYS J 231 3.42 -28.02 -25.41
CA LYS J 231 4.37 -27.43 -26.33
C LYS J 231 5.55 -26.83 -25.57
N ARG J 232 6.67 -26.68 -26.28
CA ARG J 232 7.91 -26.18 -25.72
C ARG J 232 8.29 -24.92 -26.49
N LYS J 233 7.83 -23.75 -26.02
CA LYS J 233 8.16 -22.49 -26.65
C LYS J 233 8.76 -21.55 -25.63
N THR J 234 9.86 -20.90 -25.99
CA THR J 234 10.58 -19.99 -25.12
C THR J 234 10.02 -18.58 -25.25
N VAL J 235 9.98 -17.87 -24.12
CA VAL J 235 9.54 -16.48 -24.08
C VAL J 235 10.73 -15.64 -23.64
N VAL J 236 10.98 -14.56 -24.38
CA VAL J 236 12.11 -13.67 -24.13
C VAL J 236 11.60 -12.40 -23.47
N HIS J 237 12.29 -11.96 -22.43
CA HIS J 237 11.96 -10.75 -21.70
C HIS J 237 13.04 -9.71 -21.93
N THR J 238 12.63 -8.54 -22.39
CA THR J 238 13.55 -7.44 -22.63
C THR J 238 13.43 -6.45 -21.47
N VAL J 239 14.51 -6.29 -20.71
CA VAL J 239 14.55 -5.36 -19.60
C VAL J 239 15.84 -4.56 -19.69
N SER J 240 15.88 -3.44 -18.98
CA SER J 240 17.06 -2.60 -18.90
C SER J 240 17.73 -2.78 -17.55
N LEU J 241 18.96 -2.29 -17.46
CA LEU J 241 19.69 -2.34 -16.19
C LEU J 241 18.96 -1.53 -15.12
N HIS J 242 18.39 -0.39 -15.51
CA HIS J 242 17.62 0.42 -14.57
C HIS J 242 16.42 -0.36 -14.06
N GLU J 243 15.76 -1.13 -14.92
CA GLU J 243 14.60 -1.90 -14.49
C GLU J 243 14.99 -2.94 -13.46
N ILE J 244 16.13 -3.62 -13.65
CA ILE J 244 16.60 -4.58 -12.66
C ILE J 244 16.97 -3.88 -11.37
N ASP J 245 17.61 -2.73 -11.47
CA ASP J 245 17.97 -1.97 -10.27
C ASP J 245 16.73 -1.58 -9.47
N VAL J 246 15.69 -1.11 -10.15
CA VAL J 246 14.47 -0.70 -9.45
C VAL J 246 13.74 -1.91 -8.90
N ILE J 247 13.75 -3.03 -9.64
CA ILE J 247 13.10 -4.25 -9.16
C ILE J 247 13.74 -4.72 -7.87
N ASN J 248 15.07 -4.68 -7.80
CA ASN J 248 15.75 -5.09 -6.58
C ASN J 248 15.81 -3.99 -5.53
N SER J 249 15.39 -2.77 -5.85
CA SER J 249 15.51 -1.67 -4.90
C SER J 249 14.65 -1.88 -3.67
N ARG J 250 13.43 -2.37 -3.85
CA ARG J 250 12.52 -2.52 -2.72
C ARG J 250 11.82 -3.87 -2.71
N THR J 251 10.87 -4.04 -1.79
CA THR J 251 10.07 -5.25 -1.78
C THR J 251 9.23 -5.38 -3.04
N GLN J 252 8.65 -4.28 -3.48
CA GLN J 252 7.81 -4.27 -4.67
C GLN J 252 8.20 -3.11 -5.57
N GLY J 253 9.50 -2.99 -5.84
CA GLY J 253 10.02 -1.84 -6.53
C GLY J 253 9.56 -1.69 -7.96
N PHE J 254 9.11 -2.78 -8.59
CA PHE J 254 8.74 -2.68 -9.99
C PHE J 254 7.55 -1.77 -10.23
N LEU J 255 6.79 -1.41 -9.19
CA LEU J 255 5.77 -0.39 -9.35
C LEU J 255 6.38 0.98 -9.60
N ALA J 256 7.58 1.23 -9.07
CA ALA J 256 8.22 2.52 -9.23
C ALA J 256 8.58 2.81 -10.67
N LEU J 257 8.68 1.79 -11.52
CA LEU J 257 8.92 2.02 -12.94
C LEU J 257 7.76 2.76 -13.59
N PHE J 258 6.58 2.74 -12.97
CA PHE J 258 5.42 3.48 -13.44
C PHE J 258 5.08 4.67 -12.57
N THR J 259 5.12 4.49 -11.25
CA THR J 259 4.84 5.61 -10.35
C THR J 259 5.95 6.65 -10.38
N GLY J 260 7.20 6.23 -10.59
CA GLY J 260 8.31 7.14 -10.66
C GLY J 260 8.95 7.49 -9.34
N ASP J 261 8.53 6.87 -8.24
CA ASP J 261 9.12 7.12 -6.93
C ASP J 261 10.25 6.13 -6.65
N THR J 262 11.23 6.08 -7.55
CA THR J 262 12.34 5.14 -7.40
C THR J 262 13.25 5.56 -6.25
N GLY J 263 13.61 6.83 -6.20
CA GLY J 263 14.57 7.30 -5.22
C GLY J 263 15.98 6.99 -5.66
N GLU J 264 16.93 7.63 -4.98
CA GLU J 264 18.34 7.39 -5.26
C GLU J 264 18.71 5.98 -4.81
N ILE J 265 18.95 5.09 -5.77
CA ILE J 265 19.26 3.71 -5.44
C ILE J 265 20.67 3.64 -4.86
N ARG J 266 20.86 2.73 -3.90
CA ARG J 266 22.17 2.52 -3.32
C ARG J 266 23.14 2.01 -4.38
N SER J 267 24.39 2.47 -4.30
CA SER J 267 25.38 2.10 -5.30
C SER J 267 25.77 0.63 -5.22
N GLU J 268 25.71 0.05 -4.02
CA GLU J 268 26.01 -1.37 -3.89
C GLU J 268 25.04 -2.22 -4.68
N VAL J 269 23.77 -1.80 -4.74
CA VAL J 269 22.79 -2.53 -5.53
C VAL J 269 23.16 -2.50 -7.00
N ARG J 270 23.57 -1.34 -7.49
CA ARG J 270 23.98 -1.23 -8.90
C ARG J 270 25.21 -2.07 -9.18
N ASP J 271 26.16 -2.11 -8.25
CA ASP J 271 27.33 -2.95 -8.42
C ASP J 271 26.93 -4.42 -8.49
N GLN J 272 25.98 -4.83 -7.64
CA GLN J 272 25.48 -6.20 -7.70
C GLN J 272 24.85 -6.49 -9.06
N ILE J 273 24.04 -5.57 -9.56
CA ILE J 273 23.40 -5.79 -10.87
C ILE J 273 24.48 -5.93 -11.94
N ASN J 274 25.50 -5.09 -11.89
CA ASN J 274 26.55 -5.11 -12.91
C ASN J 274 27.31 -6.43 -12.89
N THR J 275 27.70 -6.89 -11.69
CA THR J 275 28.47 -8.12 -11.61
C THR J 275 27.62 -9.33 -12.00
N LYS J 276 26.33 -9.33 -11.64
CA LYS J 276 25.47 -10.42 -12.07
C LYS J 276 25.23 -10.40 -13.57
N VAL J 277 25.16 -9.22 -14.19
CA VAL J 277 25.00 -9.17 -15.64
C VAL J 277 26.25 -9.70 -16.32
N ALA J 278 27.43 -9.37 -15.79
CA ALA J 278 28.66 -9.94 -16.34
C ALA J 278 28.66 -11.46 -16.21
N GLU J 279 28.26 -11.97 -15.05
CA GLU J 279 28.23 -13.43 -14.85
C GLU J 279 27.20 -14.09 -15.78
N TRP J 280 26.04 -13.47 -15.95
CA TRP J 280 25.02 -14.04 -16.84
C TRP J 280 25.50 -14.06 -18.28
N LYS J 281 26.15 -12.98 -18.73
CA LYS J 281 26.68 -12.97 -20.08
C LYS J 281 27.74 -14.04 -20.26
N GLU J 282 28.60 -14.23 -19.25
CA GLU J 282 29.56 -15.33 -19.32
C GLU J 282 28.87 -16.68 -19.40
N GLU J 283 27.81 -16.88 -18.61
CA GLU J 283 27.08 -18.14 -18.62
C GLU J 283 26.32 -18.33 -19.93
N GLY J 284 25.98 -17.24 -20.61
CA GLY J 284 25.20 -17.33 -21.84
C GLY J 284 23.71 -17.41 -21.64
N LYS J 285 23.21 -17.17 -20.44
CA LYS J 285 21.78 -17.19 -20.19
C LYS J 285 21.13 -15.83 -20.33
N ALA J 286 21.89 -14.80 -20.69
CA ALA J 286 21.34 -13.47 -20.92
C ALA J 286 22.32 -12.69 -21.77
N GLU J 287 21.79 -11.90 -22.70
CA GLU J 287 22.60 -11.08 -23.59
C GLU J 287 22.29 -9.62 -23.39
N ILE J 288 23.27 -8.76 -23.69
CA ILE J 288 23.16 -7.32 -23.50
C ILE J 288 22.98 -6.66 -24.86
N VAL J 289 22.06 -5.72 -24.93
CA VAL J 289 21.79 -4.97 -26.15
C VAL J 289 22.05 -3.49 -25.89
N PRO J 290 23.25 -2.99 -26.14
CA PRO J 290 23.53 -1.57 -25.90
C PRO J 290 22.67 -0.69 -26.79
N GLY J 291 22.28 0.46 -26.24
CA GLY J 291 21.39 1.36 -26.95
C GLY J 291 21.91 2.79 -27.03
N VAL J 292 21.01 3.73 -27.32
CA VAL J 292 21.37 5.12 -27.54
C VAL J 292 20.58 5.99 -26.57
N LEU J 293 21.28 6.89 -25.89
CA LEU J 293 20.66 7.90 -25.05
C LEU J 293 20.74 9.25 -25.76
N PHE J 294 19.61 9.92 -25.85
CA PHE J 294 19.53 11.19 -26.58
C PHE J 294 19.10 12.29 -25.61
N ILE J 295 19.94 13.30 -25.47
CA ILE J 295 19.63 14.50 -24.69
C ILE J 295 19.41 15.62 -25.68
N ASP J 296 18.18 16.12 -25.75
CA ASP J 296 17.80 17.04 -26.81
C ASP J 296 18.32 18.45 -26.61
N GLU J 297 18.45 18.89 -25.36
CA GLU J 297 18.72 20.29 -25.05
C GLU J 297 19.83 20.41 -24.01
N VAL J 298 20.96 19.77 -24.29
CA VAL J 298 22.11 19.72 -23.39
C VAL J 298 22.54 21.09 -22.90
N HIS J 299 22.20 22.14 -23.63
CA HIS J 299 22.59 23.48 -23.22
C HIS J 299 21.86 23.95 -21.97
N MET J 300 21.03 23.09 -21.35
CA MET J 300 20.37 23.40 -20.10
C MET J 300 20.99 22.70 -18.90
N LEU J 301 21.73 21.62 -19.12
CA LEU J 301 22.42 20.94 -18.03
C LEU J 301 23.50 21.83 -17.44
N ASP J 302 23.73 21.69 -16.14
CA ASP J 302 24.72 22.51 -15.45
C ASP J 302 26.07 21.82 -15.47
N ILE J 303 27.07 22.46 -14.84
CA ILE J 303 28.43 21.95 -14.90
C ILE J 303 28.56 20.64 -14.15
N GLU J 304 27.76 20.43 -13.10
CA GLU J 304 27.80 19.17 -12.37
C GLU J 304 27.38 18.02 -13.26
N CYS J 305 26.34 18.21 -14.07
CA CYS J 305 25.88 17.17 -14.97
C CYS J 305 26.95 16.79 -15.98
N PHE J 306 27.63 17.79 -16.55
CA PHE J 306 28.69 17.50 -17.51
C PHE J 306 29.86 16.79 -16.84
N SER J 307 30.22 17.22 -15.63
CA SER J 307 31.30 16.53 -14.90
C SER J 307 30.94 15.08 -14.66
N PHE J 308 29.68 14.81 -14.31
CA PHE J 308 29.26 13.43 -14.14
C PHE J 308 29.31 12.66 -15.45
N ILE J 309 28.86 13.27 -16.54
CA ILE J 309 28.82 12.60 -17.83
C ILE J 309 30.21 12.19 -18.27
N ASN J 310 31.20 13.06 -18.01
CA ASN J 310 32.58 12.79 -18.41
C ASN J 310 33.05 11.43 -17.89
N ARG J 311 32.78 11.15 -16.62
CA ARG J 311 33.21 9.89 -16.03
C ARG J 311 32.25 8.75 -16.35
N ALA J 312 30.95 9.04 -16.43
CA ALA J 312 29.98 7.99 -16.71
C ALA J 312 30.20 7.40 -18.09
N LEU J 313 30.73 8.18 -19.03
CA LEU J 313 31.01 7.65 -20.35
C LEU J 313 32.15 6.63 -20.32
N GLU J 314 33.11 6.80 -19.41
CA GLU J 314 34.31 5.97 -19.44
C GLU J 314 34.01 4.52 -19.07
N ASP J 315 33.14 4.30 -18.10
CA ASP J 315 32.91 2.96 -17.58
C ASP J 315 32.20 2.09 -18.61
N GLU J 316 32.29 0.78 -18.42
CA GLU J 316 31.55 -0.16 -19.23
C GLU J 316 30.05 0.01 -18.96
N PHE J 317 29.25 -0.65 -19.79
CA PHE J 317 27.79 -0.51 -19.79
C PHE J 317 27.35 0.92 -20.05
N ALA J 318 28.25 1.77 -20.52
CA ALA J 318 27.87 3.11 -20.92
C ALA J 318 27.29 3.08 -22.32
N PRO J 319 26.09 3.60 -22.52
CA PRO J 319 25.52 3.64 -23.88
C PRO J 319 26.18 4.70 -24.73
N ILE J 320 25.65 4.91 -25.94
CA ILE J 320 26.10 5.99 -26.80
C ILE J 320 25.19 7.19 -26.57
N VAL J 321 25.78 8.32 -26.21
CA VAL J 321 25.05 9.53 -25.86
C VAL J 321 25.05 10.46 -27.06
N MET J 322 23.85 10.84 -27.51
CA MET J 322 23.70 11.84 -28.56
C MET J 322 23.22 13.14 -27.93
N MET J 323 23.94 14.22 -28.22
CA MET J 323 23.67 15.53 -27.65
C MET J 323 23.39 16.53 -28.77
N ALA J 324 22.27 17.23 -28.67
CA ALA J 324 21.86 18.21 -29.67
C ALA J 324 21.92 19.60 -29.07
N THR J 325 22.67 20.50 -29.71
CA THR J 325 22.78 21.87 -29.26
C THR J 325 22.76 22.78 -30.48
N ASN J 326 22.39 24.04 -30.26
CA ASN J 326 22.27 24.97 -31.37
C ASN J 326 23.09 26.23 -31.12
N ARG J 327 23.16 26.67 -29.87
CA ARG J 327 23.84 27.93 -29.57
C ARG J 327 25.32 27.84 -29.92
N GLY J 328 25.82 28.91 -30.54
CA GLY J 328 27.21 28.94 -30.95
C GLY J 328 28.17 28.99 -29.78
N VAL J 329 28.20 30.11 -29.08
CA VAL J 329 29.02 30.27 -27.88
C VAL J 329 28.15 30.88 -26.80
N SER J 330 28.03 30.19 -25.68
CA SER J 330 27.19 30.64 -24.58
C SER J 330 27.86 30.30 -23.26
N LYS J 331 27.30 30.84 -22.18
CA LYS J 331 27.79 30.57 -20.84
C LYS J 331 27.15 29.28 -20.32
N THR J 332 28.00 28.34 -19.91
CA THR J 332 27.49 27.09 -19.37
C THR J 332 26.73 27.35 -18.08
N ARG J 333 25.56 26.73 -17.94
CA ARG J 333 24.75 26.93 -16.75
C ARG J 333 25.51 26.47 -15.52
N GLY J 334 25.50 27.30 -14.48
CA GLY J 334 26.31 27.07 -13.31
C GLY J 334 27.71 27.66 -13.37
N THR J 335 28.10 28.23 -14.50
CA THR J 335 29.41 28.83 -14.67
C THR J 335 29.25 30.25 -15.17
N ASN J 336 30.30 31.05 -14.99
CA ASN J 336 30.29 32.44 -15.38
C ASN J 336 31.13 32.71 -16.63
N TYR J 337 31.52 31.67 -17.36
CA TYR J 337 32.38 31.84 -18.53
C TYR J 337 31.72 31.20 -19.75
N LYS J 338 32.10 31.71 -20.92
CA LYS J 338 31.61 31.18 -22.17
C LYS J 338 32.28 29.85 -22.49
N SER J 339 31.73 29.14 -23.46
CA SER J 339 32.23 27.82 -23.84
C SER J 339 31.90 27.58 -25.31
N PRO J 340 32.66 26.72 -25.98
CA PRO J 340 32.52 26.60 -27.44
C PRO J 340 31.15 26.14 -27.92
N HIS J 341 30.37 25.48 -27.07
CA HIS J 341 29.00 25.14 -27.44
C HIS J 341 28.02 25.28 -26.29
N GLY J 342 28.40 25.99 -25.23
CA GLY J 342 27.68 25.89 -23.99
C GLY J 342 28.08 24.72 -23.13
N LEU J 343 29.08 23.95 -23.55
CA LEU J 343 29.57 22.77 -22.86
C LEU J 343 31.02 22.97 -22.44
N PRO J 344 31.43 22.39 -21.31
CA PRO J 344 32.82 22.53 -20.89
C PRO J 344 33.77 21.82 -21.83
N LEU J 345 35.01 22.34 -21.90
CA LEU J 345 35.98 21.83 -22.85
C LEU J 345 36.33 20.37 -22.60
N ASP J 346 36.22 19.92 -21.35
CA ASP J 346 36.52 18.52 -21.04
C ASP J 346 35.57 17.58 -21.77
N LEU J 347 34.29 17.93 -21.84
CA LEU J 347 33.33 17.06 -22.52
C LEU J 347 33.49 17.12 -24.03
N LEU J 348 33.78 18.31 -24.57
CA LEU J 348 33.96 18.42 -26.01
C LEU J 348 35.16 17.64 -26.49
N ASP J 349 36.20 17.51 -25.66
CA ASP J 349 37.35 16.69 -26.01
C ASP J 349 36.96 15.23 -26.16
N ARG J 350 35.92 14.80 -25.46
CA ARG J 350 35.48 13.40 -25.45
C ARG J 350 34.43 13.10 -26.50
N SER J 351 34.03 14.09 -27.30
CA SER J 351 32.94 13.92 -28.23
C SER J 351 33.39 14.18 -29.67
N ILE J 352 32.68 13.56 -30.61
CA ILE J 352 32.83 13.85 -32.03
C ILE J 352 31.59 14.58 -32.49
N ILE J 353 31.77 15.65 -33.26
CA ILE J 353 30.72 16.61 -33.55
C ILE J 353 30.23 16.40 -34.97
N ILE J 354 28.91 16.25 -35.12
CA ILE J 354 28.27 16.17 -36.42
C ILE J 354 27.53 17.49 -36.64
N THR J 355 27.89 18.18 -37.71
CA THR J 355 27.40 19.53 -37.97
C THR J 355 26.37 19.49 -39.10
N THR J 356 25.27 20.20 -38.91
CA THR J 356 24.19 20.25 -39.89
C THR J 356 24.14 21.64 -40.52
N LYS J 357 23.83 21.69 -41.81
CA LYS J 357 23.88 22.92 -42.60
C LYS J 357 22.49 23.31 -43.07
N SER J 358 22.27 24.62 -43.18
CA SER J 358 20.96 25.15 -43.53
C SER J 358 20.55 24.72 -44.93
N TYR J 359 19.25 24.56 -45.12
CA TYR J 359 18.70 24.10 -46.39
C TYR J 359 18.60 25.25 -47.38
N ASN J 360 18.35 24.88 -48.63
CA ASN J 360 18.14 25.83 -49.72
C ASN J 360 16.71 25.65 -50.27
N GLU J 361 16.42 26.37 -51.35
CA GLU J 361 15.03 26.49 -51.81
C GLU J 361 14.45 25.15 -52.25
N GLN J 362 15.22 24.36 -53.00
CA GLN J 362 14.69 23.09 -53.50
C GLN J 362 14.44 22.11 -52.37
N GLU J 363 15.35 22.05 -51.41
CA GLU J 363 15.16 21.15 -50.27
C GLU J 363 13.98 21.59 -49.41
N ILE J 364 13.78 22.89 -49.25
CA ILE J 364 12.59 23.39 -48.56
C ILE J 364 11.34 22.95 -49.30
N LYS J 365 11.35 23.05 -50.63
CA LYS J 365 10.19 22.66 -51.42
C LYS J 365 9.85 21.19 -51.22
N THR J 366 10.85 20.31 -51.30
CA THR J 366 10.57 18.89 -51.16
C THR J 366 10.20 18.50 -49.72
N ILE J 367 10.78 19.15 -48.72
CA ILE J 367 10.37 18.89 -47.34
C ILE J 367 8.92 19.31 -47.13
N LEU J 368 8.53 20.47 -47.67
CA LEU J 368 7.14 20.88 -47.55
C LEU J 368 6.21 19.95 -48.31
N SER J 369 6.64 19.42 -49.45
CA SER J 369 5.82 18.43 -50.15
C SER J 369 5.63 17.17 -49.31
N ILE J 370 6.69 16.70 -48.67
CA ILE J 370 6.58 15.53 -47.81
C ILE J 370 5.63 15.81 -46.64
N ARG J 371 5.76 16.98 -46.03
CA ARG J 371 4.87 17.34 -44.92
C ARG J 371 3.42 17.41 -45.37
N ALA J 372 3.17 17.99 -46.55
CA ALA J 372 1.80 18.08 -47.07
C ALA J 372 1.24 16.70 -47.36
N GLN J 373 2.06 15.80 -47.89
CA GLN J 373 1.60 14.44 -48.13
C GLN J 373 1.29 13.73 -46.82
N GLU J 374 2.10 13.95 -45.78
CA GLU J 374 1.82 13.36 -44.49
C GLU J 374 0.53 13.89 -43.88
N GLU J 375 0.28 15.20 -44.04
CA GLU J 375 -0.91 15.82 -43.48
C GLU J 375 -2.14 15.65 -44.35
N GLU J 376 -2.04 14.90 -45.45
CA GLU J 376 -3.16 14.65 -46.34
C GLU J 376 -3.74 15.94 -46.91
N VAL J 377 -2.84 16.77 -47.43
CA VAL J 377 -3.21 18.06 -48.03
C VAL J 377 -2.70 18.08 -49.46
N GLU J 378 -3.59 18.40 -50.40
CA GLU J 378 -3.25 18.43 -51.83
C GLU J 378 -2.99 19.88 -52.22
N LEU J 379 -1.73 20.27 -52.22
CA LEU J 379 -1.34 21.62 -52.58
C LEU J 379 -1.18 21.73 -54.10
N SER J 380 -1.45 22.92 -54.61
CA SER J 380 -1.20 23.21 -56.01
C SER J 380 0.26 23.59 -56.21
N SER J 381 0.66 23.66 -57.49
CA SER J 381 2.05 24.00 -57.80
C SER J 381 2.38 25.42 -57.36
N ASP J 382 1.53 26.38 -57.70
CA ASP J 382 1.77 27.77 -57.32
C ASP J 382 1.67 27.94 -55.81
N ALA J 383 0.75 27.23 -55.17
CA ALA J 383 0.67 27.27 -53.71
C ALA J 383 1.94 26.74 -53.08
N LEU J 384 2.48 25.64 -53.61
CA LEU J 384 3.72 25.09 -53.08
C LEU J 384 4.88 26.05 -53.29
N ASP J 385 4.92 26.72 -54.45
CA ASP J 385 5.99 27.67 -54.70
C ASP J 385 5.91 28.86 -53.74
N LEU J 386 4.70 29.35 -53.49
CA LEU J 386 4.53 30.44 -52.53
C LEU J 386 4.96 30.01 -51.13
N LEU J 387 4.58 28.79 -50.74
CA LEU J 387 5.00 28.28 -49.44
C LEU J 387 6.52 28.16 -49.36
N THR J 388 7.16 27.71 -50.44
CA THR J 388 8.61 27.57 -50.44
C THR J 388 9.29 28.93 -50.31
N LYS J 389 8.81 29.93 -51.04
CA LYS J 389 9.41 31.25 -50.95
C LYS J 389 9.18 31.86 -49.56
N THR J 390 8.01 31.61 -48.96
CA THR J 390 7.77 32.11 -47.61
C THR J 390 8.69 31.42 -46.61
N GLY J 391 8.90 30.12 -46.76
CA GLY J 391 9.79 29.41 -45.85
C GLY J 391 11.23 29.85 -45.98
N VAL J 392 11.68 30.08 -47.21
CA VAL J 392 13.04 30.58 -47.41
C VAL J 392 13.19 31.97 -46.83
N GLU J 393 12.18 32.83 -47.01
CA GLU J 393 12.27 34.19 -46.50
C GLU J 393 12.20 34.24 -44.98
N THR J 394 11.33 33.45 -44.36
CA THR J 394 11.08 33.57 -42.93
C THR J 394 11.54 32.35 -42.13
N SER J 395 10.99 31.17 -42.40
CA SER J 395 11.34 29.98 -41.62
C SER J 395 10.65 28.77 -42.23
N LEU J 396 11.31 27.62 -42.12
CA LEU J 396 10.73 26.38 -42.62
C LEU J 396 9.55 25.94 -41.76
N ARG J 397 9.66 26.08 -40.44
CA ARG J 397 8.58 25.66 -39.55
C ARG J 397 7.33 26.49 -39.79
N TYR J 398 7.49 27.78 -40.03
CA TYR J 398 6.34 28.65 -40.27
C TYR J 398 5.56 28.20 -41.51
N SER J 399 6.28 27.88 -42.58
CA SER J 399 5.61 27.39 -43.78
C SER J 399 5.03 26.00 -43.57
N SER J 400 5.67 25.18 -42.75
CA SER J 400 5.13 23.86 -42.45
C SER J 400 3.81 23.96 -41.70
N ASN J 401 3.71 24.91 -40.77
CA ASN J 401 2.48 25.05 -39.98
C ASN J 401 1.35 25.64 -40.80
N LEU J 402 1.67 26.41 -41.84
CA LEU J 402 0.64 27.08 -42.62
C LEU J 402 -0.16 26.11 -43.48
N ILE J 403 0.32 24.88 -43.68
CA ILE J 403 -0.36 23.95 -44.56
C ILE J 403 -1.73 23.57 -44.00
N SER J 404 -1.79 23.24 -42.71
CA SER J 404 -3.05 22.81 -42.13
C SER J 404 -4.04 23.96 -42.03
N VAL J 405 -3.56 25.15 -41.67
CA VAL J 405 -4.42 26.33 -41.62
C VAL J 405 -4.96 26.64 -43.01
N ALA J 406 -4.10 26.55 -44.02
CA ALA J 406 -4.56 26.76 -45.40
C ALA J 406 -5.59 25.73 -45.79
N GLN J 407 -5.41 24.48 -45.37
CA GLN J 407 -6.40 23.44 -45.66
C GLN J 407 -7.74 23.76 -45.03
N GLN J 408 -7.72 24.22 -43.78
CA GLN J 408 -8.97 24.57 -43.12
C GLN J 408 -9.63 25.78 -43.78
N ILE J 409 -8.82 26.75 -44.21
CA ILE J 409 -9.38 27.91 -44.91
C ILE J 409 -10.05 27.47 -46.21
N ALA J 410 -9.41 26.59 -46.96
CA ALA J 410 -10.00 26.11 -48.21
C ALA J 410 -11.28 25.33 -47.95
N MET J 411 -11.32 24.53 -46.88
CA MET J 411 -12.52 23.76 -46.57
C MET J 411 -13.69 24.66 -46.25
N LYS J 412 -13.45 25.84 -45.68
CA LYS J 412 -14.53 26.79 -45.46
C LYS J 412 -15.13 27.28 -46.77
N ARG J 413 -14.34 27.28 -47.84
CA ARG J 413 -14.81 27.63 -49.17
C ARG J 413 -15.32 26.41 -49.94
N LYS J 414 -15.38 25.26 -49.29
CA LYS J 414 -15.82 24.01 -49.93
C LYS J 414 -14.95 23.65 -51.12
N ASN J 415 -13.64 23.86 -50.99
CA ASN J 415 -12.68 23.52 -52.03
C ASN J 415 -11.75 22.43 -51.53
N ASN J 416 -11.40 21.52 -52.43
CA ASN J 416 -10.53 20.39 -52.05
C ASN J 416 -9.06 20.80 -52.05
N THR J 417 -8.56 21.23 -53.20
CA THR J 417 -7.16 21.61 -53.32
C THR J 417 -6.93 23.00 -52.72
N VAL J 418 -5.78 23.16 -52.07
CA VAL J 418 -5.38 24.43 -51.47
C VAL J 418 -4.73 25.29 -52.55
N GLU J 419 -5.32 26.43 -52.83
CA GLU J 419 -4.83 27.34 -53.85
C GLU J 419 -4.00 28.46 -53.23
N VAL J 420 -3.54 29.38 -54.07
CA VAL J 420 -2.66 30.46 -53.60
C VAL J 420 -3.40 31.37 -52.63
N GLU J 421 -4.64 31.71 -52.94
CA GLU J 421 -5.36 32.68 -52.12
C GLU J 421 -5.60 32.15 -50.70
N ASP J 422 -5.78 30.84 -50.54
CA ASP J 422 -5.92 30.29 -49.20
C ASP J 422 -4.64 30.48 -48.40
N VAL J 423 -3.48 30.25 -49.02
CA VAL J 423 -2.21 30.46 -48.34
C VAL J 423 -2.01 31.93 -48.03
N LYS J 424 -2.46 32.81 -48.93
CA LYS J 424 -2.32 34.25 -48.68
C LYS J 424 -3.19 34.68 -47.51
N ARG J 425 -4.40 34.15 -47.41
CA ARG J 425 -5.25 34.47 -46.27
C ARG J 425 -4.66 33.91 -44.98
N ALA J 426 -4.06 32.71 -45.04
CA ALA J 426 -3.39 32.17 -43.87
C ALA J 426 -2.22 33.05 -43.45
N TYR J 427 -1.47 33.57 -44.41
CA TYR J 427 -0.38 34.49 -44.13
C TYR J 427 -0.89 35.77 -43.48
N LEU J 428 -2.02 36.28 -43.96
CA LEU J 428 -2.55 37.52 -43.42
C LEU J 428 -3.08 37.31 -42.00
N LEU J 429 -3.71 36.18 -41.73
CA LEU J 429 -4.32 35.95 -40.43
C LEU J 429 -3.29 35.60 -39.36
N PHE J 430 -2.22 34.90 -39.72
CA PHE J 430 -1.24 34.42 -38.76
C PHE J 430 0.11 35.05 -39.04
N LEU J 431 0.77 35.54 -37.99
CA LEU J 431 2.01 36.28 -38.11
C LEU J 431 3.20 35.41 -37.75
N ASP J 432 4.35 35.72 -38.37
CA ASP J 432 5.60 35.05 -38.07
C ASP J 432 6.39 35.90 -37.07
N SER J 433 7.59 35.42 -36.73
CA SER J 433 8.39 36.08 -35.72
C SER J 433 8.81 37.48 -36.16
N ALA J 434 9.27 37.62 -37.41
CA ALA J 434 9.81 38.90 -37.85
C ALA J 434 8.72 39.96 -37.92
N ARG J 435 7.56 39.62 -38.48
CA ARG J 435 6.48 40.59 -38.58
C ARG J 435 5.95 40.97 -37.20
N SER J 436 5.85 39.98 -36.30
CA SER J 436 5.40 40.28 -34.94
C SER J 436 6.39 41.21 -34.24
N VAL J 437 7.69 40.97 -34.42
CA VAL J 437 8.69 41.84 -33.84
C VAL J 437 8.58 43.24 -34.41
N LYS J 438 8.37 43.35 -35.73
CA LYS J 438 8.21 44.65 -36.35
C LYS J 438 7.01 45.39 -35.77
N TYR J 439 5.90 44.69 -35.59
CA TYR J 439 4.71 45.33 -35.02
C TYR J 439 4.96 45.76 -33.58
N VAL J 440 5.63 44.92 -32.78
CA VAL J 440 5.92 45.30 -31.40
C VAL J 440 6.85 46.50 -31.35
N GLN J 441 7.86 46.52 -32.20
CA GLN J 441 8.81 47.63 -32.20
C GLN J 441 8.13 48.93 -32.60
N GLU J 442 7.23 48.89 -33.59
CA GLU J 442 6.55 50.10 -34.04
C GLU J 442 5.47 50.57 -33.07
N ASN J 443 5.08 49.75 -32.10
CA ASN J 443 4.08 50.10 -31.11
C ASN J 443 4.55 49.70 -29.72
N GLU J 444 5.80 50.04 -29.39
CA GLU J 444 6.39 49.61 -28.13
C GLU J 444 5.69 50.21 -26.91
N SER J 445 4.87 51.24 -27.11
CA SER J 445 4.22 51.88 -25.98
C SER J 445 3.06 51.05 -25.42
N GLN J 446 2.37 50.30 -26.26
CA GLN J 446 1.18 49.58 -25.84
C GLN J 446 1.46 48.20 -25.27
N TYR J 447 2.72 47.75 -25.29
CA TYR J 447 3.11 46.49 -24.66
C TYR J 447 3.88 46.78 -23.38
N ILE J 448 3.92 45.78 -22.50
CA ILE J 448 4.68 45.90 -21.27
C ILE J 448 6.15 45.65 -21.57
N ASP J 449 7.01 46.59 -21.18
CA ASP J 449 8.42 46.49 -21.48
C ASP J 449 9.18 45.85 -20.32
N ASP J 450 10.50 45.77 -20.45
CA ASP J 450 11.32 45.17 -19.40
C ASP J 450 11.26 45.98 -18.12
N GLN J 451 11.06 47.29 -18.22
CA GLN J 451 10.95 48.15 -17.05
C GLN J 451 9.54 48.16 -16.46
N GLY J 452 8.60 47.45 -17.08
CA GLY J 452 7.26 47.35 -16.52
C GLY J 452 6.33 48.49 -16.85
N ASN J 453 6.60 49.24 -17.92
CA ASN J 453 5.78 50.38 -18.30
C ASN J 453 4.90 50.02 -19.48
N VAL J 454 3.67 50.56 -19.48
CA VAL J 454 2.74 50.37 -20.57
C VAL J 454 1.78 51.55 -20.58
N GLN J 455 1.27 51.88 -21.76
CA GLN J 455 0.29 52.95 -21.93
C GLN J 455 -1.03 52.31 -22.36
N ILE J 456 -1.82 51.88 -21.37
CA ILE J 456 -3.09 51.24 -21.67
C ILE J 456 -4.07 52.24 -22.26
N SER J 457 -4.04 53.48 -21.79
CA SER J 457 -4.93 54.51 -22.28
C SER J 457 -4.72 54.75 -23.77
N ILE J 458 -5.78 54.58 -24.56
CA ILE J 458 -5.67 54.82 -25.99
C ILE J 458 -5.47 56.32 -26.27
N ALA J 459 -6.00 57.18 -25.40
CA ALA J 459 -5.82 58.62 -25.54
C ALA J 459 -4.56 59.06 -24.83
N LYS J 460 -3.96 60.14 -25.33
CA LYS J 460 -2.72 60.70 -24.79
C LYS J 460 -1.60 59.65 -24.76
PG AGS M . -72.90 -2.04 -3.44
S1G AGS M . -71.26 -1.18 -2.86
O2G AGS M . -72.60 -3.52 -3.82
O3G AGS M . -73.48 -1.30 -4.68
PB AGS M . -75.09 -3.12 -2.26
O1B AGS M . -76.33 -2.62 -2.88
O2B AGS M . -74.52 -4.34 -2.98
O3B AGS M . -73.96 -2.02 -2.29
PA AGS M . -74.53 -4.84 -0.23
O1A AGS M . -74.13 -5.74 -1.33
O2A AGS M . -73.36 -4.28 0.58
O3A AGS M . -75.33 -3.59 -0.77
O5' AGS M . -75.54 -5.61 0.70
C5' AGS M . -76.35 -4.88 1.63
C4' AGS M . -75.60 -4.73 2.93
O4' AGS M . -76.38 -3.97 3.86
C3' AGS M . -75.27 -6.03 3.66
O3' AGS M . -74.09 -5.89 4.44
C2' AGS M . -76.50 -6.24 4.52
O2' AGS M . -76.19 -6.94 5.73
C1' AGS M . -76.94 -4.82 4.84
N9 AGS M . -78.39 -4.63 4.83
C8 AGS M . -79.12 -3.98 3.88
N7 AGS M . -80.41 -3.97 4.12
C5 AGS M . -80.53 -4.67 5.31
C6 AGS M . -81.64 -5.01 6.10
N6 AGS M . -82.90 -4.68 5.80
N1 AGS M . -81.41 -5.71 7.23
C2 AGS M . -80.16 -6.04 7.54
N3 AGS M . -79.04 -5.78 6.88
C4 AGS M . -79.29 -5.08 5.76
MG MG N . -72.51 -4.71 -5.51
PG AGS O . 21.10 -70.69 -12.94
S1G AGS O . 20.00 -69.08 -12.90
O2G AGS O . 20.24 -71.92 -12.50
O3G AGS O . 22.30 -70.51 -11.97
PB AGS O . 23.07 -70.37 -14.72
O1B AGS O . 23.62 -71.06 -15.90
O2B AGS O . 23.91 -70.50 -13.45
O3B AGS O . 21.65 -70.94 -14.37
PA AGS O . 24.17 -68.09 -15.71
O1A AGS O . 25.36 -68.95 -15.83
O2A AGS O . 24.40 -66.79 -14.95
O3A AGS O . 22.98 -68.82 -14.98
O5' AGS O . 23.64 -67.83 -17.16
C5' AGS O . 24.10 -66.71 -17.94
C4' AGS O . 22.95 -65.75 -18.12
O4' AGS O . 23.48 -64.42 -18.33
C3' AGS O . 22.04 -66.03 -19.32
O3' AGS O . 20.70 -65.69 -19.00
C2' AGS O . 22.61 -65.12 -20.40
O2' AGS O . 21.63 -64.75 -21.35
C1' AGS O . 23.05 -63.91 -19.57
N9 AGS O . 24.16 -63.16 -20.16
C8 AGS O . 25.39 -63.65 -20.49
N7 AGS O . 26.20 -62.76 -20.99
C5 AGS O . 25.45 -61.59 -20.99
C6 AGS O . 25.73 -60.28 -21.40
N6 AGS O . 26.90 -59.89 -21.92
N1 AGS O . 24.75 -59.35 -21.27
C2 AGS O . 23.57 -59.73 -20.76
N3 AGS O . 23.20 -60.94 -20.33
C4 AGS O . 24.18 -61.83 -20.48
MG MG P . 24.52 -70.31 -11.70
ZN ZN Q . 4.84 -41.94 -26.45
ZN ZN R . -7.25 -46.34 -24.42
PG AGS S . -4.66 40.65 -19.98
S1G AGS S . -4.00 41.83 -18.58
O2G AGS S . -3.47 40.14 -20.84
O3G AGS S . -5.39 39.43 -19.33
PB AGS S . -6.58 40.62 -21.89
O1B AGS S . -5.95 40.59 -23.22
O2B AGS S . -6.76 39.23 -21.27
O3B AGS S . -5.67 41.42 -20.88
PA AGS S . -9.30 40.51 -21.46
O1A AGS S . -10.20 40.17 -22.57
O2A AGS S . -8.82 39.31 -20.64
O3A AGS S . -8.02 41.27 -21.97
O5' AGS S . -10.04 41.56 -20.54
C5' AGS S . -10.70 42.72 -21.08
C4' AGS S . -12.12 42.74 -20.59
O4' AGS S . -12.96 43.34 -21.60
C3' AGS S . -12.74 41.37 -20.32
O3' AGS S . -13.80 41.47 -19.37
C2' AGS S . -13.27 40.98 -21.70
O2' AGS S . -14.39 40.12 -21.61
C1' AGS S . -13.68 42.33 -22.28
N9 AGS S . -13.37 42.47 -23.71
C8 AGS S . -12.13 42.59 -24.27
N7 AGS S . -12.15 42.70 -25.57
C5 AGS S . -13.49 42.66 -25.88
C6 AGS S . -14.18 42.74 -27.12
N6 AGS S . -13.57 42.87 -28.29
N1 AGS S . -15.53 42.67 -27.08
C2 AGS S . -16.14 42.54 -25.90
N3 AGS S . -15.59 42.45 -24.69
C4 AGS S . -14.26 42.52 -24.75
MG MG T . -5.16 37.53 -19.59
MG MG U . -2.45 48.21 8.63
PB ADP V . -2.68 51.69 8.86
O1B ADP V . -2.68 50.20 8.63
O2B ADP V . -1.32 52.34 8.68
O3B ADP V . -3.81 52.43 8.21
PA ADP V . -3.99 50.87 11.17
O1A ADP V . -3.38 49.49 11.17
O2A ADP V . -5.37 51.07 10.59
O3A ADP V . -2.99 51.87 10.42
O5' ADP V . -4.00 51.37 12.69
C5' ADP V . -4.18 52.74 13.04
C4' ADP V . -4.71 52.77 14.45
O4' ADP V . -5.44 53.98 14.63
C3' ADP V . -5.68 51.62 14.67
O3' ADP V . -5.43 51.03 15.94
C2' ADP V . -7.05 52.24 14.66
O2' ADP V . -7.80 51.78 15.78
C1' ADP V . -6.83 53.74 14.77
N9 ADP V . -7.53 54.43 13.66
C8 ADP V . -6.96 54.76 12.49
N7 ADP V . -7.85 55.39 11.68
C5 ADP V . -9.01 55.47 12.34
C6 ADP V . -10.35 56.01 12.07
N6 ADP V . -10.63 56.61 10.90
N1 ADP V . -11.28 55.88 13.04
C2 ADP V . -11.01 55.29 14.21
N3 ADP V . -9.82 54.77 14.52
C4 ADP V . -8.80 54.83 13.65
MG MG W . 21.38 38.87 24.62
PG AGS X . 23.69 41.05 24.38
S1G AGS X . 25.27 40.79 23.25
O2G AGS X . 23.21 39.67 24.92
O3G AGS X . 22.55 41.68 23.53
PB AGS X . 23.27 41.81 26.93
O1B AGS X . 21.85 41.55 26.67
O2B AGS X . 23.51 43.09 27.73
O3B AGS X . 24.05 41.98 25.57
PA AGS X . 23.56 40.49 29.30
O1A AGS X . 22.37 41.29 29.62
O2A AGS X . 23.36 38.98 29.53
O3A AGS X . 23.93 40.65 27.77
O5' AGS X . 24.79 41.04 30.12
C5' AGS X . 26.02 40.29 30.23
C4' AGS X . 26.25 39.90 31.67
O4' AGS X . 26.16 41.07 32.51
C3' AGS X . 25.26 38.88 32.25
O3' AGS X . 25.94 37.95 33.09
C2' AGS X . 24.29 39.75 33.05
O2' AGS X . 23.75 39.04 34.16
C1' AGS X . 25.20 40.87 33.53
N9 AGS X . 24.51 42.13 33.74
C8 AGS X . 24.06 43.00 32.78
N7 AGS X . 23.49 44.07 33.25
C5 AGS X . 23.57 43.91 34.62
C6 AGS X . 23.12 44.71 35.70
N6 AGS X . 22.51 45.87 35.55
N1 AGS X . 23.36 44.25 36.96
C2 AGS X . 24.00 43.09 37.10
N3 AGS X . 24.45 42.25 36.17
C4 AGS X . 24.20 42.72 34.94
MG MG Y . 42.25 21.36 12.78
PB ADP Z . 45.58 22.33 12.57
O1B ADP Z . 46.02 23.00 13.85
O2B ADP Z . 44.15 21.84 12.57
O3B ADP Z . 45.98 23.07 11.32
PA ADP Z . 47.01 20.36 13.90
O1A ADP Z . 45.83 20.09 14.79
O2A ADP Z . 48.13 21.24 14.39
O3A ADP Z . 46.45 20.99 12.54
O5' ADP Z . 47.63 18.95 13.47
C5' ADP Z . 48.85 18.87 12.74
C4' ADP Z . 49.62 17.65 13.24
O4' ADP Z . 50.70 18.08 14.06
C3' ADP Z . 48.73 16.76 14.08
O3' ADP Z . 48.78 15.42 13.59
C2' ADP Z . 49.30 16.81 15.47
O2' ADP Z . 49.36 15.50 16.01
C1' ADP Z . 50.70 17.39 15.30
N9 ADP Z . 50.99 18.34 16.40
C8 ADP Z . 50.76 19.66 16.36
N7 ADP Z . 51.15 20.25 17.52
C5 ADP Z . 51.63 19.29 18.32
C6 ADP Z . 52.20 19.22 19.68
N6 ADP Z . 52.33 20.34 20.42
N1 ADP Z . 52.59 18.02 20.13
C2 ADP Z . 52.47 16.90 19.39
N3 ADP Z . 51.96 16.88 18.15
C4 ADP Z . 51.53 18.03 17.57
PB ADP AA . 42.37 12.32 -17.56
O1B ADP AA . 43.81 12.04 -17.22
O2B ADP AA . 41.37 11.93 -16.49
O3B ADP AA . 42.12 13.68 -18.15
PA ADP AA . 41.99 9.73 -18.50
O1A ADP AA . 40.55 9.30 -18.50
O2A ADP AA . 42.85 9.44 -17.29
O3A ADP AA . 42.04 11.31 -18.76
O5' ADP AA . 42.69 9.11 -19.80
C5' ADP AA . 42.42 9.63 -21.10
C4' ADP AA . 42.63 8.50 -22.10
O4' ADP AA . 44.01 8.40 -22.43
C3' ADP AA . 42.20 7.18 -21.49
O3' ADP AA . 41.25 6.54 -22.35
C2' ADP AA . 43.45 6.34 -21.39
O2' ADP AA . 43.21 5.04 -21.94
C1' ADP AA . 44.49 7.07 -22.21
N9 ADP AA . 45.77 7.15 -21.46
C8 ADP AA . 46.09 8.09 -20.55
N7 ADP AA . 47.33 7.88 -20.06
C5 ADP AA . 47.82 6.78 -20.67
C6 ADP AA . 49.08 6.01 -20.61
N6 ADP AA . 50.09 6.38 -19.78
N1 ADP AA . 49.19 4.93 -21.41
C2 ADP AA . 48.19 4.55 -22.22
N3 ADP AA . 47.02 5.21 -22.33
C4 ADP AA . 46.79 6.31 -21.59
MG MG BA . 39.45 11.19 -16.33
PB ADP CA . 15.90 21.42 -35.06
O1B ADP CA . 15.66 20.57 -33.85
O2B ADP CA . 17.34 21.52 -35.48
O3B ADP CA . 15.17 22.75 -35.03
PA ADP CA . 13.74 20.01 -36.13
O1A ADP CA . 13.84 18.53 -35.89
O2A ADP CA . 12.99 20.89 -35.17
O3A ADP CA . 15.21 20.62 -36.28
O5' ADP CA . 13.08 20.21 -37.59
C5' ADP CA . 11.81 20.84 -37.69
C4' ADP CA . 10.98 20.18 -38.78
O4' ADP CA . 11.70 20.14 -40.00
C3' ADP CA . 10.63 18.75 -38.40
O3' ADP CA . 9.22 18.63 -38.27
C2' ADP CA . 11.13 17.90 -39.53
O2' ADP CA . 10.06 17.09 -40.02
C1' ADP CA . 11.58 18.86 -40.61
N9 ADP CA . 12.91 18.45 -41.11
C8 ADP CA . 14.08 18.98 -40.75
N7 ADP CA . 15.11 18.39 -41.41
C5 ADP CA . 14.58 17.46 -42.22
C6 ADP CA . 15.09 16.48 -43.20
N6 ADP CA . 16.42 16.37 -43.44
N1 ADP CA . 14.20 15.71 -43.84
C2 ADP CA . 12.88 15.81 -43.61
N3 ADP CA . 12.34 16.67 -42.74
C4 ADP CA . 13.12 17.52 -42.03
MG MG DA . 15.25 20.21 -31.92
#